data_8T0W
#
_entry.id   8T0W
#
_cell.length_a   104.198
_cell.length_b   172.727
_cell.length_c   397.356
_cell.angle_alpha   90.000
_cell.angle_beta   90.000
_cell.angle_gamma   90.000
#
_symmetry.space_group_name_H-M   'C 2 2 21'
#
loop_
_entity.id
_entity.type
_entity.pdbx_description
1 polymer 'FMNH(2)-dependent dimethylsulfone monooxygenase'
2 non-polymer 'FLAVIN MONONUCLEOTIDE'
3 non-polymer (methanesulfonyl)methane
4 non-polymer GLYCEROL
5 non-polymer 'CHLORIDE ION'
6 water water
#
_entity_poly.entity_id   1
_entity_poly.type   'polypeptide(L)'
_entity_poly.pdbx_seq_one_letter_code
;MGSSHHHHHHSSGLVPRGSHMASMSQQAVKFAYWVPNVSGGLVVSRIEQRTDWGIDYNRKLAQLAEAAGFEYALTQIRFT
AGYGAEFQHESVAFSHALLAATSQLKVIAAILPGPWQPALAAKQLATIDQLTNGRIAVNIVSGWFRGEFQAIGEHWLEHD
ERYRRSEEFIRSLRGIWSQDNFTFRGDFYRFDNYSLKPKPLGRPEIFQGGSSRAARDMAARVSDWYFTNGNSVEGIKAQV
DDIRAKAAANHHSVKIGVNAFVIARDTEEEAKAVLAQIIDQADPEAVNAFGDAAKQAGRASPEGEGNWAKSTFEDLVQYN
DGFKTNLIGTPQQIAERIVALKAVGVDLVLAGFLHFQEEVEYFGQRVLPLVRELEAKAQSARTAEVA
;
_entity_poly.pdbx_strand_id   A,B,C,D,E,F,G,H
#
# COMPACT_ATOMS: atom_id res chain seq x y z
N GLN A 27 52.32 -31.79 -3.24
CA GLN A 27 53.63 -31.15 -3.36
C GLN A 27 53.80 -30.21 -4.58
N ALA A 28 53.42 -30.62 -5.79
CA ALA A 28 53.49 -29.69 -6.92
C ALA A 28 52.41 -28.62 -6.75
N VAL A 29 52.74 -27.37 -7.06
CA VAL A 29 51.79 -26.29 -6.87
C VAL A 29 50.65 -26.38 -7.88
N LYS A 30 49.42 -26.12 -7.43
CA LYS A 30 48.24 -26.23 -8.29
C LYS A 30 47.84 -24.86 -8.80
N PHE A 31 47.05 -24.83 -9.88
CA PHE A 31 46.63 -23.57 -10.48
C PHE A 31 45.13 -23.55 -10.71
N ALA A 32 44.52 -22.42 -10.40
CA ALA A 32 43.13 -22.15 -10.73
C ALA A 32 43.08 -20.84 -11.50
N TYR A 33 41.97 -20.61 -12.21
CA TYR A 33 41.75 -19.30 -12.84
C TYR A 33 40.36 -18.82 -12.47
N TRP A 34 40.21 -17.49 -12.39
CA TRP A 34 38.88 -16.93 -12.17
C TRP A 34 38.08 -17.00 -13.47
N VAL A 35 36.90 -17.59 -13.40
CA VAL A 35 35.93 -17.55 -14.51
C VAL A 35 35.44 -16.11 -14.66
N PRO A 36 35.57 -15.49 -15.82
CA PRO A 36 35.00 -14.14 -15.95
C PRO A 36 33.50 -14.21 -16.26
N ASN A 37 32.68 -14.63 -15.27
CA ASN A 37 31.23 -14.68 -15.47
C ASN A 37 30.58 -13.34 -15.11
N VAL A 38 31.39 -12.33 -14.81
CA VAL A 38 30.91 -10.97 -14.58
CA VAL A 38 30.92 -10.97 -14.56
C VAL A 38 31.46 -10.09 -15.69
N SER A 39 30.62 -9.17 -16.16
N SER A 39 30.65 -9.12 -16.13
CA SER A 39 31.07 -8.22 -17.15
CA SER A 39 30.81 -8.47 -17.44
C SER A 39 32.12 -7.31 -16.53
C SER A 39 31.99 -7.50 -17.55
N GLY A 40 32.98 -6.76 -17.39
N GLY A 40 32.61 -7.11 -16.43
CA GLY A 40 34.13 -6.03 -16.94
CA GLY A 40 33.75 -6.22 -16.47
C GLY A 40 35.31 -6.90 -16.55
C GLY A 40 35.10 -6.92 -16.39
N GLY A 41 35.14 -8.23 -16.55
CA GLY A 41 36.31 -9.02 -16.32
C GLY A 41 36.76 -8.94 -14.87
N LEU A 42 38.08 -9.00 -14.69
CA LEU A 42 38.68 -9.11 -13.35
C LEU A 42 39.31 -7.81 -12.91
N VAL A 43 39.03 -6.69 -13.59
CA VAL A 43 39.54 -5.38 -13.20
C VAL A 43 38.38 -4.39 -13.21
N VAL A 44 38.50 -3.33 -12.41
CA VAL A 44 37.51 -2.26 -12.39
C VAL A 44 38.04 -1.15 -13.28
N SER A 45 38.01 -1.37 -14.60
CA SER A 45 38.76 -0.49 -15.48
C SER A 45 38.08 -0.49 -16.85
N ARG A 46 38.23 0.64 -17.54
CA ARG A 46 37.65 0.79 -18.88
C ARG A 46 38.57 0.25 -19.96
N ILE A 47 39.70 -0.36 -19.60
CA ILE A 47 40.67 -0.79 -20.61
C ILE A 47 40.06 -1.86 -21.51
N GLU A 48 40.37 -1.81 -22.81
CA GLU A 48 39.90 -2.83 -23.76
C GLU A 48 40.40 -4.21 -23.31
N GLN A 49 39.49 -5.18 -23.24
CA GLN A 49 39.86 -6.56 -22.87
C GLN A 49 39.28 -7.53 -23.87
N ARG A 50 40.09 -8.49 -24.31
CA ARG A 50 39.58 -9.57 -25.15
C ARG A 50 39.09 -10.68 -24.22
N THR A 51 38.04 -10.34 -23.49
CA THR A 51 37.43 -11.19 -22.48
C THR A 51 35.94 -10.94 -22.52
N ASP A 52 35.13 -11.97 -22.32
CA ASP A 52 33.68 -11.80 -22.34
C ASP A 52 33.07 -12.68 -21.25
N TRP A 53 31.89 -12.29 -20.77
CA TRP A 53 31.23 -12.98 -19.67
C TRP A 53 30.20 -14.02 -20.15
N GLY A 54 29.97 -14.13 -21.48
CA GLY A 54 29.01 -15.08 -21.99
C GLY A 54 29.52 -16.53 -22.00
N ILE A 55 28.58 -17.45 -22.21
CA ILE A 55 28.92 -18.89 -22.18
C ILE A 55 29.84 -19.29 -23.33
N ASP A 56 29.65 -18.74 -24.54
CA ASP A 56 30.49 -19.15 -25.66
C ASP A 56 31.97 -18.92 -25.37
N TYR A 57 32.32 -17.69 -24.99
CA TYR A 57 33.69 -17.35 -24.60
C TYR A 57 34.17 -18.26 -23.48
N ASN A 58 33.31 -18.53 -22.49
CA ASN A 58 33.76 -19.21 -21.29
C ASN A 58 33.94 -20.72 -21.46
N ARG A 59 33.14 -21.34 -22.34
CA ARG A 59 33.38 -22.74 -22.67
C ARG A 59 34.76 -22.94 -23.29
N LYS A 60 35.12 -22.09 -24.26
CA LYS A 60 36.42 -22.23 -24.89
C LYS A 60 37.54 -21.93 -23.90
N LEU A 61 37.34 -20.90 -23.05
CA LEU A 61 38.34 -20.60 -22.03
C LEU A 61 38.53 -21.78 -21.07
N ALA A 62 37.44 -22.42 -20.63
CA ALA A 62 37.59 -23.59 -19.75
C ALA A 62 38.40 -24.69 -20.45
N GLN A 63 38.15 -24.90 -21.75
CA GLN A 63 38.92 -25.91 -22.48
C GLN A 63 40.40 -25.52 -22.59
N LEU A 64 40.68 -24.24 -22.87
CA LEU A 64 42.06 -23.79 -22.94
C LEU A 64 42.77 -23.93 -21.59
N ALA A 65 42.04 -23.64 -20.50
CA ALA A 65 42.62 -23.71 -19.16
C ALA A 65 42.98 -25.14 -18.79
N GLU A 66 42.06 -26.07 -19.10
CA GLU A 66 42.36 -27.50 -18.93
C GLU A 66 43.59 -27.90 -19.74
N ALA A 67 43.67 -27.48 -21.01
CA ALA A 67 44.83 -27.82 -21.83
C ALA A 67 46.11 -27.17 -21.33
N ALA A 68 46.00 -26.00 -20.70
CA ALA A 68 47.16 -25.29 -20.20
C ALA A 68 47.70 -25.89 -18.91
N GLY A 69 46.93 -26.74 -18.22
CA GLY A 69 47.36 -27.31 -16.95
C GLY A 69 46.72 -26.73 -15.71
N PHE A 70 45.65 -25.94 -15.83
CA PHE A 70 44.93 -25.46 -14.64
C PHE A 70 44.06 -26.59 -14.13
N GLU A 71 44.10 -26.83 -12.83
CA GLU A 71 43.27 -27.90 -12.27
C GLU A 71 41.84 -27.41 -11.99
N TYR A 72 41.67 -26.10 -11.69
CA TYR A 72 40.38 -25.58 -11.22
C TYR A 72 39.99 -24.30 -11.94
N ALA A 73 38.69 -24.09 -12.10
CA ALA A 73 38.10 -22.80 -12.45
C ALA A 73 37.28 -22.34 -11.24
N LEU A 74 37.33 -21.05 -10.92
CA LEU A 74 36.57 -20.51 -9.79
C LEU A 74 35.54 -19.52 -10.30
N THR A 75 34.25 -19.76 -10.00
N THR A 75 34.27 -19.86 -10.14
CA THR A 75 33.12 -18.95 -10.52
CA THR A 75 33.27 -18.86 -10.42
C THR A 75 32.53 -18.07 -9.43
C THR A 75 33.18 -17.90 -9.25
N GLN A 76 32.67 -16.74 -9.54
CA GLN A 76 32.25 -15.85 -8.47
CA GLN A 76 32.25 -15.83 -8.48
C GLN A 76 30.73 -15.72 -8.44
N ILE A 77 30.21 -15.30 -7.28
CA ILE A 77 28.79 -15.21 -7.04
C ILE A 77 28.42 -13.74 -6.80
N ARG A 78 27.49 -13.25 -7.60
CA ARG A 78 26.82 -11.97 -7.36
C ARG A 78 25.33 -12.17 -7.56
N PHE A 79 24.54 -11.38 -6.85
CA PHE A 79 23.12 -11.23 -7.15
C PHE A 79 22.80 -9.92 -7.86
N THR A 80 23.64 -8.91 -7.68
CA THR A 80 23.48 -7.64 -8.38
C THR A 80 24.85 -7.01 -8.55
N ALA A 81 24.87 -5.99 -9.39
N ALA A 81 24.92 -5.95 -9.37
CA ALA A 81 26.11 -5.44 -9.88
CA ALA A 81 26.10 -5.08 -9.39
C ALA A 81 26.90 -4.79 -8.75
C ALA A 81 25.87 -3.97 -10.39
N GLY A 82 28.20 -5.02 -8.79
N GLY A 82 26.61 -2.87 -10.20
CA GLY A 82 29.14 -4.26 -7.98
CA GLY A 82 26.55 -1.73 -11.09
C GLY A 82 30.48 -4.35 -8.68
C GLY A 82 27.84 -1.52 -11.87
N TYR A 83 31.37 -3.44 -8.28
N TYR A 83 27.81 -0.48 -12.71
CA TYR A 83 32.74 -3.39 -8.81
CA TYR A 83 28.95 -0.01 -13.49
C TYR A 83 32.79 -3.45 -10.34
C TYR A 83 29.33 -1.02 -14.59
N GLY A 84 31.80 -2.85 -10.99
N GLY A 84 30.63 -1.31 -14.74
CA GLY A 84 31.83 -2.74 -12.44
CA GLY A 84 31.06 -2.28 -15.73
C GLY A 84 31.32 -3.95 -13.19
C GLY A 84 30.67 -3.71 -15.41
N ALA A 85 30.59 -4.86 -12.55
N ALA A 85 30.64 -4.06 -14.09
CA ALA A 85 30.03 -6.03 -13.22
CA ALA A 85 30.30 -5.39 -13.56
C ALA A 85 28.54 -5.86 -13.47
C ALA A 85 28.80 -5.62 -13.49
N GLU A 86 28.17 -5.09 -14.52
CA GLU A 86 26.75 -4.81 -14.69
C GLU A 86 25.93 -6.07 -14.92
N PHE A 87 26.53 -7.09 -15.54
CA PHE A 87 25.87 -8.37 -15.75
C PHE A 87 26.67 -9.47 -15.07
N GLN A 88 25.99 -10.45 -14.47
CA GLN A 88 26.70 -11.59 -13.88
C GLN A 88 25.89 -12.85 -14.12
N HIS A 89 26.53 -13.89 -14.65
CA HIS A 89 25.82 -15.18 -14.73
C HIS A 89 25.81 -15.87 -13.37
N GLU A 90 24.72 -16.60 -13.11
CA GLU A 90 24.55 -17.27 -11.81
C GLU A 90 25.61 -18.38 -11.66
N SER A 91 26.24 -18.43 -10.49
CA SER A 91 27.48 -19.20 -10.35
C SER A 91 27.30 -20.70 -10.55
N VAL A 92 26.22 -21.30 -10.03
CA VAL A 92 26.14 -22.76 -10.04
C VAL A 92 25.72 -23.29 -11.41
N ALA A 93 24.69 -22.68 -12.01
CA ALA A 93 24.30 -23.10 -13.36
C ALA A 93 25.44 -22.85 -14.35
N PHE A 94 26.14 -21.72 -14.20
CA PHE A 94 27.23 -21.45 -15.13
C PHE A 94 28.34 -22.49 -14.96
N SER A 95 28.64 -22.83 -13.71
CA SER A 95 29.65 -23.86 -13.44
C SER A 95 29.27 -25.18 -14.08
N HIS A 96 28.00 -25.56 -13.96
CA HIS A 96 27.53 -26.80 -14.59
C HIS A 96 27.81 -26.77 -16.09
N ALA A 97 27.52 -25.64 -16.73
CA ALA A 97 27.75 -25.54 -18.17
C ALA A 97 29.24 -25.64 -18.51
N LEU A 98 30.11 -25.07 -17.67
CA LEU A 98 31.54 -25.20 -17.95
C LEU A 98 32.01 -26.64 -17.79
N LEU A 99 31.49 -27.34 -16.77
CA LEU A 99 31.83 -28.74 -16.59
C LEU A 99 31.37 -29.56 -17.79
N ALA A 100 30.17 -29.26 -18.30
CA ALA A 100 29.67 -30.03 -19.45
C ALA A 100 30.56 -29.83 -20.68
N ALA A 101 31.30 -28.73 -20.76
CA ALA A 101 32.14 -28.44 -21.92
C ALA A 101 33.56 -28.95 -21.77
N THR A 102 33.90 -29.60 -20.65
CA THR A 102 35.27 -29.99 -20.32
C THR A 102 35.31 -31.46 -19.94
N SER A 103 36.50 -31.96 -19.69
CA SER A 103 36.67 -33.38 -19.39
C SER A 103 37.27 -33.62 -18.00
N GLN A 104 38.38 -32.96 -17.67
CA GLN A 104 39.07 -33.16 -16.40
C GLN A 104 39.02 -31.97 -15.48
N LEU A 105 38.73 -30.78 -16.02
CA LEU A 105 38.72 -29.56 -15.22
C LEU A 105 37.71 -29.66 -14.08
N LYS A 106 38.08 -29.16 -12.90
CA LYS A 106 37.17 -29.07 -11.77
C LYS A 106 36.73 -27.62 -11.68
N VAL A 107 35.47 -27.42 -11.38
CA VAL A 107 34.93 -26.06 -11.35
C VAL A 107 34.35 -25.81 -9.97
N ILE A 108 34.72 -24.68 -9.38
CA ILE A 108 34.35 -24.32 -8.01
C ILE A 108 33.24 -23.29 -8.12
N ALA A 109 32.04 -23.65 -7.68
CA ALA A 109 30.89 -22.74 -7.73
C ALA A 109 30.84 -21.95 -6.42
N ALA A 110 30.86 -20.61 -6.49
CA ALA A 110 30.78 -19.83 -5.26
C ALA A 110 29.34 -19.75 -4.75
N ILE A 111 29.19 -19.79 -3.43
CA ILE A 111 27.88 -19.79 -2.78
C ILE A 111 27.94 -18.91 -1.54
N LEU A 112 26.96 -17.99 -1.42
CA LEU A 112 26.79 -17.09 -0.27
C LEU A 112 25.65 -17.61 0.59
N PRO A 113 25.92 -18.13 1.81
CA PRO A 113 24.82 -18.45 2.73
C PRO A 113 23.94 -17.24 2.99
N GLY A 114 22.65 -17.49 3.11
CA GLY A 114 21.66 -16.44 3.28
C GLY A 114 20.65 -16.57 2.15
N PRO A 115 20.95 -15.97 1.00
CA PRO A 115 20.11 -16.22 -0.18
C PRO A 115 20.23 -17.65 -0.69
N TRP A 116 21.28 -18.37 -0.31
CA TRP A 116 21.42 -19.80 -0.54
C TRP A 116 21.15 -20.55 0.76
N GLN A 117 20.44 -21.69 0.66
CA GLN A 117 20.26 -22.62 1.78
C GLN A 117 20.99 -23.95 1.53
N PRO A 118 21.46 -24.62 2.60
CA PRO A 118 22.33 -25.79 2.39
C PRO A 118 21.59 -27.03 1.90
N ALA A 119 20.30 -27.23 2.20
CA ALA A 119 19.65 -28.43 1.66
C ALA A 119 19.67 -28.38 0.13
N LEU A 120 19.22 -27.25 -0.43
CA LEU A 120 19.21 -27.09 -1.89
C LEU A 120 20.62 -27.14 -2.47
N ALA A 121 21.58 -26.44 -1.83
CA ALA A 121 22.96 -26.48 -2.33
C ALA A 121 23.49 -27.90 -2.38
N ALA A 122 23.30 -28.68 -1.29
CA ALA A 122 23.84 -30.03 -1.27
C ALA A 122 23.24 -30.87 -2.39
N LYS A 123 21.91 -30.75 -2.60
CA LYS A 123 21.25 -31.61 -3.58
C LYS A 123 21.57 -31.18 -5.00
N GLN A 124 21.53 -29.88 -5.27
CA GLN A 124 21.93 -29.39 -6.60
C GLN A 124 23.39 -29.73 -6.91
N LEU A 125 24.29 -29.48 -5.95
CA LEU A 125 25.69 -29.86 -6.21
C LEU A 125 25.85 -31.35 -6.40
N ALA A 126 25.13 -32.18 -5.62
CA ALA A 126 25.24 -33.63 -5.75
C ALA A 126 24.80 -34.11 -7.13
N THR A 127 23.68 -33.56 -7.63
CA THR A 127 23.22 -33.94 -8.98
C THR A 127 24.22 -33.46 -10.05
N ILE A 128 24.75 -32.26 -9.92
CA ILE A 128 25.73 -31.78 -10.91
C ILE A 128 26.97 -32.65 -10.88
N ASP A 129 27.38 -33.07 -9.68
CA ASP A 129 28.52 -33.98 -9.54
C ASP A 129 28.26 -35.30 -10.26
N GLN A 130 27.06 -35.86 -10.07
CA GLN A 130 26.71 -37.10 -10.77
C GLN A 130 26.71 -36.92 -12.29
N LEU A 131 26.32 -35.75 -12.78
CA LEU A 131 26.24 -35.51 -14.22
C LEU A 131 27.58 -35.14 -14.84
N THR A 132 28.60 -34.83 -14.03
CA THR A 132 29.86 -34.32 -14.55
C THR A 132 31.05 -35.17 -14.11
N ASN A 133 30.80 -36.42 -13.70
CA ASN A 133 31.87 -37.33 -13.33
C ASN A 133 32.65 -36.81 -12.15
N GLY A 134 31.98 -36.13 -11.22
CA GLY A 134 32.59 -35.87 -9.94
C GLY A 134 33.50 -34.67 -9.89
N ARG A 135 33.17 -33.61 -10.62
CA ARG A 135 34.13 -32.53 -10.82
C ARG A 135 33.68 -31.18 -10.28
N ILE A 136 32.56 -31.12 -9.50
CA ILE A 136 32.09 -29.84 -8.97
C ILE A 136 32.68 -29.65 -7.59
N ALA A 137 32.97 -28.39 -7.26
CA ALA A 137 33.40 -28.00 -5.92
C ALA A 137 32.63 -26.76 -5.56
N VAL A 138 32.79 -26.29 -4.31
CA VAL A 138 32.04 -25.14 -3.83
C VAL A 138 32.98 -24.19 -3.11
N ASN A 139 32.76 -22.87 -3.27
CA ASN A 139 33.49 -21.85 -2.53
C ASN A 139 32.48 -21.10 -1.66
N ILE A 140 32.54 -21.36 -0.35
CA ILE A 140 31.61 -20.72 0.58
C ILE A 140 32.18 -19.37 0.94
N VAL A 141 31.48 -18.30 0.57
CA VAL A 141 31.93 -16.95 0.83
C VAL A 141 30.90 -16.33 1.78
N SER A 142 31.37 -15.57 2.76
CA SER A 142 30.54 -15.19 3.90
C SER A 142 29.94 -13.80 3.76
N GLY A 143 30.37 -13.02 2.79
CA GLY A 143 29.61 -11.82 2.46
C GLY A 143 30.29 -10.55 2.90
N TRP A 144 30.21 -9.53 2.03
CA TRP A 144 30.62 -8.16 2.34
C TRP A 144 29.70 -7.11 1.74
N PHE A 145 28.96 -7.42 0.68
CA PHE A 145 28.22 -6.41 -0.09
C PHE A 145 26.82 -6.33 0.55
N ARG A 146 26.73 -5.46 1.57
CA ARG A 146 25.50 -5.32 2.34
C ARG A 146 24.32 -4.93 1.45
N GLY A 147 24.53 -3.95 0.54
CA GLY A 147 23.42 -3.47 -0.27
C GLY A 147 22.79 -4.57 -1.13
N GLU A 148 23.61 -5.51 -1.60
CA GLU A 148 23.09 -6.66 -2.34
C GLU A 148 22.14 -7.49 -1.49
N PHE A 149 22.54 -7.83 -0.25
CA PHE A 149 21.64 -8.56 0.64
C PHE A 149 20.35 -7.78 0.88
N GLN A 150 20.48 -6.48 1.14
CA GLN A 150 19.29 -5.67 1.40
C GLN A 150 18.32 -5.72 0.21
N ALA A 151 18.87 -5.61 -1.00
CA ALA A 151 18.06 -5.62 -2.22
C ALA A 151 17.24 -6.90 -2.36
N ILE A 152 17.78 -8.03 -1.91
CA ILE A 152 17.13 -9.34 -2.07
C ILE A 152 16.50 -9.82 -0.77
N GLY A 153 16.26 -8.90 0.18
CA GLY A 153 15.48 -9.25 1.35
C GLY A 153 16.18 -10.12 2.36
N GLU A 154 17.50 -10.02 2.47
CA GLU A 154 18.28 -10.79 3.44
C GLU A 154 18.79 -9.86 4.55
N HIS A 155 18.68 -10.31 5.81
CA HIS A 155 19.21 -9.49 6.91
C HIS A 155 20.74 -9.55 6.93
N TRP A 156 21.36 -8.52 7.52
CA TRP A 156 22.82 -8.36 7.49
C TRP A 156 23.40 -8.75 8.86
N LEU A 157 23.98 -9.94 8.94
CA LEU A 157 24.54 -10.41 10.20
C LEU A 157 25.90 -9.76 10.44
N GLU A 158 26.28 -9.69 11.71
CA GLU A 158 27.58 -9.13 12.07
C GLU A 158 28.69 -10.00 11.44
N HIS A 159 29.86 -9.39 11.22
CA HIS A 159 30.96 -10.02 10.47
C HIS A 159 31.25 -11.44 10.93
N ASP A 160 31.62 -11.61 12.20
CA ASP A 160 31.96 -12.94 12.68
C ASP A 160 30.74 -13.86 12.70
N GLU A 161 29.54 -13.29 12.86
CA GLU A 161 28.31 -14.09 12.85
C GLU A 161 28.06 -14.66 11.45
N ARG A 162 28.45 -13.93 10.39
CA ARG A 162 28.34 -14.51 9.04
C ARG A 162 29.21 -15.76 8.94
N TYR A 163 30.37 -15.76 9.59
CA TYR A 163 31.21 -16.97 9.58
C TYR A 163 30.66 -18.08 10.45
N ARG A 164 30.00 -17.78 11.59
CA ARG A 164 29.29 -18.86 12.30
C ARG A 164 28.29 -19.53 11.38
N ARG A 165 27.52 -18.73 10.64
CA ARG A 165 26.55 -19.32 9.73
C ARG A 165 27.22 -20.09 8.60
N SER A 166 28.29 -19.54 8.02
CA SER A 166 28.96 -20.27 6.94
C SER A 166 29.48 -21.61 7.44
N GLU A 167 29.98 -21.65 8.68
CA GLU A 167 30.50 -22.91 9.22
C GLU A 167 29.38 -23.95 9.40
N GLU A 168 28.21 -23.53 9.89
CA GLU A 168 27.07 -24.45 9.89
C GLU A 168 26.69 -24.88 8.48
N PHE A 169 26.76 -23.96 7.50
CA PHE A 169 26.49 -24.32 6.11
C PHE A 169 27.45 -25.39 5.63
N ILE A 170 28.74 -25.23 5.93
CA ILE A 170 29.75 -26.19 5.48
C ILE A 170 29.54 -27.55 6.16
N ARG A 171 29.34 -27.55 7.48
CA ARG A 171 29.07 -28.80 8.17
C ARG A 171 27.84 -29.50 7.60
N SER A 172 26.83 -28.71 7.23
CA SER A 172 25.62 -29.27 6.61
C SER A 172 25.94 -29.92 5.26
N LEU A 173 26.62 -29.20 4.36
CA LEU A 173 26.98 -29.82 3.08
C LEU A 173 27.70 -31.14 3.31
N ARG A 174 28.76 -31.12 4.13
CA ARG A 174 29.59 -32.32 4.25
C ARG A 174 28.80 -33.44 4.87
N GLY A 175 27.96 -33.11 5.87
CA GLY A 175 27.17 -34.14 6.54
C GLY A 175 26.12 -34.73 5.63
N ILE A 176 25.41 -33.89 4.88
CA ILE A 176 24.39 -34.39 3.96
C ILE A 176 25.03 -35.34 2.95
N TRP A 177 26.20 -34.96 2.44
CA TRP A 177 26.85 -35.77 1.41
C TRP A 177 27.47 -37.05 1.95
N SER A 178 27.79 -37.12 3.25
CA SER A 178 28.54 -38.24 3.78
CA SER A 178 28.56 -38.21 3.82
C SER A 178 27.74 -39.21 4.62
N GLN A 179 26.58 -38.81 5.13
CA GLN A 179 25.85 -39.66 6.10
C GLN A 179 24.59 -40.18 5.43
N ASP A 180 24.25 -41.45 5.71
CA ASP A 180 22.98 -42.02 5.28
C ASP A 180 21.81 -41.20 5.79
N ASN A 181 21.83 -40.78 7.08
CA ASN A 181 20.70 -40.05 7.70
C ASN A 181 21.30 -38.93 8.54
N PHE A 182 21.31 -37.73 8.00
CA PHE A 182 22.06 -36.63 8.59
C PHE A 182 21.17 -35.82 9.53
N THR A 183 21.64 -35.58 10.75
CA THR A 183 20.94 -34.72 11.71
C THR A 183 21.91 -33.61 12.11
N PHE A 184 21.42 -32.37 12.18
CA PHE A 184 22.25 -31.25 12.54
C PHE A 184 21.39 -30.23 13.25
N ARG A 185 21.79 -29.84 14.45
CA ARG A 185 20.90 -29.02 15.31
C ARG A 185 21.50 -27.64 15.52
N GLY A 186 21.54 -26.86 14.45
CA GLY A 186 22.32 -25.63 14.44
C GLY A 186 21.52 -24.42 14.90
N ASP A 187 22.25 -23.31 15.12
CA ASP A 187 21.61 -22.02 15.34
C ASP A 187 21.02 -21.43 14.07
N PHE A 188 21.54 -21.81 12.90
CA PHE A 188 21.07 -21.30 11.62
C PHE A 188 20.36 -22.36 10.80
N TYR A 189 20.83 -23.61 10.83
CA TYR A 189 20.26 -24.64 9.99
C TYR A 189 19.94 -25.87 10.83
N ARG A 190 18.83 -26.51 10.51
CA ARG A 190 18.42 -27.78 11.12
C ARG A 190 18.28 -28.84 10.04
N PHE A 191 18.74 -30.07 10.35
CA PHE A 191 18.43 -31.29 9.59
C PHE A 191 18.01 -32.36 10.57
N ASP A 192 17.08 -33.21 10.15
CA ASP A 192 16.58 -34.26 11.05
C ASP A 192 16.48 -35.55 10.23
N ASN A 193 17.45 -36.43 10.42
CA ASN A 193 17.49 -37.74 9.74
C ASN A 193 17.30 -37.61 8.23
N TYR A 194 17.98 -36.62 7.63
CA TYR A 194 17.77 -36.33 6.22
C TYR A 194 18.63 -37.26 5.36
N SER A 195 18.00 -37.94 4.41
CA SER A 195 18.69 -38.85 3.49
CA SER A 195 18.71 -38.82 3.49
C SER A 195 18.68 -38.26 2.07
N LEU A 196 19.84 -37.77 1.62
CA LEU A 196 20.02 -37.31 0.24
C LEU A 196 20.43 -38.48 -0.67
N LYS A 197 19.71 -38.65 -1.79
CA LYS A 197 20.07 -39.69 -2.78
C LYS A 197 19.67 -39.17 -4.16
N PRO A 198 20.57 -39.18 -5.15
CA PRO A 198 21.96 -39.67 -5.02
C PRO A 198 22.89 -38.69 -4.31
N LYS A 199 23.88 -39.23 -3.64
CA LYS A 199 24.95 -38.41 -3.07
C LYS A 199 25.95 -38.12 -4.19
N PRO A 200 26.94 -37.25 -3.94
CA PRO A 200 27.96 -37.01 -4.99
C PRO A 200 28.68 -38.29 -5.36
N LEU A 201 29.26 -38.29 -6.57
CA LEU A 201 30.03 -39.46 -7.01
C LEU A 201 31.27 -39.67 -6.15
N GLY A 202 32.01 -38.60 -5.90
CA GLY A 202 33.09 -38.69 -4.93
C GLY A 202 32.88 -37.73 -3.77
N ARG A 203 33.95 -37.05 -3.38
CA ARG A 203 33.93 -36.18 -2.19
C ARG A 203 34.21 -34.77 -2.66
N PRO A 204 33.20 -33.92 -2.78
CA PRO A 204 33.44 -32.58 -3.32
C PRO A 204 34.33 -31.79 -2.38
N GLU A 205 35.22 -31.00 -2.97
CA GLU A 205 36.10 -30.16 -2.16
C GLU A 205 35.36 -28.88 -1.75
N ILE A 206 35.55 -28.49 -0.50
CA ILE A 206 34.95 -27.26 0.02
C ILE A 206 36.03 -26.22 0.19
N PHE A 207 35.93 -25.14 -0.59
CA PHE A 207 36.80 -23.98 -0.53
C PHE A 207 36.05 -22.89 0.24
N GLN A 208 36.80 -21.91 0.75
CA GLN A 208 36.16 -20.73 1.33
C GLN A 208 37.02 -19.53 1.02
N GLY A 209 36.37 -18.36 0.89
CA GLY A 209 37.07 -17.12 0.60
C GLY A 209 36.93 -16.17 1.78
N GLY A 210 37.99 -15.43 2.07
CA GLY A 210 38.03 -14.49 3.19
C GLY A 210 39.34 -14.65 3.94
N SER A 211 39.75 -13.60 4.64
CA SER A 211 41.07 -13.58 5.25
CA SER A 211 41.07 -13.60 5.27
C SER A 211 41.07 -13.06 6.69
N SER A 212 39.90 -12.82 7.28
CA SER A 212 39.84 -12.36 8.67
C SER A 212 40.18 -13.50 9.64
N ARG A 213 40.34 -13.15 10.92
CA ARG A 213 40.46 -14.19 11.94
C ARG A 213 39.31 -15.20 11.86
N ALA A 214 38.07 -14.72 11.72
CA ALA A 214 36.93 -15.63 11.60
C ALA A 214 37.11 -16.60 10.43
N ALA A 215 37.63 -16.09 9.30
CA ALA A 215 37.85 -16.94 8.13
C ALA A 215 38.93 -17.99 8.40
N ARG A 216 40.06 -17.58 9.00
CA ARG A 216 41.12 -18.54 9.27
C ARG A 216 40.65 -19.60 10.27
N ASP A 217 39.88 -19.18 11.27
CA ASP A 217 39.34 -20.14 12.24
C ASP A 217 38.45 -21.17 11.57
N MET A 218 37.57 -20.73 10.66
CA MET A 218 36.69 -21.68 9.99
C MET A 218 37.49 -22.63 9.12
N ALA A 219 38.50 -22.11 8.43
CA ALA A 219 39.29 -22.95 7.53
C ALA A 219 40.01 -24.04 8.30
N ALA A 220 40.52 -23.69 9.50
CA ALA A 220 41.25 -24.62 10.33
C ALA A 220 40.34 -25.65 10.99
N ARG A 221 39.01 -25.50 10.87
CA ARG A 221 38.05 -26.45 11.43
CA ARG A 221 38.02 -26.42 11.43
C ARG A 221 37.38 -27.32 10.38
N VAL A 222 36.87 -26.74 9.29
CA VAL A 222 35.97 -27.50 8.42
C VAL A 222 36.33 -27.47 6.95
N SER A 223 37.13 -26.55 6.43
CA SER A 223 37.21 -26.44 4.97
C SER A 223 38.42 -27.17 4.43
N ASP A 224 38.34 -27.52 3.14
CA ASP A 224 39.48 -28.19 2.52
C ASP A 224 40.51 -27.18 2.04
N TRP A 225 40.07 -25.99 1.66
CA TRP A 225 40.93 -24.96 1.11
C TRP A 225 40.55 -23.60 1.69
N TYR A 226 41.58 -22.81 2.00
CA TYR A 226 41.45 -21.41 2.41
C TYR A 226 41.94 -20.62 1.20
N PHE A 227 41.05 -19.86 0.58
CA PHE A 227 41.42 -18.95 -0.51
C PHE A 227 41.50 -17.54 0.06
N THR A 228 42.57 -16.82 -0.28
CA THR A 228 42.78 -15.49 0.25
C THR A 228 43.09 -14.47 -0.85
N ASN A 229 42.91 -13.19 -0.52
CA ASN A 229 43.21 -12.11 -1.45
C ASN A 229 44.73 -12.00 -1.69
N GLY A 230 45.10 -11.32 -2.77
CA GLY A 230 46.51 -11.10 -3.05
C GLY A 230 47.18 -10.34 -1.93
N ASN A 231 48.48 -10.53 -1.79
CA ASN A 231 49.25 -9.96 -0.68
C ASN A 231 50.73 -10.15 -0.97
N SER A 232 51.57 -9.45 -0.20
CA SER A 232 53.00 -9.72 -0.19
C SER A 232 53.26 -11.10 0.39
N VAL A 233 54.48 -11.59 0.17
CA VAL A 233 54.87 -12.90 0.70
C VAL A 233 54.72 -12.91 2.22
N GLU A 234 55.21 -11.85 2.88
CA GLU A 234 55.11 -11.78 4.34
C GLU A 234 53.66 -11.77 4.80
N GLY A 235 52.79 -11.06 4.09
CA GLY A 235 51.38 -11.03 4.48
C GLY A 235 50.74 -12.39 4.36
N ILE A 236 51.08 -13.15 3.30
CA ILE A 236 50.57 -14.51 3.11
C ILE A 236 51.10 -15.44 4.19
N LYS A 237 52.42 -15.38 4.44
CA LYS A 237 53.01 -16.24 5.46
C LYS A 237 52.34 -16.04 6.82
N ALA A 238 52.03 -14.80 7.18
CA ALA A 238 51.36 -14.57 8.46
C ALA A 238 50.03 -15.33 8.54
N GLN A 239 49.28 -15.37 7.44
CA GLN A 239 47.99 -16.07 7.45
C GLN A 239 48.21 -17.58 7.50
N VAL A 240 49.13 -18.08 6.68
CA VAL A 240 49.41 -19.51 6.63
C VAL A 240 49.85 -20.02 8.00
N ASP A 241 50.75 -19.28 8.67
CA ASP A 241 51.26 -19.71 9.98
C ASP A 241 50.14 -19.82 11.01
N ASP A 242 49.18 -18.89 10.98
CA ASP A 242 48.05 -18.95 11.92
C ASP A 242 47.17 -20.16 11.63
N ILE A 243 46.82 -20.35 10.36
CA ILE A 243 45.99 -21.49 9.97
C ILE A 243 46.66 -22.81 10.33
N ARG A 244 47.95 -22.94 10.02
CA ARG A 244 48.63 -24.22 10.23
C ARG A 244 48.63 -24.60 11.70
N ALA A 245 48.92 -23.64 12.58
CA ALA A 245 48.88 -23.94 14.00
C ALA A 245 47.47 -24.33 14.43
N LYS A 246 46.46 -23.58 14.00
CA LYS A 246 45.08 -23.88 14.41
C LYS A 246 44.60 -25.21 13.84
N ALA A 247 44.87 -25.46 12.55
CA ALA A 247 44.46 -26.72 11.96
C ALA A 247 45.14 -27.90 12.65
N ALA A 248 46.43 -27.76 12.99
CA ALA A 248 47.12 -28.87 13.64
C ALA A 248 46.48 -29.19 14.98
N ALA A 249 46.10 -28.15 15.73
CA ALA A 249 45.48 -28.37 17.02
C ALA A 249 44.10 -28.98 16.87
N ASN A 250 43.44 -28.74 15.75
CA ASN A 250 42.11 -29.30 15.48
C ASN A 250 42.18 -30.67 14.80
N HIS A 251 43.38 -31.16 14.50
CA HIS A 251 43.55 -32.40 13.70
C HIS A 251 42.72 -32.33 12.41
N HIS A 252 42.91 -31.23 11.67
CA HIS A 252 42.16 -30.96 10.45
C HIS A 252 43.15 -30.59 9.36
N SER A 253 42.87 -31.03 8.13
CA SER A 253 43.74 -30.77 6.98
C SER A 253 43.15 -29.66 6.12
N VAL A 254 43.98 -28.67 5.77
CA VAL A 254 43.52 -27.56 4.92
C VAL A 254 44.70 -27.08 4.09
N LYS A 255 44.42 -26.75 2.83
CA LYS A 255 45.43 -26.21 1.93
C LYS A 255 45.12 -24.74 1.62
N ILE A 256 46.09 -24.06 0.99
CA ILE A 256 46.09 -22.60 0.90
C ILE A 256 46.15 -22.20 -0.56
N GLY A 257 45.24 -21.33 -0.99
CA GLY A 257 45.30 -20.72 -2.32
C GLY A 257 45.32 -19.20 -2.23
N VAL A 258 46.05 -18.56 -3.14
CA VAL A 258 46.26 -17.11 -3.09
C VAL A 258 45.92 -16.49 -4.45
N ASN A 259 45.08 -15.45 -4.44
CA ASN A 259 44.78 -14.70 -5.66
C ASN A 259 46.02 -13.96 -6.18
N ALA A 260 46.22 -14.02 -7.50
CA ALA A 260 47.24 -13.23 -8.17
C ALA A 260 46.69 -12.80 -9.51
N PHE A 261 46.82 -11.52 -9.84
CA PHE A 261 46.50 -11.05 -11.18
C PHE A 261 47.78 -11.15 -12.00
N VAL A 262 47.84 -12.10 -12.92
CA VAL A 262 49.07 -12.44 -13.62
C VAL A 262 49.16 -11.63 -14.90
N ILE A 263 50.24 -10.86 -15.05
CA ILE A 263 50.53 -10.14 -16.29
C ILE A 263 51.90 -10.62 -16.72
N ALA A 264 51.94 -11.65 -17.58
CA ALA A 264 53.18 -12.22 -18.09
C ALA A 264 53.38 -11.74 -19.52
N ARG A 265 54.54 -11.13 -19.78
CA ARG A 265 54.87 -10.60 -21.09
C ARG A 265 56.33 -10.92 -21.39
N ASP A 266 56.72 -10.84 -22.66
CA ASP A 266 58.09 -11.20 -23.01
C ASP A 266 59.12 -10.33 -22.31
N THR A 267 58.78 -9.08 -22.00
CA THR A 267 59.68 -8.22 -21.25
C THR A 267 58.98 -7.67 -20.02
N GLU A 268 59.76 -7.41 -18.97
CA GLU A 268 59.21 -6.83 -17.76
C GLU A 268 58.61 -5.45 -18.01
N GLU A 269 59.25 -4.67 -18.89
CA GLU A 269 58.75 -3.33 -19.19
C GLU A 269 57.35 -3.36 -19.78
N GLU A 270 57.08 -4.32 -20.67
CA GLU A 270 55.74 -4.43 -21.25
C GLU A 270 54.71 -4.81 -20.19
N ALA A 271 55.06 -5.73 -19.30
CA ALA A 271 54.10 -6.13 -18.26
C ALA A 271 53.79 -4.97 -17.31
N LYS A 272 54.81 -4.19 -16.95
CA LYS A 272 54.57 -3.02 -16.12
C LYS A 272 53.76 -1.97 -16.87
N ALA A 273 53.95 -1.84 -18.19
CA ALA A 273 53.16 -0.88 -18.95
C ALA A 273 51.69 -1.28 -18.99
N VAL A 274 51.39 -2.59 -19.06
CA VAL A 274 50.00 -3.05 -19.04
C VAL A 274 49.34 -2.75 -17.69
N LEU A 275 50.02 -3.07 -16.59
CA LEU A 275 49.52 -2.71 -15.26
C LEU A 275 49.18 -1.22 -15.19
N ALA A 276 50.06 -0.37 -15.69
CA ALA A 276 49.83 1.07 -15.65
C ALA A 276 48.62 1.48 -16.49
N GLN A 277 48.44 0.88 -17.68
CA GLN A 277 47.24 1.16 -18.46
C GLN A 277 45.98 0.76 -17.70
N ILE A 278 45.98 -0.42 -17.07
CA ILE A 278 44.79 -0.87 -16.36
C ILE A 278 44.40 0.16 -15.30
N ILE A 279 45.38 0.60 -14.50
CA ILE A 279 45.13 1.54 -13.41
C ILE A 279 44.80 2.93 -13.94
N ASP A 280 45.50 3.36 -14.99
CA ASP A 280 45.21 4.66 -15.56
C ASP A 280 43.77 4.74 -16.09
N GLN A 281 43.22 3.63 -16.55
CA GLN A 281 41.87 3.59 -17.09
C GLN A 281 40.83 3.15 -16.05
N ALA A 282 41.18 3.16 -14.76
CA ALA A 282 40.23 2.74 -13.73
C ALA A 282 38.96 3.56 -13.79
N ASP A 283 37.85 2.92 -13.52
CA ASP A 283 36.57 3.58 -13.42
C ASP A 283 36.48 4.14 -12.00
N PRO A 284 36.71 5.44 -11.78
CA PRO A 284 36.85 5.90 -10.39
C PRO A 284 35.57 5.81 -9.59
N GLU A 285 34.41 6.04 -10.20
CA GLU A 285 33.15 5.91 -9.45
C GLU A 285 32.90 4.47 -9.05
N ALA A 286 33.27 3.52 -9.92
CA ALA A 286 33.11 2.12 -9.58
C ALA A 286 34.08 1.69 -8.50
N VAL A 287 35.34 2.13 -8.60
CA VAL A 287 36.33 1.77 -7.58
C VAL A 287 35.93 2.31 -6.21
N ASN A 288 35.54 3.59 -6.15
CA ASN A 288 35.18 4.17 -4.87
C ASN A 288 33.93 3.54 -4.27
N ALA A 289 32.92 3.25 -5.08
CA ALA A 289 31.71 2.60 -4.58
C ALA A 289 32.04 1.20 -4.08
N PHE A 290 32.87 0.46 -4.82
CA PHE A 290 33.30 -0.85 -4.33
C PHE A 290 34.07 -0.69 -3.01
N GLY A 291 35.00 0.25 -2.97
CA GLY A 291 35.79 0.44 -1.76
C GLY A 291 34.93 0.76 -0.53
N ASP A 292 33.88 1.55 -0.71
CA ASP A 292 33.00 1.87 0.42
CA ASP A 292 33.02 1.85 0.43
C ASP A 292 32.25 0.62 0.88
N ALA A 293 31.72 -0.16 -0.06
CA ALA A 293 31.00 -1.37 0.34
C ALA A 293 31.92 -2.38 1.00
N ALA A 294 33.18 -2.44 0.55
CA ALA A 294 34.17 -3.39 1.05
C ALA A 294 34.56 -3.13 2.50
N LYS A 295 34.21 -1.99 3.07
CA LYS A 295 34.44 -1.75 4.49
C LYS A 295 33.66 -2.71 5.40
N GLN A 296 32.69 -3.43 4.86
CA GLN A 296 31.96 -4.43 5.63
C GLN A 296 32.67 -5.78 5.70
N ALA A 297 33.82 -5.93 5.01
CA ALA A 297 34.64 -7.13 5.14
C ALA A 297 35.65 -6.97 6.28
N GLY A 298 36.96 -6.95 5.97
CA GLY A 298 37.95 -7.00 7.04
C GLY A 298 37.88 -5.84 8.03
N ARG A 299 37.60 -4.63 7.54
CA ARG A 299 37.56 -3.47 8.41
C ARG A 299 36.47 -3.59 9.47
N ALA A 300 35.41 -4.32 9.16
CA ALA A 300 34.31 -4.50 10.11
C ALA A 300 34.49 -5.67 11.06
N SER A 301 35.56 -6.47 10.92
CA SER A 301 35.79 -7.57 11.85
C SER A 301 36.32 -7.01 13.15
N PRO A 302 36.21 -7.75 14.27
CA PRO A 302 36.69 -7.21 15.54
C PRO A 302 38.15 -6.80 15.50
N GLU A 303 38.98 -7.49 14.70
CA GLU A 303 40.40 -7.14 14.58
C GLU A 303 40.63 -5.98 13.62
N GLY A 304 39.63 -5.66 12.79
CA GLY A 304 39.88 -4.71 11.72
C GLY A 304 40.82 -5.20 10.64
N GLU A 305 40.97 -6.54 10.51
CA GLU A 305 41.89 -7.12 9.54
C GLU A 305 41.14 -8.12 8.67
N GLY A 306 41.47 -8.16 7.37
CA GLY A 306 40.85 -9.08 6.44
C GLY A 306 40.70 -8.41 5.09
N ASN A 307 39.81 -8.97 4.26
CA ASN A 307 39.67 -8.50 2.89
C ASN A 307 39.43 -7.00 2.84
N TRP A 308 40.24 -6.31 2.04
CA TRP A 308 40.14 -4.88 1.71
C TRP A 308 40.43 -3.93 2.85
N ALA A 309 40.84 -4.42 4.03
CA ALA A 309 41.06 -3.54 5.16
C ALA A 309 42.19 -2.54 4.91
N LYS A 310 43.13 -2.88 4.04
CA LYS A 310 44.30 -2.06 3.77
C LYS A 310 44.46 -1.79 2.28
N SER A 311 43.36 -1.70 1.54
CA SER A 311 43.42 -1.57 0.09
C SER A 311 43.29 -0.10 -0.31
N THR A 312 44.27 0.40 -1.06
CA THR A 312 44.17 1.76 -1.62
C THR A 312 43.29 1.73 -2.87
N PHE A 313 43.00 2.93 -3.41
CA PHE A 313 42.33 3.03 -4.70
C PHE A 313 42.99 2.15 -5.76
N GLU A 314 44.32 2.22 -5.88
CA GLU A 314 45.02 1.42 -6.90
C GLU A 314 44.92 -0.08 -6.62
N ASP A 315 44.98 -0.51 -5.34
CA ASP A 315 44.79 -1.93 -5.02
C ASP A 315 43.41 -2.41 -5.46
N LEU A 316 42.39 -1.57 -5.25
CA LEU A 316 41.01 -1.99 -5.50
C LEU A 316 40.70 -2.20 -6.98
N VAL A 317 41.52 -1.63 -7.88
CA VAL A 317 41.30 -1.83 -9.32
C VAL A 317 41.31 -3.32 -9.68
N GLN A 318 42.07 -4.16 -8.96
CA GLN A 318 41.88 -5.61 -9.03
C GLN A 318 41.11 -5.98 -7.76
N TYR A 319 39.88 -6.45 -7.94
CA TYR A 319 38.94 -6.43 -6.82
C TYR A 319 39.14 -7.54 -5.78
N ASN A 320 40.14 -8.40 -5.93
CA ASN A 320 40.62 -9.22 -4.82
C ASN A 320 42.10 -8.97 -4.49
N ASP A 321 42.56 -7.72 -4.62
CA ASP A 321 43.93 -7.31 -4.27
C ASP A 321 44.99 -8.06 -5.09
N GLY A 322 44.63 -8.47 -6.30
CA GLY A 322 45.48 -9.40 -7.06
C GLY A 322 46.79 -8.82 -7.56
N PHE A 323 46.90 -7.50 -7.68
CA PHE A 323 48.19 -6.96 -8.09
C PHE A 323 49.22 -7.10 -6.98
N LYS A 324 48.81 -7.21 -5.71
CA LYS A 324 49.79 -7.21 -4.63
C LYS A 324 50.70 -8.44 -4.69
N THR A 325 50.22 -9.55 -5.26
CA THR A 325 51.04 -10.75 -5.32
C THR A 325 52.18 -10.61 -6.31
N ASN A 326 52.15 -9.61 -7.17
CA ASN A 326 53.29 -9.22 -7.99
C ASN A 326 53.71 -10.29 -9.00
N LEU A 327 52.76 -11.04 -9.55
CA LEU A 327 53.07 -11.97 -10.64
C LEU A 327 52.96 -11.21 -11.97
N ILE A 328 53.80 -10.19 -12.07
CA ILE A 328 53.78 -9.20 -13.15
C ILE A 328 55.22 -9.05 -13.60
N GLY A 329 55.51 -9.48 -14.82
CA GLY A 329 56.88 -9.44 -15.37
C GLY A 329 57.04 -10.50 -16.46
N THR A 330 58.28 -10.99 -16.61
CA THR A 330 58.56 -12.06 -17.56
C THR A 330 58.09 -13.41 -17.01
N PRO A 331 57.91 -14.41 -17.88
CA PRO A 331 57.62 -15.77 -17.40
C PRO A 331 58.59 -16.27 -16.33
N GLN A 332 59.89 -16.00 -16.53
CA GLN A 332 60.89 -16.43 -15.56
C GLN A 332 60.71 -15.76 -14.21
N GLN A 333 60.49 -14.44 -14.20
CA GLN A 333 60.26 -13.75 -12.93
C GLN A 333 59.03 -14.29 -12.23
N ILE A 334 57.98 -14.56 -13.00
CA ILE A 334 56.74 -15.04 -12.41
C ILE A 334 56.91 -16.46 -11.85
N ALA A 335 57.59 -17.33 -12.59
CA ALA A 335 57.82 -18.69 -12.10
C ALA A 335 58.62 -18.67 -10.81
N GLU A 336 59.67 -17.84 -10.74
CA GLU A 336 60.46 -17.75 -9.52
C GLU A 336 59.63 -17.20 -8.37
N ARG A 337 58.72 -16.27 -8.66
CA ARG A 337 57.87 -15.73 -7.60
C ARG A 337 56.84 -16.75 -7.11
N ILE A 338 56.33 -17.60 -8.01
CA ILE A 338 55.40 -18.67 -7.62
C ILE A 338 56.10 -19.65 -6.69
N VAL A 339 57.32 -20.07 -7.03
CA VAL A 339 58.04 -20.99 -6.17
C VAL A 339 58.37 -20.36 -4.83
N ALA A 340 58.64 -19.05 -4.81
CA ALA A 340 58.84 -18.38 -3.52
C ALA A 340 57.57 -18.39 -2.67
N LEU A 341 56.39 -18.37 -3.31
CA LEU A 341 55.14 -18.49 -2.56
C LEU A 341 54.96 -19.90 -2.00
N LYS A 342 55.37 -20.93 -2.74
CA LYS A 342 55.34 -22.30 -2.20
C LYS A 342 56.11 -22.38 -0.89
N ALA A 343 57.23 -21.65 -0.81
CA ALA A 343 58.12 -21.73 0.35
C ALA A 343 57.47 -21.22 1.64
N VAL A 344 56.43 -20.38 1.57
CA VAL A 344 55.72 -19.98 2.78
C VAL A 344 54.40 -20.72 2.95
N GLY A 345 54.15 -21.76 2.17
CA GLY A 345 53.03 -22.64 2.38
C GLY A 345 51.86 -22.49 1.42
N VAL A 346 52.05 -21.83 0.29
CA VAL A 346 51.00 -21.70 -0.70
C VAL A 346 50.95 -22.98 -1.52
N ASP A 347 49.75 -23.57 -1.60
CA ASP A 347 49.53 -24.80 -2.36
C ASP A 347 48.92 -24.56 -3.73
N LEU A 348 48.33 -23.39 -3.96
CA LEU A 348 47.67 -23.10 -5.23
C LEU A 348 47.73 -21.61 -5.51
N VAL A 349 47.94 -21.25 -6.79
CA VAL A 349 47.84 -19.88 -7.27
C VAL A 349 46.54 -19.76 -8.05
N LEU A 350 45.70 -18.79 -7.65
CA LEU A 350 44.41 -18.50 -8.26
C LEU A 350 44.64 -17.28 -9.17
N ALA A 351 44.68 -17.50 -10.48
CA ALA A 351 45.15 -16.48 -11.42
C ALA A 351 43.99 -15.74 -12.09
N GLY A 352 44.06 -14.41 -12.10
CA GLY A 352 43.23 -13.57 -12.93
C GLY A 352 44.04 -13.04 -14.11
N PHE A 353 43.39 -12.66 -15.20
CA PHE A 353 44.09 -12.22 -16.41
C PHE A 353 43.32 -11.07 -17.05
N LEU A 354 44.02 -10.30 -17.89
CA LEU A 354 43.36 -9.21 -18.63
C LEU A 354 42.59 -9.75 -19.84
N HIS A 355 43.30 -10.44 -20.75
CA HIS A 355 42.70 -11.02 -21.96
C HIS A 355 42.72 -12.52 -21.74
N PHE A 356 41.59 -13.08 -21.29
CA PHE A 356 41.66 -14.38 -20.62
C PHE A 356 42.14 -15.49 -21.55
N GLN A 357 41.48 -15.68 -22.70
CA GLN A 357 41.83 -16.83 -23.54
C GLN A 357 43.29 -16.80 -23.96
N GLU A 358 43.75 -15.68 -24.52
CA GLU A 358 45.13 -15.69 -25.00
C GLU A 358 46.13 -15.77 -23.85
N GLU A 359 45.79 -15.20 -22.69
CA GLU A 359 46.77 -15.20 -21.60
C GLU A 359 46.77 -16.50 -20.83
N VAL A 360 45.64 -17.19 -20.79
CA VAL A 360 45.65 -18.53 -20.22
C VAL A 360 46.52 -19.46 -21.06
N GLU A 361 46.35 -19.40 -22.39
CA GLU A 361 47.18 -20.19 -23.29
C GLU A 361 48.66 -19.84 -23.11
N TYR A 362 48.97 -18.54 -23.08
CA TYR A 362 50.36 -18.11 -22.89
C TYR A 362 50.93 -18.63 -21.57
N PHE A 363 50.13 -18.57 -20.49
CA PHE A 363 50.59 -19.09 -19.20
C PHE A 363 50.95 -20.57 -19.30
N GLY A 364 50.11 -21.36 -19.99
CA GLY A 364 50.38 -22.78 -20.12
C GLY A 364 51.60 -23.08 -20.97
N GLN A 365 51.89 -22.25 -21.96
CA GLN A 365 53.02 -22.50 -22.82
C GLN A 365 54.32 -21.93 -22.25
N ARG A 366 54.24 -20.86 -21.51
CA ARG A 366 55.44 -20.07 -21.20
C ARG A 366 55.75 -19.96 -19.71
N VAL A 367 54.75 -20.03 -18.84
CA VAL A 367 54.98 -19.82 -17.40
C VAL A 367 54.93 -21.13 -16.64
N LEU A 368 53.85 -21.89 -16.81
CA LEU A 368 53.69 -23.13 -16.06
C LEU A 368 54.84 -24.11 -16.29
N PRO A 369 55.32 -24.34 -17.53
CA PRO A 369 56.49 -25.21 -17.69
C PRO A 369 57.72 -24.74 -16.94
N LEU A 370 57.92 -23.42 -16.78
CA LEU A 370 59.07 -22.97 -16.02
C LEU A 370 58.91 -23.31 -14.55
N VAL A 371 57.70 -23.16 -14.01
CA VAL A 371 57.43 -23.59 -12.63
C VAL A 371 57.74 -25.07 -12.46
N ARG A 372 57.29 -25.91 -13.41
CA ARG A 372 57.55 -27.34 -13.27
C ARG A 372 59.05 -27.65 -13.32
N GLU A 373 59.81 -26.94 -14.15
CA GLU A 373 61.26 -27.13 -14.18
C GLU A 373 61.92 -26.73 -12.87
N LEU A 374 61.53 -25.58 -12.29
CA LEU A 374 62.07 -25.19 -11.00
C LEU A 374 61.75 -26.24 -9.94
N GLU A 375 60.54 -26.80 -9.97
CA GLU A 375 60.13 -27.82 -9.01
C GLU A 375 60.93 -29.11 -9.19
N ALA A 376 61.19 -29.52 -10.44
CA ALA A 376 62.01 -30.71 -10.67
C ALA A 376 63.42 -30.54 -10.15
N LYS A 377 64.01 -29.36 -10.39
CA LYS A 377 65.37 -29.08 -9.93
C LYS A 377 65.42 -29.00 -8.40
N ALA A 378 64.39 -28.47 -7.76
CA ALA A 378 64.37 -28.46 -6.30
C ALA A 378 64.30 -29.88 -5.74
N GLN A 379 63.50 -30.74 -6.37
CA GLN A 379 63.38 -32.12 -5.92
C GLN A 379 64.70 -32.88 -6.07
N SER A 380 65.35 -32.75 -7.23
CA SER A 380 66.61 -33.46 -7.47
C SER A 380 67.81 -32.82 -6.75
N ALA A 381 67.60 -32.27 -5.56
CA ALA A 381 68.66 -31.66 -4.78
C ALA A 381 68.35 -31.75 -3.27
N GLN B 27 -4.79 -23.08 -29.81
CA GLN B 27 -5.93 -23.83 -30.34
C GLN B 27 -5.64 -25.33 -30.57
N ALA B 28 -4.52 -25.68 -31.21
CA ALA B 28 -4.09 -27.08 -31.21
C ALA B 28 -3.68 -27.48 -29.79
N VAL B 29 -4.05 -28.70 -29.40
CA VAL B 29 -3.72 -29.16 -28.05
C VAL B 29 -2.21 -29.41 -27.94
N LYS B 30 -1.63 -29.05 -26.80
CA LYS B 30 -0.20 -29.22 -26.60
C LYS B 30 0.07 -30.46 -25.75
N PHE B 31 1.28 -30.98 -25.84
CA PHE B 31 1.64 -32.16 -25.09
C PHE B 31 2.91 -31.94 -24.29
N ALA B 32 2.91 -32.38 -23.04
CA ALA B 32 4.09 -32.43 -22.20
C ALA B 32 4.28 -33.88 -21.75
N TYR B 33 5.49 -34.25 -21.35
CA TYR B 33 5.69 -35.54 -20.69
C TYR B 33 6.39 -35.30 -19.35
N TRP B 34 6.15 -36.21 -18.41
CA TRP B 34 6.88 -36.19 -17.14
C TRP B 34 8.28 -36.75 -17.36
N VAL B 35 9.30 -35.98 -17.00
CA VAL B 35 10.67 -36.45 -16.91
C VAL B 35 10.77 -37.50 -15.80
N PRO B 36 11.21 -38.74 -16.09
CA PRO B 36 11.42 -39.72 -14.99
C PRO B 36 12.75 -39.49 -14.29
N ASN B 37 12.87 -38.34 -13.59
CA ASN B 37 14.08 -38.04 -12.82
C ASN B 37 14.05 -38.62 -11.42
N VAL B 38 13.02 -39.40 -11.10
CA VAL B 38 12.87 -40.11 -9.83
CA VAL B 38 12.90 -40.11 -9.83
C VAL B 38 12.93 -41.60 -10.14
N SER B 39 13.65 -42.38 -9.32
N SER B 39 13.72 -42.34 -9.37
CA SER B 39 14.11 -43.72 -9.72
CA SER B 39 13.78 -43.78 -9.55
C SER B 39 13.01 -44.79 -9.85
C SER B 39 12.39 -44.36 -9.30
N GLY B 40 11.77 -44.51 -9.48
N GLY B 40 12.09 -45.45 -9.98
CA GLY B 40 10.73 -45.51 -9.60
CA GLY B 40 10.77 -46.03 -9.94
C GLY B 40 9.84 -45.34 -10.81
C GLY B 40 9.81 -45.49 -10.98
N GLY B 41 10.21 -44.47 -11.75
CA GLY B 41 9.37 -44.04 -12.85
C GLY B 41 8.12 -43.37 -12.32
N LEU B 42 7.02 -43.53 -13.05
CA LEU B 42 5.81 -42.77 -12.79
C LEU B 42 4.71 -43.61 -12.13
N VAL B 43 5.06 -44.75 -11.55
CA VAL B 43 4.11 -45.64 -10.88
C VAL B 43 4.73 -46.13 -9.58
N VAL B 44 3.87 -46.47 -8.61
CA VAL B 44 4.35 -46.95 -7.33
C VAL B 44 4.21 -48.47 -7.35
N SER B 45 5.05 -49.13 -8.14
CA SER B 45 4.80 -50.52 -8.49
C SER B 45 6.11 -51.21 -8.79
N ARG B 46 6.15 -52.51 -8.54
CA ARG B 46 7.33 -53.32 -8.82
C ARG B 46 7.40 -53.80 -10.26
N ILE B 47 6.40 -53.47 -11.09
CA ILE B 47 6.38 -53.98 -12.46
C ILE B 47 7.66 -53.60 -13.20
N GLU B 48 8.18 -54.53 -14.00
CA GLU B 48 9.40 -54.23 -14.74
C GLU B 48 9.13 -53.11 -15.72
N GLN B 49 9.99 -52.08 -15.73
CA GLN B 49 9.83 -50.95 -16.65
C GLN B 49 11.15 -50.61 -17.36
N ARG B 50 11.07 -50.40 -18.67
CA ARG B 50 12.24 -49.96 -19.45
C ARG B 50 12.32 -48.43 -19.39
N THR B 51 12.62 -47.97 -18.18
CA THR B 51 12.67 -46.56 -17.82
C THR B 51 13.79 -46.43 -16.80
N ASP B 52 14.52 -45.32 -16.84
CA ASP B 52 15.63 -45.11 -15.92
C ASP B 52 15.65 -43.64 -15.55
N TRP B 53 16.26 -43.34 -14.39
CA TRP B 53 16.26 -41.97 -13.89
C TRP B 53 17.54 -41.23 -14.19
N GLY B 54 18.53 -41.89 -14.76
CA GLY B 54 19.80 -41.25 -15.06
C GLY B 54 19.78 -40.31 -16.28
N ILE B 55 20.83 -39.50 -16.37
CA ILE B 55 20.93 -38.50 -17.44
C ILE B 55 21.02 -39.15 -18.82
N ASP B 56 21.72 -40.30 -18.95
CA ASP B 56 21.88 -40.90 -20.29
C ASP B 56 20.54 -41.30 -20.86
N TYR B 57 19.74 -42.03 -20.08
CA TYR B 57 18.40 -42.41 -20.51
C TYR B 57 17.56 -41.17 -20.83
N ASN B 58 17.68 -40.15 -19.96
CA ASN B 58 16.79 -39.01 -20.09
C ASN B 58 17.17 -38.06 -21.23
N ARG B 59 18.45 -37.98 -21.61
CA ARG B 59 18.81 -37.19 -22.79
C ARG B 59 18.18 -37.80 -24.03
N LYS B 60 18.31 -39.12 -24.21
CA LYS B 60 17.69 -39.78 -25.36
C LYS B 60 16.17 -39.63 -25.32
N LEU B 61 15.57 -39.82 -24.15
CA LEU B 61 14.13 -39.64 -24.00
C LEU B 61 13.70 -38.24 -24.42
N ALA B 62 14.44 -37.20 -23.97
CA ALA B 62 14.09 -35.84 -24.35
C ALA B 62 14.17 -35.64 -25.86
N GLN B 63 15.20 -36.21 -26.50
CA GLN B 63 15.29 -36.11 -27.96
C GLN B 63 14.14 -36.82 -28.66
N LEU B 64 13.75 -38.01 -28.17
CA LEU B 64 12.63 -38.73 -28.77
C LEU B 64 11.34 -37.96 -28.58
N ALA B 65 11.16 -37.34 -27.41
CA ALA B 65 9.96 -36.57 -27.13
C ALA B 65 9.86 -35.37 -28.07
N GLU B 66 10.97 -34.67 -28.27
CA GLU B 66 10.99 -33.56 -29.21
C GLU B 66 10.65 -34.05 -30.62
N ALA B 67 11.23 -35.19 -31.03
CA ALA B 67 10.92 -35.72 -32.37
C ALA B 67 9.47 -36.15 -32.48
N ALA B 68 8.87 -36.61 -31.38
CA ALA B 68 7.51 -37.08 -31.38
C ALA B 68 6.49 -35.95 -31.39
N GLY B 69 6.90 -34.72 -31.10
CA GLY B 69 5.98 -33.61 -31.06
C GLY B 69 5.54 -33.15 -29.69
N PHE B 70 6.23 -33.55 -28.62
CA PHE B 70 5.98 -32.97 -27.29
C PHE B 70 6.61 -31.59 -27.25
N GLU B 71 5.86 -30.60 -26.75
CA GLU B 71 6.38 -29.25 -26.64
C GLU B 71 7.15 -29.03 -25.35
N TYR B 72 6.76 -29.73 -24.27
CA TYR B 72 7.34 -29.55 -22.95
C TYR B 72 7.71 -30.88 -22.31
N ALA B 73 8.72 -30.83 -21.45
CA ALA B 73 9.03 -31.85 -20.46
C ALA B 73 8.85 -31.26 -19.06
N LEU B 74 8.27 -32.03 -18.12
CA LEU B 74 8.07 -31.51 -16.76
C LEU B 74 8.95 -32.29 -15.79
N THR B 75 9.79 -31.60 -15.01
N THR B 75 9.88 -31.60 -15.17
CA THR B 75 10.76 -32.26 -14.12
CA THR B 75 10.59 -32.28 -14.10
C THR B 75 10.35 -32.07 -12.67
C THR B 75 9.72 -32.27 -12.87
N GLN B 76 10.02 -33.18 -11.97
CA GLN B 76 9.44 -33.10 -10.64
CA GLN B 76 9.43 -33.08 -10.64
C GLN B 76 10.52 -32.78 -9.60
N ILE B 77 10.08 -32.24 -8.45
CA ILE B 77 11.00 -31.82 -7.39
C ILE B 77 10.79 -32.67 -6.15
N ARG B 78 11.88 -33.29 -5.71
CA ARG B 78 11.95 -33.99 -4.43
C ARG B 78 13.24 -33.57 -3.74
N PHE B 79 13.21 -33.55 -2.40
CA PHE B 79 14.44 -33.52 -1.63
C PHE B 79 14.80 -34.84 -0.96
N THR B 80 13.84 -35.75 -0.79
CA THR B 80 14.10 -37.07 -0.24
C THR B 80 12.98 -37.97 -0.73
N ALA B 81 13.21 -39.28 -0.58
N ALA B 81 13.14 -39.28 -0.56
CA ALA B 81 12.40 -40.29 -1.24
CA ALA B 81 12.01 -40.22 -0.68
C ALA B 81 10.95 -40.24 -0.78
C ALA B 81 12.49 -41.61 -0.31
N GLY B 82 10.05 -40.33 -1.74
N GLY B 82 11.53 -42.53 -0.15
CA GLY B 82 8.64 -40.54 -1.46
CA GLY B 82 11.82 -43.89 0.25
C GLY B 82 8.03 -41.31 -2.62
C GLY B 82 11.48 -44.92 -0.82
N TYR B 83 6.89 -41.95 -2.35
N TYR B 83 11.72 -46.18 -0.48
CA TYR B 83 6.13 -42.66 -3.40
CA TYR B 83 11.29 -47.33 -1.27
C TYR B 83 6.98 -43.60 -4.24
C TYR B 83 11.82 -47.18 -2.68
N GLY B 84 7.97 -44.24 -3.62
N GLY B 84 11.02 -47.40 -3.73
CA GLY B 84 8.79 -45.22 -4.34
CA GLY B 84 11.54 -47.39 -5.08
C GLY B 84 9.99 -44.68 -5.10
C GLY B 84 11.93 -46.01 -5.62
N ALA B 85 10.41 -43.44 -4.86
N ALA B 85 11.29 -44.95 -5.09
CA ALA B 85 11.55 -42.88 -5.60
CA ALA B 85 11.43 -43.54 -5.50
C ALA B 85 12.77 -42.76 -4.69
C ALA B 85 12.63 -42.95 -4.77
N GLU B 86 13.51 -43.88 -4.48
CA GLU B 86 14.64 -43.81 -3.58
C GLU B 86 15.68 -42.78 -4.01
N PHE B 87 15.86 -42.59 -5.32
CA PHE B 87 16.84 -41.62 -5.84
C PHE B 87 16.11 -40.57 -6.65
N GLN B 88 16.52 -39.30 -6.56
CA GLN B 88 15.87 -38.29 -7.37
C GLN B 88 16.93 -37.29 -7.80
N HIS B 89 16.95 -36.95 -9.08
CA HIS B 89 17.87 -35.89 -9.47
C HIS B 89 17.24 -34.52 -9.22
N GLU B 90 18.09 -33.54 -8.86
CA GLU B 90 17.60 -32.21 -8.52
C GLU B 90 16.98 -31.54 -9.75
N SER B 91 15.82 -30.92 -9.57
CA SER B 91 14.99 -30.60 -10.72
C SER B 91 15.61 -29.55 -11.67
N VAL B 92 16.20 -28.49 -11.14
CA VAL B 92 16.65 -27.39 -11.99
C VAL B 92 17.92 -27.77 -12.75
N ALA B 93 18.90 -28.34 -12.06
CA ALA B 93 20.13 -28.77 -12.78
C ALA B 93 19.83 -29.87 -13.78
N PHE B 94 18.92 -30.79 -13.45
CA PHE B 94 18.54 -31.81 -14.42
C PHE B 94 17.85 -31.19 -15.63
N SER B 95 16.96 -30.20 -15.41
CA SER B 95 16.33 -29.48 -16.52
C SER B 95 17.36 -28.80 -17.39
N HIS B 96 18.36 -28.18 -16.75
CA HIS B 96 19.45 -27.55 -17.51
C HIS B 96 20.12 -28.56 -18.43
N ALA B 97 20.47 -29.74 -17.89
CA ALA B 97 21.08 -30.79 -18.71
C ALA B 97 20.17 -31.25 -19.84
N LEU B 98 18.85 -31.37 -19.60
CA LEU B 98 17.98 -31.80 -20.71
C LEU B 98 17.88 -30.75 -21.81
N LEU B 99 17.86 -29.47 -21.41
CA LEU B 99 17.90 -28.41 -22.40
C LEU B 99 19.19 -28.43 -23.21
N ALA B 100 20.31 -28.72 -22.54
CA ALA B 100 21.58 -28.75 -23.25
C ALA B 100 21.62 -29.85 -24.30
N ALA B 101 20.78 -30.88 -24.15
CA ALA B 101 20.78 -32.02 -25.05
C ALA B 101 19.72 -31.93 -26.15
N THR B 102 18.98 -30.83 -26.22
CA THR B 102 17.87 -30.69 -27.15
C THR B 102 17.97 -29.33 -27.83
N SER B 103 17.08 -29.10 -28.80
CA SER B 103 17.07 -27.90 -29.61
C SER B 103 15.83 -27.03 -29.40
N GLN B 104 14.63 -27.61 -29.52
CA GLN B 104 13.37 -26.89 -29.43
C GLN B 104 12.56 -27.24 -28.20
N LEU B 105 12.82 -28.38 -27.58
CA LEU B 105 12.08 -28.79 -26.39
C LEU B 105 12.15 -27.72 -25.30
N LYS B 106 11.01 -27.43 -24.66
CA LYS B 106 10.96 -26.56 -23.49
C LYS B 106 10.89 -27.45 -22.25
N VAL B 107 11.60 -27.08 -21.20
CA VAL B 107 11.67 -27.92 -20.00
C VAL B 107 11.21 -27.11 -18.79
N ILE B 108 10.29 -27.69 -18.03
CA ILE B 108 9.66 -27.00 -16.89
C ILE B 108 10.30 -27.56 -15.63
N ALA B 109 10.96 -26.71 -14.84
CA ALA B 109 11.66 -27.14 -13.64
C ALA B 109 10.74 -26.89 -12.45
N ALA B 110 10.44 -27.94 -11.69
CA ALA B 110 9.58 -27.79 -10.52
C ALA B 110 10.34 -27.16 -9.35
N ILE B 111 9.68 -26.26 -8.63
CA ILE B 111 10.30 -25.53 -7.52
C ILE B 111 9.30 -25.45 -6.37
N LEU B 112 9.77 -25.75 -5.14
CA LEU B 112 8.98 -25.75 -3.92
C LEU B 112 9.41 -24.55 -3.09
N PRO B 113 8.60 -23.50 -2.99
CA PRO B 113 8.93 -22.40 -2.06
C PRO B 113 9.15 -22.93 -0.66
N GLY B 114 10.14 -22.35 0.03
CA GLY B 114 10.52 -22.78 1.35
C GLY B 114 11.99 -23.13 1.31
N PRO B 115 12.31 -24.35 0.90
CA PRO B 115 13.71 -24.69 0.61
C PRO B 115 14.25 -23.96 -0.60
N TRP B 116 13.38 -23.46 -1.49
CA TRP B 116 13.78 -22.53 -2.54
C TRP B 116 13.37 -21.12 -2.15
N GLN B 117 14.24 -20.14 -2.49
CA GLN B 117 13.97 -18.72 -2.33
C GLN B 117 13.88 -18.04 -3.70
N PRO B 118 13.06 -17.00 -3.85
CA PRO B 118 12.81 -16.45 -5.19
C PRO B 118 13.98 -15.64 -5.78
N ALA B 119 14.82 -14.98 -4.99
CA ALA B 119 15.94 -14.29 -5.61
C ALA B 119 16.83 -15.27 -6.34
N LEU B 120 17.19 -16.39 -5.69
CA LEU B 120 18.07 -17.36 -6.33
C LEU B 120 17.35 -18.05 -7.49
N ALA B 121 16.09 -18.44 -7.30
CA ALA B 121 15.35 -19.04 -8.41
C ALA B 121 15.33 -18.12 -9.61
N ALA B 122 15.00 -16.82 -9.41
CA ALA B 122 14.93 -15.88 -10.51
C ALA B 122 16.25 -15.81 -11.26
N LYS B 123 17.36 -15.69 -10.51
CA LYS B 123 18.65 -15.51 -11.16
C LYS B 123 19.16 -16.82 -11.80
N GLN B 124 18.99 -17.96 -11.12
CA GLN B 124 19.46 -19.20 -11.72
C GLN B 124 18.64 -19.51 -12.98
N LEU B 125 17.32 -19.32 -12.92
CA LEU B 125 16.51 -19.57 -14.11
C LEU B 125 16.82 -18.59 -15.25
N ALA B 126 17.07 -17.31 -14.91
CA ALA B 126 17.46 -16.35 -15.95
C ALA B 126 18.75 -16.76 -16.66
N THR B 127 19.75 -17.24 -15.91
CA THR B 127 21.00 -17.66 -16.53
C THR B 127 20.80 -18.91 -17.38
N ILE B 128 20.03 -19.89 -16.90
CA ILE B 128 19.74 -21.08 -17.71
C ILE B 128 18.98 -20.69 -18.97
N ASP B 129 18.03 -19.74 -18.83
CA ASP B 129 17.31 -19.22 -19.98
C ASP B 129 18.27 -18.65 -21.01
N GLN B 130 19.20 -17.83 -20.56
CA GLN B 130 20.18 -17.24 -21.48
C GLN B 130 21.03 -18.29 -22.17
N LEU B 131 21.34 -19.38 -21.47
CA LEU B 131 22.19 -20.44 -21.99
C LEU B 131 21.46 -21.41 -22.89
N THR B 132 20.12 -21.39 -22.87
CA THR B 132 19.34 -22.41 -23.58
C THR B 132 18.41 -21.81 -24.62
N ASN B 133 18.65 -20.57 -25.01
CA ASN B 133 17.80 -19.90 -26.01
C ASN B 133 16.35 -19.77 -25.54
N GLY B 134 16.16 -19.49 -24.25
CA GLY B 134 14.85 -19.12 -23.76
C GLY B 134 13.87 -20.26 -23.57
N ARG B 135 14.35 -21.44 -23.19
CA ARG B 135 13.51 -22.64 -23.22
C ARG B 135 13.17 -23.22 -21.85
N ILE B 136 13.55 -22.55 -20.73
CA ILE B 136 13.28 -23.06 -19.39
C ILE B 136 11.99 -22.42 -18.89
N ALA B 137 11.17 -23.21 -18.20
CA ALA B 137 9.99 -22.72 -17.51
C ALA B 137 10.03 -23.23 -16.07
N VAL B 138 9.05 -22.83 -15.24
CA VAL B 138 9.04 -23.22 -13.84
C VAL B 138 7.64 -23.73 -13.47
N ASN B 139 7.59 -24.77 -12.63
CA ASN B 139 6.35 -25.27 -12.04
C ASN B 139 6.42 -25.01 -10.53
N ILE B 140 5.67 -24.00 -10.05
CA ILE B 140 5.62 -23.69 -8.62
C ILE B 140 4.63 -24.63 -7.96
N VAL B 141 5.14 -25.48 -7.08
CA VAL B 141 4.32 -26.45 -6.36
C VAL B 141 4.40 -26.07 -4.89
N SER B 142 3.26 -26.14 -4.23
CA SER B 142 3.13 -25.52 -2.90
C SER B 142 3.38 -26.50 -1.76
N GLY B 143 3.42 -27.78 -2.04
CA GLY B 143 3.89 -28.74 -1.07
C GLY B 143 2.81 -29.57 -0.42
N TRP B 144 3.14 -30.83 -0.16
CA TRP B 144 2.28 -31.76 0.58
C TRP B 144 3.06 -32.70 1.49
N PHE B 145 4.35 -32.95 1.22
CA PHE B 145 5.15 -33.97 1.88
C PHE B 145 5.80 -33.32 3.10
N ARG B 146 5.05 -33.34 4.21
CA ARG B 146 5.48 -32.67 5.42
C ARG B 146 6.80 -33.22 5.94
N GLY B 147 6.95 -34.55 5.93
CA GLY B 147 8.14 -35.16 6.50
C GLY B 147 9.41 -34.73 5.78
N GLU B 148 9.30 -34.48 4.47
CA GLU B 148 10.42 -33.97 3.71
C GLU B 148 10.85 -32.59 4.21
N PHE B 149 9.88 -31.69 4.39
CA PHE B 149 10.22 -30.37 4.94
C PHE B 149 10.87 -30.47 6.31
N GLN B 150 10.30 -31.30 7.20
CA GLN B 150 10.89 -31.48 8.54
CA GLN B 150 10.90 -31.44 8.52
C GLN B 150 12.33 -31.97 8.44
N ALA B 151 12.61 -32.90 7.52
CA ALA B 151 13.96 -33.44 7.42
C ALA B 151 14.98 -32.37 7.06
N ILE B 152 14.57 -31.35 6.31
CA ILE B 152 15.50 -30.30 5.84
C ILE B 152 15.28 -28.99 6.60
N GLY B 153 14.66 -29.06 7.76
CA GLY B 153 14.61 -27.92 8.65
C GLY B 153 13.60 -26.86 8.28
N GLU B 154 12.64 -27.17 7.43
CA GLU B 154 11.65 -26.18 7.02
C GLU B 154 10.39 -26.32 7.85
N HIS B 155 9.79 -25.20 8.25
CA HIS B 155 8.53 -25.24 9.00
C HIS B 155 7.35 -25.52 8.07
N TRP B 156 6.31 -26.16 8.63
CA TRP B 156 5.19 -26.62 7.83
C TRP B 156 4.04 -25.61 7.93
N LEU B 157 3.88 -24.79 6.89
CA LEU B 157 2.75 -23.82 6.89
C LEU B 157 1.41 -24.52 6.62
N GLU B 158 0.32 -23.89 7.08
CA GLU B 158 -1.02 -24.39 6.82
C GLU B 158 -1.28 -24.38 5.30
N HIS B 159 -2.20 -25.25 4.86
CA HIS B 159 -2.44 -25.49 3.42
C HIS B 159 -2.58 -24.19 2.64
N ASP B 160 -3.55 -23.35 3.00
CA ASP B 160 -3.76 -22.15 2.19
C ASP B 160 -2.61 -21.16 2.34
N GLU B 161 -1.95 -21.16 3.50
CA GLU B 161 -0.81 -20.28 3.74
C GLU B 161 0.35 -20.63 2.82
N ARG B 162 0.52 -21.92 2.49
CA ARG B 162 1.56 -22.28 1.52
C ARG B 162 1.28 -21.63 0.19
N TYR B 163 0.00 -21.54 -0.19
CA TYR B 163 -0.35 -20.88 -1.44
C TYR B 163 -0.15 -19.37 -1.34
N ARG B 164 -0.42 -18.77 -0.17
CA ARG B 164 -0.09 -17.34 0.01
C ARG B 164 1.40 -17.12 -0.27
N ARG B 165 2.24 -17.99 0.27
CA ARG B 165 3.68 -17.87 0.03
C ARG B 165 4.01 -18.10 -1.45
N SER B 166 3.44 -19.14 -2.06
CA SER B 166 3.72 -19.41 -3.48
C SER B 166 3.33 -18.23 -4.35
N GLU B 167 2.24 -17.53 -4.02
CA GLU B 167 1.82 -16.39 -4.84
C GLU B 167 2.81 -15.25 -4.73
N GLU B 168 3.33 -15.01 -3.52
CA GLU B 168 4.40 -14.02 -3.38
C GLU B 168 5.64 -14.46 -4.16
N PHE B 169 5.92 -15.77 -4.16
CA PHE B 169 7.08 -16.27 -4.90
C PHE B 169 6.94 -15.99 -6.39
N ILE B 170 5.73 -16.22 -6.93
CA ILE B 170 5.48 -16.01 -8.35
C ILE B 170 5.52 -14.53 -8.69
N ARG B 171 4.89 -13.69 -7.86
CA ARG B 171 4.97 -12.25 -8.10
C ARG B 171 6.41 -11.75 -8.10
N SER B 172 7.25 -12.31 -7.23
CA SER B 172 8.66 -11.94 -7.20
C SER B 172 9.37 -12.37 -8.47
N LEU B 173 9.20 -13.62 -8.88
CA LEU B 173 9.80 -14.08 -10.15
C LEU B 173 9.40 -13.17 -11.31
N ARG B 174 8.11 -12.93 -11.47
CA ARG B 174 7.64 -12.15 -12.61
C ARG B 174 8.18 -10.73 -12.56
N GLY B 175 8.19 -10.12 -11.37
CA GLY B 175 8.65 -8.75 -11.25
C GLY B 175 10.15 -8.64 -11.46
N ILE B 176 10.92 -9.56 -10.88
CA ILE B 176 12.38 -9.54 -11.06
C ILE B 176 12.73 -9.71 -12.53
N TRP B 177 12.05 -10.62 -13.22
CA TRP B 177 12.40 -10.90 -14.61
C TRP B 177 12.00 -9.75 -15.54
N SER B 178 11.03 -8.93 -15.14
CA SER B 178 10.50 -7.94 -16.07
C SER B 178 10.90 -6.49 -15.81
N GLN B 179 11.42 -6.14 -14.65
CA GLN B 179 11.74 -4.72 -14.49
C GLN B 179 13.05 -4.52 -13.75
N ASP B 180 13.71 -3.39 -14.01
CA ASP B 180 14.77 -3.03 -13.08
C ASP B 180 14.15 -2.41 -11.82
N ASN B 181 14.93 -2.37 -10.75
CA ASN B 181 14.53 -1.69 -9.53
C ASN B 181 13.24 -2.28 -8.95
N PHE B 182 13.14 -3.61 -8.93
CA PHE B 182 11.94 -4.28 -8.44
C PHE B 182 11.88 -4.19 -6.93
N THR B 183 10.74 -3.74 -6.41
CA THR B 183 10.48 -3.67 -4.98
C THR B 183 9.20 -4.44 -4.65
N PHE B 184 9.23 -5.18 -3.55
CA PHE B 184 8.09 -6.00 -3.15
C PHE B 184 8.11 -6.16 -1.64
N ARG B 185 7.02 -5.81 -0.97
CA ARG B 185 7.00 -5.76 0.51
C ARG B 185 6.05 -6.84 1.03
N GLY B 186 6.46 -8.11 0.86
CA GLY B 186 5.56 -9.21 1.16
C GLY B 186 5.59 -9.66 2.62
N ASP B 187 4.64 -10.53 2.95
CA ASP B 187 4.68 -11.20 4.24
C ASP B 187 5.74 -12.31 4.30
N PHE B 188 6.16 -12.85 3.16
CA PHE B 188 7.17 -13.89 3.10
C PHE B 188 8.46 -13.46 2.44
N TYR B 189 8.39 -12.59 1.44
CA TYR B 189 9.58 -12.19 0.70
C TYR B 189 9.61 -10.67 0.57
N ARG B 190 10.82 -10.11 0.59
CA ARG B 190 11.05 -8.68 0.45
C ARG B 190 12.08 -8.50 -0.66
N PHE B 191 11.84 -7.49 -1.52
CA PHE B 191 12.84 -6.97 -2.46
C PHE B 191 12.82 -5.47 -2.38
N ASP B 192 13.98 -4.87 -2.61
CA ASP B 192 14.14 -3.43 -2.41
C ASP B 192 15.00 -2.96 -3.56
N ASN B 193 14.37 -2.38 -4.59
CA ASN B 193 15.09 -1.80 -5.72
CA ASN B 193 15.12 -1.78 -5.69
C ASN B 193 16.07 -2.79 -6.35
N TYR B 194 15.64 -4.04 -6.47
CA TYR B 194 16.52 -5.11 -6.95
C TYR B 194 16.55 -5.14 -8.47
N SER B 195 17.77 -5.12 -9.05
CA SER B 195 17.98 -5.20 -10.49
C SER B 195 18.76 -6.47 -10.81
N LEU B 196 18.09 -7.41 -11.47
CA LEU B 196 18.72 -8.64 -11.95
C LEU B 196 19.25 -8.42 -13.36
N LYS B 197 20.51 -8.81 -13.59
CA LYS B 197 21.09 -8.71 -14.93
C LYS B 197 22.05 -9.88 -15.12
N PRO B 198 21.92 -10.69 -16.20
CA PRO B 198 20.93 -10.60 -17.27
C PRO B 198 19.56 -11.12 -16.81
N LYS B 199 18.51 -10.54 -17.36
CA LYS B 199 17.17 -11.09 -17.24
C LYS B 199 17.04 -12.23 -18.25
N PRO B 200 15.95 -13.00 -18.22
CA PRO B 200 15.73 -14.01 -19.28
C PRO B 200 15.67 -13.37 -20.66
N LEU B 201 15.78 -14.22 -21.70
CA LEU B 201 15.70 -13.74 -23.08
C LEU B 201 14.32 -13.22 -23.42
N GLY B 202 13.27 -13.93 -23.01
CA GLY B 202 11.94 -13.44 -23.25
C GLY B 202 11.14 -13.40 -21.97
N ARG B 203 10.03 -14.14 -21.94
CA ARG B 203 9.13 -14.17 -20.79
C ARG B 203 8.95 -15.63 -20.38
N PRO B 204 9.63 -16.09 -19.33
CA PRO B 204 9.48 -17.49 -18.95
C PRO B 204 8.05 -17.77 -18.49
N GLU B 205 7.53 -18.94 -18.86
CA GLU B 205 6.19 -19.33 -18.46
C GLU B 205 6.19 -19.85 -17.04
N ILE B 206 5.19 -19.42 -16.28
CA ILE B 206 5.01 -19.91 -14.91
C ILE B 206 3.84 -20.89 -14.89
N PHE B 207 4.15 -22.14 -14.58
CA PHE B 207 3.19 -23.21 -14.30
C PHE B 207 3.03 -23.34 -12.80
N GLN B 208 1.91 -23.94 -12.38
CA GLN B 208 1.77 -24.34 -10.98
C GLN B 208 0.99 -25.64 -10.90
N GLY B 209 1.23 -26.40 -9.85
CA GLY B 209 0.56 -27.69 -9.65
C GLY B 209 -0.24 -27.67 -8.36
N GLY B 210 -1.43 -28.23 -8.41
CA GLY B 210 -2.37 -28.25 -7.29
C GLY B 210 -3.77 -27.99 -7.82
N SER B 211 -4.76 -28.46 -7.05
CA SER B 211 -6.14 -28.42 -7.52
CA SER B 211 -6.13 -28.36 -7.55
C SER B 211 -7.13 -27.92 -6.47
N SER B 212 -6.66 -27.46 -5.31
CA SER B 212 -7.57 -26.93 -4.30
C SER B 212 -8.13 -25.58 -4.73
N ARG B 213 -9.09 -25.07 -3.96
CA ARG B 213 -9.54 -23.68 -4.14
C ARG B 213 -8.34 -22.71 -4.11
N ALA B 214 -7.45 -22.86 -3.13
CA ALA B 214 -6.29 -21.97 -3.08
C ALA B 214 -5.49 -22.03 -4.38
N ALA B 215 -5.28 -23.24 -4.90
CA ALA B 215 -4.52 -23.37 -6.15
C ALA B 215 -5.25 -22.69 -7.31
N ARG B 216 -6.55 -22.94 -7.45
CA ARG B 216 -7.31 -22.33 -8.52
C ARG B 216 -7.30 -20.80 -8.41
N ASP B 217 -7.47 -20.28 -7.18
CA ASP B 217 -7.44 -18.83 -6.99
C ASP B 217 -6.09 -18.24 -7.41
N MET B 218 -4.99 -18.93 -7.05
CA MET B 218 -3.67 -18.44 -7.41
C MET B 218 -3.49 -18.43 -8.92
N ALA B 219 -3.90 -19.50 -9.59
CA ALA B 219 -3.74 -19.58 -11.05
C ALA B 219 -4.51 -18.46 -11.75
N ALA B 220 -5.74 -18.17 -11.28
CA ALA B 220 -6.59 -17.13 -11.86
C ALA B 220 -6.04 -15.74 -11.61
N ARG B 221 -5.04 -15.60 -10.74
CA ARG B 221 -4.44 -14.31 -10.46
C ARG B 221 -3.09 -14.11 -11.14
N VAL B 222 -2.18 -15.10 -11.06
CA VAL B 222 -0.77 -14.85 -11.38
C VAL B 222 -0.11 -15.86 -12.33
N SER B 223 -0.70 -17.03 -12.58
CA SER B 223 0.04 -18.05 -13.31
C SER B 223 -0.36 -18.13 -14.79
N ASP B 224 0.60 -18.59 -15.60
CA ASP B 224 0.31 -18.82 -17.01
C ASP B 224 -0.44 -20.13 -17.23
N TRP B 225 -0.11 -21.15 -16.44
CA TRP B 225 -0.68 -22.48 -16.61
C TRP B 225 -1.08 -23.05 -15.27
N TYR B 226 -2.27 -23.64 -15.23
CA TYR B 226 -2.77 -24.42 -14.10
C TYR B 226 -2.61 -25.89 -14.49
N PHE B 227 -1.71 -26.61 -13.81
CA PHE B 227 -1.54 -28.04 -14.02
C PHE B 227 -2.28 -28.75 -12.89
N THR B 228 -3.02 -29.81 -13.25
CA THR B 228 -3.87 -30.53 -12.30
C THR B 228 -3.69 -32.03 -12.45
N ASN B 229 -4.12 -32.76 -11.42
CA ASN B 229 -4.05 -34.22 -11.40
C ASN B 229 -5.08 -34.81 -12.34
N GLY B 230 -4.87 -36.09 -12.65
CA GLY B 230 -5.85 -36.80 -13.49
C GLY B 230 -7.24 -36.82 -12.89
N ASN B 231 -8.25 -36.91 -13.76
CA ASN B 231 -9.63 -36.83 -13.31
C ASN B 231 -10.55 -37.23 -14.46
N SER B 232 -11.82 -37.42 -14.14
CA SER B 232 -12.85 -37.58 -15.15
C SER B 232 -13.04 -36.27 -15.90
N VAL B 233 -13.64 -36.35 -17.08
CA VAL B 233 -14.00 -35.16 -17.83
C VAL B 233 -14.80 -34.19 -16.97
N GLU B 234 -15.80 -34.69 -16.25
CA GLU B 234 -16.61 -33.80 -15.41
C GLU B 234 -15.79 -33.18 -14.29
N GLY B 235 -14.85 -33.95 -13.73
CA GLY B 235 -14.01 -33.40 -12.67
C GLY B 235 -13.13 -32.29 -13.17
N ILE B 236 -12.57 -32.46 -14.37
CA ILE B 236 -11.78 -31.41 -14.99
C ILE B 236 -12.64 -30.20 -15.32
N LYS B 237 -13.82 -30.44 -15.92
CA LYS B 237 -14.71 -29.34 -16.27
C LYS B 237 -15.03 -28.46 -15.06
N ALA B 238 -15.25 -29.07 -13.89
CA ALA B 238 -15.60 -28.26 -12.72
C ALA B 238 -14.46 -27.32 -12.34
N GLN B 239 -13.22 -27.78 -12.45
CA GLN B 239 -12.07 -26.92 -12.14
C GLN B 239 -11.93 -25.80 -13.17
N VAL B 240 -12.02 -26.15 -14.44
CA VAL B 240 -11.87 -25.15 -15.51
C VAL B 240 -12.93 -24.07 -15.39
N ASP B 241 -14.18 -24.46 -15.14
CA ASP B 241 -15.24 -23.45 -15.06
C ASP B 241 -15.01 -22.47 -13.93
N ASP B 242 -14.54 -22.97 -12.78
CA ASP B 242 -14.22 -22.10 -11.65
C ASP B 242 -13.08 -21.15 -11.98
N ILE B 243 -12.01 -21.68 -12.59
CA ILE B 243 -10.87 -20.87 -12.99
C ILE B 243 -11.28 -19.81 -14.01
N ARG B 244 -12.07 -20.22 -15.01
CA ARG B 244 -12.48 -19.29 -16.07
C ARG B 244 -13.19 -18.08 -15.48
N ALA B 245 -14.16 -18.32 -14.59
CA ALA B 245 -14.90 -17.20 -14.02
C ALA B 245 -13.99 -16.30 -13.21
N LYS B 246 -13.12 -16.89 -12.40
CA LYS B 246 -12.23 -16.09 -11.55
C LYS B 246 -11.20 -15.34 -12.40
N ALA B 247 -10.61 -16.01 -13.39
CA ALA B 247 -9.64 -15.34 -14.23
C ALA B 247 -10.29 -14.19 -15.01
N ALA B 248 -11.53 -14.38 -15.46
CA ALA B 248 -12.23 -13.32 -16.18
C ALA B 248 -12.40 -12.10 -15.29
N ALA B 249 -12.75 -12.33 -14.02
CA ALA B 249 -12.93 -11.22 -13.10
C ALA B 249 -11.61 -10.51 -12.82
N ASN B 250 -10.50 -11.25 -12.79
CA ASN B 250 -9.19 -10.63 -12.61
C ASN B 250 -8.61 -10.08 -13.91
N HIS B 251 -9.28 -10.27 -15.05
CA HIS B 251 -8.71 -9.92 -16.37
C HIS B 251 -7.36 -10.59 -16.59
N HIS B 252 -7.30 -11.89 -16.32
CA HIS B 252 -6.05 -12.63 -16.33
C HIS B 252 -6.19 -13.85 -17.22
N SER B 253 -5.13 -14.19 -17.96
CA SER B 253 -5.16 -15.33 -18.87
C SER B 253 -4.44 -16.51 -18.25
N VAL B 254 -5.08 -17.67 -18.27
CA VAL B 254 -4.44 -18.89 -17.77
C VAL B 254 -4.92 -20.07 -18.60
N LYS B 255 -3.99 -20.98 -18.90
CA LYS B 255 -4.26 -22.18 -19.68
C LYS B 255 -4.23 -23.39 -18.74
N ILE B 256 -4.78 -24.51 -19.22
CA ILE B 256 -5.10 -25.69 -18.39
C ILE B 256 -4.34 -26.90 -18.92
N GLY B 257 -3.56 -27.55 -18.05
CA GLY B 257 -2.95 -28.84 -18.36
C GLY B 257 -3.41 -29.92 -17.39
N VAL B 258 -3.61 -31.13 -17.91
CA VAL B 258 -4.14 -32.24 -17.12
C VAL B 258 -3.21 -33.44 -17.21
N ASN B 259 -2.90 -34.03 -16.05
CA ASN B 259 -2.10 -35.25 -16.03
C ASN B 259 -2.91 -36.44 -16.54
N ALA B 260 -2.24 -37.26 -17.37
CA ALA B 260 -2.80 -38.53 -17.83
C ALA B 260 -1.67 -39.54 -17.98
N PHE B 261 -1.88 -40.73 -17.41
CA PHE B 261 -0.97 -41.84 -17.59
C PHE B 261 -1.43 -42.58 -18.85
N VAL B 262 -0.69 -42.44 -19.94
CA VAL B 262 -1.14 -42.92 -21.25
C VAL B 262 -0.64 -44.35 -21.44
N ILE B 263 -1.56 -45.29 -21.65
CA ILE B 263 -1.23 -46.67 -21.99
C ILE B 263 -1.89 -46.92 -23.34
N ALA B 264 -1.15 -46.71 -24.43
CA ALA B 264 -1.67 -46.94 -25.78
C ALA B 264 -1.12 -48.27 -26.26
N ARG B 265 -2.00 -49.18 -26.66
CA ARG B 265 -1.60 -50.45 -27.23
C ARG B 265 -2.43 -50.71 -28.49
N ASP B 266 -1.95 -51.66 -29.31
CA ASP B 266 -2.65 -51.95 -30.56
C ASP B 266 -4.09 -52.42 -30.30
N THR B 267 -4.36 -53.02 -29.15
CA THR B 267 -5.71 -53.41 -28.80
C THR B 267 -6.08 -52.88 -27.42
N GLU B 268 -7.37 -52.64 -27.22
CA GLU B 268 -7.85 -52.21 -25.91
C GLU B 268 -7.53 -53.24 -24.84
N GLU B 269 -7.70 -54.53 -25.16
CA GLU B 269 -7.45 -55.59 -24.18
C GLU B 269 -6.01 -55.57 -23.67
N GLU B 270 -5.03 -55.30 -24.55
CA GLU B 270 -3.65 -55.25 -24.11
C GLU B 270 -3.41 -54.07 -23.18
N ALA B 271 -3.92 -52.88 -23.53
CA ALA B 271 -3.75 -51.73 -22.65
C ALA B 271 -4.33 -52.01 -21.27
N LYS B 272 -5.54 -52.59 -21.20
CA LYS B 272 -6.15 -52.87 -19.89
C LYS B 272 -5.34 -53.90 -19.11
N ALA B 273 -4.77 -54.89 -19.80
CA ALA B 273 -3.92 -55.87 -19.13
C ALA B 273 -2.68 -55.21 -18.52
N VAL B 274 -2.05 -54.25 -19.23
CA VAL B 274 -0.91 -53.53 -18.67
C VAL B 274 -1.32 -52.77 -17.41
N LEU B 275 -2.44 -52.04 -17.49
CA LEU B 275 -2.93 -51.30 -16.33
C LEU B 275 -3.09 -52.22 -15.13
N ALA B 276 -3.70 -53.39 -15.36
CA ALA B 276 -3.91 -54.33 -14.25
C ALA B 276 -2.58 -54.86 -13.71
N GLN B 277 -1.59 -55.07 -14.59
CA GLN B 277 -0.28 -55.51 -14.14
C GLN B 277 0.39 -54.47 -13.25
N ILE B 278 0.33 -53.20 -13.65
CA ILE B 278 0.90 -52.14 -12.81
C ILE B 278 0.25 -52.16 -11.44
N ILE B 279 -1.07 -52.22 -11.41
CA ILE B 279 -1.78 -52.13 -10.14
C ILE B 279 -1.57 -53.39 -9.29
N ASP B 280 -1.55 -54.56 -9.93
CA ASP B 280 -1.38 -55.79 -9.18
C ASP B 280 -0.02 -55.87 -8.52
N GLN B 281 0.99 -55.20 -9.08
CA GLN B 281 2.33 -55.22 -8.54
C GLN B 281 2.63 -53.99 -7.69
N ALA B 282 1.60 -53.29 -7.22
CA ALA B 282 1.79 -52.11 -6.39
C ALA B 282 2.62 -52.43 -5.16
N ASP B 283 3.47 -51.49 -4.74
CA ASP B 283 4.32 -51.63 -3.56
C ASP B 283 3.54 -51.13 -2.35
N PRO B 284 3.03 -52.00 -1.47
CA PRO B 284 2.14 -51.51 -0.40
C PRO B 284 2.80 -50.61 0.64
N GLU B 285 4.06 -50.84 1.01
CA GLU B 285 4.70 -49.90 1.94
C GLU B 285 4.74 -48.51 1.32
N ALA B 286 5.17 -48.42 0.06
CA ALA B 286 5.31 -47.11 -0.56
C ALA B 286 3.95 -46.45 -0.79
N VAL B 287 2.95 -47.21 -1.23
CA VAL B 287 1.64 -46.61 -1.45
C VAL B 287 1.02 -46.15 -0.13
N ASN B 288 1.09 -46.99 0.91
CA ASN B 288 0.59 -46.57 2.23
C ASN B 288 1.26 -45.28 2.69
N ALA B 289 2.60 -45.23 2.60
CA ALA B 289 3.31 -44.06 3.09
C ALA B 289 2.97 -42.83 2.28
N PHE B 290 2.93 -42.96 0.94
CA PHE B 290 2.51 -41.86 0.10
C PHE B 290 1.09 -41.40 0.44
N GLY B 291 0.16 -42.36 0.54
CA GLY B 291 -1.22 -42.02 0.79
C GLY B 291 -1.39 -41.26 2.10
N ASP B 292 -0.66 -41.69 3.14
CA ASP B 292 -0.76 -40.97 4.40
C ASP B 292 -0.22 -39.55 4.27
N ALA B 293 0.94 -39.39 3.64
CA ALA B 293 1.54 -38.06 3.47
C ALA B 293 0.65 -37.15 2.61
N ALA B 294 0.02 -37.73 1.58
CA ALA B 294 -0.79 -36.96 0.65
C ALA B 294 -2.03 -36.35 1.28
N LYS B 295 -2.40 -36.79 2.49
CA LYS B 295 -3.51 -36.18 3.21
C LYS B 295 -3.25 -34.71 3.55
N GLN B 296 -1.99 -34.24 3.48
CA GLN B 296 -1.68 -32.83 3.72
C GLN B 296 -1.94 -31.93 2.50
N ALA B 297 -2.40 -32.50 1.40
CA ALA B 297 -2.80 -31.74 0.21
C ALA B 297 -4.30 -31.45 0.27
N GLY B 298 -5.10 -31.92 -0.71
CA GLY B 298 -6.51 -31.54 -0.76
C GLY B 298 -7.29 -31.79 0.51
N ARG B 299 -7.07 -32.93 1.17
CA ARG B 299 -7.82 -33.24 2.38
C ARG B 299 -7.64 -32.19 3.48
N ALA B 300 -6.45 -31.58 3.55
CA ALA B 300 -6.12 -30.64 4.60
C ALA B 300 -6.56 -29.21 4.27
N SER B 301 -7.04 -28.95 3.05
CA SER B 301 -7.56 -27.64 2.70
C SER B 301 -8.89 -27.40 3.41
N PRO B 302 -9.29 -26.13 3.58
CA PRO B 302 -10.57 -25.85 4.27
C PRO B 302 -11.78 -26.51 3.62
N GLU B 303 -11.74 -26.71 2.29
CA GLU B 303 -12.83 -27.39 1.57
C GLU B 303 -12.68 -28.91 1.60
N GLY B 304 -11.50 -29.44 1.92
CA GLY B 304 -11.34 -30.86 1.84
C GLY B 304 -11.24 -31.36 0.41
N GLU B 305 -10.95 -30.47 -0.53
CA GLU B 305 -10.87 -30.82 -1.94
C GLU B 305 -9.51 -30.44 -2.51
N GLY B 306 -9.00 -31.29 -3.38
CA GLY B 306 -7.74 -31.04 -4.05
C GLY B 306 -6.99 -32.34 -4.24
N ASN B 307 -5.69 -32.22 -4.53
CA ASN B 307 -4.84 -33.38 -4.87
C ASN B 307 -5.01 -34.48 -3.82
N TRP B 308 -5.34 -35.70 -4.29
CA TRP B 308 -5.43 -36.94 -3.50
C TRP B 308 -6.57 -36.99 -2.49
N ALA B 309 -7.43 -35.97 -2.44
CA ALA B 309 -8.50 -35.99 -1.45
C ALA B 309 -9.47 -37.15 -1.67
N LYS B 310 -9.62 -37.62 -2.92
CA LYS B 310 -10.53 -38.70 -3.27
C LYS B 310 -9.81 -39.95 -3.78
N SER B 311 -8.52 -40.10 -3.51
CA SER B 311 -7.73 -41.15 -4.15
C SER B 311 -7.80 -42.45 -3.34
N THR B 312 -8.18 -43.54 -4.01
CA THR B 312 -8.09 -44.87 -3.41
C THR B 312 -6.66 -45.40 -3.46
N PHE B 313 -6.42 -46.51 -2.76
CA PHE B 313 -5.14 -47.20 -2.91
C PHE B 313 -4.80 -47.44 -4.39
N GLU B 314 -5.77 -47.84 -5.20
CA GLU B 314 -5.46 -48.10 -6.62
C GLU B 314 -5.15 -46.82 -7.38
N ASP B 315 -5.89 -45.73 -7.10
CA ASP B 315 -5.57 -44.44 -7.72
C ASP B 315 -4.14 -44.02 -7.42
N LEU B 316 -3.70 -44.23 -6.16
CA LEU B 316 -2.39 -43.75 -5.70
C LEU B 316 -1.24 -44.43 -6.44
N VAL B 317 -1.48 -45.59 -7.06
CA VAL B 317 -0.39 -46.27 -7.76
C VAL B 317 0.19 -45.40 -8.88
N GLN B 318 -0.61 -44.54 -9.50
CA GLN B 318 -0.05 -43.45 -10.31
C GLN B 318 -0.15 -42.20 -9.45
N TYR B 319 0.99 -41.60 -9.12
CA TYR B 319 1.00 -40.70 -7.96
C TYR B 319 0.50 -39.28 -8.24
N ASN B 320 0.01 -39.00 -9.46
CA ASN B 320 -0.79 -37.81 -9.71
C ASN B 320 -2.16 -38.15 -10.32
N ASP B 321 -2.73 -39.29 -9.89
CA ASP B 321 -4.07 -39.73 -10.29
C ASP B 321 -4.19 -39.92 -11.80
N GLY B 322 -3.08 -40.30 -12.45
CA GLY B 322 -3.04 -40.33 -13.90
C GLY B 322 -3.92 -41.36 -14.56
N PHE B 323 -4.24 -42.46 -13.86
CA PHE B 323 -5.13 -43.45 -14.49
C PHE B 323 -6.55 -42.90 -14.64
N LYS B 324 -6.97 -41.95 -13.78
CA LYS B 324 -8.35 -41.48 -13.84
C LYS B 324 -8.69 -40.82 -15.17
N THR B 325 -7.70 -40.25 -15.87
CA THR B 325 -7.97 -39.57 -17.14
C THR B 325 -8.33 -40.56 -18.26
N ASN B 326 -8.04 -41.84 -18.06
CA ASN B 326 -8.54 -42.91 -18.92
C ASN B 326 -7.97 -42.86 -20.33
N LEU B 327 -6.75 -42.36 -20.51
CA LEU B 327 -6.10 -42.41 -21.81
C LEU B 327 -5.38 -43.76 -21.95
N ILE B 328 -6.21 -44.80 -21.91
CA ILE B 328 -5.80 -46.20 -21.79
C ILE B 328 -6.63 -46.96 -22.81
N GLY B 329 -6.00 -47.40 -23.89
CA GLY B 329 -6.74 -48.13 -24.92
C GLY B 329 -5.98 -48.09 -26.24
N THR B 330 -6.73 -48.15 -27.34
CA THR B 330 -6.08 -48.05 -28.65
C THR B 330 -5.71 -46.59 -28.94
N PRO B 331 -4.78 -46.34 -29.86
CA PRO B 331 -4.50 -44.95 -30.28
C PRO B 331 -5.76 -44.19 -30.67
N GLN B 332 -6.70 -44.84 -31.35
CA GLN B 332 -7.93 -44.17 -31.77
C GLN B 332 -8.79 -43.75 -30.59
N GLN B 333 -8.98 -44.66 -29.61
CA GLN B 333 -9.72 -44.30 -28.42
C GLN B 333 -9.03 -43.16 -27.67
N ILE B 334 -7.70 -43.22 -27.57
CA ILE B 334 -6.97 -42.19 -26.85
C ILE B 334 -7.10 -40.85 -27.55
N ALA B 335 -6.94 -40.83 -28.88
CA ALA B 335 -7.06 -39.57 -29.61
C ALA B 335 -8.43 -38.96 -29.40
N GLU B 336 -9.50 -39.76 -29.52
CA GLU B 336 -10.86 -39.27 -29.30
C GLU B 336 -11.04 -38.72 -27.89
N ARG B 337 -10.46 -39.40 -26.90
CA ARG B 337 -10.61 -38.93 -25.53
C ARG B 337 -9.86 -37.62 -25.30
N ILE B 338 -8.72 -37.44 -25.98
CA ILE B 338 -7.98 -36.18 -25.87
C ILE B 338 -8.79 -35.03 -26.43
N VAL B 339 -9.40 -35.23 -27.61
CA VAL B 339 -10.26 -34.21 -28.21
C VAL B 339 -11.45 -33.90 -27.29
N ALA B 340 -11.99 -34.92 -26.62
CA ALA B 340 -13.06 -34.68 -25.65
C ALA B 340 -12.59 -33.82 -24.49
N LEU B 341 -11.34 -33.99 -24.05
CA LEU B 341 -10.85 -33.14 -22.96
C LEU B 341 -10.73 -31.70 -23.42
N LYS B 342 -10.31 -31.51 -24.67
CA LYS B 342 -10.21 -30.18 -25.22
C LYS B 342 -11.55 -29.44 -25.18
N ALA B 343 -12.67 -30.15 -25.35
CA ALA B 343 -13.99 -29.53 -25.40
C ALA B 343 -14.46 -29.01 -24.05
N VAL B 344 -13.84 -29.44 -22.94
CA VAL B 344 -14.11 -28.84 -21.64
C VAL B 344 -13.02 -27.84 -21.22
N GLY B 345 -12.12 -27.47 -22.14
CA GLY B 345 -11.14 -26.43 -21.87
C GLY B 345 -9.73 -26.87 -21.53
N VAL B 346 -9.35 -28.10 -21.83
CA VAL B 346 -7.98 -28.55 -21.59
C VAL B 346 -7.10 -28.12 -22.77
N ASP B 347 -6.00 -27.42 -22.47
CA ASP B 347 -5.09 -26.91 -23.48
C ASP B 347 -3.84 -27.76 -23.65
N LEU B 348 -3.59 -28.68 -22.71
CA LEU B 348 -2.38 -29.48 -22.71
C LEU B 348 -2.64 -30.79 -21.96
N VAL B 349 -2.11 -31.87 -22.52
CA VAL B 349 -2.12 -33.18 -21.90
C VAL B 349 -0.70 -33.47 -21.41
N LEU B 350 -0.57 -33.74 -20.13
CA LEU B 350 0.72 -33.97 -19.47
C LEU B 350 0.81 -35.48 -19.29
N ALA B 351 1.62 -36.15 -20.12
CA ALA B 351 1.58 -37.61 -20.23
C ALA B 351 2.65 -38.30 -19.40
N GLY B 352 2.24 -39.30 -18.61
CA GLY B 352 3.16 -40.26 -18.04
C GLY B 352 3.07 -41.59 -18.81
N PHE B 353 4.13 -42.39 -18.71
CA PHE B 353 4.22 -43.66 -19.42
C PHE B 353 4.88 -44.69 -18.53
N LEU B 354 4.68 -45.97 -18.87
CA LEU B 354 5.38 -47.06 -18.21
C LEU B 354 6.82 -47.24 -18.72
N HIS B 355 6.99 -47.48 -20.04
CA HIS B 355 8.31 -47.66 -20.65
C HIS B 355 8.56 -46.40 -21.47
N PHE B 356 9.29 -45.43 -20.90
CA PHE B 356 9.21 -44.06 -21.44
C PHE B 356 9.71 -43.96 -22.89
N GLN B 357 10.93 -44.41 -23.17
CA GLN B 357 11.51 -44.18 -24.49
C GLN B 357 10.65 -44.81 -25.58
N GLU B 358 10.24 -46.05 -25.38
CA GLU B 358 9.52 -46.72 -26.46
C GLU B 358 8.09 -46.22 -26.59
N GLU B 359 7.47 -45.82 -25.47
CA GLU B 359 6.09 -45.36 -25.51
C GLU B 359 5.95 -43.91 -25.97
N VAL B 360 6.95 -43.07 -25.67
CA VAL B 360 7.01 -41.74 -26.28
C VAL B 360 7.15 -41.86 -27.81
N GLU B 361 8.02 -42.75 -28.29
CA GLU B 361 8.15 -42.93 -29.73
C GLU B 361 6.83 -43.37 -30.35
N TYR B 362 6.19 -44.38 -29.74
CA TYR B 362 4.92 -44.89 -30.24
C TYR B 362 3.84 -43.83 -30.20
N PHE B 363 3.82 -43.01 -29.14
CA PHE B 363 2.84 -41.94 -29.07
C PHE B 363 2.97 -40.98 -30.26
N GLY B 364 4.19 -40.56 -30.56
CA GLY B 364 4.41 -39.67 -31.69
C GLY B 364 4.10 -40.29 -33.04
N GLN B 365 4.20 -41.61 -33.16
CA GLN B 365 3.98 -42.23 -34.47
C GLN B 365 2.54 -42.68 -34.67
N ARG B 366 1.83 -42.98 -33.59
CA ARG B 366 0.53 -43.64 -33.64
C ARG B 366 -0.61 -42.85 -33.01
N VAL B 367 -0.36 -42.06 -31.98
CA VAL B 367 -1.44 -41.35 -31.27
C VAL B 367 -1.53 -39.90 -31.69
N LEU B 368 -0.43 -39.17 -31.56
CA LEU B 368 -0.43 -37.74 -31.88
C LEU B 368 -0.97 -37.44 -33.27
N PRO B 369 -0.57 -38.16 -34.34
CA PRO B 369 -1.13 -37.86 -35.65
C PRO B 369 -2.63 -38.06 -35.74
N LEU B 370 -3.18 -39.03 -35.01
CA LEU B 370 -4.63 -39.17 -34.97
C LEU B 370 -5.28 -37.96 -34.30
N VAL B 371 -4.66 -37.43 -33.24
CA VAL B 371 -5.19 -36.22 -32.61
C VAL B 371 -5.21 -35.07 -33.62
N ARG B 372 -4.10 -34.89 -34.34
CA ARG B 372 -3.99 -33.81 -35.31
C ARG B 372 -4.98 -33.97 -36.46
N GLU B 373 -5.27 -35.22 -36.87
CA GLU B 373 -6.29 -35.45 -37.89
C GLU B 373 -7.67 -35.03 -37.39
N LEU B 374 -8.00 -35.44 -36.16
CA LEU B 374 -9.29 -35.06 -35.59
C LEU B 374 -9.44 -33.55 -35.52
N GLU B 375 -8.37 -32.84 -35.13
CA GLU B 375 -8.43 -31.39 -35.05
C GLU B 375 -8.62 -30.77 -36.43
N ALA B 376 -7.91 -31.29 -37.43
CA ALA B 376 -8.06 -30.76 -38.79
C ALA B 376 -9.47 -30.97 -39.32
N LYS B 377 -10.07 -32.13 -39.04
CA LYS B 377 -11.43 -32.39 -39.47
C LYS B 377 -12.43 -31.49 -38.75
N ALA B 378 -12.18 -31.19 -37.48
CA ALA B 378 -13.05 -30.28 -36.75
C ALA B 378 -12.93 -28.85 -37.27
N GLN B 379 -11.74 -28.46 -37.72
CA GLN B 379 -11.56 -27.14 -38.31
C GLN B 379 -12.43 -26.95 -39.54
N SER B 380 -12.35 -27.89 -40.48
CA SER B 380 -13.11 -27.78 -41.73
C SER B 380 -14.62 -27.89 -41.54
N ALA B 381 -15.07 -28.42 -40.40
CA ALA B 381 -16.51 -28.47 -40.10
C ALA B 381 -16.97 -27.19 -39.40
N GLN C 27 -8.78 -37.58 45.47
CA GLN C 27 -8.44 -36.16 45.52
C GLN C 27 -9.67 -35.27 45.34
N ALA C 28 -9.74 -34.19 46.13
CA ALA C 28 -10.82 -33.22 46.01
C ALA C 28 -10.75 -32.52 44.67
N VAL C 29 -11.90 -32.35 44.03
CA VAL C 29 -11.92 -31.65 42.74
C VAL C 29 -11.53 -30.19 42.97
N LYS C 30 -10.77 -29.63 42.04
CA LYS C 30 -10.33 -28.24 42.14
C LYS C 30 -11.21 -27.37 41.23
N PHE C 31 -11.21 -26.07 41.50
CA PHE C 31 -12.02 -25.15 40.72
C PHE C 31 -11.19 -23.97 40.23
N ALA C 32 -11.39 -23.61 38.97
CA ALA C 32 -10.84 -22.40 38.38
C ALA C 32 -12.00 -21.56 37.87
N TYR C 33 -11.77 -20.27 37.68
CA TYR C 33 -12.76 -19.43 37.00
C TYR C 33 -12.05 -18.71 35.87
N TRP C 34 -12.77 -18.42 34.79
CA TRP C 34 -12.18 -17.61 33.73
C TRP C 34 -12.17 -16.15 34.17
N VAL C 35 -11.02 -15.51 34.12
CA VAL C 35 -10.92 -14.06 34.32
C VAL C 35 -11.63 -13.31 33.20
N PRO C 36 -12.62 -12.44 33.47
CA PRO C 36 -13.18 -11.67 32.35
C PRO C 36 -12.28 -10.49 31.98
N ASN C 37 -11.13 -10.77 31.34
CA ASN C 37 -10.22 -9.71 30.91
C ASN C 37 -10.56 -9.22 29.52
N VAL C 38 -11.67 -9.70 28.97
CA VAL C 38 -12.15 -9.37 27.63
C VAL C 38 -13.52 -8.74 27.80
N SER C 39 -13.80 -7.72 26.99
CA SER C 39 -14.92 -6.80 27.25
C SER C 39 -16.32 -7.38 27.03
N GLY C 40 -16.46 -8.52 26.38
CA GLY C 40 -17.78 -9.12 26.28
C GLY C 40 -18.05 -10.22 27.29
N GLY C 41 -17.20 -10.38 28.31
CA GLY C 41 -17.45 -11.46 29.25
C GLY C 41 -17.19 -12.81 28.61
N LEU C 42 -17.92 -13.81 29.09
CA LEU C 42 -17.70 -15.19 28.68
C LEU C 42 -18.77 -15.71 27.70
N VAL C 43 -19.52 -14.80 27.07
CA VAL C 43 -20.55 -15.21 26.12
C VAL C 43 -20.50 -14.26 24.93
N VAL C 44 -20.99 -14.75 23.78
CA VAL C 44 -21.06 -13.90 22.59
C VAL C 44 -22.50 -13.44 22.49
N SER C 45 -22.90 -12.48 23.32
CA SER C 45 -24.31 -12.14 23.44
C SER C 45 -24.44 -10.69 23.87
N ARG C 46 -25.56 -10.08 23.49
CA ARG C 46 -25.82 -8.71 23.93
C ARG C 46 -26.51 -8.63 25.28
N ILE C 47 -26.71 -9.77 25.97
CA ILE C 47 -27.46 -9.74 27.22
C ILE C 47 -26.72 -8.87 28.25
N GLU C 48 -27.48 -8.15 29.05
CA GLU C 48 -26.91 -7.31 30.09
C GLU C 48 -26.17 -8.17 31.11
N GLN C 49 -24.88 -7.89 31.33
CA GLN C 49 -24.05 -8.64 32.28
C GLN C 49 -23.49 -7.69 33.33
N ARG C 50 -23.59 -8.09 34.60
CA ARG C 50 -22.92 -7.36 35.67
C ARG C 50 -21.48 -7.88 35.84
N THR C 51 -20.73 -7.65 34.76
CA THR C 51 -19.37 -8.14 34.57
C THR C 51 -18.63 -7.02 33.86
N ASP C 52 -17.37 -6.79 34.21
CA ASP C 52 -16.56 -5.76 33.57
C ASP C 52 -15.15 -6.32 33.34
N TRP C 53 -14.45 -5.76 32.37
CA TRP C 53 -13.12 -6.28 32.03
C TRP C 53 -11.99 -5.46 32.65
N GLY C 54 -12.31 -4.38 33.36
CA GLY C 54 -11.29 -3.52 33.92
C GLY C 54 -10.66 -4.12 35.18
N ILE C 55 -9.56 -3.49 35.62
CA ILE C 55 -8.79 -4.06 36.72
C ILE C 55 -9.55 -3.94 38.04
N ASP C 56 -10.32 -2.88 38.22
CA ASP C 56 -11.03 -2.71 39.50
C ASP C 56 -12.04 -3.83 39.72
N TYR C 57 -12.89 -4.08 38.71
CA TYR C 57 -13.83 -5.19 38.83
C TYR C 57 -13.07 -6.51 39.04
N ASN C 58 -11.97 -6.70 38.33
CA ASN C 58 -11.29 -7.99 38.40
C ASN C 58 -10.49 -8.19 39.68
N ARG C 59 -9.96 -7.13 40.29
CA ARG C 59 -9.30 -7.31 41.57
C ARG C 59 -10.30 -7.81 42.60
N LYS C 60 -11.47 -7.18 42.66
CA LYS C 60 -12.48 -7.58 43.64
C LYS C 60 -13.00 -8.99 43.33
N LEU C 61 -13.18 -9.31 42.04
CA LEU C 61 -13.57 -10.65 41.63
C LEU C 61 -12.55 -11.71 42.10
N ALA C 62 -11.26 -11.46 41.88
CA ALA C 62 -10.24 -12.44 42.28
C ALA C 62 -10.27 -12.67 43.79
N GLN C 63 -10.52 -11.60 44.55
CA GLN C 63 -10.59 -11.72 46.00
C GLN C 63 -11.83 -12.51 46.40
N LEU C 64 -12.96 -12.27 45.74
CA LEU C 64 -14.17 -13.05 46.02
C LEU C 64 -13.97 -14.52 45.65
N ALA C 65 -13.30 -14.78 44.52
CA ALA C 65 -13.08 -16.16 44.08
C ALA C 65 -12.19 -16.91 45.06
N GLU C 66 -11.14 -16.26 45.55
N GLU C 66 -11.14 -16.24 45.52
CA GLU C 66 -10.31 -16.91 46.55
CA GLU C 66 -10.27 -16.79 46.55
C GLU C 66 -11.09 -17.16 47.84
C GLU C 66 -11.07 -17.13 47.82
N ALA C 67 -11.94 -16.21 48.24
CA ALA C 67 -12.76 -16.46 49.42
C ALA C 67 -13.78 -17.58 49.18
N ALA C 68 -14.28 -17.71 47.96
CA ALA C 68 -15.27 -18.74 47.66
C ALA C 68 -14.65 -20.13 47.56
N GLY C 69 -13.33 -20.23 47.42
CA GLY C 69 -12.68 -21.52 47.34
C GLY C 69 -12.18 -21.93 45.97
N PHE C 70 -12.08 -20.99 45.02
CA PHE C 70 -11.43 -21.27 43.75
C PHE C 70 -9.93 -21.27 43.96
N GLU C 71 -9.28 -22.30 43.45
CA GLU C 71 -7.82 -22.39 43.56
C GLU C 71 -7.11 -21.56 42.49
N TYR C 72 -7.70 -21.47 41.29
CA TYR C 72 -7.07 -20.84 40.13
C TYR C 72 -7.99 -19.84 39.43
N ALA C 73 -7.35 -18.84 38.83
CA ALA C 73 -7.98 -17.98 37.84
C ALA C 73 -7.26 -18.20 36.51
N LEU C 74 -8.01 -18.21 35.40
CA LEU C 74 -7.41 -18.39 34.06
C LEU C 74 -7.64 -17.14 33.21
N THR C 75 -6.53 -16.52 32.70
N THR C 75 -6.56 -16.46 32.86
CA THR C 75 -6.56 -15.26 31.94
CA THR C 75 -6.69 -15.41 31.89
C THR C 75 -6.30 -15.53 30.45
C THR C 75 -6.68 -16.03 30.51
N GLN C 76 -7.30 -15.34 29.60
CA GLN C 76 -7.20 -15.69 28.20
C GLN C 76 -6.34 -14.68 27.47
N ILE C 77 -5.80 -15.11 26.34
CA ILE C 77 -4.87 -14.29 25.57
C ILE C 77 -5.49 -13.94 24.22
N ARG C 78 -5.54 -12.64 23.95
CA ARG C 78 -5.89 -12.15 22.63
C ARG C 78 -4.90 -11.06 22.27
N PHE C 79 -4.66 -10.89 20.96
CA PHE C 79 -3.98 -9.69 20.48
C PHE C 79 -4.93 -8.74 19.75
N THR C 80 -6.05 -9.24 19.26
CA THR C 80 -7.03 -8.39 18.63
C THR C 80 -8.41 -8.97 18.88
N ALA C 81 -9.43 -8.15 18.62
CA ALA C 81 -10.82 -8.50 18.93
C ALA C 81 -11.22 -9.78 18.24
N GLY C 82 -11.82 -10.69 19.01
CA GLY C 82 -12.47 -11.86 18.45
C GLY C 82 -13.63 -12.20 19.35
N TYR C 83 -14.61 -12.91 18.80
CA TYR C 83 -15.80 -13.40 19.50
C TYR C 83 -16.43 -12.37 20.44
N GLY C 84 -16.50 -11.12 19.99
CA GLY C 84 -17.14 -10.08 20.77
C GLY C 84 -16.26 -9.37 21.78
N ALA C 85 -15.00 -9.79 21.92
CA ALA C 85 -14.09 -9.17 22.88
C ALA C 85 -13.44 -7.92 22.26
N GLU C 86 -14.22 -6.84 22.18
CA GLU C 86 -13.75 -5.58 21.58
C GLU C 86 -12.43 -5.09 22.18
N PHE C 87 -12.29 -5.17 23.50
CA PHE C 87 -11.09 -4.83 24.27
C PHE C 87 -10.63 -6.07 25.02
N GLN C 88 -9.30 -6.22 25.17
CA GLN C 88 -8.72 -7.37 25.90
C GLN C 88 -7.48 -6.88 26.63
N HIS C 89 -7.44 -7.06 27.95
CA HIS C 89 -6.18 -6.78 28.62
C HIS C 89 -5.17 -7.88 28.36
N GLU C 90 -3.91 -7.47 28.26
CA GLU C 90 -2.81 -8.42 28.02
C GLU C 90 -2.71 -9.42 29.17
N SER C 91 -2.61 -10.72 28.83
CA SER C 91 -2.78 -11.80 29.81
C SER C 91 -1.74 -11.77 30.95
N VAL C 92 -0.45 -11.59 30.64
CA VAL C 92 0.58 -11.76 31.67
C VAL C 92 0.58 -10.58 32.66
N ALA C 93 0.55 -9.35 32.14
CA ALA C 93 0.54 -8.19 33.03
C ALA C 93 -0.74 -8.13 33.85
N PHE C 94 -1.87 -8.51 33.24
CA PHE C 94 -3.12 -8.54 34.01
C PHE C 94 -3.05 -9.60 35.10
N SER C 95 -2.46 -10.76 34.79
CA SER C 95 -2.33 -11.82 35.79
C SER C 95 -1.45 -11.35 36.93
N HIS C 96 -0.41 -10.60 36.61
CA HIS C 96 0.46 -10.05 37.64
C HIS C 96 -0.33 -9.14 38.57
N ALA C 97 -1.15 -8.26 38.00
CA ALA C 97 -1.95 -7.35 38.82
C ALA C 97 -2.95 -8.11 39.69
N LEU C 98 -3.53 -9.21 39.18
CA LEU C 98 -4.48 -9.96 40.01
C LEU C 98 -3.77 -10.68 41.16
N LEU C 99 -2.58 -11.25 40.89
CA LEU C 99 -1.77 -11.85 41.94
C LEU C 99 -1.41 -10.81 43.01
N ALA C 100 -1.10 -9.59 42.57
CA ALA C 100 -0.77 -8.55 43.55
C ALA C 100 -1.94 -8.19 44.45
N ALA C 101 -3.19 -8.44 44.02
CA ALA C 101 -4.39 -8.14 44.78
C ALA C 101 -4.85 -9.29 45.68
N THR C 102 -4.17 -10.43 45.63
CA THR C 102 -4.61 -11.63 46.35
C THR C 102 -3.47 -12.18 47.19
N SER C 103 -3.72 -13.24 47.94
CA SER C 103 -2.65 -13.82 48.72
C SER C 103 -2.43 -15.30 48.45
N GLN C 104 -3.49 -16.09 48.28
CA GLN C 104 -3.34 -17.52 47.99
C GLN C 104 -3.74 -17.91 46.56
N LEU C 105 -4.60 -17.12 45.89
CA LEU C 105 -5.05 -17.46 44.54
C LEU C 105 -3.88 -17.71 43.60
N LYS C 106 -3.99 -18.73 42.76
CA LYS C 106 -3.02 -18.94 41.69
C LYS C 106 -3.62 -18.45 40.39
N VAL C 107 -2.81 -17.79 39.56
CA VAL C 107 -3.30 -17.16 38.34
C VAL C 107 -2.54 -17.73 37.17
N ILE C 108 -3.29 -18.26 36.19
CA ILE C 108 -2.75 -18.91 35.01
C ILE C 108 -2.81 -17.91 33.86
N ALA C 109 -1.64 -17.51 33.33
CA ALA C 109 -1.59 -16.56 32.21
C ALA C 109 -1.49 -17.35 30.91
N ALA C 110 -2.39 -17.10 29.98
CA ALA C 110 -2.32 -17.81 28.71
C ALA C 110 -1.27 -17.16 27.81
N ILE C 111 -0.54 -18.00 27.07
CA ILE C 111 0.54 -17.56 26.19
C ILE C 111 0.40 -18.30 24.86
N LEU C 112 0.49 -17.58 23.72
CA LEU C 112 0.44 -18.14 22.37
C LEU C 112 1.86 -18.13 21.80
N PRO C 113 2.49 -19.28 21.61
CA PRO C 113 3.80 -19.27 20.97
C PRO C 113 3.67 -18.67 19.58
N GLY C 114 4.71 -17.95 19.16
CA GLY C 114 4.68 -17.23 17.90
C GLY C 114 4.93 -15.77 18.21
N PRO C 115 3.87 -15.02 18.53
CA PRO C 115 4.08 -13.65 19.05
C PRO C 115 4.77 -13.66 20.40
N TRP C 116 4.71 -14.76 21.14
CA TRP C 116 5.48 -14.92 22.38
C TRP C 116 6.68 -15.82 22.08
N GLN C 117 7.85 -15.48 22.68
CA GLN C 117 9.02 -16.32 22.64
C GLN C 117 9.36 -16.86 24.03
N PRO C 118 10.00 -18.03 24.11
CA PRO C 118 10.15 -18.68 25.42
C PRO C 118 11.21 -18.08 26.32
N ALA C 119 12.29 -17.49 25.78
CA ALA C 119 13.26 -16.87 26.69
C ALA C 119 12.59 -15.76 27.49
N LEU C 120 11.87 -14.87 26.80
CA LEU C 120 11.16 -13.77 27.48
C LEU C 120 10.08 -14.32 28.42
N ALA C 121 9.27 -15.27 27.94
CA ALA C 121 8.22 -15.83 28.77
C ALA C 121 8.81 -16.43 30.04
N ALA C 122 9.88 -17.19 29.90
CA ALA C 122 10.52 -17.82 31.06
C ALA C 122 10.98 -16.75 32.05
N LYS C 123 11.65 -15.71 31.56
CA LYS C 123 12.21 -14.73 32.47
C LYS C 123 11.14 -13.86 33.08
N GLN C 124 10.17 -13.41 32.28
CA GLN C 124 9.10 -12.58 32.83
C GLN C 124 8.30 -13.35 33.88
N LEU C 125 7.96 -14.60 33.56
CA LEU C 125 7.18 -15.40 34.51
C LEU C 125 7.98 -15.68 35.78
N ALA C 126 9.29 -15.89 35.65
CA ALA C 126 10.09 -16.15 36.84
C ALA C 126 10.13 -14.92 37.74
N THR C 127 10.25 -13.72 37.14
CA THR C 127 10.26 -12.51 37.98
C THR C 127 8.91 -12.31 38.65
N ILE C 128 7.82 -12.56 37.92
CA ILE C 128 6.50 -12.45 38.53
C ILE C 128 6.34 -13.48 39.65
N ASP C 129 6.87 -14.70 39.42
CA ASP C 129 6.81 -15.73 40.46
CA ASP C 129 6.87 -15.76 40.44
C ASP C 129 7.54 -15.28 41.71
N GLN C 130 8.70 -14.64 41.56
CA GLN C 130 9.45 -14.14 42.70
C GLN C 130 8.69 -13.03 43.42
N LEU C 131 7.95 -12.20 42.69
CA LEU C 131 7.26 -11.09 43.29
C LEU C 131 5.92 -11.50 43.92
N THR C 132 5.41 -12.70 43.60
CA THR C 132 4.06 -13.07 44.02
C THR C 132 4.05 -14.35 44.84
N ASN C 133 5.19 -14.73 45.42
CA ASN C 133 5.28 -15.89 46.28
C ASN C 133 4.92 -17.17 45.53
N GLY C 134 5.31 -17.24 44.25
CA GLY C 134 5.20 -18.50 43.55
C GLY C 134 3.82 -18.87 43.08
N ARG C 135 2.98 -17.90 42.71
CA ARG C 135 1.59 -18.21 42.40
C ARG C 135 1.22 -18.05 40.93
N ILE C 136 2.20 -17.88 40.01
CA ILE C 136 1.88 -17.69 38.58
C ILE C 136 2.02 -19.04 37.87
N ALA C 137 1.13 -19.29 36.94
CA ALA C 137 1.20 -20.47 36.08
C ALA C 137 0.99 -19.99 34.65
N VAL C 138 1.12 -20.89 33.69
CA VAL C 138 0.98 -20.54 32.28
C VAL C 138 0.05 -21.54 31.59
N ASN C 139 -0.76 -21.04 30.65
CA ASN C 139 -1.59 -21.88 29.81
C ASN C 139 -1.07 -21.73 28.38
N ILE C 140 -0.39 -22.75 27.87
CA ILE C 140 0.15 -22.68 26.50
C ILE C 140 -0.95 -23.08 25.54
N VAL C 141 -1.36 -22.15 24.68
CA VAL C 141 -2.44 -22.37 23.72
C VAL C 141 -1.85 -22.27 22.33
N SER C 142 -2.30 -23.15 21.43
CA SER C 142 -1.54 -23.34 20.19
C SER C 142 -2.10 -22.55 19.02
N GLY C 143 -3.27 -21.96 19.17
CA GLY C 143 -3.73 -21.06 18.16
C GLY C 143 -4.82 -21.61 17.25
N TRP C 144 -5.79 -20.76 16.97
CA TRP C 144 -6.82 -21.01 15.97
C TRP C 144 -7.19 -19.76 15.17
N PHE C 145 -6.93 -18.55 15.69
CA PHE C 145 -7.44 -17.30 15.11
C PHE C 145 -6.40 -16.80 14.10
N ARG C 146 -6.51 -17.32 12.87
CA ARG C 146 -5.50 -17.04 11.85
C ARG C 146 -5.39 -15.55 11.57
N GLY C 147 -6.52 -14.86 11.48
CA GLY C 147 -6.50 -13.44 11.12
C GLY C 147 -5.74 -12.60 12.12
N GLU C 148 -5.78 -13.01 13.40
CA GLU C 148 -5.04 -12.28 14.41
C GLU C 148 -3.54 -12.42 14.18
N PHE C 149 -3.08 -13.65 13.88
CA PHE C 149 -1.67 -13.84 13.57
C PHE C 149 -1.27 -13.03 12.35
N GLN C 150 -2.09 -13.05 11.29
CA GLN C 150 -1.79 -12.28 10.08
C GLN C 150 -1.71 -10.79 10.40
N ALA C 151 -2.56 -10.30 11.30
CA ALA C 151 -2.56 -8.87 11.61
C ALA C 151 -1.26 -8.45 12.29
N ILE C 152 -0.66 -9.34 13.08
CA ILE C 152 0.55 -9.02 13.85
C ILE C 152 1.80 -9.64 13.21
N GLY C 153 1.74 -9.96 11.94
CA GLY C 153 2.93 -10.33 11.18
C GLY C 153 3.48 -11.72 11.46
N GLU C 154 2.64 -12.65 11.87
CA GLU C 154 3.08 -14.01 12.17
C GLU C 154 2.58 -14.93 11.08
N HIS C 155 3.43 -15.87 10.66
CA HIS C 155 3.02 -16.90 9.70
C HIS C 155 2.13 -17.93 10.35
N TRP C 156 1.32 -18.58 9.51
CA TRP C 156 0.28 -19.47 9.99
C TRP C 156 0.72 -20.91 9.75
N LEU C 157 1.16 -21.55 10.81
CA LEU C 157 1.60 -22.93 10.75
C LEU C 157 0.40 -23.87 10.68
N GLU C 158 0.63 -25.04 10.08
CA GLU C 158 -0.38 -26.08 10.03
C GLU C 158 -0.75 -26.51 11.46
N HIS C 159 -1.96 -27.05 11.61
CA HIS C 159 -2.52 -27.36 12.93
C HIS C 159 -1.56 -28.16 13.80
N ASP C 160 -1.17 -29.36 13.35
CA ASP C 160 -0.25 -30.16 14.18
C ASP C 160 1.12 -29.51 14.35
N GLU C 161 1.59 -28.76 13.35
CA GLU C 161 2.87 -28.06 13.49
C GLU C 161 2.82 -27.00 14.60
N ARG C 162 1.66 -26.35 14.77
CA ARG C 162 1.50 -25.44 15.91
C ARG C 162 1.76 -26.16 17.24
N TYR C 163 1.27 -27.40 17.37
CA TYR C 163 1.56 -28.19 18.58
C TYR C 163 3.02 -28.61 18.65
N ARG C 164 3.68 -28.88 17.51
CA ARG C 164 5.12 -29.14 17.53
C ARG C 164 5.86 -27.96 18.14
N ARG C 165 5.50 -26.74 17.73
CA ARG C 165 6.17 -25.56 18.28
C ARG C 165 5.83 -25.35 19.76
N SER C 166 4.55 -25.49 20.11
CA SER C 166 4.15 -25.36 21.52
C SER C 166 4.88 -26.36 22.40
N GLU C 167 5.11 -27.58 21.91
CA GLU C 167 5.83 -28.54 22.75
C GLU C 167 7.27 -28.09 22.98
N GLU C 168 7.93 -27.55 21.95
CA GLU C 168 9.27 -27.01 22.16
C GLU C 168 9.24 -25.84 23.16
N PHE C 169 8.22 -25.00 23.06
CA PHE C 169 8.09 -23.86 23.98
C PHE C 169 8.00 -24.36 25.41
N ILE C 170 7.20 -25.40 25.63
CA ILE C 170 7.02 -25.96 26.98
C ILE C 170 8.32 -26.58 27.49
N ARG C 171 8.98 -27.41 26.67
CA ARG C 171 10.26 -27.98 27.08
C ARG C 171 11.27 -26.88 27.41
N SER C 172 11.26 -25.78 26.66
CA SER C 172 12.18 -24.68 26.97
C SER C 172 11.83 -24.04 28.32
N LEU C 173 10.56 -23.66 28.56
CA LEU C 173 10.20 -23.10 29.87
C LEU C 173 10.67 -24.02 30.99
N ARG C 174 10.31 -25.31 30.88
CA ARG C 174 10.59 -26.24 31.97
C ARG C 174 12.08 -26.34 32.22
N GLY C 175 12.88 -26.42 31.15
CA GLY C 175 14.32 -26.50 31.28
C GLY C 175 14.95 -25.22 31.80
N ILE C 176 14.57 -24.07 31.24
CA ILE C 176 15.12 -22.80 31.71
C ILE C 176 14.86 -22.63 33.20
N TRP C 177 13.66 -22.99 33.65
CA TRP C 177 13.29 -22.77 35.04
C TRP C 177 14.01 -23.72 36.00
N SER C 178 14.46 -24.87 35.52
CA SER C 178 14.92 -25.90 36.44
C SER C 178 16.42 -26.15 36.42
N GLN C 179 17.17 -25.65 35.43
CA GLN C 179 18.59 -25.99 35.29
C GLN C 179 19.38 -24.72 35.02
N ASP C 180 20.57 -24.63 35.58
CA ASP C 180 21.53 -23.70 35.01
C ASP C 180 22.09 -24.34 33.73
N ASN C 181 22.68 -23.52 32.86
CA ASN C 181 23.31 -24.01 31.65
C ASN C 181 22.37 -24.89 30.83
N PHE C 182 21.19 -24.34 30.55
CA PHE C 182 20.17 -25.05 29.76
C PHE C 182 20.49 -24.95 28.26
N THR C 183 20.53 -26.11 27.59
CA THR C 183 20.74 -26.17 26.14
C THR C 183 19.54 -26.90 25.52
N PHE C 184 19.03 -26.39 24.40
CA PHE C 184 17.88 -27.01 23.74
C PHE C 184 18.01 -26.73 22.25
N ARG C 185 17.99 -27.77 21.42
CA ARG C 185 18.35 -27.61 20.00
C ARG C 185 17.14 -27.90 19.12
N GLY C 186 16.15 -27.00 19.16
CA GLY C 186 14.88 -27.29 18.53
C GLY C 186 14.80 -26.87 17.06
N ASP C 187 13.69 -27.26 16.43
CA ASP C 187 13.33 -26.75 15.11
C ASP C 187 12.75 -25.34 15.16
N PHE C 188 12.20 -24.94 16.31
CA PHE C 188 11.65 -23.60 16.48
C PHE C 188 12.46 -22.77 17.46
N TYR C 189 13.01 -23.37 18.51
CA TYR C 189 13.69 -22.59 19.53
C TYR C 189 15.04 -23.18 19.83
N ARG C 190 16.04 -22.32 20.00
CA ARG C 190 17.37 -22.74 20.40
C ARG C 190 17.77 -22.07 21.71
N PHE C 191 18.49 -22.82 22.56
CA PHE C 191 19.14 -22.30 23.75
C PHE C 191 20.51 -22.91 23.83
N ASP C 192 21.48 -22.15 24.34
CA ASP C 192 22.86 -22.62 24.38
C ASP C 192 23.50 -22.20 25.70
N ASN C 193 23.52 -23.14 26.66
CA ASN C 193 24.17 -22.88 27.94
CA ASN C 193 24.13 -22.91 27.97
C ASN C 193 23.56 -21.66 28.65
N TYR C 194 22.22 -21.54 28.60
CA TYR C 194 21.54 -20.36 29.14
C TYR C 194 21.26 -20.52 30.63
N SER C 195 21.67 -19.55 31.44
CA SER C 195 21.41 -19.56 32.89
C SER C 195 20.53 -18.36 33.24
N LEU C 196 19.27 -18.66 33.56
CA LEU C 196 18.31 -17.67 34.02
C LEU C 196 18.47 -17.47 35.52
N LYS C 197 18.59 -16.21 35.95
CA LYS C 197 18.64 -15.94 37.39
C LYS C 197 17.94 -14.60 37.66
N PRO C 198 17.01 -14.54 38.61
CA PRO C 198 16.53 -15.65 39.45
C PRO C 198 15.55 -16.60 38.72
N LYS C 199 15.58 -17.86 39.15
CA LYS C 199 14.61 -18.85 38.69
C LYS C 199 13.34 -18.67 39.49
N PRO C 200 12.22 -19.31 39.10
CA PRO C 200 11.03 -19.22 39.96
C PRO C 200 11.34 -19.75 41.35
N LEU C 201 10.45 -19.41 42.31
CA LEU C 201 10.64 -19.87 43.68
C LEU C 201 10.50 -21.38 43.79
N GLY C 202 9.56 -21.97 43.06
CA GLY C 202 9.44 -23.41 42.98
C GLY C 202 9.35 -23.94 41.57
N ARG C 203 8.30 -24.71 41.29
CA ARG C 203 8.07 -25.29 39.96
C ARG C 203 6.74 -24.79 39.43
N PRO C 204 6.72 -23.83 38.51
CA PRO C 204 5.43 -23.34 38.00
C PRO C 204 4.71 -24.42 37.22
N GLU C 205 3.38 -24.41 37.32
CA GLU C 205 2.58 -25.38 36.58
C GLU C 205 2.37 -24.96 35.13
N ILE C 206 2.39 -25.94 34.23
CA ILE C 206 2.17 -25.69 32.82
C ILE C 206 0.84 -26.34 32.45
N PHE C 207 -0.10 -25.50 32.05
CA PHE C 207 -1.40 -25.89 31.53
C PHE C 207 -1.34 -25.74 30.01
N GLN C 208 -2.27 -26.39 29.32
CA GLN C 208 -2.41 -26.21 27.87
C GLN C 208 -3.88 -26.37 27.52
N GLY C 209 -4.32 -25.62 26.51
CA GLY C 209 -5.69 -25.69 26.04
C GLY C 209 -5.74 -26.24 24.62
N GLY C 210 -6.76 -27.04 24.33
CA GLY C 210 -6.92 -27.65 23.02
C GLY C 210 -7.35 -29.09 23.25
N SER C 211 -8.04 -29.66 22.26
N SER C 211 -8.01 -29.65 22.24
CA SER C 211 -8.62 -30.99 22.46
CA SER C 211 -8.64 -30.96 22.43
C SER C 211 -8.36 -31.97 21.30
C SER C 211 -8.42 -31.92 21.28
N SER C 212 -7.54 -31.59 20.32
CA SER C 212 -7.26 -32.45 19.19
C SER C 212 -6.32 -33.59 19.62
N ARG C 213 -6.10 -34.53 18.69
CA ARG C 213 -5.08 -35.55 18.95
C ARG C 213 -3.74 -34.93 19.26
N ALA C 214 -3.34 -33.89 18.51
CA ALA C 214 -2.08 -33.24 18.78
C ALA C 214 -2.03 -32.69 20.19
N ALA C 215 -3.12 -32.09 20.65
CA ALA C 215 -3.20 -31.58 22.01
C ALA C 215 -3.06 -32.70 23.03
N ARG C 216 -3.80 -33.80 22.85
CA ARG C 216 -3.72 -34.89 23.81
C ARG C 216 -2.32 -35.49 23.85
N ASP C 217 -1.70 -35.67 22.67
CA ASP C 217 -0.33 -36.19 22.62
C ASP C 217 0.65 -35.29 23.37
N MET C 218 0.55 -33.98 23.15
CA MET C 218 1.41 -33.04 23.88
C MET C 218 1.19 -33.13 25.39
N ALA C 219 -0.07 -33.17 25.82
CA ALA C 219 -0.35 -33.19 27.26
C ALA C 219 0.23 -34.44 27.90
N ALA C 220 0.16 -35.57 27.18
CA ALA C 220 0.65 -36.85 27.66
C ALA C 220 2.17 -36.91 27.73
N ARG C 221 2.87 -35.93 27.16
CA ARG C 221 4.33 -35.90 27.20
C ARG C 221 4.92 -34.84 28.12
N VAL C 222 4.40 -33.61 28.12
CA VAL C 222 5.13 -32.49 28.73
C VAL C 222 4.32 -31.65 29.71
N SER C 223 2.99 -31.68 29.70
CA SER C 223 2.22 -30.69 30.46
C SER C 223 1.72 -31.25 31.79
N ASP C 224 1.49 -30.35 32.74
CA ASP C 224 0.90 -30.77 34.02
C ASP C 224 -0.62 -30.87 33.95
N TRP C 225 -1.24 -30.03 33.11
CA TRP C 225 -2.69 -29.99 33.01
C TRP C 225 -3.13 -29.94 31.56
N TYR C 226 -4.13 -30.74 31.22
CA TYR C 226 -4.84 -30.66 29.94
C TYR C 226 -6.18 -29.99 30.22
N PHE C 227 -6.39 -28.79 29.66
CA PHE C 227 -7.66 -28.08 29.76
C PHE C 227 -8.39 -28.27 28.44
N THR C 228 -9.67 -28.61 28.51
CA THR C 228 -10.47 -28.92 27.32
C THR C 228 -11.78 -28.13 27.31
N ASN C 229 -12.36 -28.01 26.12
CA ASN C 229 -13.64 -27.34 25.99
C ASN C 229 -14.74 -28.15 26.68
N GLY C 230 -15.89 -27.50 26.91
CA GLY C 230 -17.03 -28.20 27.48
C GLY C 230 -17.51 -29.33 26.59
N ASN C 231 -18.14 -30.32 27.20
CA ASN C 231 -18.54 -31.49 26.44
C ASN C 231 -19.48 -32.32 27.30
N SER C 232 -20.10 -33.31 26.68
CA SER C 232 -20.84 -34.31 27.44
C SER C 232 -19.88 -35.14 28.27
N VAL C 233 -20.44 -35.82 29.28
CA VAL C 233 -19.64 -36.75 30.09
C VAL C 233 -18.91 -37.74 29.18
N GLU C 234 -19.61 -38.30 28.19
CA GLU C 234 -19.00 -39.30 27.30
C GLU C 234 -17.90 -38.69 26.45
N GLY C 235 -18.11 -37.48 25.94
CA GLY C 235 -17.06 -36.82 25.18
C GLY C 235 -15.83 -36.56 26.00
N ILE C 236 -16.02 -36.12 27.25
CA ILE C 236 -14.87 -35.93 28.15
C ILE C 236 -14.16 -37.26 28.39
N LYS C 237 -14.91 -38.31 28.69
CA LYS C 237 -14.32 -39.60 29.03
C LYS C 237 -13.47 -40.14 27.87
N ALA C 238 -13.91 -39.91 26.64
CA ALA C 238 -13.13 -40.38 25.50
C ALA C 238 -11.76 -39.69 25.44
N GLN C 239 -11.71 -38.39 25.78
CA GLN C 239 -10.44 -37.68 25.81
C GLN C 239 -9.57 -38.18 26.95
N VAL C 240 -10.16 -38.33 28.14
CA VAL C 240 -9.37 -38.75 29.30
C VAL C 240 -8.78 -40.13 29.07
N ASP C 241 -9.58 -41.04 28.51
CA ASP C 241 -9.12 -42.40 28.30
C ASP C 241 -7.92 -42.44 27.35
N ASP C 242 -7.92 -41.58 26.31
CA ASP C 242 -6.80 -41.53 25.37
C ASP C 242 -5.56 -40.95 26.03
N ILE C 243 -5.74 -39.83 26.74
CA ILE C 243 -4.66 -39.21 27.48
C ILE C 243 -4.08 -40.17 28.51
N ARG C 244 -4.93 -40.91 29.22
CA ARG C 244 -4.42 -41.77 30.28
C ARG C 244 -3.53 -42.86 29.72
N ALA C 245 -3.93 -43.45 28.60
CA ALA C 245 -3.16 -44.54 28.01
C ALA C 245 -1.82 -44.03 27.49
N LYS C 246 -1.86 -42.89 26.78
CA LYS C 246 -0.64 -42.28 26.26
C LYS C 246 0.29 -41.84 27.37
N ALA C 247 -0.26 -41.20 28.41
CA ALA C 247 0.58 -40.71 29.50
C ALA C 247 1.21 -41.87 30.27
N ALA C 248 0.47 -42.96 30.42
CA ALA C 248 1.04 -44.13 31.09
C ALA C 248 2.20 -44.72 30.28
N ALA C 249 2.08 -44.75 28.95
CA ALA C 249 3.16 -45.25 28.12
C ALA C 249 4.39 -44.35 28.19
N ASN C 250 4.17 -43.03 28.37
CA ASN C 250 5.25 -42.06 28.54
C ASN C 250 5.77 -41.95 29.97
N HIS C 251 5.14 -42.63 30.92
CA HIS C 251 5.46 -42.46 32.34
C HIS C 251 5.42 -40.99 32.75
N HIS C 252 4.34 -40.33 32.36
CA HIS C 252 4.15 -38.91 32.58
C HIS C 252 2.84 -38.66 33.32
N SER C 253 2.86 -37.71 34.27
CA SER C 253 1.66 -37.33 35.04
C SER C 253 1.01 -36.09 34.45
N VAL C 254 -0.30 -36.16 34.22
CA VAL C 254 -1.07 -35.03 33.70
C VAL C 254 -2.47 -35.09 34.28
N LYS C 255 -2.98 -33.93 34.69
CA LYS C 255 -4.32 -33.80 35.24
C LYS C 255 -5.27 -33.16 34.22
N ILE C 256 -6.58 -33.31 34.46
CA ILE C 256 -7.62 -32.97 33.50
C ILE C 256 -8.50 -31.83 34.04
N GLY C 257 -8.65 -30.76 33.25
CA GLY C 257 -9.62 -29.69 33.55
C GLY C 257 -10.61 -29.47 32.42
N VAL C 258 -11.87 -29.23 32.79
CA VAL C 258 -12.95 -29.10 31.80
C VAL C 258 -13.70 -27.78 31.96
N ASN C 259 -13.91 -27.09 30.84
CA ASN C 259 -14.66 -25.85 30.84
C ASN C 259 -16.14 -26.14 31.07
N ALA C 260 -16.77 -25.33 31.94
CA ALA C 260 -18.20 -25.37 32.14
C ALA C 260 -18.73 -23.97 32.38
N PHE C 261 -19.79 -23.58 31.66
CA PHE C 261 -20.45 -22.30 31.91
C PHE C 261 -21.53 -22.56 32.95
N VAL C 262 -21.30 -22.07 34.17
CA VAL C 262 -22.14 -22.45 35.32
C VAL C 262 -23.28 -21.45 35.46
N ILE C 263 -24.50 -21.96 35.44
CA ILE C 263 -25.70 -21.16 35.72
C ILE C 263 -26.42 -21.85 36.87
N ALA C 264 -26.10 -21.42 38.10
CA ALA C 264 -26.72 -21.95 39.31
C ALA C 264 -27.78 -20.97 39.79
N ARG C 265 -28.98 -21.46 39.98
CA ARG C 265 -30.10 -20.65 40.45
C ARG C 265 -30.91 -21.50 41.41
N ASP C 266 -31.76 -20.85 42.21
CA ASP C 266 -32.49 -21.60 43.23
C ASP C 266 -33.44 -22.61 42.61
N THR C 267 -33.94 -22.36 41.40
CA THR C 267 -34.78 -23.32 40.69
C THR C 267 -34.16 -23.65 39.32
N GLU C 268 -34.44 -24.86 38.85
CA GLU C 268 -33.96 -25.26 37.54
C GLU C 268 -34.59 -24.40 36.44
N GLU C 269 -35.86 -24.04 36.61
CA GLU C 269 -36.56 -23.19 35.66
C GLU C 269 -35.85 -21.86 35.47
N GLU C 270 -35.41 -21.25 36.57
CA GLU C 270 -34.67 -19.98 36.47
C GLU C 270 -33.37 -20.16 35.68
N ALA C 271 -32.61 -21.20 35.98
CA ALA C 271 -31.33 -21.38 35.27
C ALA C 271 -31.54 -21.57 33.78
N LYS C 272 -32.54 -22.36 33.40
CA LYS C 272 -32.81 -22.61 31.99
C LYS C 272 -33.29 -21.34 31.27
N ALA C 273 -34.09 -20.52 31.96
CA ALA C 273 -34.54 -19.27 31.36
C ALA C 273 -33.35 -18.33 31.09
N VAL C 274 -32.40 -18.27 32.01
CA VAL C 274 -31.18 -17.48 31.80
C VAL C 274 -30.42 -17.98 30.57
N LEU C 275 -30.18 -19.28 30.48
CA LEU C 275 -29.51 -19.83 29.31
C LEU C 275 -30.24 -19.42 28.03
N ALA C 276 -31.55 -19.58 28.02
CA ALA C 276 -32.32 -19.21 26.84
C ALA C 276 -32.16 -17.73 26.51
N GLN C 277 -32.13 -16.87 27.54
CA GLN C 277 -31.98 -15.44 27.30
C GLN C 277 -30.62 -15.12 26.71
N ILE C 278 -29.57 -15.77 27.21
CA ILE C 278 -28.24 -15.55 26.64
C ILE C 278 -28.24 -15.85 25.16
N ILE C 279 -28.76 -17.02 24.81
CA ILE C 279 -28.77 -17.49 23.43
C ILE C 279 -29.69 -16.62 22.57
N ASP C 280 -30.85 -16.26 23.11
CA ASP C 280 -31.79 -15.44 22.34
C ASP C 280 -31.19 -14.09 21.96
N GLN C 281 -30.35 -13.53 22.82
CA GLN C 281 -29.72 -12.23 22.60
C GLN C 281 -28.34 -12.36 21.98
N ALA C 282 -27.96 -13.55 21.52
CA ALA C 282 -26.68 -13.73 20.85
C ALA C 282 -26.55 -12.75 19.71
N ASP C 283 -25.32 -12.29 19.48
CA ASP C 283 -25.00 -11.40 18.38
C ASP C 283 -24.66 -12.30 17.18
N PRO C 284 -25.54 -12.43 16.19
CA PRO C 284 -25.34 -13.48 15.17
C PRO C 284 -24.20 -13.19 14.21
N GLU C 285 -23.88 -11.91 13.97
CA GLU C 285 -22.72 -11.61 13.15
C GLU C 285 -21.43 -11.98 13.90
N ALA C 286 -21.38 -11.70 15.20
CA ALA C 286 -20.23 -12.08 16.00
C ALA C 286 -20.10 -13.59 16.10
N VAL C 287 -21.22 -14.29 16.30
CA VAL C 287 -21.15 -15.74 16.47
C VAL C 287 -20.66 -16.41 15.18
N ASN C 288 -21.22 -16.02 14.04
CA ASN C 288 -20.79 -16.62 12.77
C ASN C 288 -19.34 -16.30 12.43
N ALA C 289 -18.89 -15.07 12.68
CA ALA C 289 -17.51 -14.72 12.38
C ALA C 289 -16.57 -15.55 13.22
N PHE C 290 -16.93 -15.78 14.48
CA PHE C 290 -16.12 -16.62 15.35
C PHE C 290 -16.15 -18.07 14.85
N GLY C 291 -17.35 -18.58 14.57
CA GLY C 291 -17.46 -19.94 14.04
C GLY C 291 -16.62 -20.16 12.80
N ASP C 292 -16.54 -19.15 11.93
CA ASP C 292 -15.75 -19.30 10.71
C ASP C 292 -14.26 -19.37 11.04
N ALA C 293 -13.78 -18.48 11.91
CA ALA C 293 -12.38 -18.50 12.31
C ALA C 293 -12.04 -19.76 13.08
N ALA C 294 -13.00 -20.29 13.83
CA ALA C 294 -12.75 -21.47 14.66
C ALA C 294 -12.57 -22.74 13.84
N LYS C 295 -12.89 -22.71 12.53
CA LYS C 295 -12.61 -23.85 11.65
C LYS C 295 -11.11 -24.18 11.56
N GLN C 296 -10.24 -23.25 11.94
CA GLN C 296 -8.81 -23.56 11.96
C GLN C 296 -8.37 -24.35 13.18
N ALA C 297 -9.28 -24.66 14.13
CA ALA C 297 -8.95 -25.49 15.27
C ALA C 297 -9.23 -26.96 14.92
N GLY C 298 -10.16 -27.62 15.63
CA GLY C 298 -10.36 -29.06 15.43
C GLY C 298 -10.66 -29.47 14.00
N ARG C 299 -11.45 -28.67 13.27
CA ARG C 299 -11.84 -29.07 11.91
C ARG C 299 -10.62 -29.15 11.00
N ALA C 300 -9.60 -28.34 11.27
CA ALA C 300 -8.40 -28.32 10.44
C ALA C 300 -7.35 -29.38 10.83
N SER C 301 -7.54 -30.10 11.93
CA SER C 301 -6.57 -31.13 12.31
C SER C 301 -6.74 -32.32 11.37
N PRO C 302 -5.72 -33.18 11.24
CA PRO C 302 -5.84 -34.37 10.36
C PRO C 302 -7.05 -35.26 10.66
N GLU C 303 -7.49 -35.34 11.92
CA GLU C 303 -8.66 -36.15 12.30
C GLU C 303 -9.96 -35.40 12.12
N GLY C 304 -9.92 -34.08 11.96
CA GLY C 304 -11.14 -33.30 11.97
C GLY C 304 -11.82 -33.24 13.32
N GLU C 305 -11.10 -33.47 14.41
CA GLU C 305 -11.65 -33.46 15.75
C GLU C 305 -10.87 -32.49 16.63
N GLY C 306 -11.57 -31.82 17.52
CA GLY C 306 -10.95 -30.87 18.41
C GLY C 306 -11.86 -29.69 18.61
N ASN C 307 -11.29 -28.60 19.14
CA ASN C 307 -12.08 -27.44 19.51
C ASN C 307 -12.92 -26.96 18.33
N TRP C 308 -14.23 -26.77 18.58
CA TRP C 308 -15.23 -26.21 17.67
C TRP C 308 -15.55 -27.08 16.46
N ALA C 309 -15.00 -28.30 16.36
CA ALA C 309 -15.26 -29.11 15.16
C ALA C 309 -16.74 -29.46 15.02
N LYS C 310 -17.47 -29.52 16.14
CA LYS C 310 -18.86 -29.94 16.12
C LYS C 310 -19.76 -28.91 16.75
N SER C 311 -19.37 -27.65 16.75
CA SER C 311 -20.09 -26.64 17.52
C SER C 311 -21.17 -26.01 16.64
N THR C 312 -22.43 -26.07 17.09
CA THR C 312 -23.52 -25.37 16.41
C THR C 312 -23.50 -23.89 16.79
N PHE C 313 -24.36 -23.11 16.10
CA PHE C 313 -24.53 -21.70 16.44
C PHE C 313 -24.79 -21.52 17.93
N GLU C 314 -25.75 -22.27 18.46
CA GLU C 314 -26.05 -22.17 19.89
C GLU C 314 -24.85 -22.56 20.77
N ASP C 315 -24.10 -23.61 20.38
CA ASP C 315 -22.91 -23.96 21.15
C ASP C 315 -21.91 -22.81 21.19
N LEU C 316 -21.71 -22.13 20.04
CA LEU C 316 -20.64 -21.13 19.94
C LEU C 316 -20.91 -19.89 20.80
N VAL C 317 -22.16 -19.70 21.24
CA VAL C 317 -22.50 -18.55 22.08
C VAL C 317 -21.64 -18.52 23.35
N GLN C 318 -21.27 -19.68 23.88
CA GLN C 318 -20.22 -19.74 24.90
C GLN C 318 -18.98 -20.26 24.19
N TYR C 319 -17.95 -19.41 24.13
CA TYR C 319 -16.93 -19.60 23.10
C TYR C 319 -15.91 -20.71 23.39
N ASN C 320 -16.06 -21.45 24.49
CA ASN C 320 -15.33 -22.71 24.67
C ASN C 320 -16.29 -23.89 24.92
N ASP C 321 -17.48 -23.83 24.30
CA ASP C 321 -18.47 -24.91 24.38
C ASP C 321 -18.97 -25.14 25.81
N GLY C 322 -18.95 -24.10 26.64
CA GLY C 322 -19.21 -24.25 28.08
C GLY C 322 -20.62 -24.69 28.44
N PHE C 323 -21.59 -24.42 27.58
CA PHE C 323 -22.95 -24.87 27.87
C PHE C 323 -23.08 -26.40 27.78
N LYS C 324 -22.23 -27.07 26.97
CA LYS C 324 -22.37 -28.51 26.78
C LYS C 324 -22.14 -29.29 28.07
N THR C 325 -21.35 -28.74 29.00
CA THR C 325 -21.08 -29.47 30.24
C THR C 325 -22.29 -29.51 31.15
N ASN C 326 -23.31 -28.68 30.89
CA ASN C 326 -24.61 -28.78 31.54
C ASN C 326 -24.57 -28.50 33.05
N LEU C 327 -23.67 -27.63 33.51
CA LEU C 327 -23.69 -27.20 34.92
C LEU C 327 -24.69 -26.05 35.07
N ILE C 328 -25.94 -26.38 34.76
CA ILE C 328 -27.00 -25.39 34.58
C ILE C 328 -28.23 -25.96 35.28
N GLY C 329 -28.63 -25.34 36.39
CA GLY C 329 -29.68 -25.92 37.22
C GLY C 329 -29.55 -25.43 38.65
N THR C 330 -30.12 -26.23 39.57
CA THR C 330 -30.02 -25.90 40.99
C THR C 330 -28.62 -26.21 41.50
N PRO C 331 -28.24 -25.69 42.68
CA PRO C 331 -26.95 -26.10 43.26
C PRO C 331 -26.80 -27.60 43.45
N GLN C 332 -27.87 -28.29 43.86
CA GLN C 332 -27.80 -29.74 44.05
CA GLN C 332 -27.80 -29.74 44.05
C GLN C 332 -27.52 -30.45 42.73
N GLN C 333 -28.23 -30.08 41.66
CA GLN C 333 -28.01 -30.72 40.36
C GLN C 333 -26.58 -30.49 39.88
N ILE C 334 -26.08 -29.26 40.04
CA ILE C 334 -24.74 -28.95 39.58
C ILE C 334 -23.70 -29.71 40.38
N ALA C 335 -23.89 -29.80 41.70
CA ALA C 335 -22.92 -30.52 42.51
C ALA C 335 -22.86 -32.00 42.13
N GLU C 336 -24.02 -32.62 41.87
CA GLU C 336 -24.04 -34.03 41.47
C GLU C 336 -23.36 -34.21 40.12
N ARG C 337 -23.59 -33.29 39.19
CA ARG C 337 -22.97 -33.38 37.87
C ARG C 337 -21.46 -33.17 37.93
N ILE C 338 -20.98 -32.32 38.84
CA ILE C 338 -19.55 -32.17 39.05
C ILE C 338 -18.95 -33.49 39.56
N VAL C 339 -19.57 -34.09 40.56
CA VAL C 339 -19.07 -35.36 41.09
C VAL C 339 -19.11 -36.44 40.01
N ALA C 340 -20.09 -36.39 39.10
CA ALA C 340 -20.15 -37.36 38.01
C ALA C 340 -19.01 -37.16 37.00
N LEU C 341 -18.56 -35.91 36.82
CA LEU C 341 -17.38 -35.64 36.00
C LEU C 341 -16.12 -36.20 36.63
N LYS C 342 -15.97 -36.09 37.96
CA LYS C 342 -14.84 -36.71 38.63
C LYS C 342 -14.72 -38.18 38.28
N ALA C 343 -15.86 -38.88 38.16
CA ALA C 343 -15.87 -40.32 37.93
C ALA C 343 -15.34 -40.73 36.58
N VAL C 344 -15.20 -39.80 35.62
CA VAL C 344 -14.54 -40.10 34.36
C VAL C 344 -13.15 -39.50 34.28
N GLY C 345 -12.63 -38.99 35.40
CA GLY C 345 -11.26 -38.52 35.44
C GLY C 345 -11.05 -37.01 35.43
N VAL C 346 -12.09 -36.22 35.66
CA VAL C 346 -11.91 -34.77 35.69
C VAL C 346 -11.35 -34.37 37.04
N ASP C 347 -10.24 -33.61 37.03
CA ASP C 347 -9.60 -33.15 38.26
C ASP C 347 -9.94 -31.71 38.62
N LEU C 348 -10.45 -30.94 37.66
CA LEU C 348 -10.70 -29.54 37.88
C LEU C 348 -11.87 -29.12 36.99
N VAL C 349 -12.75 -28.29 37.51
CA VAL C 349 -13.82 -27.64 36.75
C VAL C 349 -13.44 -26.18 36.56
N LEU C 350 -13.39 -25.74 35.30
CA LEU C 350 -13.02 -24.39 34.91
C LEU C 350 -14.32 -23.65 34.56
N ALA C 351 -14.75 -22.73 35.45
CA ALA C 351 -16.11 -22.21 35.40
C ALA C 351 -16.13 -20.83 34.77
N GLY C 352 -17.02 -20.64 33.79
CA GLY C 352 -17.44 -19.31 33.39
C GLY C 352 -18.82 -18.97 33.97
N PHE C 353 -19.10 -17.66 34.05
CA PHE C 353 -20.35 -17.17 34.62
C PHE C 353 -20.88 -16.00 33.81
N LEU C 354 -22.16 -15.71 33.99
CA LEU C 354 -22.74 -14.54 33.34
C LEU C 354 -22.40 -13.25 34.10
N HIS C 355 -22.78 -13.18 35.39
CA HIS C 355 -22.56 -12.01 36.25
C HIS C 355 -21.47 -12.41 37.25
N PHE C 356 -20.22 -12.07 36.96
CA PHE C 356 -19.10 -12.79 37.59
C PHE C 356 -19.05 -12.63 39.11
N GLN C 357 -19.00 -11.40 39.62
CA GLN C 357 -18.79 -11.25 41.06
C GLN C 357 -19.90 -11.95 41.85
N GLU C 358 -21.15 -11.73 41.46
CA GLU C 358 -22.24 -12.28 42.26
C GLU C 358 -22.33 -13.79 42.10
N GLU C 359 -22.09 -14.32 40.88
CA GLU C 359 -22.23 -15.77 40.72
C GLU C 359 -21.04 -16.53 41.30
N VAL C 360 -19.86 -15.93 41.30
CA VAL C 360 -18.74 -16.53 42.02
C VAL C 360 -19.03 -16.61 43.53
N GLU C 361 -19.56 -15.52 44.10
CA GLU C 361 -19.90 -15.56 45.52
C GLU C 361 -20.97 -16.60 45.79
N TYR C 362 -21.99 -16.66 44.93
CA TYR C 362 -23.05 -17.67 45.09
C TYR C 362 -22.51 -19.09 44.96
N PHE C 363 -21.66 -19.32 43.96
CA PHE C 363 -21.05 -20.64 43.81
C PHE C 363 -20.35 -21.06 45.09
N GLY C 364 -19.60 -20.15 45.71
CA GLY C 364 -18.90 -20.48 46.93
C GLY C 364 -19.82 -20.68 48.11
N GLN C 365 -20.96 -19.98 48.13
CA GLN C 365 -21.88 -20.15 49.25
C GLN C 365 -22.78 -21.37 49.08
N ARG C 366 -23.16 -21.69 47.84
CA ARG C 366 -24.27 -22.61 47.61
C ARG C 366 -23.93 -23.86 46.83
N VAL C 367 -22.91 -23.84 45.96
CA VAL C 367 -22.59 -24.99 45.13
C VAL C 367 -21.37 -25.74 45.64
N LEU C 368 -20.25 -25.04 45.81
CA LEU C 368 -19.02 -25.69 46.28
C LEU C 368 -19.21 -26.43 47.61
N PRO C 369 -19.91 -25.88 48.62
CA PRO C 369 -20.14 -26.68 49.83
C PRO C 369 -20.89 -27.99 49.58
N LEU C 370 -21.79 -28.04 48.58
CA LEU C 370 -22.49 -29.30 48.31
C LEU C 370 -21.54 -30.32 47.69
N VAL C 371 -20.66 -29.86 46.79
CA VAL C 371 -19.63 -30.75 46.24
C VAL C 371 -18.78 -31.35 47.36
N ARG C 372 -18.39 -30.51 48.33
CA ARG C 372 -17.53 -31.01 49.39
C ARG C 372 -18.26 -32.05 50.25
N GLU C 373 -19.55 -31.84 50.48
CA GLU C 373 -20.32 -32.83 51.26
C GLU C 373 -20.44 -34.15 50.50
N LEU C 374 -20.66 -34.10 49.20
CA LEU C 374 -20.72 -35.33 48.42
C LEU C 374 -19.39 -36.05 48.42
N GLU C 375 -18.28 -35.32 48.27
CA GLU C 375 -16.98 -35.95 48.34
C GLU C 375 -16.73 -36.57 49.72
N ALA C 376 -17.19 -35.90 50.78
CA ALA C 376 -17.03 -36.49 52.11
C ALA C 376 -17.85 -37.76 52.27
N LYS C 377 -19.05 -37.80 51.66
CA LYS C 377 -19.89 -38.99 51.78
C LYS C 377 -19.33 -40.15 50.97
N ALA C 378 -18.71 -39.86 49.80
CA ALA C 378 -18.07 -40.92 49.03
C ALA C 378 -16.88 -41.50 49.78
N GLN C 379 -16.10 -40.63 50.44
CA GLN C 379 -14.92 -41.07 51.18
C GLN C 379 -15.30 -42.04 52.30
N SER C 380 -16.45 -41.84 52.93
CA SER C 380 -16.92 -42.73 54.00
C SER C 380 -17.83 -43.82 53.42
N ALA C 381 -17.29 -44.56 52.45
CA ALA C 381 -18.01 -45.67 51.82
C ALA C 381 -17.07 -46.54 50.99
N GLN D 27 10.85 23.51 30.91
CA GLN D 27 12.20 23.98 30.64
C GLN D 27 13.16 23.73 31.83
N ALA D 28 12.60 23.36 32.98
CA ALA D 28 13.43 22.91 34.08
C ALA D 28 14.08 21.59 33.71
N VAL D 29 15.34 21.40 34.13
CA VAL D 29 16.02 20.13 33.88
C VAL D 29 15.31 19.00 34.65
N LYS D 30 15.19 17.85 34.04
CA LYS D 30 14.50 16.71 34.64
C LYS D 30 15.51 15.71 35.17
N PHE D 31 15.07 14.86 36.10
CA PHE D 31 15.96 13.86 36.67
C PHE D 31 15.35 12.47 36.59
N ALA D 32 16.17 11.50 36.20
CA ALA D 32 15.84 10.08 36.30
C ALA D 32 16.86 9.43 37.21
N TYR D 33 16.51 8.25 37.77
CA TYR D 33 17.50 7.40 38.43
C TYR D 33 17.48 6.01 37.79
N TRP D 34 18.64 5.35 37.79
CA TRP D 34 18.70 3.97 37.33
C TRP D 34 18.10 3.07 38.40
N VAL D 35 17.17 2.20 38.00
CA VAL D 35 16.68 1.18 38.95
C VAL D 35 17.75 0.11 39.12
N PRO D 36 18.16 -0.21 40.34
CA PRO D 36 19.15 -1.28 40.52
C PRO D 36 18.49 -2.65 40.49
N ASN D 37 17.93 -3.01 39.33
CA ASN D 37 17.27 -4.31 39.22
C ASN D 37 18.23 -5.43 38.86
N VAL D 38 19.52 -5.13 38.74
CA VAL D 38 20.59 -6.09 38.51
CA VAL D 38 20.57 -6.10 38.52
C VAL D 38 21.41 -6.15 39.79
N SER D 39 21.81 -7.36 40.20
N SER D 39 21.77 -7.36 40.22
CA SER D 39 22.22 -7.63 41.58
CA SER D 39 22.62 -7.47 41.39
C SER D 39 23.52 -6.96 42.02
C SER D 39 23.97 -6.83 41.12
N GLY D 40 24.26 -6.34 41.11
N GLY D 40 24.61 -6.38 42.19
CA GLY D 40 25.56 -5.79 41.49
CA GLY D 40 25.83 -5.63 42.07
C GLY D 40 25.60 -4.27 41.53
C GLY D 40 25.66 -4.14 41.88
N GLY D 41 24.42 -3.65 41.68
CA GLY D 41 24.29 -2.19 41.67
C GLY D 41 24.80 -1.61 40.36
N LEU D 42 25.24 -0.35 40.42
CA LEU D 42 25.57 0.44 39.23
C LEU D 42 27.07 0.56 39.00
N VAL D 43 27.89 -0.27 39.66
CA VAL D 43 29.33 -0.27 39.47
C VAL D 43 29.83 -1.70 39.41
N VAL D 44 30.99 -1.88 38.76
CA VAL D 44 31.59 -3.20 38.64
C VAL D 44 32.71 -3.30 39.67
N SER D 45 32.29 -3.44 40.93
CA SER D 45 33.24 -3.26 42.02
C SER D 45 32.76 -4.03 43.23
N ARG D 46 33.71 -4.49 44.04
CA ARG D 46 33.40 -5.26 45.25
C ARG D 46 33.10 -4.36 46.44
N ILE D 47 33.13 -3.04 46.28
CA ILE D 47 32.93 -2.13 47.40
C ILE D 47 31.56 -2.39 48.02
N GLU D 48 31.48 -2.27 49.35
CA GLU D 48 30.21 -2.48 50.05
C GLU D 48 29.19 -1.42 49.63
N GLN D 49 28.01 -1.86 49.21
CA GLN D 49 26.94 -0.98 48.76
C GLN D 49 25.69 -1.26 49.58
N ARG D 50 25.07 -0.21 50.09
CA ARG D 50 23.74 -0.31 50.70
C ARG D 50 22.65 -0.16 49.62
N THR D 51 22.68 -1.15 48.71
CA THR D 51 21.87 -1.23 47.49
C THR D 51 21.49 -2.69 47.31
N ASP D 52 20.31 -2.93 46.75
CA ASP D 52 19.86 -4.30 46.54
C ASP D 52 18.95 -4.34 45.31
N TRP D 53 18.84 -5.51 44.70
CA TRP D 53 18.09 -5.68 43.46
C TRP D 53 16.67 -6.18 43.68
N GLY D 54 16.27 -6.49 44.95
CA GLY D 54 14.96 -7.09 45.16
C GLY D 54 13.85 -6.06 45.16
N ILE D 55 12.60 -6.57 45.09
CA ILE D 55 11.44 -5.68 45.01
C ILE D 55 11.27 -4.84 46.28
N ASP D 56 11.61 -5.38 47.46
CA ASP D 56 11.35 -4.63 48.69
C ASP D 56 12.19 -3.35 48.74
N TYR D 57 13.49 -3.49 48.51
CA TYR D 57 14.39 -2.34 48.48
C TYR D 57 13.98 -1.39 47.35
N ASN D 58 13.56 -1.93 46.20
CA ASN D 58 13.28 -1.04 45.08
C ASN D 58 11.94 -0.31 45.21
N ARG D 59 10.94 -0.92 45.87
CA ARG D 59 9.70 -0.19 46.13
C ARG D 59 9.98 1.04 46.99
N LYS D 60 10.73 0.86 48.07
CA LYS D 60 11.05 1.98 48.95
C LYS D 60 11.88 3.02 48.21
N LEU D 61 12.86 2.56 47.41
CA LEU D 61 13.69 3.49 46.65
C LEU D 61 12.83 4.31 45.68
N ALA D 62 11.91 3.67 44.97
CA ALA D 62 11.05 4.41 44.05
C ALA D 62 10.23 5.45 44.80
N GLN D 63 9.73 5.10 45.97
CA GLN D 63 8.97 6.08 46.75
C GLN D 63 9.87 7.23 47.22
N LEU D 64 11.12 6.93 47.58
CA LEU D 64 12.04 7.99 47.98
C LEU D 64 12.36 8.89 46.80
N ALA D 65 12.58 8.29 45.63
CA ALA D 65 12.93 9.06 44.44
C ALA D 65 11.78 9.98 44.03
N GLU D 66 10.54 9.48 44.10
CA GLU D 66 9.41 10.35 43.82
C GLU D 66 9.35 11.52 44.79
N ALA D 67 9.59 11.25 46.08
CA ALA D 67 9.57 12.32 47.08
C ALA D 67 10.74 13.27 46.92
N ALA D 68 11.85 12.80 46.35
CA ALA D 68 13.03 13.64 46.16
C ALA D 68 12.91 14.54 44.93
N GLY D 69 11.93 14.31 44.07
CA GLY D 69 11.78 15.11 42.88
C GLY D 69 12.27 14.45 41.60
N PHE D 70 12.56 13.15 41.60
CA PHE D 70 12.89 12.45 40.36
C PHE D 70 11.62 12.21 39.56
N GLU D 71 11.65 12.51 38.27
CA GLU D 71 10.46 12.28 37.43
C GLU D 71 10.39 10.85 36.89
N TYR D 72 11.53 10.21 36.64
CA TYR D 72 11.57 8.90 36.00
C TYR D 72 12.50 7.97 36.75
N ALA D 73 12.19 6.68 36.63
CA ALA D 73 13.09 5.59 36.98
C ALA D 73 13.36 4.81 35.70
N LEU D 74 14.61 4.40 35.50
CA LEU D 74 14.99 3.65 34.30
C LEU D 74 15.41 2.23 34.68
N THR D 75 14.73 1.21 34.14
N THR D 75 14.65 1.26 34.22
CA THR D 75 14.97 -0.20 34.52
CA THR D 75 15.08 -0.11 34.40
C THR D 75 15.70 -0.93 33.40
C THR D 75 16.14 -0.46 33.36
N GLN D 76 16.91 -1.46 33.69
CA GLN D 76 17.75 -2.02 32.65
CA GLN D 76 17.77 -2.05 32.68
C GLN D 76 17.27 -3.42 32.27
N ILE D 77 17.66 -3.85 31.07
CA ILE D 77 17.24 -5.14 30.55
C ILE D 77 18.46 -6.04 30.40
N ARG D 78 18.38 -7.21 31.02
CA ARG D 78 19.36 -8.26 30.83
C ARG D 78 18.60 -9.56 30.75
N PHE D 79 19.13 -10.50 29.96
CA PHE D 79 18.64 -11.87 30.01
C PHE D 79 19.59 -12.80 30.75
N THR D 80 20.86 -12.47 30.81
CA THR D 80 21.81 -13.26 31.58
C THR D 80 22.92 -12.32 32.04
N ALA D 81 23.64 -12.79 33.06
N ALA D 81 23.75 -12.77 32.98
CA ALA D 81 24.50 -11.93 33.85
CA ALA D 81 24.99 -12.06 33.25
C ALA D 81 25.56 -11.30 32.99
C ALA D 81 25.83 -12.89 34.23
N GLY D 82 25.83 -10.04 33.26
N GLY D 82 27.11 -12.53 34.35
CA GLY D 82 26.91 -9.31 32.63
CA GLY D 82 28.03 -13.19 35.24
C GLY D 82 27.30 -8.16 33.52
C GLY D 82 28.58 -12.28 36.33
N TYR D 83 28.51 -7.65 33.31
N TYR D 83 29.48 -12.85 37.13
CA TYR D 83 29.08 -6.56 34.09
CA TYR D 83 30.14 -12.14 38.24
C TYR D 83 28.80 -6.71 35.59
C TYR D 83 29.07 -11.62 39.21
N GLY D 84 28.79 -7.96 36.07
N GLY D 84 29.18 -10.38 39.68
CA GLY D 84 28.78 -8.23 37.48
CA GLY D 84 28.22 -9.85 40.64
C GLY D 84 27.44 -8.48 38.12
C GLY D 84 26.87 -9.51 40.05
N ALA D 85 26.37 -8.70 37.34
N ALA D 85 26.79 -9.31 38.74
CA ALA D 85 25.04 -8.85 37.89
CA ALA D 85 25.56 -8.97 38.03
C ALA D 85 24.53 -10.28 37.69
C ALA D 85 24.72 -10.21 37.76
N GLU D 86 24.88 -11.20 38.63
CA GLU D 86 24.43 -12.57 38.47
C GLU D 86 22.92 -12.70 38.42
N PHE D 87 22.19 -11.78 39.07
CA PHE D 87 20.73 -11.81 39.12
C PHE D 87 20.17 -10.54 38.51
N GLN D 88 19.10 -10.68 37.73
CA GLN D 88 18.45 -9.53 37.13
C GLN D 88 16.95 -9.77 37.09
N HIS D 89 16.18 -8.84 37.62
CA HIS D 89 14.74 -8.95 37.46
C HIS D 89 14.35 -8.49 36.06
N GLU D 90 13.34 -9.15 35.49
CA GLU D 90 12.84 -8.80 34.16
C GLU D 90 12.29 -7.38 34.12
N SER D 91 12.70 -6.61 33.11
CA SER D 91 12.51 -5.15 33.14
C SER D 91 11.03 -4.75 33.13
N VAL D 92 10.17 -5.41 32.33
CA VAL D 92 8.80 -4.91 32.19
C VAL D 92 7.98 -5.22 33.44
N ALA D 93 7.99 -6.48 33.88
CA ALA D 93 7.21 -6.84 35.06
C ALA D 93 7.74 -6.12 36.29
N PHE D 94 9.07 -5.93 36.38
CA PHE D 94 9.59 -5.15 37.50
C PHE D 94 9.11 -3.70 37.44
N SER D 95 9.05 -3.11 36.22
CA SER D 95 8.56 -1.74 36.08
C SER D 95 7.11 -1.64 36.52
N HIS D 96 6.30 -2.63 36.15
CA HIS D 96 4.90 -2.66 36.55
C HIS D 96 4.78 -2.65 38.07
N ALA D 97 5.59 -3.47 38.74
CA ALA D 97 5.60 -3.53 40.20
C ALA D 97 6.01 -2.19 40.82
N LEU D 98 7.01 -1.51 40.23
CA LEU D 98 7.41 -0.20 40.79
C LEU D 98 6.32 0.84 40.62
N LEU D 99 5.64 0.84 39.46
CA LEU D 99 4.52 1.75 39.25
C LEU D 99 3.40 1.48 40.23
N ALA D 100 3.15 0.20 40.54
CA ALA D 100 2.11 -0.13 41.51
C ALA D 100 2.43 0.36 42.91
N ALA D 101 3.70 0.63 43.21
CA ALA D 101 4.10 1.08 44.53
C ALA D 101 4.19 2.59 44.64
N THR D 102 3.96 3.32 43.55
CA THR D 102 4.15 4.76 43.49
C THR D 102 2.88 5.41 42.97
N SER D 103 2.91 6.74 42.91
CA SER D 103 1.74 7.54 42.56
C SER D 103 1.99 8.42 41.34
N GLN D 104 3.08 9.17 41.32
CA GLN D 104 3.40 10.08 40.22
C GLN D 104 4.59 9.63 39.39
N LEU D 105 5.46 8.81 39.95
CA LEU D 105 6.69 8.41 39.27
C LEU D 105 6.38 7.74 37.94
N LYS D 106 7.14 8.11 36.90
CA LYS D 106 7.11 7.41 35.61
C LYS D 106 8.26 6.42 35.57
N VAL D 107 8.01 5.24 35.01
CA VAL D 107 9.02 4.19 34.98
C VAL D 107 9.24 3.77 33.55
N ILE D 108 10.51 3.78 33.13
CA ILE D 108 10.91 3.46 31.76
C ILE D 108 11.39 2.02 31.76
N ALA D 109 10.70 1.16 30.98
CA ALA D 109 11.05 -0.25 30.88
C ALA D 109 11.95 -0.45 29.66
N ALA D 110 13.17 -0.95 29.87
CA ALA D 110 14.08 -1.23 28.75
C ALA D 110 13.66 -2.49 28.00
N ILE D 111 13.78 -2.44 26.67
CA ILE D 111 13.35 -3.51 25.77
C ILE D 111 14.42 -3.65 24.70
N LEU D 112 14.86 -4.88 24.43
CA LEU D 112 15.84 -5.22 23.40
C LEU D 112 15.12 -5.91 22.24
N PRO D 113 15.03 -5.29 21.06
CA PRO D 113 14.41 -6.00 19.92
C PRO D 113 15.20 -7.26 19.65
N GLY D 114 14.48 -8.32 19.25
CA GLY D 114 15.08 -9.60 19.01
C GLY D 114 14.40 -10.62 19.90
N PRO D 115 14.88 -10.76 21.13
CA PRO D 115 14.13 -11.52 22.14
C PRO D 115 12.77 -10.90 22.49
N TRP D 116 12.57 -9.60 22.21
CA TRP D 116 11.28 -8.95 22.29
C TRP D 116 10.73 -8.72 20.88
N GLN D 117 9.41 -8.84 20.73
CA GLN D 117 8.75 -8.49 19.48
C GLN D 117 7.81 -7.31 19.71
N PRO D 118 7.53 -6.50 18.68
CA PRO D 118 6.78 -5.25 18.94
C PRO D 118 5.29 -5.44 19.20
N ALA D 119 4.64 -6.44 18.62
CA ALA D 119 3.21 -6.64 18.93
C ALA D 119 3.00 -6.88 20.43
N LEU D 120 3.77 -7.80 21.01
CA LEU D 120 3.64 -8.10 22.43
C LEU D 120 4.08 -6.91 23.26
N ALA D 121 5.20 -6.27 22.88
CA ALA D 121 5.62 -5.09 23.65
C ALA D 121 4.54 -4.02 23.65
N ALA D 122 3.96 -3.73 22.48
CA ALA D 122 2.94 -2.68 22.42
C ALA D 122 1.74 -3.04 23.29
N LYS D 123 1.29 -4.30 23.24
CA LYS D 123 0.07 -4.63 23.98
C LYS D 123 0.33 -4.72 25.48
N GLN D 124 1.43 -5.34 25.87
CA GLN D 124 1.78 -5.44 27.29
C GLN D 124 1.97 -4.06 27.89
N LEU D 125 2.68 -3.17 27.19
CA LEU D 125 2.86 -1.83 27.73
C LEU D 125 1.56 -1.03 27.76
N ALA D 126 0.66 -1.22 26.78
CA ALA D 126 -0.61 -0.50 26.80
C ALA D 126 -1.43 -0.93 28.02
N THR D 127 -1.47 -2.24 28.28
CA THR D 127 -2.20 -2.72 29.46
C THR D 127 -1.58 -2.19 30.74
N ILE D 128 -0.24 -2.18 30.83
CA ILE D 128 0.38 -1.63 32.05
C ILE D 128 0.08 -0.14 32.19
N ASP D 129 0.07 0.57 31.06
CA ASP D 129 -0.28 1.99 31.08
C ASP D 129 -1.70 2.19 31.59
N GLN D 130 -2.65 1.38 31.13
CA GLN D 130 -4.02 1.48 31.61
C GLN D 130 -4.11 1.20 33.10
N LEU D 131 -3.28 0.29 33.61
CA LEU D 131 -3.36 -0.11 35.02
C LEU D 131 -2.60 0.83 35.96
N THR D 132 -1.79 1.75 35.41
CA THR D 132 -0.90 2.57 36.21
C THR D 132 -1.13 4.05 35.96
N ASN D 133 -2.27 4.40 35.36
CA ASN D 133 -2.63 5.81 35.17
C ASN D 133 -1.64 6.49 34.21
N GLY D 134 -1.22 5.76 33.18
CA GLY D 134 -0.45 6.37 32.11
C GLY D 134 0.99 6.72 32.44
N ARG D 135 1.67 5.90 33.24
CA ARG D 135 3.01 6.25 33.72
C ARG D 135 4.14 5.35 33.20
N ILE D 136 3.87 4.48 32.20
CA ILE D 136 4.90 3.60 31.66
C ILE D 136 5.54 4.25 30.43
N ALA D 137 6.84 4.05 30.29
CA ALA D 137 7.57 4.49 29.09
C ALA D 137 8.49 3.35 28.70
N VAL D 138 9.16 3.47 27.55
CA VAL D 138 9.99 2.37 27.07
C VAL D 138 11.37 2.93 26.69
N ASN D 139 12.43 2.15 26.94
CA ASN D 139 13.78 2.49 26.49
C ASN D 139 14.20 1.42 25.50
N ILE D 140 14.23 1.77 24.21
CA ILE D 140 14.61 0.79 23.18
C ILE D 140 16.14 0.78 23.09
N VAL D 141 16.74 -0.37 23.40
CA VAL D 141 18.19 -0.51 23.36
C VAL D 141 18.53 -1.55 22.30
N SER D 142 19.55 -1.27 21.49
CA SER D 142 19.75 -2.06 20.28
C SER D 142 20.73 -3.20 20.45
N GLY D 143 21.45 -3.24 21.56
CA GLY D 143 22.21 -4.43 21.89
C GLY D 143 23.71 -4.27 21.68
N TRP D 144 24.48 -4.87 22.59
CA TRP D 144 25.94 -5.01 22.52
C TRP D 144 26.44 -6.35 23.04
N PHE D 145 25.70 -7.05 23.90
CA PHE D 145 26.18 -8.25 24.60
C PHE D 145 25.84 -9.46 23.72
N ARG D 146 26.74 -9.77 22.77
CA ARG D 146 26.54 -10.85 21.79
C ARG D 146 26.28 -12.21 22.47
N GLY D 147 27.07 -12.52 23.52
CA GLY D 147 26.95 -13.83 24.16
C GLY D 147 25.56 -14.09 24.72
N GLU D 148 24.90 -13.04 25.21
CA GLU D 148 23.56 -13.21 25.75
C GLU D 148 22.58 -13.57 24.64
N PHE D 149 22.69 -12.91 23.49
CA PHE D 149 21.83 -13.27 22.36
C PHE D 149 22.04 -14.73 21.95
N GLN D 150 23.31 -15.15 21.81
CA GLN D 150 23.57 -16.54 21.41
CA GLN D 150 23.55 -16.53 21.39
C GLN D 150 22.96 -17.52 22.39
N ALA D 151 23.05 -17.22 23.69
CA ALA D 151 22.54 -18.16 24.69
C ALA D 151 21.04 -18.35 24.58
N ILE D 152 20.31 -17.33 24.13
CA ILE D 152 18.86 -17.43 24.01
C ILE D 152 18.43 -17.62 22.56
N GLY D 153 19.36 -18.02 21.69
CA GLY D 153 18.91 -18.44 20.38
C GLY D 153 18.68 -17.33 19.37
N GLU D 154 19.17 -16.13 19.64
CA GLU D 154 19.00 -14.99 18.74
C GLU D 154 20.21 -14.77 17.86
N HIS D 155 19.97 -14.43 16.59
CA HIS D 155 21.05 -14.11 15.67
C HIS D 155 21.60 -12.72 15.96
N TRP D 156 22.89 -12.53 15.67
CA TRP D 156 23.59 -11.29 15.99
C TRP D 156 23.71 -10.46 14.72
N LEU D 157 22.90 -9.41 14.62
CA LEU D 157 22.94 -8.55 13.44
C LEU D 157 24.10 -7.57 13.56
N GLU D 158 24.56 -7.07 12.40
CA GLU D 158 25.62 -6.06 12.35
C GLU D 158 25.15 -4.82 13.09
N HIS D 159 26.11 -4.01 13.55
CA HIS D 159 25.81 -2.88 14.44
C HIS D 159 24.71 -1.99 13.91
N ASP D 160 24.92 -1.38 12.72
CA ASP D 160 23.89 -0.50 12.20
C ASP D 160 22.60 -1.25 11.86
N GLU D 161 22.70 -2.53 11.47
CA GLU D 161 21.51 -3.33 11.20
C GLU D 161 20.63 -3.47 12.45
N ARG D 162 21.23 -3.60 13.63
CA ARG D 162 20.42 -3.62 14.85
C ARG D 162 19.61 -2.33 15.02
N TYR D 163 20.18 -1.18 14.62
CA TYR D 163 19.45 0.08 14.64
C TYR D 163 18.36 0.14 13.58
N ARG D 164 18.57 -0.48 12.41
CA ARG D 164 17.50 -0.55 11.44
C ARG D 164 16.31 -1.29 12.03
N ARG D 165 16.59 -2.41 12.70
CA ARG D 165 15.51 -3.16 13.32
C ARG D 165 14.87 -2.38 14.47
N SER D 166 15.68 -1.74 15.31
CA SER D 166 15.11 -0.96 16.41
C SER D 166 14.21 0.15 15.89
N GLU D 167 14.60 0.79 14.78
CA GLU D 167 13.75 1.84 14.22
C GLU D 167 12.41 1.28 13.73
N GLU D 168 12.39 0.11 13.10
CA GLU D 168 11.12 -0.52 12.76
C GLU D 168 10.31 -0.84 14.00
N PHE D 169 10.98 -1.33 15.06
CA PHE D 169 10.32 -1.63 16.33
C PHE D 169 9.63 -0.38 16.87
N ILE D 170 10.34 0.75 16.85
CA ILE D 170 9.79 2.00 17.40
C ILE D 170 8.63 2.49 16.54
N ARG D 171 8.78 2.47 15.21
CA ARG D 171 7.67 2.87 14.35
C ARG D 171 6.45 2.00 14.60
N SER D 172 6.67 0.71 14.83
CA SER D 172 5.57 -0.19 15.16
C SER D 172 4.89 0.20 16.47
N LEU D 173 5.67 0.41 17.55
CA LEU D 173 5.04 0.81 18.82
C LEU D 173 4.23 2.07 18.63
N ARG D 174 4.82 3.07 17.96
CA ARG D 174 4.14 4.36 17.84
C ARG D 174 2.85 4.24 17.04
N GLY D 175 2.88 3.46 15.96
CA GLY D 175 1.69 3.28 15.13
C GLY D 175 0.62 2.48 15.83
N ILE D 176 1.00 1.34 16.44
CA ILE D 176 0.02 0.52 17.15
C ILE D 176 -0.66 1.31 18.26
N TRP D 177 0.12 2.08 19.02
CA TRP D 177 -0.45 2.83 20.14
C TRP D 177 -1.31 4.00 19.68
N SER D 178 -1.11 4.49 18.48
CA SER D 178 -1.77 5.74 18.12
C SER D 178 -2.91 5.56 17.14
N GLN D 179 -3.03 4.41 16.46
CA GLN D 179 -4.08 4.26 15.46
C GLN D 179 -4.58 2.83 15.37
N ASP D 180 -5.87 2.67 15.05
CA ASP D 180 -6.41 1.40 14.59
C ASP D 180 -5.91 1.13 13.16
N ASN D 181 -6.11 -0.12 12.70
CA ASN D 181 -5.79 -0.44 11.31
C ASN D 181 -4.35 -0.13 10.96
N PHE D 182 -3.44 -0.38 11.89
CA PHE D 182 -2.04 -0.06 11.63
C PHE D 182 -1.42 -1.08 10.67
N THR D 183 -0.80 -0.58 9.60
CA THR D 183 -0.14 -1.44 8.62
C THR D 183 1.32 -1.03 8.50
N PHE D 184 2.22 -2.00 8.47
CA PHE D 184 3.64 -1.67 8.37
C PHE D 184 4.31 -2.81 7.61
N ARG D 185 5.09 -2.48 6.59
CA ARG D 185 5.70 -3.49 5.69
C ARG D 185 7.22 -3.43 5.83
N GLY D 186 7.73 -3.83 6.98
CA GLY D 186 9.14 -3.66 7.28
C GLY D 186 10.00 -4.78 6.73
N ASP D 187 11.31 -4.57 6.79
CA ASP D 187 12.27 -5.66 6.56
C ASP D 187 12.37 -6.61 7.76
N PHE D 188 11.97 -6.14 8.95
CA PHE D 188 12.03 -6.96 10.17
C PHE D 188 10.68 -7.30 10.77
N TYR D 189 9.71 -6.39 10.65
CA TYR D 189 8.38 -6.53 11.25
C TYR D 189 7.31 -6.19 10.23
N ARG D 190 6.22 -6.96 10.23
CA ARG D 190 5.06 -6.69 9.41
C ARG D 190 3.84 -6.53 10.32
N PHE D 191 2.96 -5.58 9.98
CA PHE D 191 1.62 -5.46 10.56
C PHE D 191 0.65 -5.27 9.42
N ASP D 192 -0.57 -5.80 9.59
CA ASP D 192 -1.58 -5.77 8.53
C ASP D 192 -2.91 -5.37 9.17
N ASN D 193 -3.27 -4.10 9.04
CA ASN D 193 -4.51 -3.56 9.62
C ASN D 193 -4.71 -4.02 11.05
N TYR D 194 -3.66 -3.89 11.88
CA TYR D 194 -3.74 -4.32 13.26
C TYR D 194 -4.37 -3.24 14.15
N SER D 195 -5.34 -3.63 14.98
CA SER D 195 -6.04 -2.71 15.90
C SER D 195 -5.86 -3.21 17.32
N LEU D 196 -5.03 -2.51 18.09
CA LEU D 196 -4.80 -2.83 19.49
C LEU D 196 -5.88 -2.14 20.33
N LYS D 197 -6.57 -2.91 21.18
CA LYS D 197 -7.55 -2.39 22.13
C LYS D 197 -7.46 -3.14 23.46
N PRO D 198 -7.26 -2.43 24.59
CA PRO D 198 -7.14 -0.97 24.66
C PRO D 198 -5.74 -0.46 24.29
N LYS D 199 -5.71 0.75 23.78
CA LYS D 199 -4.48 1.51 23.57
C LYS D 199 -4.05 2.10 24.90
N PRO D 200 -2.85 2.68 24.99
CA PRO D 200 -2.42 3.31 26.25
C PRO D 200 -3.35 4.45 26.64
N LEU D 201 -3.34 4.76 27.94
CA LEU D 201 -4.15 5.87 28.48
C LEU D 201 -3.69 7.21 27.92
N GLY D 202 -2.39 7.38 27.77
CA GLY D 202 -1.86 8.59 27.18
C GLY D 202 -1.00 8.30 25.96
N ARG D 203 0.12 8.99 25.84
CA ARG D 203 1.08 8.73 24.76
C ARG D 203 2.39 8.35 25.43
N PRO D 204 2.72 7.06 25.52
CA PRO D 204 3.97 6.67 26.18
C PRO D 204 5.17 7.26 25.46
N GLU D 205 6.13 7.74 26.24
CA GLU D 205 7.36 8.27 25.67
C GLU D 205 8.27 7.13 25.24
N ILE D 206 8.96 7.34 24.13
CA ILE D 206 9.91 6.36 23.63
C ILE D 206 11.31 6.96 23.83
N PHE D 207 12.09 6.31 24.68
CA PHE D 207 13.50 6.57 24.92
C PHE D 207 14.30 5.54 24.15
N GLN D 208 15.57 5.87 23.89
CA GLN D 208 16.52 4.93 23.32
C GLN D 208 17.89 5.16 23.91
N GLY D 209 18.64 4.07 24.04
CA GLY D 209 20.00 4.12 24.56
C GLY D 209 20.98 3.79 23.46
N GLY D 210 22.06 4.56 23.39
CA GLY D 210 23.13 4.34 22.43
C GLY D 210 23.64 5.69 21.96
N SER D 211 24.87 5.69 21.42
CA SER D 211 25.51 6.95 21.08
CA SER D 211 25.50 6.95 21.08
C SER D 211 26.23 6.96 19.75
N SER D 212 26.16 5.89 18.96
CA SER D 212 26.79 5.85 17.64
C SER D 212 26.02 6.74 16.67
N ARG D 213 26.61 6.90 15.48
CA ARG D 213 25.89 7.60 14.41
C ARG D 213 24.53 6.98 14.16
N ALA D 214 24.46 5.64 14.11
CA ALA D 214 23.18 4.97 13.90
C ALA D 214 22.18 5.36 14.99
N ALA D 215 22.64 5.43 16.24
CA ALA D 215 21.74 5.81 17.32
C ALA D 215 21.24 7.23 17.15
N ARG D 216 22.14 8.16 16.81
CA ARG D 216 21.73 9.55 16.66
C ARG D 216 20.77 9.71 15.50
N ASP D 217 21.04 9.02 14.39
CA ASP D 217 20.12 9.06 13.24
C ASP D 217 18.74 8.59 13.65
N MET D 218 18.66 7.50 14.40
CA MET D 218 17.34 6.96 14.78
C MET D 218 16.61 7.93 15.69
N ALA D 219 17.32 8.51 16.65
CA ALA D 219 16.70 9.46 17.59
C ALA D 219 16.13 10.65 16.84
N ALA D 220 16.87 11.19 15.87
CA ALA D 220 16.40 12.35 15.13
C ALA D 220 15.22 12.02 14.22
N ARG D 221 14.89 10.74 14.03
CA ARG D 221 13.75 10.37 13.21
CA ARG D 221 13.77 10.34 13.20
C ARG D 221 12.53 9.97 14.01
N VAL D 222 12.70 9.14 15.06
CA VAL D 222 11.52 8.51 15.64
C VAL D 222 11.37 8.58 17.17
N SER D 223 12.41 8.97 17.90
CA SER D 223 12.38 8.81 19.34
C SER D 223 12.03 10.11 20.05
N ASP D 224 11.44 9.99 21.24
CA ASP D 224 11.19 11.20 22.04
C ASP D 224 12.43 11.62 22.81
N TRP D 225 13.27 10.67 23.21
CA TRP D 225 14.43 10.93 24.04
C TRP D 225 15.65 10.14 23.54
N TYR D 226 16.78 10.83 23.47
CA TYR D 226 18.08 10.20 23.19
C TYR D 226 18.83 10.15 24.52
N PHE D 227 19.01 8.94 25.06
CA PHE D 227 19.79 8.73 26.28
C PHE D 227 21.18 8.30 25.87
N THR D 228 22.20 8.90 26.48
CA THR D 228 23.57 8.61 26.09
C THR D 228 24.43 8.35 27.33
N ASN D 229 25.61 7.74 27.11
CA ASN D 229 26.51 7.44 28.22
C ASN D 229 27.13 8.74 28.76
N GLY D 230 27.75 8.64 29.93
CA GLY D 230 28.42 9.80 30.49
C GLY D 230 29.56 10.29 29.62
N ASN D 231 29.87 11.58 29.74
CA ASN D 231 30.84 12.18 28.85
C ASN D 231 31.18 13.58 29.35
N SER D 232 32.24 14.16 28.77
CA SER D 232 32.55 15.57 29.00
C SER D 232 31.45 16.44 28.41
N VAL D 233 31.42 17.71 28.83
CA VAL D 233 30.51 18.68 28.22
C VAL D 233 30.75 18.75 26.71
N GLU D 234 32.03 18.80 26.31
CA GLU D 234 32.35 18.83 24.87
C GLU D 234 31.77 17.61 24.15
N GLY D 235 31.95 16.41 24.73
CA GLY D 235 31.46 15.21 24.05
C GLY D 235 29.95 15.18 23.94
N ILE D 236 29.27 15.65 25.00
CA ILE D 236 27.82 15.71 24.94
C ILE D 236 27.38 16.72 23.89
N LYS D 237 27.97 17.93 23.92
CA LYS D 237 27.57 18.96 22.97
C LYS D 237 27.70 18.47 21.53
N ALA D 238 28.77 17.74 21.23
CA ALA D 238 28.96 17.24 19.86
C ALA D 238 27.80 16.33 19.46
N GLN D 239 27.31 15.50 20.39
CA GLN D 239 26.17 14.64 20.08
C GLN D 239 24.90 15.44 19.90
N VAL D 240 24.65 16.41 20.80
CA VAL D 240 23.46 17.23 20.73
C VAL D 240 23.40 18.00 19.41
N ASP D 241 24.54 18.60 19.02
CA ASP D 241 24.55 19.40 17.80
C ASP D 241 24.24 18.56 16.58
N ASP D 242 24.77 17.33 16.51
CA ASP D 242 24.48 16.46 15.38
C ASP D 242 23.00 16.07 15.36
N ILE D 243 22.46 15.72 16.53
CA ILE D 243 21.05 15.36 16.62
C ILE D 243 20.16 16.55 16.23
N ARG D 244 20.46 17.74 16.76
CA ARG D 244 19.60 18.90 16.50
C ARG D 244 19.53 19.20 15.01
N ALA D 245 20.67 19.13 14.32
CA ALA D 245 20.66 19.39 12.87
C ALA D 245 19.82 18.35 12.14
N LYS D 246 20.02 17.07 12.49
CA LYS D 246 19.29 16.02 11.78
C LYS D 246 17.81 16.05 12.09
N ALA D 247 17.45 16.31 13.35
CA ALA D 247 16.04 16.32 13.73
C ALA D 247 15.31 17.50 13.08
N ALA D 248 15.96 18.65 12.98
CA ALA D 248 15.37 19.78 12.29
C ALA D 248 15.02 19.44 10.85
N ALA D 249 15.93 18.76 10.14
CA ALA D 249 15.64 18.42 8.76
C ALA D 249 14.53 17.37 8.65
N ASN D 250 14.32 16.58 9.68
CA ASN D 250 13.25 15.60 9.74
C ASN D 250 11.95 16.18 10.29
N HIS D 251 11.95 17.45 10.69
CA HIS D 251 10.80 18.06 11.39
C HIS D 251 10.38 17.23 12.60
N HIS D 252 11.37 16.81 13.38
CA HIS D 252 11.16 15.89 14.49
C HIS D 252 11.72 16.50 15.76
N SER D 253 11.01 16.33 16.89
CA SER D 253 11.45 16.86 18.18
C SER D 253 11.98 15.73 19.04
N VAL D 254 13.17 15.92 19.60
CA VAL D 254 13.79 14.91 20.46
C VAL D 254 14.56 15.59 21.57
N LYS D 255 14.43 15.09 22.80
CA LYS D 255 15.11 15.63 23.97
C LYS D 255 16.30 14.75 24.33
N ILE D 256 17.19 15.29 25.17
CA ILE D 256 18.49 14.68 25.45
C ILE D 256 18.58 14.36 26.94
N GLY D 257 18.96 13.13 27.26
CA GLY D 257 19.30 12.76 28.64
C GLY D 257 20.67 12.11 28.72
N VAL D 258 21.40 12.41 29.81
CA VAL D 258 22.82 12.03 29.95
C VAL D 258 23.02 11.28 31.25
N ASN D 259 23.68 10.12 31.17
CA ASN D 259 24.01 9.35 32.35
C ASN D 259 25.10 10.07 33.14
N ALA D 260 24.92 10.11 34.47
CA ALA D 260 25.97 10.55 35.38
C ALA D 260 25.88 9.73 36.67
N PHE D 261 27.03 9.22 37.13
CA PHE D 261 27.11 8.57 38.43
C PHE D 261 27.41 9.67 39.44
N VAL D 262 26.42 9.96 40.28
CA VAL D 262 26.46 11.12 41.18
C VAL D 262 27.06 10.70 42.52
N ILE D 263 28.15 11.36 42.91
CA ILE D 263 28.73 11.18 44.25
C ILE D 263 28.70 12.56 44.90
N ALA D 264 27.63 12.86 45.64
CA ALA D 264 27.47 14.12 46.34
C ALA D 264 27.82 13.91 47.81
N ARG D 265 28.83 14.64 48.31
CA ARG D 265 29.23 14.59 49.71
C ARG D 265 29.39 16.00 50.25
N ASP D 266 29.46 16.11 51.58
CA ASP D 266 29.55 17.44 52.18
C ASP D 266 30.83 18.16 51.77
N THR D 267 31.89 17.42 51.46
CA THR D 267 33.13 18.01 51.00
C THR D 267 33.55 17.36 49.70
N GLU D 268 34.31 18.10 48.90
CA GLU D 268 34.84 17.53 47.66
C GLU D 268 35.82 16.39 47.95
N GLU D 269 36.61 16.52 49.01
CA GLU D 269 37.59 15.49 49.36
C GLU D 269 36.91 14.15 49.63
N GLU D 270 35.79 14.15 50.37
CA GLU D 270 35.13 12.88 50.65
C GLU D 270 34.54 12.25 49.40
N ALA D 271 33.92 13.05 48.53
CA ALA D 271 33.36 12.50 47.29
C ALA D 271 34.46 11.87 46.44
N LYS D 272 35.64 12.49 46.39
CA LYS D 272 36.74 11.92 45.60
C LYS D 272 37.29 10.65 46.25
N ALA D 273 37.26 10.56 47.58
CA ALA D 273 37.71 9.35 48.27
C ALA D 273 36.80 8.17 47.95
N VAL D 274 35.48 8.40 47.91
CA VAL D 274 34.55 7.33 47.55
C VAL D 274 34.82 6.84 46.12
N LEU D 275 35.05 7.76 45.19
CA LEU D 275 35.32 7.35 43.81
C LEU D 275 36.58 6.49 43.74
N ALA D 276 37.64 6.92 44.41
CA ALA D 276 38.86 6.13 44.45
C ALA D 276 38.61 4.75 45.07
N GLN D 277 37.76 4.68 46.09
CA GLN D 277 37.46 3.40 46.71
C GLN D 277 36.71 2.48 45.75
N ILE D 278 35.70 3.01 45.04
CA ILE D 278 34.98 2.20 44.06
C ILE D 278 35.96 1.61 43.07
N ILE D 279 36.80 2.45 42.49
CA ILE D 279 37.71 2.01 41.45
C ILE D 279 38.75 1.07 42.03
N ASP D 280 39.23 1.36 43.25
CA ASP D 280 40.27 0.53 43.84
C ASP D 280 39.78 -0.88 44.10
N GLN D 281 38.50 -1.04 44.43
CA GLN D 281 37.92 -2.34 44.72
C GLN D 281 37.23 -2.95 43.51
N ALA D 282 37.49 -2.40 42.32
CA ALA D 282 36.94 -2.97 41.10
C ALA D 282 37.30 -4.45 40.97
N ASP D 283 36.34 -5.23 40.51
CA ASP D 283 36.59 -6.61 40.17
C ASP D 283 37.26 -6.63 38.80
N PRO D 284 38.57 -6.93 38.73
CA PRO D 284 39.28 -6.77 37.44
C PRO D 284 38.82 -7.75 36.37
N GLU D 285 38.53 -9.00 36.75
CA GLU D 285 38.07 -9.95 35.74
C GLU D 285 36.70 -9.54 35.21
N ALA D 286 35.83 -9.06 36.09
CA ALA D 286 34.50 -8.63 35.66
C ALA D 286 34.62 -7.42 34.73
N VAL D 287 35.49 -6.45 35.10
CA VAL D 287 35.66 -5.26 34.26
C VAL D 287 36.17 -5.65 32.89
N ASN D 288 37.16 -6.54 32.84
CA ASN D 288 37.76 -6.92 31.55
C ASN D 288 36.78 -7.70 30.69
N ALA D 289 35.99 -8.58 31.30
CA ALA D 289 35.00 -9.32 30.52
C ALA D 289 33.94 -8.39 29.97
N PHE D 290 33.51 -7.40 30.78
CA PHE D 290 32.56 -6.44 30.29
C PHE D 290 33.16 -5.61 29.15
N GLY D 291 34.37 -5.09 29.34
CA GLY D 291 35.00 -4.29 28.30
C GLY D 291 35.19 -5.05 26.99
N ASP D 292 35.51 -6.34 27.08
CA ASP D 292 35.68 -7.13 25.87
CA ASP D 292 35.68 -7.12 25.86
C ASP D 292 34.36 -7.27 25.12
N ALA D 293 33.26 -7.51 25.85
CA ALA D 293 31.97 -7.67 25.20
C ALA D 293 31.47 -6.34 24.64
N ALA D 294 31.77 -5.24 25.33
CA ALA D 294 31.32 -3.93 24.93
C ALA D 294 31.96 -3.47 23.63
N LYS D 295 33.00 -4.16 23.15
CA LYS D 295 33.56 -3.87 21.83
C LYS D 295 32.53 -4.05 20.71
N GLN D 296 31.41 -4.74 20.97
CA GLN D 296 30.38 -4.85 19.94
C GLN D 296 29.48 -3.63 19.85
N ALA D 297 29.71 -2.62 20.71
CA ALA D 297 28.92 -1.39 20.63
C ALA D 297 29.66 -0.38 19.74
N GLY D 298 30.06 0.77 20.30
CA GLY D 298 30.63 1.83 19.47
C GLY D 298 31.80 1.38 18.60
N ARG D 299 32.70 0.56 19.14
CA ARG D 299 33.88 0.16 18.38
C ARG D 299 33.50 -0.61 17.12
N ALA D 300 32.40 -1.36 17.14
CA ALA D 300 31.99 -2.16 15.99
C ALA D 300 31.17 -1.37 14.96
N SER D 301 30.79 -0.13 15.24
CA SER D 301 30.11 0.68 14.26
C SER D 301 31.08 1.08 13.16
N PRO D 302 30.56 1.47 11.99
CA PRO D 302 31.46 1.88 10.89
C PRO D 302 32.40 3.01 11.26
N GLU D 303 31.93 3.96 12.08
CA GLU D 303 32.75 5.08 12.51
C GLU D 303 33.67 4.72 13.66
N GLY D 304 33.47 3.58 14.33
CA GLY D 304 34.27 3.32 15.50
C GLY D 304 33.91 4.16 16.71
N GLU D 305 32.77 4.85 16.69
CA GLU D 305 32.38 5.76 17.78
C GLU D 305 31.05 5.30 18.34
N GLY D 306 30.88 5.45 19.65
CA GLY D 306 29.66 5.10 20.33
C GLY D 306 29.98 4.53 21.69
N ASN D 307 29.02 3.83 22.29
CA ASN D 307 29.17 3.40 23.69
C ASN D 307 30.45 2.58 23.82
N TRP D 308 31.24 2.93 24.83
CA TRP D 308 32.44 2.22 25.27
C TRP D 308 33.58 2.25 24.26
N ALA D 309 33.47 3.01 23.16
CA ALA D 309 34.55 2.94 22.17
C ALA D 309 35.87 3.48 22.71
N LYS D 310 35.81 4.41 23.66
CA LYS D 310 37.02 5.01 24.20
C LYS D 310 37.15 4.82 25.71
N SER D 311 36.53 3.80 26.29
CA SER D 311 36.47 3.68 27.74
C SER D 311 37.70 2.92 28.24
N THR D 312 38.42 3.52 29.19
CA THR D 312 39.52 2.84 29.85
C THR D 312 38.97 1.90 30.93
N PHE D 313 39.88 1.13 31.54
CA PHE D 313 39.51 0.26 32.64
C PHE D 313 38.73 1.02 33.71
N GLU D 314 39.24 2.20 34.11
CA GLU D 314 38.58 2.96 35.17
C GLU D 314 37.25 3.55 34.72
N ASP D 315 37.12 3.91 33.44
CA ASP D 315 35.83 4.32 32.93
C ASP D 315 34.82 3.19 33.05
N LEU D 316 35.22 1.96 32.68
CA LEU D 316 34.29 0.84 32.62
C LEU D 316 33.74 0.45 33.98
N VAL D 317 34.39 0.88 35.07
CA VAL D 317 33.92 0.53 36.40
C VAL D 317 32.50 1.02 36.65
N GLN D 318 32.10 2.16 36.05
CA GLN D 318 30.69 2.52 35.97
C GLN D 318 30.24 2.19 34.54
N TYR D 319 29.26 1.29 34.42
CA TYR D 319 29.12 0.59 33.16
C TYR D 319 28.39 1.38 32.07
N ASN D 320 28.04 2.65 32.30
CA ASN D 320 27.64 3.53 31.20
C ASN D 320 28.45 4.81 31.23
N ASP D 321 29.72 4.68 31.62
CA ASP D 321 30.70 5.77 31.62
C ASP D 321 30.28 6.92 32.52
N GLY D 322 29.57 6.61 33.62
CA GLY D 322 28.97 7.64 34.46
C GLY D 322 29.93 8.54 35.20
N PHE D 323 31.18 8.10 35.43
CA PHE D 323 32.14 8.97 36.11
C PHE D 323 32.56 10.14 35.23
N LYS D 324 32.50 9.99 33.91
CA LYS D 324 32.99 11.03 33.02
C LYS D 324 32.20 12.33 33.16
N THR D 325 30.91 12.23 33.53
CA THR D 325 30.07 13.42 33.63
C THR D 325 30.45 14.28 34.82
N ASN D 326 31.31 13.78 35.72
CA ASN D 326 31.96 14.58 36.75
C ASN D 326 30.97 15.22 37.73
N LEU D 327 29.85 14.55 38.01
CA LEU D 327 28.91 15.00 39.04
C LEU D 327 29.31 14.40 40.39
N ILE D 328 30.52 14.77 40.82
CA ILE D 328 31.23 14.17 41.93
C ILE D 328 31.87 15.34 42.68
N GLY D 329 31.41 15.60 43.90
CA GLY D 329 31.88 16.77 44.64
C GLY D 329 30.84 17.21 45.66
N THR D 330 30.89 18.50 46.02
CA THR D 330 29.89 19.05 46.91
C THR D 330 28.55 19.19 46.17
N PRO D 331 27.43 19.30 46.92
CA PRO D 331 26.16 19.64 46.25
C PRO D 331 26.22 20.89 45.37
N GLN D 332 26.90 21.94 45.82
CA GLN D 332 26.97 23.17 45.02
CA GLN D 332 26.99 23.18 45.03
C GLN D 332 27.74 22.94 43.72
N GLN D 333 28.90 22.26 43.80
CA GLN D 333 29.62 21.94 42.57
C GLN D 333 28.77 21.12 41.63
N ILE D 334 28.03 20.15 42.15
CA ILE D 334 27.23 19.29 41.28
C ILE D 334 26.10 20.08 40.63
N ALA D 335 25.46 20.98 41.39
CA ALA D 335 24.36 21.77 40.85
C ALA D 335 24.84 22.67 39.71
N GLU D 336 25.99 23.33 39.91
CA GLU D 336 26.54 24.20 38.87
C GLU D 336 26.89 23.41 37.63
N ARG D 337 27.37 22.17 37.80
CA ARG D 337 27.73 21.35 36.65
C ARG D 337 26.49 20.85 35.91
N ILE D 338 25.42 20.53 36.64
CA ILE D 338 24.16 20.16 36.00
C ILE D 338 23.64 21.32 35.15
N VAL D 339 23.69 22.53 35.69
CA VAL D 339 23.22 23.70 34.94
C VAL D 339 24.09 23.95 33.72
N ALA D 340 25.39 23.68 33.84
CA ALA D 340 26.29 23.80 32.69
C ALA D 340 25.98 22.77 31.60
N LEU D 341 25.52 21.58 31.98
CA LEU D 341 25.10 20.60 30.97
C LEU D 341 23.82 21.05 30.27
N LYS D 342 22.90 21.62 31.03
CA LYS D 342 21.68 22.19 30.46
C LYS D 342 22.02 23.19 29.36
N ALA D 343 23.04 24.01 29.58
CA ALA D 343 23.41 25.06 28.64
C ALA D 343 23.92 24.53 27.30
N VAL D 344 24.26 23.24 27.19
CA VAL D 344 24.61 22.68 25.88
C VAL D 344 23.51 21.79 25.31
N GLY D 345 22.31 21.82 25.90
CA GLY D 345 21.18 21.10 25.37
C GLY D 345 20.75 19.87 26.14
N VAL D 346 21.28 19.61 27.32
CA VAL D 346 20.84 18.45 28.10
C VAL D 346 19.51 18.78 28.77
N ASP D 347 18.49 17.95 28.53
CA ASP D 347 17.18 18.15 29.15
C ASP D 347 16.96 17.30 30.40
N LEU D 348 17.79 16.28 30.61
CA LEU D 348 17.57 15.32 31.67
C LEU D 348 18.92 14.76 32.13
N VAL D 349 19.08 14.63 33.45
CA VAL D 349 20.22 13.95 34.04
C VAL D 349 19.74 12.61 34.57
N LEU D 350 20.37 11.51 34.10
CA LEU D 350 20.03 10.15 34.50
C LEU D 350 21.09 9.74 35.53
N ALA D 351 20.67 9.64 36.80
CA ALA D 351 21.61 9.54 37.91
C ALA D 351 21.77 8.09 38.37
N GLY D 352 23.03 7.68 38.56
CA GLY D 352 23.37 6.46 39.29
C GLY D 352 23.97 6.82 40.64
N PHE D 353 23.85 5.91 41.61
CA PHE D 353 24.38 6.16 42.93
C PHE D 353 25.02 4.87 43.46
N LEU D 354 25.85 5.03 44.49
CA LEU D 354 26.48 3.89 45.14
C LEU D 354 25.52 3.24 46.14
N HIS D 355 24.99 4.05 47.09
CA HIS D 355 24.03 3.62 48.10
C HIS D 355 22.69 4.28 47.74
N PHE D 356 21.83 3.55 47.03
CA PHE D 356 20.75 4.22 46.30
C PHE D 356 19.76 4.95 47.20
N GLN D 357 19.20 4.25 48.20
CA GLN D 357 18.17 4.85 49.03
C GLN D 357 18.70 6.11 49.73
N GLU D 358 19.85 6.00 50.38
CA GLU D 358 20.28 7.14 51.17
C GLU D 358 20.76 8.29 50.31
N GLU D 359 21.33 7.98 49.13
CA GLU D 359 21.86 9.04 48.28
C GLU D 359 20.78 9.68 47.43
N VAL D 360 19.74 8.94 47.06
CA VAL D 360 18.56 9.56 46.47
C VAL D 360 17.94 10.54 47.46
N GLU D 361 17.81 10.13 48.72
CA GLU D 361 17.26 11.06 49.70
C GLU D 361 18.14 12.31 49.82
N TYR D 362 19.46 12.13 49.93
CA TYR D 362 20.37 13.25 50.05
C TYR D 362 20.33 14.13 48.80
N PHE D 363 20.17 13.52 47.63
CA PHE D 363 20.08 14.31 46.41
C PHE D 363 18.87 15.25 46.46
N GLY D 364 17.74 14.72 46.91
CA GLY D 364 16.52 15.51 46.92
C GLY D 364 16.54 16.60 47.97
N GLN D 365 17.34 16.41 49.02
CA GLN D 365 17.42 17.42 50.09
C GLN D 365 18.53 18.43 49.88
N ARG D 366 19.62 18.04 49.24
CA ARG D 366 20.83 18.85 49.20
C ARG D 366 21.24 19.33 47.81
N VAL D 367 20.88 18.61 46.75
CA VAL D 367 21.35 18.90 45.39
C VAL D 367 20.25 19.49 44.53
N LEU D 368 19.16 18.74 44.33
CA LEU D 368 18.04 19.25 43.54
C LEU D 368 17.59 20.66 43.92
N PRO D 369 17.40 21.00 45.20
CA PRO D 369 17.01 22.39 45.53
C PRO D 369 18.02 23.43 45.06
N LEU D 370 19.32 23.10 45.08
CA LEU D 370 20.31 24.03 44.56
C LEU D 370 20.17 24.22 43.05
N VAL D 371 19.89 23.12 42.31
CA VAL D 371 19.61 23.24 40.89
C VAL D 371 18.42 24.17 40.65
N ARG D 372 17.33 23.96 41.40
CA ARG D 372 16.15 24.78 41.20
C ARG D 372 16.44 26.24 41.51
N GLU D 373 17.24 26.50 42.55
CA GLU D 373 17.60 27.88 42.89
C GLU D 373 18.41 28.52 41.77
N LEU D 374 19.39 27.79 41.24
CA LEU D 374 20.16 28.31 40.13
C LEU D 374 19.26 28.60 38.93
N GLU D 375 18.34 27.69 38.63
CA GLU D 375 17.44 27.89 37.50
C GLU D 375 16.56 29.12 37.71
N ALA D 376 16.09 29.33 38.95
CA ALA D 376 15.27 30.50 39.25
C ALA D 376 16.06 31.79 39.06
N LYS D 377 17.35 31.78 39.47
CA LYS D 377 18.17 32.97 39.35
C LYS D 377 18.52 33.28 37.90
N ALA D 378 18.74 32.25 37.09
CA ALA D 378 18.88 32.45 35.65
C ALA D 378 17.62 33.07 35.06
N GLN D 379 16.45 32.58 35.50
CA GLN D 379 15.15 33.05 35.00
C GLN D 379 14.90 34.52 35.34
N SER D 380 15.43 35.00 36.45
CA SER D 380 15.30 36.41 36.80
C SER D 380 16.22 37.32 35.98
N ALA D 381 16.73 36.82 34.85
CA ALA D 381 17.62 37.58 33.97
C ALA D 381 17.25 37.36 32.51
N GLN E 27 -17.02 19.43 -54.83
CA GLN E 27 -17.83 18.53 -55.66
C GLN E 27 -17.17 17.15 -55.84
N ALA E 28 -15.89 17.09 -56.20
CA ALA E 28 -15.21 15.80 -56.32
C ALA E 28 -15.18 15.09 -54.96
N VAL E 29 -15.46 13.79 -54.97
CA VAL E 29 -15.46 13.04 -53.72
C VAL E 29 -14.02 12.94 -53.21
N LYS E 30 -13.84 13.03 -51.88
CA LYS E 30 -12.55 12.96 -51.22
C LYS E 30 -12.30 11.58 -50.62
N PHE E 31 -11.01 11.24 -50.46
CA PHE E 31 -10.61 9.94 -49.95
C PHE E 31 -9.69 10.09 -48.76
N ALA E 32 -9.98 9.34 -47.71
CA ALA E 32 -9.08 9.17 -46.60
C ALA E 32 -8.78 7.69 -46.45
N TYR E 33 -7.70 7.35 -45.75
CA TYR E 33 -7.45 5.95 -45.37
C TYR E 33 -7.19 5.90 -43.87
N TRP E 34 -7.56 4.77 -43.24
CA TRP E 34 -7.21 4.53 -41.84
C TRP E 34 -5.72 4.20 -41.70
N VAL E 35 -5.04 4.93 -40.84
CA VAL E 35 -3.66 4.60 -40.47
C VAL E 35 -3.67 3.33 -39.64
N PRO E 36 -2.95 2.29 -40.03
CA PRO E 36 -2.86 1.12 -39.14
C PRO E 36 -1.86 1.34 -38.02
N ASN E 37 -2.20 2.21 -37.07
CA ASN E 37 -1.33 2.46 -35.91
C ASN E 37 -1.61 1.49 -34.76
N VAL E 38 -2.48 0.53 -35.00
CA VAL E 38 -2.83 -0.52 -34.05
C VAL E 38 -2.40 -1.84 -34.65
N SER E 39 -1.89 -2.77 -33.82
N SER E 39 -1.81 -2.70 -33.83
CA SER E 39 -1.09 -3.90 -34.33
CA SER E 39 -1.51 -4.05 -34.26
C SER E 39 -1.89 -4.97 -35.09
C SER E 39 -2.81 -4.77 -34.58
N GLY E 40 -3.21 -4.99 -35.02
N GLY E 40 -2.72 -5.71 -35.51
CA GLY E 40 -4.00 -5.99 -35.70
CA GLY E 40 -3.90 -6.34 -36.05
C GLY E 40 -4.55 -5.56 -37.04
C GLY E 40 -4.49 -5.66 -37.26
N GLY E 41 -4.09 -4.42 -37.55
CA GLY E 41 -4.64 -3.79 -38.74
C GLY E 41 -6.09 -3.41 -38.54
N LEU E 42 -6.86 -3.48 -39.63
CA LEU E 42 -8.23 -2.98 -39.66
C LEU E 42 -9.27 -4.08 -39.58
N VAL E 43 -8.89 -5.29 -39.17
CA VAL E 43 -9.81 -6.40 -39.03
C VAL E 43 -9.52 -7.13 -37.72
N VAL E 44 -10.52 -7.84 -37.21
CA VAL E 44 -10.33 -8.62 -35.99
C VAL E 44 -10.18 -10.07 -36.43
N SER E 45 -9.01 -10.41 -36.94
CA SER E 45 -8.89 -11.67 -37.66
C SER E 45 -7.43 -12.09 -37.62
N ARG E 46 -7.20 -13.39 -37.72
CA ARG E 46 -5.85 -13.94 -37.73
C ARG E 46 -5.28 -14.07 -39.15
N ILE E 47 -6.02 -13.65 -40.17
CA ILE E 47 -5.55 -13.76 -41.54
C ILE E 47 -4.22 -13.01 -41.71
N GLU E 48 -3.29 -13.63 -42.46
CA GLU E 48 -2.00 -12.97 -42.73
C GLU E 48 -2.23 -11.67 -43.50
N GLN E 49 -1.66 -10.58 -42.98
CA GLN E 49 -1.78 -9.27 -43.61
C GLN E 49 -0.41 -8.70 -43.87
N ARG E 50 -0.22 -8.13 -45.05
CA ARG E 50 1.01 -7.39 -45.33
C ARG E 50 0.83 -5.95 -44.88
N THR E 51 0.68 -5.81 -43.57
CA THR E 51 0.40 -4.55 -42.89
C THR E 51 1.12 -4.56 -41.56
N ASP E 52 1.67 -3.41 -41.16
CA ASP E 52 2.35 -3.33 -39.87
C ASP E 52 1.98 -2.01 -39.20
N TRP E 53 2.14 -1.98 -37.87
CA TRP E 53 1.78 -0.81 -37.08
C TRP E 53 2.96 0.10 -36.79
N GLY E 54 4.16 -0.27 -37.19
CA GLY E 54 5.33 0.53 -36.91
C GLY E 54 5.45 1.77 -37.80
N ILE E 55 6.31 2.69 -37.36
CA ILE E 55 6.51 3.94 -38.11
C ILE E 55 7.12 3.70 -39.50
N ASP E 56 8.00 2.71 -39.65
CA ASP E 56 8.65 2.49 -40.94
C ASP E 56 7.62 2.13 -42.01
N TYR E 57 6.81 1.10 -41.75
CA TYR E 57 5.69 0.75 -42.63
C TYR E 57 4.78 1.95 -42.88
N ASN E 58 4.46 2.70 -41.81
CA ASN E 58 3.46 3.75 -41.94
C ASN E 58 3.96 4.98 -42.67
N ARG E 59 5.26 5.32 -42.55
CA ARG E 59 5.81 6.42 -43.35
C ARG E 59 5.67 6.12 -44.83
N LYS E 60 6.07 4.91 -45.23
CA LYS E 60 6.00 4.51 -46.64
C LYS E 60 4.55 4.48 -47.11
N LEU E 61 3.65 3.97 -46.25
CA LEU E 61 2.22 3.93 -46.59
C LEU E 61 1.66 5.34 -46.81
N ALA E 62 2.01 6.27 -45.94
CA ALA E 62 1.48 7.63 -46.09
C ALA E 62 1.97 8.26 -47.39
N GLN E 63 3.22 7.98 -47.77
CA GLN E 63 3.76 8.45 -49.05
C GLN E 63 3.04 7.80 -50.24
N LEU E 64 2.77 6.50 -50.17
CA LEU E 64 1.98 5.84 -51.22
C LEU E 64 0.56 6.40 -51.31
N ALA E 65 -0.07 6.69 -50.16
CA ALA E 65 -1.43 7.22 -50.16
C ALA E 65 -1.48 8.60 -50.81
N GLU E 66 -0.50 9.44 -50.47
CA GLU E 66 -0.45 10.77 -51.08
CA GLU E 66 -0.37 10.77 -51.07
C GLU E 66 -0.28 10.67 -52.59
N ALA E 67 0.59 9.78 -53.07
CA ALA E 67 0.77 9.59 -54.51
C ALA E 67 -0.47 8.99 -55.16
N ALA E 68 -1.21 8.17 -54.40
CA ALA E 68 -2.43 7.55 -54.91
C ALA E 68 -3.60 8.54 -55.00
N GLY E 69 -3.51 9.69 -54.34
CA GLY E 69 -4.60 10.65 -54.39
C GLY E 69 -5.48 10.68 -53.17
N PHE E 70 -5.04 10.10 -52.05
CA PHE E 70 -5.76 10.24 -50.78
C PHE E 70 -5.46 11.60 -50.20
N GLU E 71 -6.49 12.32 -49.75
CA GLU E 71 -6.27 13.64 -49.18
C GLU E 71 -5.94 13.57 -47.70
N TYR E 72 -6.43 12.54 -47.01
CA TYR E 72 -6.35 12.46 -45.55
C TYR E 72 -5.96 11.05 -45.12
N ALA E 73 -5.29 11.00 -43.96
CA ALA E 73 -5.04 9.79 -43.19
C ALA E 73 -5.70 9.98 -41.82
N LEU E 74 -6.36 8.95 -41.30
CA LEU E 74 -7.06 9.05 -40.01
C LEU E 74 -6.38 8.12 -39.02
N THR E 75 -5.94 8.65 -37.86
N THR E 75 -5.80 8.69 -37.98
CA THR E 75 -5.13 7.90 -36.88
CA THR E 75 -5.32 7.82 -36.93
C THR E 75 -5.96 7.63 -35.62
C THR E 75 -6.49 7.42 -36.06
N GLN E 76 -6.29 6.35 -35.35
CA GLN E 76 -7.23 6.02 -34.30
CA GLN E 76 -7.22 6.01 -34.30
C GLN E 76 -6.56 6.15 -32.93
N ILE E 77 -7.39 6.34 -31.91
CA ILE E 77 -6.89 6.55 -30.56
C ILE E 77 -7.30 5.38 -29.69
N ARG E 78 -6.32 4.80 -29.04
CA ARG E 78 -6.50 3.79 -28.00
C ARG E 78 -5.56 4.14 -26.85
N PHE E 79 -5.97 3.78 -25.62
CA PHE E 79 -5.02 3.76 -24.51
C PHE E 79 -4.64 2.36 -24.08
N THR E 80 -5.49 1.38 -24.37
CA THR E 80 -5.17 -0.02 -24.10
C THR E 80 -5.85 -0.88 -25.16
N ALA E 81 -5.43 -2.14 -25.21
N ALA E 81 -5.53 -2.17 -25.16
CA ALA E 81 -5.79 -3.00 -26.32
CA ALA E 81 -6.34 -3.16 -25.88
C ALA E 81 -7.28 -3.23 -26.34
C ALA E 81 -5.71 -4.53 -25.69
N GLY E 82 -7.85 -3.18 -27.55
N GLY E 82 -6.45 -5.57 -26.07
CA GLY E 82 -9.21 -3.61 -27.79
CA GLY E 82 -6.00 -6.94 -25.94
C GLY E 82 -9.25 -4.11 -29.22
C GLY E 82 -6.13 -7.68 -27.27
N TYR E 83 -10.29 -4.88 -29.53
N TYR E 83 -5.82 -8.97 -27.20
CA TYR E 83 -10.57 -5.36 -30.89
CA TYR E 83 -5.89 -9.86 -28.39
C TYR E 83 -9.35 -5.94 -31.59
C TYR E 83 -4.89 -9.36 -29.43
N GLY E 84 -8.48 -6.58 -30.82
N GLY E 84 -5.25 -9.34 -30.71
CA GLY E 84 -7.32 -7.25 -31.37
CA GLY E 84 -4.35 -8.83 -31.73
C GLY E 84 -6.11 -6.38 -31.61
C GLY E 84 -4.13 -7.33 -31.70
N ALA E 85 -6.01 -5.22 -30.97
N ALA E 85 -5.11 -6.58 -31.15
CA ALA E 85 -4.87 -4.34 -31.18
CA ALA E 85 -5.09 -5.10 -31.12
C ALA E 85 -3.98 -4.36 -29.93
C ALA E 85 -4.19 -4.63 -29.99
N GLU E 86 -3.17 -5.44 -29.80
CA GLU E 86 -2.35 -5.56 -28.60
C GLU E 86 -1.45 -4.35 -28.39
N PHE E 87 -0.98 -3.73 -29.46
CA PHE E 87 -0.08 -2.58 -29.44
C PHE E 87 -0.74 -1.43 -30.18
N GLN E 88 -0.61 -0.21 -29.66
CA GLN E 88 -1.17 0.95 -30.35
C GLN E 88 -0.24 2.13 -30.19
N HIS E 89 0.11 2.80 -31.29
CA HIS E 89 0.89 4.02 -31.15
C HIS E 89 -0.03 5.17 -30.81
N GLU E 90 0.48 6.08 -29.98
CA GLU E 90 -0.33 7.23 -29.55
C GLU E 90 -0.66 8.12 -30.75
N SER E 91 -1.92 8.57 -30.83
CA SER E 91 -2.47 9.11 -32.07
C SER E 91 -1.82 10.44 -32.49
N VAL E 92 -1.59 11.35 -31.55
CA VAL E 92 -1.12 12.67 -31.96
C VAL E 92 0.35 12.62 -32.39
N ALA E 93 1.21 12.05 -31.55
CA ALA E 93 2.62 11.94 -31.91
C ALA E 93 2.81 11.13 -33.19
N PHE E 94 2.04 10.05 -33.36
CA PHE E 94 2.19 9.28 -34.60
C PHE E 94 1.76 10.11 -35.80
N SER E 95 0.67 10.88 -35.66
CA SER E 95 0.25 11.79 -36.73
C SER E 95 1.34 12.79 -37.05
N HIS E 96 1.99 13.35 -36.03
CA HIS E 96 3.08 14.29 -36.28
C HIS E 96 4.16 13.62 -37.12
N ALA E 97 4.50 12.37 -36.77
CA ALA E 97 5.56 11.69 -37.52
C ALA E 97 5.15 11.44 -38.97
N LEU E 98 3.89 11.09 -39.21
CA LEU E 98 3.44 10.87 -40.58
C LEU E 98 3.46 12.16 -41.38
N LEU E 99 3.08 13.28 -40.76
CA LEU E 99 3.18 14.57 -41.42
C LEU E 99 4.63 14.92 -41.75
N ALA E 100 5.55 14.65 -40.84
CA ALA E 100 6.97 14.91 -41.11
C ALA E 100 7.46 14.14 -42.35
N ALA E 101 6.86 12.99 -42.63
CA ALA E 101 7.31 12.15 -43.72
C ALA E 101 6.62 12.44 -45.04
N THR E 102 5.72 13.43 -45.07
CA THR E 102 4.93 13.71 -46.28
C THR E 102 4.97 15.21 -46.60
N SER E 103 4.31 15.57 -47.68
CA SER E 103 4.36 16.94 -48.19
C SER E 103 2.99 17.58 -48.24
N GLN E 104 2.00 16.89 -48.80
CA GLN E 104 0.67 17.45 -48.96
C GLN E 104 -0.39 16.70 -48.18
N LEU E 105 -0.12 15.45 -47.78
CA LEU E 105 -1.13 14.67 -47.06
C LEU E 105 -1.55 15.40 -45.79
N LYS E 106 -2.84 15.36 -45.48
CA LYS E 106 -3.36 15.87 -44.20
C LYS E 106 -3.60 14.70 -43.29
N VAL E 107 -3.26 14.84 -42.01
CA VAL E 107 -3.41 13.74 -41.08
C VAL E 107 -4.35 14.14 -39.95
N ILE E 108 -5.33 13.28 -39.68
CA ILE E 108 -6.36 13.55 -38.69
C ILE E 108 -6.01 12.75 -37.43
N ALA E 109 -5.73 13.44 -36.32
CA ALA E 109 -5.37 12.76 -35.08
C ALA E 109 -6.63 12.58 -34.24
N ALA E 110 -6.93 11.35 -33.85
CA ALA E 110 -8.13 11.11 -33.05
C ALA E 110 -7.85 11.48 -31.59
N ILE E 111 -8.85 12.08 -30.93
CA ILE E 111 -8.74 12.52 -29.55
C ILE E 111 -10.03 12.19 -28.80
N LEU E 112 -9.89 11.60 -27.59
CA LEU E 112 -10.98 11.23 -26.68
C LEU E 112 -11.01 12.21 -25.53
N PRO E 113 -12.00 13.10 -25.46
CA PRO E 113 -12.19 13.91 -24.25
C PRO E 113 -12.31 13.04 -23.01
N GLY E 114 -11.70 13.51 -21.92
CA GLY E 114 -11.61 12.78 -20.68
C GLY E 114 -10.15 12.65 -20.31
N PRO E 115 -9.49 11.65 -20.87
CA PRO E 115 -8.03 11.56 -20.73
C PRO E 115 -7.30 12.63 -21.50
N TRP E 116 -7.93 13.29 -22.47
CA TRP E 116 -7.42 14.48 -23.11
C TRP E 116 -8.19 15.69 -22.59
N GLN E 117 -7.51 16.82 -22.41
CA GLN E 117 -8.09 18.11 -22.07
C GLN E 117 -7.91 19.10 -23.23
N PRO E 118 -8.84 20.04 -23.39
CA PRO E 118 -8.80 20.90 -24.60
C PRO E 118 -7.70 21.94 -24.62
N ALA E 119 -7.25 22.46 -23.47
CA ALA E 119 -6.14 23.41 -23.51
C ALA E 119 -4.89 22.77 -24.11
N LEU E 120 -4.51 21.59 -23.61
CA LEU E 120 -3.34 20.92 -24.14
C LEU E 120 -3.57 20.49 -25.59
N ALA E 121 -4.76 19.94 -25.90
CA ALA E 121 -5.01 19.55 -27.28
C ALA E 121 -4.88 20.74 -28.20
N ALA E 122 -5.42 21.90 -27.79
CA ALA E 122 -5.40 23.06 -28.68
C ALA E 122 -3.97 23.51 -28.95
N LYS E 123 -3.17 23.57 -27.89
CA LYS E 123 -1.79 24.04 -28.02
C LYS E 123 -0.92 23.01 -28.73
N GLN E 124 -1.06 21.72 -28.39
CA GLN E 124 -0.21 20.75 -29.07
C GLN E 124 -0.53 20.70 -30.57
N LEU E 125 -1.82 20.72 -30.91
CA LEU E 125 -2.20 20.69 -32.32
C LEU E 125 -1.76 21.96 -33.04
N ALA E 126 -1.81 23.12 -32.36
CA ALA E 126 -1.38 24.35 -33.01
C ALA E 126 0.12 24.31 -33.29
N THR E 127 0.92 23.80 -32.35
CA THR E 127 2.35 23.68 -32.63
C THR E 127 2.60 22.72 -33.78
N ILE E 128 1.90 21.58 -33.80
CA ILE E 128 2.12 20.63 -34.89
C ILE E 128 1.71 21.25 -36.22
N ASP E 129 0.61 22.01 -36.20
CA ASP E 129 0.18 22.68 -37.43
CA ASP E 129 0.15 22.74 -37.40
C ASP E 129 1.24 23.65 -37.93
N GLN E 130 1.88 24.41 -37.03
CA GLN E 130 2.93 25.33 -37.42
C GLN E 130 4.16 24.59 -37.94
N LEU E 131 4.46 23.41 -37.41
CA LEU E 131 5.62 22.63 -37.85
C LEU E 131 5.37 21.84 -39.13
N THR E 132 4.11 21.69 -39.55
CA THR E 132 3.77 20.85 -40.69
C THR E 132 3.07 21.61 -41.81
N ASN E 133 3.19 22.94 -41.82
CA ASN E 133 2.58 23.76 -42.88
C ASN E 133 1.05 23.58 -42.90
N GLY E 134 0.44 23.44 -41.74
CA GLY E 134 -1.00 23.51 -41.65
C GLY E 134 -1.75 22.26 -42.03
N ARG E 135 -1.18 21.07 -41.81
CA ARG E 135 -1.75 19.84 -42.33
C ARG E 135 -2.34 18.91 -41.26
N ILE E 136 -2.45 19.36 -40.01
CA ILE E 136 -3.01 18.49 -38.96
C ILE E 136 -4.50 18.78 -38.81
N ALA E 137 -5.28 17.75 -38.50
CA ALA E 137 -6.69 17.88 -38.20
C ALA E 137 -6.97 17.01 -36.99
N VAL E 138 -8.18 17.09 -36.45
CA VAL E 138 -8.51 16.30 -35.27
C VAL E 138 -9.83 15.57 -35.49
N ASN E 139 -9.94 14.35 -34.94
CA ASN E 139 -11.21 13.60 -34.92
C ASN E 139 -11.62 13.44 -33.46
N ILE E 140 -12.66 14.14 -33.05
CA ILE E 140 -13.15 14.06 -31.68
C ILE E 140 -14.10 12.88 -31.59
N VAL E 141 -13.72 11.89 -30.80
CA VAL E 141 -14.52 10.69 -30.60
C VAL E 141 -14.95 10.67 -29.13
N SER E 142 -16.19 10.26 -28.90
CA SER E 142 -16.82 10.48 -27.60
C SER E 142 -16.77 9.28 -26.67
N GLY E 143 -16.34 8.12 -27.17
CA GLY E 143 -16.03 6.98 -26.34
C GLY E 143 -17.09 5.91 -26.34
N TRP E 144 -16.63 4.66 -26.25
CA TRP E 144 -17.47 3.48 -26.05
C TRP E 144 -16.80 2.43 -25.17
N PHE E 145 -15.47 2.42 -25.09
CA PHE E 145 -14.71 1.34 -24.46
C PHE E 145 -14.60 1.70 -22.98
N ARG E 146 -15.62 1.30 -22.22
CA ARG E 146 -15.71 1.67 -20.79
C ARG E 146 -14.50 1.17 -20.00
N GLY E 147 -14.09 -0.08 -20.23
CA GLY E 147 -13.00 -0.65 -19.45
C GLY E 147 -11.70 0.11 -19.58
N GLU E 148 -11.45 0.67 -20.78
CA GLU E 148 -10.26 1.49 -20.99
C GLU E 148 -10.26 2.72 -20.11
N PHE E 149 -11.40 3.43 -20.04
CA PHE E 149 -11.50 4.59 -19.16
C PHE E 149 -11.27 4.21 -17.70
N GLN E 150 -11.85 3.10 -17.24
CA GLN E 150 -11.66 2.72 -15.85
CA GLN E 150 -11.67 2.67 -15.86
C GLN E 150 -10.20 2.36 -15.56
N ALA E 151 -9.53 1.73 -16.52
CA ALA E 151 -8.12 1.40 -16.35
C ALA E 151 -7.27 2.64 -16.11
N ILE E 152 -7.60 3.76 -16.76
CA ILE E 152 -6.79 4.98 -16.67
C ILE E 152 -7.44 6.03 -15.76
N GLY E 153 -8.35 5.60 -14.89
CA GLY E 153 -8.79 6.46 -13.81
C GLY E 153 -9.84 7.46 -14.19
N GLU E 154 -10.51 7.28 -15.33
CA GLU E 154 -11.51 8.23 -15.83
C GLU E 154 -12.92 7.74 -15.51
N HIS E 155 -13.81 8.66 -15.12
CA HIS E 155 -15.20 8.29 -14.87
C HIS E 155 -15.97 8.09 -16.18
N TRP E 156 -17.00 7.23 -16.14
CA TRP E 156 -17.76 6.86 -17.35
C TRP E 156 -19.08 7.64 -17.39
N LEU E 157 -19.11 8.68 -18.21
CA LEU E 157 -20.33 9.48 -18.32
C LEU E 157 -21.36 8.75 -19.20
N GLU E 158 -22.62 9.11 -19.01
CA GLU E 158 -23.71 8.54 -19.80
C GLU E 158 -23.53 8.93 -21.27
N HIS E 159 -24.10 8.11 -22.16
CA HIS E 159 -23.86 8.25 -23.60
C HIS E 159 -24.01 9.69 -24.09
N ASP E 160 -25.20 10.29 -23.92
CA ASP E 160 -25.40 11.63 -24.48
C ASP E 160 -24.57 12.67 -23.72
N GLU E 161 -24.30 12.43 -22.44
CA GLU E 161 -23.43 13.30 -21.64
C GLU E 161 -21.99 13.34 -22.20
N ARG E 162 -21.48 12.20 -22.70
CA ARG E 162 -20.18 12.24 -23.36
C ARG E 162 -20.20 13.19 -24.55
N TYR E 163 -21.32 13.21 -25.29
CA TYR E 163 -21.41 14.16 -26.40
C TYR E 163 -21.56 15.59 -25.93
N ARG E 164 -22.20 15.83 -24.79
CA ARG E 164 -22.22 17.19 -24.26
CA ARG E 164 -22.22 17.19 -24.27
C ARG E 164 -20.80 17.65 -23.96
N ARG E 165 -19.99 16.79 -23.37
CA ARG E 165 -18.62 17.14 -23.08
C ARG E 165 -17.80 17.33 -24.38
N SER E 166 -17.96 16.41 -25.33
CA SER E 166 -17.21 16.55 -26.58
C SER E 166 -17.54 17.86 -27.28
N GLU E 167 -18.81 18.29 -27.21
CA GLU E 167 -19.17 19.54 -27.85
C GLU E 167 -18.49 20.73 -27.17
N GLU E 168 -18.41 20.71 -25.84
CA GLU E 168 -17.66 21.76 -25.17
C GLU E 168 -16.18 21.70 -25.56
N PHE E 169 -15.65 20.49 -25.71
CA PHE E 169 -14.27 20.34 -26.15
C PHE E 169 -14.08 20.98 -27.52
N ILE E 170 -15.02 20.72 -28.44
CA ILE E 170 -14.90 21.27 -29.80
C ILE E 170 -15.01 22.81 -29.79
N ARG E 171 -16.02 23.35 -29.10
CA ARG E 171 -16.15 24.81 -28.97
C ARG E 171 -14.88 25.41 -28.39
N SER E 172 -14.26 24.71 -27.41
CA SER E 172 -13.03 25.22 -26.83
C SER E 172 -11.89 25.23 -27.86
N LEU E 173 -11.67 24.11 -28.58
CA LEU E 173 -10.61 24.13 -29.60
C LEU E 173 -10.81 25.27 -30.58
N ARG E 174 -12.02 25.39 -31.15
CA ARG E 174 -12.26 26.40 -32.18
C ARG E 174 -12.05 27.80 -31.63
N GLY E 175 -12.55 28.06 -30.41
CA GLY E 175 -12.42 29.41 -29.85
C GLY E 175 -10.99 29.74 -29.51
N ILE E 176 -10.25 28.77 -28.94
CA ILE E 176 -8.85 29.01 -28.60
C ILE E 176 -8.07 29.32 -29.86
N TRP E 177 -8.32 28.55 -30.92
CA TRP E 177 -7.58 28.72 -32.16
C TRP E 177 -7.95 30.01 -32.89
N SER E 178 -9.14 30.56 -32.65
CA SER E 178 -9.69 31.68 -33.43
C SER E 178 -9.55 33.05 -32.77
N GLN E 179 -9.42 33.13 -31.45
CA GLN E 179 -9.55 34.40 -30.73
C GLN E 179 -8.34 34.61 -29.83
N ASP E 180 -7.93 35.85 -29.66
CA ASP E 180 -7.23 36.14 -28.41
C ASP E 180 -8.29 36.32 -27.34
N ASN E 181 -7.91 36.09 -26.09
CA ASN E 181 -8.80 36.32 -24.99
C ASN E 181 -10.08 35.49 -25.12
N PHE E 182 -9.89 34.18 -25.23
CA PHE E 182 -11.02 33.26 -25.29
C PHE E 182 -11.55 32.93 -23.89
N THR E 183 -12.84 33.14 -23.70
CA THR E 183 -13.52 32.81 -22.44
C THR E 183 -14.63 31.78 -22.72
N PHE E 184 -14.76 30.79 -21.83
CA PHE E 184 -15.74 29.73 -22.03
C PHE E 184 -16.15 29.23 -20.65
N ARG E 185 -17.45 29.23 -20.38
CA ARG E 185 -17.95 28.96 -19.03
C ARG E 185 -18.80 27.70 -19.07
N GLY E 186 -18.16 26.57 -19.32
CA GLY E 186 -18.90 25.35 -19.56
C GLY E 186 -19.16 24.53 -18.31
N ASP E 187 -19.94 23.47 -18.51
CA ASP E 187 -20.16 22.47 -17.46
C ASP E 187 -18.98 21.53 -17.29
N PHE E 188 -18.16 21.37 -18.35
CA PHE E 188 -16.99 20.52 -18.30
C PHE E 188 -15.68 21.27 -18.38
N TYR E 189 -15.62 22.37 -19.13
CA TYR E 189 -14.36 23.06 -19.34
C TYR E 189 -14.58 24.56 -19.16
N ARG E 190 -13.59 25.21 -18.57
CA ARG E 190 -13.60 26.65 -18.38
C ARG E 190 -12.34 27.23 -19.01
N PHE E 191 -12.48 28.43 -19.59
CA PHE E 191 -11.35 29.25 -20.05
C PHE E 191 -11.65 30.67 -19.64
N ASP E 192 -10.61 31.40 -19.30
CA ASP E 192 -10.78 32.77 -18.79
C ASP E 192 -9.75 33.64 -19.51
N ASN E 193 -10.17 34.33 -20.55
CA ASN E 193 -9.31 35.28 -21.28
CA ASN E 193 -9.28 35.30 -21.21
C ASN E 193 -8.01 34.63 -21.70
N TYR E 194 -8.13 33.41 -22.23
CA TYR E 194 -6.96 32.62 -22.59
C TYR E 194 -6.45 33.00 -23.98
N SER E 195 -5.14 33.27 -24.10
CA SER E 195 -4.54 33.63 -25.38
CA SER E 195 -4.51 33.66 -25.36
C SER E 195 -3.47 32.61 -25.75
N LEU E 196 -3.77 31.80 -26.76
CA LEU E 196 -2.81 30.83 -27.26
C LEU E 196 -1.94 31.50 -28.32
N LYS E 197 -0.61 31.34 -28.21
CA LYS E 197 0.33 31.82 -29.25
C LYS E 197 1.51 30.86 -29.32
N PRO E 198 1.88 30.35 -30.51
CA PRO E 198 1.21 30.64 -31.77
C PRO E 198 -0.09 29.85 -31.92
N LYS E 199 -1.03 30.44 -32.64
CA LYS E 199 -2.22 29.76 -33.08
C LYS E 199 -1.86 28.93 -34.31
N PRO E 200 -2.79 28.12 -34.85
CA PRO E 200 -2.46 27.38 -36.08
C PRO E 200 -2.24 28.33 -37.27
N LEU E 201 -1.56 27.81 -38.30
CA LEU E 201 -1.25 28.62 -39.47
CA LEU E 201 -1.26 28.64 -39.47
C LEU E 201 -2.51 29.04 -40.24
N GLY E 202 -3.52 28.18 -40.27
CA GLY E 202 -4.80 28.58 -40.83
C GLY E 202 -5.94 28.11 -39.93
N ARG E 203 -6.88 27.38 -40.50
CA ARG E 203 -8.06 26.91 -39.77
C ARG E 203 -8.07 25.39 -39.76
N PRO E 204 -7.75 24.73 -38.64
CA PRO E 204 -7.76 23.26 -38.65
C PRO E 204 -9.17 22.71 -38.78
N GLU E 205 -9.28 21.57 -39.47
CA GLU E 205 -10.57 20.92 -39.60
C GLU E 205 -10.87 20.03 -38.41
N ILE E 206 -12.13 20.09 -37.97
CA ILE E 206 -12.61 19.28 -36.84
C ILE E 206 -13.56 18.23 -37.39
N PHE E 207 -13.14 16.98 -37.26
CA PHE E 207 -13.90 15.78 -37.56
C PHE E 207 -14.44 15.22 -36.25
N GLN E 208 -15.48 14.39 -36.36
CA GLN E 208 -15.98 13.67 -35.19
C GLN E 208 -16.49 12.31 -35.68
N GLY E 209 -16.42 11.32 -34.83
CA GLY E 209 -16.86 9.97 -35.17
C GLY E 209 -18.00 9.58 -34.25
N GLY E 210 -18.98 8.90 -34.80
CA GLY E 210 -20.16 8.48 -34.06
C GLY E 210 -21.38 8.69 -34.93
N SER E 211 -22.45 7.92 -34.63
CA SER E 211 -23.63 7.87 -35.48
CA SER E 211 -23.63 7.97 -35.50
C SER E 211 -24.95 7.99 -34.73
N SER E 212 -24.92 8.15 -33.42
CA SER E 212 -26.13 8.32 -32.63
C SER E 212 -26.79 9.68 -32.93
N ARG E 213 -28.02 9.85 -32.42
CA ARG E 213 -28.65 11.17 -32.46
C ARG E 213 -27.77 12.23 -31.82
N ALA E 214 -27.17 11.93 -30.66
CA ALA E 214 -26.25 12.89 -30.05
C ALA E 214 -25.12 13.26 -31.00
N ALA E 215 -24.53 12.28 -31.69
CA ALA E 215 -23.45 12.59 -32.64
C ALA E 215 -23.94 13.49 -33.76
N ARG E 216 -25.12 13.18 -34.34
CA ARG E 216 -25.60 13.96 -35.47
C ARG E 216 -25.92 15.39 -35.04
N ASP E 217 -26.51 15.54 -33.85
CA ASP E 217 -26.82 16.87 -33.33
C ASP E 217 -25.55 17.68 -33.15
N MET E 218 -24.51 17.06 -32.58
CA MET E 218 -23.25 17.79 -32.39
C MET E 218 -22.67 18.22 -33.74
N ALA E 219 -22.71 17.31 -34.72
CA ALA E 219 -22.10 17.63 -36.01
C ALA E 219 -22.82 18.80 -36.68
N ALA E 220 -24.15 18.84 -36.57
CA ALA E 220 -24.96 19.91 -37.14
C ALA E 220 -24.76 21.24 -36.42
N ARG E 221 -24.04 21.25 -35.29
CA ARG E 221 -23.77 22.49 -34.59
CA ARG E 221 -23.76 22.46 -34.53
C ARG E 221 -22.34 22.99 -34.71
N VAL E 222 -21.33 22.13 -34.57
CA VAL E 222 -19.98 22.64 -34.36
C VAL E 222 -18.92 21.97 -35.24
N SER E 223 -19.17 20.81 -35.83
CA SER E 223 -18.05 20.11 -36.47
C SER E 223 -17.99 20.39 -37.97
N ASP E 224 -16.79 20.19 -38.54
CA ASP E 224 -16.66 20.36 -39.98
C ASP E 224 -17.03 19.09 -40.73
N TRP E 225 -16.81 17.93 -40.12
CA TRP E 225 -17.09 16.65 -40.78
C TRP E 225 -17.73 15.70 -39.79
N TYR E 226 -18.74 15.00 -40.27
CA TYR E 226 -19.39 13.89 -39.56
C TYR E 226 -18.83 12.63 -40.21
N PHE E 227 -18.04 11.84 -39.46
CA PHE E 227 -17.58 10.54 -39.91
C PHE E 227 -18.44 9.46 -39.28
N THR E 228 -18.89 8.49 -40.08
CA THR E 228 -19.81 7.47 -39.60
C THR E 228 -19.33 6.06 -39.97
N ASN E 229 -19.87 5.06 -39.28
CA ASN E 229 -19.49 3.69 -39.58
C ASN E 229 -20.07 3.26 -40.94
N GLY E 230 -19.56 2.15 -41.48
CA GLY E 230 -20.10 1.62 -42.72
C GLY E 230 -21.58 1.26 -42.60
N ASN E 231 -22.27 1.27 -43.74
CA ASN E 231 -23.72 1.06 -43.71
C ASN E 231 -24.19 0.90 -45.13
N SER E 232 -25.43 0.47 -45.29
CA SER E 232 -26.04 0.47 -46.62
C SER E 232 -26.27 1.92 -47.09
N VAL E 233 -26.48 2.07 -48.40
CA VAL E 233 -26.81 3.38 -48.96
C VAL E 233 -28.00 3.99 -48.21
N GLU E 234 -29.04 3.20 -47.97
CA GLU E 234 -30.23 3.71 -47.31
C GLU E 234 -29.93 4.14 -45.88
N GLY E 235 -29.09 3.37 -45.18
CA GLY E 235 -28.75 3.73 -43.81
C GLY E 235 -27.94 5.01 -43.77
N ILE E 236 -27.03 5.18 -44.72
CA ILE E 236 -26.27 6.44 -44.81
C ILE E 236 -27.19 7.60 -45.13
N LYS E 237 -28.10 7.39 -46.10
CA LYS E 237 -29.01 8.45 -46.52
C LYS E 237 -29.83 8.96 -45.34
N ALA E 238 -30.33 8.04 -44.51
CA ALA E 238 -31.14 8.46 -43.34
C ALA E 238 -30.36 9.38 -42.42
N GLN E 239 -29.08 9.08 -42.20
CA GLN E 239 -28.21 9.94 -41.37
C GLN E 239 -27.97 11.28 -42.02
N VAL E 240 -27.61 11.27 -43.32
CA VAL E 240 -27.36 12.52 -44.04
C VAL E 240 -28.60 13.42 -44.02
N ASP E 241 -29.78 12.85 -44.28
CA ASP E 241 -30.97 13.69 -44.34
C ASP E 241 -31.25 14.39 -42.99
N ASP E 242 -31.03 13.68 -41.89
CA ASP E 242 -31.22 14.25 -40.56
C ASP E 242 -30.22 15.38 -40.30
N ILE E 243 -28.94 15.12 -40.60
CA ILE E 243 -27.89 16.13 -40.42
C ILE E 243 -28.15 17.35 -41.29
N ARG E 244 -28.55 17.14 -42.55
CA ARG E 244 -28.73 18.27 -43.47
CA ARG E 244 -28.72 18.29 -43.44
C ARG E 244 -29.81 19.21 -42.94
N ALA E 245 -30.92 18.64 -42.46
CA ALA E 245 -32.00 19.47 -41.97
C ALA E 245 -31.59 20.19 -40.68
N LYS E 246 -30.93 19.47 -39.76
CA LYS E 246 -30.52 20.11 -38.49
C LYS E 246 -29.46 21.17 -38.73
N ALA E 247 -28.48 20.87 -39.58
CA ALA E 247 -27.43 21.83 -39.88
C ALA E 247 -27.98 23.07 -40.58
N ALA E 248 -28.98 22.90 -41.46
CA ALA E 248 -29.61 24.06 -42.10
C ALA E 248 -30.30 24.94 -41.07
N ALA E 249 -30.98 24.32 -40.09
CA ALA E 249 -31.64 25.11 -39.04
C ALA E 249 -30.64 25.85 -38.16
N ASN E 250 -29.46 25.27 -37.96
CA ASN E 250 -28.39 25.94 -37.21
C ASN E 250 -27.56 26.89 -38.06
N HIS E 251 -27.79 26.94 -39.38
CA HIS E 251 -26.95 27.75 -40.27
C HIS E 251 -25.47 27.41 -40.06
N HIS E 252 -25.17 26.10 -40.15
CA HIS E 252 -23.84 25.56 -39.89
C HIS E 252 -23.50 24.60 -41.02
N SER E 253 -22.24 24.60 -41.46
CA SER E 253 -21.84 23.75 -42.59
C SER E 253 -21.12 22.51 -42.07
N VAL E 254 -21.48 21.35 -42.59
CA VAL E 254 -20.84 20.10 -42.19
C VAL E 254 -20.87 19.14 -43.38
N LYS E 255 -19.78 18.40 -43.56
CA LYS E 255 -19.62 17.43 -44.64
C LYS E 255 -19.64 16.02 -44.07
N ILE E 256 -19.81 15.02 -44.94
CA ILE E 256 -20.10 13.64 -44.50
C ILE E 256 -19.01 12.73 -45.02
N GLY E 257 -18.45 11.90 -44.14
CA GLY E 257 -17.52 10.85 -44.55
C GLY E 257 -18.01 9.51 -44.04
N VAL E 258 -17.79 8.45 -44.83
CA VAL E 258 -18.32 7.14 -44.47
C VAL E 258 -17.18 6.13 -44.52
N ASN E 259 -17.09 5.28 -43.48
CA ASN E 259 -16.09 4.21 -43.46
C ASN E 259 -16.47 3.12 -44.47
N ALA E 260 -15.47 2.60 -45.18
CA ALA E 260 -15.68 1.44 -46.05
C ALA E 260 -14.41 0.60 -46.07
N PHE E 261 -14.55 -0.70 -45.87
CA PHE E 261 -13.41 -1.59 -45.99
C PHE E 261 -13.35 -2.00 -47.45
N VAL E 262 -12.34 -1.53 -48.17
CA VAL E 262 -12.30 -1.64 -49.63
C VAL E 262 -11.53 -2.91 -49.98
N ILE E 263 -12.19 -3.84 -50.68
CA ILE E 263 -11.52 -5.01 -51.24
C ILE E 263 -11.73 -4.96 -52.75
N ALA E 264 -10.76 -4.37 -53.44
CA ALA E 264 -10.77 -4.22 -54.89
C ALA E 264 -9.85 -5.27 -55.49
N ARG E 265 -10.38 -6.05 -56.41
CA ARG E 265 -9.58 -7.07 -57.10
C ARG E 265 -10.05 -7.12 -58.55
N ASP E 266 -9.22 -7.72 -59.41
CA ASP E 266 -9.57 -7.76 -60.83
C ASP E 266 -10.88 -8.48 -61.08
N THR E 267 -11.22 -9.47 -60.25
CA THR E 267 -12.51 -10.14 -60.32
C THR E 267 -13.29 -9.96 -59.01
N GLU E 268 -14.61 -9.90 -59.15
CA GLU E 268 -15.48 -9.92 -57.98
C GLU E 268 -15.31 -11.20 -57.18
N GLU E 269 -15.12 -12.33 -57.87
CA GLU E 269 -14.93 -13.59 -57.16
C GLU E 269 -13.76 -13.51 -56.20
N GLU E 270 -12.65 -12.91 -56.65
CA GLU E 270 -11.48 -12.83 -55.78
C GLU E 270 -11.74 -11.92 -54.60
N ALA E 271 -12.38 -10.76 -54.83
CA ALA E 271 -12.69 -9.86 -53.71
C ALA E 271 -13.57 -10.56 -52.68
N LYS E 272 -14.57 -11.32 -53.15
CA LYS E 272 -15.47 -11.99 -52.22
C LYS E 272 -14.77 -13.14 -51.49
N ALA E 273 -13.85 -13.81 -52.16
CA ALA E 273 -13.06 -14.86 -51.52
C ALA E 273 -12.22 -14.29 -50.39
N VAL E 274 -11.61 -13.11 -50.60
CA VAL E 274 -10.82 -12.47 -49.55
C VAL E 274 -11.71 -12.14 -48.35
N LEU E 275 -12.87 -11.52 -48.62
CA LEU E 275 -13.80 -11.21 -47.54
C LEU E 275 -14.15 -12.46 -46.75
N ALA E 276 -14.40 -13.58 -47.43
CA ALA E 276 -14.74 -14.79 -46.71
C ALA E 276 -13.56 -15.31 -45.87
N GLN E 277 -12.34 -15.16 -46.38
CA GLN E 277 -11.17 -15.61 -45.62
C GLN E 277 -10.95 -14.76 -44.38
N ILE E 278 -11.12 -13.43 -44.49
CA ILE E 278 -11.04 -12.57 -43.30
C ILE E 278 -12.02 -13.05 -42.22
N ILE E 279 -13.26 -13.32 -42.61
CA ILE E 279 -14.28 -13.67 -41.63
C ILE E 279 -14.07 -15.09 -41.12
N ASP E 280 -13.69 -16.01 -42.01
CA ASP E 280 -13.42 -17.38 -41.59
C ASP E 280 -12.32 -17.46 -40.54
N GLN E 281 -11.34 -16.56 -40.60
CA GLN E 281 -10.20 -16.57 -39.70
C GLN E 281 -10.37 -15.58 -38.55
N ALA E 282 -11.59 -15.09 -38.32
CA ALA E 282 -11.85 -14.19 -37.22
C ALA E 282 -11.38 -14.77 -35.90
N ASP E 283 -10.89 -13.90 -35.02
CA ASP E 283 -10.53 -14.28 -33.65
C ASP E 283 -11.82 -14.18 -32.83
N PRO E 284 -12.50 -15.29 -32.54
CA PRO E 284 -13.85 -15.17 -31.96
C PRO E 284 -13.88 -14.61 -30.54
N GLU E 285 -12.92 -14.96 -29.70
CA GLU E 285 -12.88 -14.35 -28.36
C GLU E 285 -12.65 -12.85 -28.47
N ALA E 286 -11.80 -12.43 -29.42
CA ALA E 286 -11.58 -11.00 -29.63
C ALA E 286 -12.83 -10.34 -30.18
N VAL E 287 -13.53 -10.99 -31.10
CA VAL E 287 -14.74 -10.41 -31.67
C VAL E 287 -15.82 -10.25 -30.59
N ASN E 288 -16.06 -11.32 -29.81
CA ASN E 288 -17.09 -11.26 -28.78
C ASN E 288 -16.77 -10.22 -27.72
N ALA E 289 -15.51 -10.11 -27.32
CA ALA E 289 -15.14 -9.10 -26.31
C ALA E 289 -15.35 -7.69 -26.84
N PHE E 290 -14.95 -7.45 -28.08
CA PHE E 290 -15.23 -6.16 -28.70
C PHE E 290 -16.73 -5.91 -28.79
N GLY E 291 -17.50 -6.89 -29.28
CA GLY E 291 -18.95 -6.70 -29.36
C GLY E 291 -19.60 -6.40 -28.02
N ASP E 292 -19.15 -7.08 -26.96
CA ASP E 292 -19.73 -6.78 -25.65
C ASP E 292 -19.41 -5.35 -25.23
N ALA E 293 -18.18 -4.89 -25.45
CA ALA E 293 -17.84 -3.52 -25.05
C ALA E 293 -18.53 -2.47 -25.92
N ALA E 294 -18.73 -2.79 -27.21
CA ALA E 294 -19.34 -1.86 -28.16
C ALA E 294 -20.79 -1.57 -27.83
N LYS E 295 -21.42 -2.39 -26.94
CA LYS E 295 -22.77 -2.09 -26.50
C LYS E 295 -22.88 -0.75 -25.79
N GLN E 296 -21.76 -0.17 -25.35
CA GLN E 296 -21.80 1.14 -24.71
C GLN E 296 -21.88 2.30 -25.71
N ALA E 297 -21.91 2.01 -27.02
CA ALA E 297 -22.09 3.07 -28.01
C ALA E 297 -23.58 3.17 -28.36
N GLY E 298 -23.94 2.84 -29.62
CA GLY E 298 -25.31 3.08 -30.08
C GLY E 298 -26.38 2.42 -29.21
N ARG E 299 -26.16 1.17 -28.79
CA ARG E 299 -27.19 0.50 -28.00
C ARG E 299 -27.49 1.24 -26.69
N ALA E 300 -26.50 1.93 -26.13
CA ALA E 300 -26.67 2.61 -24.85
C ALA E 300 -27.24 4.02 -24.98
N SER E 301 -27.42 4.52 -26.21
CA SER E 301 -28.04 5.85 -26.37
C SER E 301 -29.54 5.74 -26.10
N PRO E 302 -30.20 6.86 -25.82
CA PRO E 302 -31.64 6.80 -25.54
C PRO E 302 -32.45 6.16 -26.66
N GLU E 303 -32.03 6.35 -27.91
CA GLU E 303 -32.71 5.78 -29.07
C GLU E 303 -32.32 4.33 -29.32
N GLY E 304 -31.26 3.85 -28.70
CA GLY E 304 -30.74 2.54 -29.04
C GLY E 304 -30.14 2.45 -30.44
N GLU E 305 -29.73 3.58 -31.02
CA GLU E 305 -29.24 3.62 -32.39
C GLU E 305 -27.87 4.29 -32.41
N GLY E 306 -26.97 3.75 -33.22
CA GLY E 306 -25.64 4.31 -33.35
C GLY E 306 -24.64 3.18 -33.56
N ASN E 307 -23.36 3.52 -33.34
CA ASN E 307 -22.28 2.59 -33.67
C ASN E 307 -22.53 1.22 -33.02
N TRP E 308 -22.45 0.17 -33.84
CA TRP E 308 -22.50 -1.23 -33.41
C TRP E 308 -23.84 -1.69 -32.87
N ALA E 309 -24.89 -0.84 -32.91
CA ALA E 309 -26.18 -1.24 -32.34
C ALA E 309 -26.81 -2.39 -33.11
N LYS E 310 -26.49 -2.54 -34.39
CA LYS E 310 -27.08 -3.60 -35.20
C LYS E 310 -25.99 -4.44 -35.87
N SER E 311 -24.89 -4.70 -35.17
CA SER E 311 -23.77 -5.43 -35.78
C SER E 311 -23.78 -6.88 -35.34
N THR E 312 -23.78 -7.78 -36.32
CA THR E 312 -23.59 -9.20 -36.04
C THR E 312 -22.11 -9.50 -35.83
N PHE E 313 -21.83 -10.75 -35.46
CA PHE E 313 -20.46 -11.22 -35.30
C PHE E 313 -19.64 -10.96 -36.57
N GLU E 314 -20.18 -11.33 -37.74
CA GLU E 314 -19.48 -11.08 -39.01
C GLU E 314 -19.25 -9.59 -39.27
N ASP E 315 -20.24 -8.73 -38.95
CA ASP E 315 -20.04 -7.29 -39.13
C ASP E 315 -18.89 -6.80 -38.26
N LEU E 316 -18.84 -7.28 -37.02
CA LEU E 316 -17.85 -6.80 -36.06
C LEU E 316 -16.43 -7.14 -36.48
N VAL E 317 -16.25 -8.10 -37.38
CA VAL E 317 -14.90 -8.44 -37.80
C VAL E 317 -14.17 -7.24 -38.42
N GLN E 318 -14.91 -6.32 -39.07
CA GLN E 318 -14.34 -5.02 -39.40
C GLN E 318 -14.89 -4.06 -38.34
N TYR E 319 -14.00 -3.49 -37.54
CA TYR E 319 -14.50 -2.90 -36.28
C TYR E 319 -15.16 -1.52 -36.39
N ASN E 320 -15.33 -0.97 -37.60
CA ASN E 320 -16.26 0.14 -37.81
C ASN E 320 -17.33 -0.19 -38.87
N ASP E 321 -17.73 -1.47 -38.94
CA ASP E 321 -18.80 -1.93 -39.82
C ASP E 321 -18.46 -1.70 -41.29
N GLY E 322 -17.17 -1.70 -41.62
CA GLY E 322 -16.69 -1.36 -42.96
C GLY E 322 -17.15 -2.28 -44.07
N PHE E 323 -17.46 -3.54 -43.77
CA PHE E 323 -17.90 -4.45 -44.84
C PHE E 323 -19.27 -4.05 -45.37
N LYS E 324 -20.08 -3.39 -44.54
CA LYS E 324 -21.46 -3.05 -44.90
C LYS E 324 -21.54 -2.10 -46.09
N THR E 325 -20.54 -1.23 -46.26
CA THR E 325 -20.56 -0.28 -47.36
C THR E 325 -20.36 -0.95 -48.71
N ASN E 326 -19.94 -2.22 -48.72
CA ASN E 326 -19.95 -3.07 -49.93
C ASN E 326 -19.04 -2.55 -51.03
N LEU E 327 -17.93 -1.93 -50.66
CA LEU E 327 -16.90 -1.55 -51.64
C LEU E 327 -15.94 -2.73 -51.84
N ILE E 328 -16.52 -3.83 -52.33
CA ILE E 328 -15.89 -5.14 -52.38
C ILE E 328 -16.24 -5.71 -53.75
N GLY E 329 -15.27 -5.76 -54.64
CA GLY E 329 -15.54 -6.20 -56.01
C GLY E 329 -14.48 -5.67 -56.96
N THR E 330 -14.85 -5.55 -58.23
CA THR E 330 -13.94 -5.03 -59.22
C THR E 330 -13.78 -3.52 -59.05
N PRO E 331 -12.73 -2.94 -59.65
CA PRO E 331 -12.61 -1.47 -59.64
C PRO E 331 -13.85 -0.78 -60.18
N GLN E 332 -14.42 -1.33 -61.27
CA GLN E 332 -15.60 -0.69 -61.85
C GLN E 332 -16.77 -0.73 -60.89
N GLN E 333 -17.03 -1.90 -60.27
CA GLN E 333 -18.11 -1.98 -59.28
C GLN E 333 -17.91 -0.98 -58.14
N ILE E 334 -16.69 -0.90 -57.62
CA ILE E 334 -16.40 -0.02 -56.48
C ILE E 334 -16.57 1.44 -56.88
N ALA E 335 -16.08 1.80 -58.06
CA ALA E 335 -16.22 3.17 -58.54
C ALA E 335 -17.70 3.56 -58.66
N GLU E 336 -18.51 2.69 -59.27
CA GLU E 336 -19.94 2.93 -59.39
C GLU E 336 -20.60 3.10 -58.02
N ARG E 337 -20.28 2.24 -57.08
CA ARG E 337 -20.90 2.34 -55.75
C ARG E 337 -20.45 3.61 -55.01
N ILE E 338 -19.21 4.05 -55.23
CA ILE E 338 -18.74 5.31 -54.63
C ILE E 338 -19.56 6.48 -55.17
N VAL E 339 -19.77 6.51 -56.50
CA VAL E 339 -20.61 7.57 -57.07
C VAL E 339 -22.04 7.48 -56.56
N ALA E 340 -22.55 6.27 -56.34
CA ALA E 340 -23.88 6.12 -55.75
C ALA E 340 -23.94 6.65 -54.32
N LEU E 341 -22.88 6.52 -53.55
CA LEU E 341 -22.86 7.12 -52.21
C LEU E 341 -22.85 8.63 -52.29
N LYS E 342 -22.15 9.18 -53.28
CA LYS E 342 -22.13 10.63 -53.48
C LYS E 342 -23.56 11.15 -53.70
N ALA E 343 -24.40 10.34 -54.37
CA ALA E 343 -25.78 10.75 -54.66
C ALA E 343 -26.65 10.88 -53.43
N VAL E 344 -26.28 10.25 -52.31
CA VAL E 344 -27.05 10.44 -51.07
C VAL E 344 -26.39 11.42 -50.10
N GLY E 345 -25.33 12.09 -50.53
CA GLY E 345 -24.74 13.16 -49.78
C GLY E 345 -23.39 12.85 -49.14
N VAL E 346 -22.69 11.80 -49.57
CA VAL E 346 -21.38 11.48 -49.03
C VAL E 346 -20.32 12.34 -49.72
N ASP E 347 -19.50 13.02 -48.94
CA ASP E 347 -18.43 13.87 -49.46
C ASP E 347 -17.06 13.19 -49.41
N LEU E 348 -16.92 12.13 -48.63
CA LEU E 348 -15.63 11.51 -48.40
C LEU E 348 -15.82 10.02 -48.14
N VAL E 349 -14.99 9.18 -48.78
CA VAL E 349 -14.92 7.76 -48.46
C VAL E 349 -13.67 7.54 -47.63
N LEU E 350 -13.85 6.95 -46.45
CA LEU E 350 -12.76 6.65 -45.51
C LEU E 350 -12.47 5.15 -45.65
N ALA E 351 -11.30 4.82 -46.22
CA ALA E 351 -11.01 3.46 -46.67
C ALA E 351 -10.11 2.70 -45.70
N GLY E 352 -10.53 1.49 -45.30
CA GLY E 352 -9.66 0.51 -44.69
C GLY E 352 -9.27 -0.55 -45.74
N PHE E 353 -8.15 -1.22 -45.49
CA PHE E 353 -7.62 -2.23 -46.42
C PHE E 353 -7.03 -3.40 -45.64
N LEU E 354 -6.85 -4.52 -46.32
CA LEU E 354 -6.22 -5.67 -45.69
C LEU E 354 -4.69 -5.56 -45.72
N HIS E 355 -4.12 -5.47 -46.93
CA HIS E 355 -2.68 -5.31 -47.14
C HIS E 355 -2.48 -3.86 -47.56
N PHE E 356 -2.21 -2.96 -46.59
CA PHE E 356 -2.41 -1.55 -46.87
C PHE E 356 -1.55 -1.02 -48.02
N GLN E 357 -0.23 -1.21 -47.94
CA GLN E 357 0.65 -0.60 -48.94
C GLN E 357 0.25 -1.02 -50.36
N GLU E 358 0.10 -2.33 -50.60
CA GLU E 358 -0.15 -2.74 -51.98
C GLU E 358 -1.56 -2.38 -52.42
N GLU E 359 -2.51 -2.31 -51.49
CA GLU E 359 -3.89 -2.04 -51.89
C GLU E 359 -4.12 -0.55 -52.04
N VAL E 360 -3.42 0.28 -51.27
CA VAL E 360 -3.46 1.72 -51.51
C VAL E 360 -2.91 2.04 -52.88
N GLU E 361 -1.84 1.35 -53.26
CA GLU E 361 -1.25 1.60 -54.57
C GLU E 361 -2.20 1.17 -55.69
N TYR E 362 -2.81 -0.01 -55.55
CA TYR E 362 -3.77 -0.47 -56.55
C TYR E 362 -5.00 0.44 -56.58
N PHE E 363 -5.44 0.90 -55.41
CA PHE E 363 -6.57 1.83 -55.38
C PHE E 363 -6.27 3.05 -56.22
N GLY E 364 -5.09 3.64 -56.04
CA GLY E 364 -4.73 4.81 -56.82
C GLY E 364 -4.55 4.54 -58.31
N GLN E 365 -4.10 3.34 -58.67
CA GLN E 365 -3.88 3.06 -60.10
C GLN E 365 -5.15 2.64 -60.82
N ARG E 366 -6.09 2.00 -60.12
CA ARG E 366 -7.16 1.26 -60.78
C ARG E 366 -8.56 1.71 -60.40
N VAL E 367 -8.78 2.24 -59.18
CA VAL E 367 -10.12 2.55 -58.72
C VAL E 367 -10.35 4.07 -58.77
N LEU E 368 -9.48 4.81 -58.08
CA LEU E 368 -9.62 6.27 -58.06
C LEU E 368 -9.78 6.88 -59.45
N PRO E 369 -8.97 6.50 -60.46
CA PRO E 369 -9.20 7.05 -61.81
C PRO E 369 -10.57 6.73 -62.40
N LEU E 370 -11.15 5.56 -62.09
CA LEU E 370 -12.49 5.28 -62.59
C LEU E 370 -13.52 6.20 -61.92
N VAL E 371 -13.35 6.44 -60.61
CA VAL E 371 -14.22 7.42 -59.94
C VAL E 371 -14.11 8.78 -60.65
N ARG E 372 -12.88 9.21 -60.93
CA ARG E 372 -12.73 10.53 -61.54
C ARG E 372 -13.34 10.58 -62.94
N GLU E 373 -13.22 9.47 -63.70
CA GLU E 373 -13.83 9.42 -65.02
C GLU E 373 -15.35 9.47 -64.91
N LEU E 374 -15.92 8.76 -63.93
CA LEU E 374 -17.37 8.80 -63.74
C LEU E 374 -17.84 10.20 -63.34
N GLU E 375 -17.09 10.89 -62.48
CA GLU E 375 -17.47 12.25 -62.10
C GLU E 375 -17.38 13.20 -63.28
N ALA E 376 -16.36 13.06 -64.13
CA ALA E 376 -16.27 13.95 -65.28
C ALA E 376 -17.42 13.71 -66.27
N LYS E 377 -17.80 12.45 -66.47
CA LYS E 377 -18.93 12.14 -67.35
C LYS E 377 -20.24 12.70 -66.79
N ALA E 378 -20.47 12.55 -65.48
CA ALA E 378 -21.68 13.14 -64.88
C ALA E 378 -21.68 14.66 -65.04
N GLN E 379 -20.50 15.29 -65.03
CA GLN E 379 -20.42 16.75 -65.13
C GLN E 379 -20.85 17.25 -66.49
N SER E 380 -20.73 16.42 -67.53
CA SER E 380 -21.20 16.81 -68.85
C SER E 380 -22.71 16.63 -68.98
N ALA E 381 -23.26 15.56 -68.39
CA ALA E 381 -24.69 15.29 -68.43
C ALA E 381 -25.55 16.43 -67.85
N GLN F 27 32.45 11.30 -11.74
CA GLN F 27 32.19 11.06 -13.15
C GLN F 27 32.26 12.36 -13.96
N ALA F 28 32.32 12.23 -15.29
CA ALA F 28 32.41 13.41 -16.14
C ALA F 28 31.14 14.25 -16.01
N VAL F 29 31.31 15.56 -15.90
CA VAL F 29 30.14 16.43 -15.78
C VAL F 29 29.40 16.44 -17.12
N LYS F 30 28.08 16.50 -17.06
CA LYS F 30 27.26 16.50 -18.27
C LYS F 30 26.75 17.92 -18.56
N PHE F 31 26.35 18.15 -19.82
CA PHE F 31 25.88 19.46 -20.23
C PHE F 31 24.54 19.37 -20.93
N ALA F 32 23.62 20.26 -20.55
CA ALA F 32 22.37 20.45 -21.27
C ALA F 32 22.28 21.91 -21.67
N TYR F 33 21.41 22.19 -22.65
CA TYR F 33 21.09 23.56 -23.02
C TYR F 33 19.58 23.73 -23.01
N TRP F 34 19.13 24.95 -22.68
CA TRP F 34 17.70 25.28 -22.79
C TRP F 34 17.35 25.47 -24.26
N VAL F 35 16.35 24.74 -24.73
CA VAL F 35 15.79 24.98 -26.05
C VAL F 35 15.09 26.34 -26.06
N PRO F 36 15.48 27.27 -26.91
CA PRO F 36 14.69 28.52 -27.01
C PRO F 36 13.39 28.31 -27.79
N ASN F 37 12.42 27.60 -27.20
CA ASN F 37 11.14 27.43 -27.87
C ASN F 37 10.18 28.55 -27.52
N VAL F 38 10.69 29.59 -26.83
CA VAL F 38 9.94 30.76 -26.38
C VAL F 38 10.54 31.99 -27.04
N SER F 39 9.69 32.91 -27.50
CA SER F 39 10.14 33.95 -28.43
C SER F 39 11.07 34.99 -27.83
N GLY F 40 11.18 35.10 -26.52
CA GLY F 40 12.15 36.03 -25.99
C GLY F 40 13.50 35.44 -25.69
N GLY F 41 13.76 34.20 -26.10
CA GLY F 41 15.04 33.64 -25.71
C GLY F 41 15.06 33.34 -24.22
N LEU F 42 16.25 33.42 -23.64
CA LEU F 42 16.50 33.02 -22.26
C LEU F 42 16.68 34.23 -21.33
N VAL F 43 16.26 35.42 -21.76
CA VAL F 43 16.39 36.62 -20.95
C VAL F 43 15.12 37.44 -21.08
N VAL F 44 14.84 38.27 -20.07
CA VAL F 44 13.70 39.16 -20.13
C VAL F 44 14.21 40.54 -20.51
N SER F 45 14.58 40.69 -21.79
CA SER F 45 15.32 41.86 -22.21
C SER F 45 15.01 42.11 -23.68
N ARG F 46 15.06 43.38 -24.08
CA ARG F 46 14.87 43.78 -25.48
C ARG F 46 16.14 43.67 -26.31
N ILE F 47 17.26 43.24 -25.72
CA ILE F 47 18.52 43.14 -26.45
C ILE F 47 18.35 42.25 -27.68
N GLU F 48 18.93 42.69 -28.81
CA GLU F 48 18.83 41.89 -30.03
C GLU F 48 19.59 40.58 -29.84
N GLN F 49 18.95 39.47 -30.18
CA GLN F 49 19.55 38.14 -30.06
C GLN F 49 19.53 37.44 -31.40
N ARG F 50 20.62 36.75 -31.71
CA ARG F 50 20.68 35.90 -32.89
C ARG F 50 20.20 34.51 -32.49
N THR F 51 18.93 34.50 -32.05
CA THR F 51 18.23 33.33 -31.55
C THR F 51 16.80 33.42 -32.06
N ASP F 52 16.19 32.27 -32.38
CA ASP F 52 14.80 32.26 -32.85
C ASP F 52 14.07 31.07 -32.21
N TRP F 53 12.75 31.17 -32.09
CA TRP F 53 11.95 30.15 -31.45
C TRP F 53 11.34 29.15 -32.43
N GLY F 54 11.54 29.37 -33.74
CA GLY F 54 10.99 28.47 -34.75
C GLY F 54 11.75 27.15 -34.86
N ILE F 55 11.11 26.21 -35.55
CA ILE F 55 11.67 24.88 -35.69
C ILE F 55 12.94 24.90 -36.55
N ASP F 56 13.00 25.75 -37.57
CA ASP F 56 14.18 25.72 -38.44
C ASP F 56 15.45 26.07 -37.66
N TYR F 57 15.41 27.19 -36.94
CA TYR F 57 16.55 27.59 -36.11
C TYR F 57 16.87 26.51 -35.10
N ASN F 58 15.84 25.89 -34.53
CA ASN F 58 16.07 24.98 -33.42
C ASN F 58 16.56 23.62 -33.88
N ARG F 59 16.21 23.17 -35.08
CA ARG F 59 16.78 21.93 -35.61
C ARG F 59 18.30 22.08 -35.78
N LYS F 60 18.72 23.20 -36.36
CA LYS F 60 20.15 23.44 -36.55
C LYS F 60 20.86 23.59 -35.22
N LEU F 61 20.24 24.30 -34.27
CA LEU F 61 20.80 24.46 -32.93
C LEU F 61 21.01 23.11 -32.26
N ALA F 62 20.00 22.22 -32.34
CA ALA F 62 20.13 20.90 -31.73
C ALA F 62 21.26 20.10 -32.37
N GLN F 63 21.43 20.21 -33.69
CA GLN F 63 22.54 19.50 -34.34
C GLN F 63 23.89 20.07 -33.91
N LEU F 64 23.98 21.40 -33.77
CA LEU F 64 25.21 22.01 -33.26
C LEU F 64 25.51 21.60 -31.82
N ALA F 65 24.48 21.48 -30.98
CA ALA F 65 24.70 21.13 -29.58
C ALA F 65 25.20 19.70 -29.44
N GLU F 66 24.60 18.79 -30.20
CA GLU F 66 25.05 17.40 -30.26
C GLU F 66 26.50 17.36 -30.72
N ALA F 67 26.84 18.15 -31.74
CA ALA F 67 28.22 18.18 -32.22
C ALA F 67 29.15 18.83 -31.20
N ALA F 68 28.65 19.79 -30.42
CA ALA F 68 29.49 20.46 -29.43
C ALA F 68 29.71 19.63 -28.17
N GLY F 69 28.93 18.59 -27.95
CA GLY F 69 29.11 17.75 -26.77
C GLY F 69 28.05 17.89 -25.71
N PHE F 70 26.93 18.55 -26.01
CA PHE F 70 25.82 18.58 -25.08
C PHE F 70 25.08 17.25 -25.12
N GLU F 71 24.77 16.71 -23.95
CA GLU F 71 24.05 15.45 -23.92
C GLU F 71 22.55 15.64 -23.99
N TYR F 72 22.04 16.77 -23.47
CA TYR F 72 20.60 16.99 -23.33
C TYR F 72 20.20 18.37 -23.84
N ALA F 73 18.96 18.46 -24.33
CA ALA F 73 18.26 19.73 -24.54
C ALA F 73 17.06 19.74 -23.62
N LEU F 74 16.74 20.90 -23.04
CA LEU F 74 15.58 21.01 -22.14
C LEU F 74 14.59 21.97 -22.78
N THR F 75 13.35 21.51 -23.00
N THR F 75 13.42 21.45 -23.14
CA THR F 75 12.29 22.31 -23.63
CA THR F 75 12.36 22.36 -23.51
C THR F 75 11.25 22.74 -22.59
C THR F 75 11.67 22.83 -22.24
N GLN F 76 11.17 24.03 -22.29
CA GLN F 76 10.30 24.52 -21.23
C GLN F 76 8.84 24.48 -21.67
N ILE F 77 7.95 24.49 -20.67
CA ILE F 77 6.52 24.39 -20.92
C ILE F 77 5.83 25.69 -20.53
N ARG F 78 5.07 26.25 -21.47
CA ARG F 78 4.15 27.35 -21.21
C ARG F 78 2.82 27.02 -21.87
N PHE F 79 1.73 27.52 -21.28
CA PHE F 79 0.46 27.58 -22.00
C PHE F 79 0.12 28.99 -22.45
N THR F 80 0.68 30.00 -21.79
CA THR F 80 0.44 31.37 -22.22
C THR F 80 1.66 32.22 -21.90
N ALA F 81 1.67 33.42 -22.48
CA ALA F 81 2.82 34.32 -22.41
C ALA F 81 3.19 34.61 -20.97
N GLY F 82 4.49 34.49 -20.68
CA GLY F 82 5.05 34.97 -19.43
C GLY F 82 6.50 35.33 -19.63
N TYR F 83 7.03 36.15 -18.70
CA TYR F 83 8.41 36.64 -18.72
C TYR F 83 8.91 36.99 -20.11
N GLY F 84 8.06 37.61 -20.93
CA GLY F 84 8.49 38.05 -22.25
C GLY F 84 8.40 37.01 -23.35
N ALA F 85 7.97 35.78 -23.04
CA ALA F 85 7.81 34.75 -24.06
C ALA F 85 6.44 34.89 -24.73
N GLU F 86 6.32 35.88 -25.62
CA GLU F 86 5.07 36.18 -26.32
C GLU F 86 4.51 34.97 -27.09
N PHE F 87 5.37 34.18 -27.72
CA PHE F 87 5.01 32.92 -28.39
C PHE F 87 5.76 31.78 -27.74
N GLN F 88 5.13 30.60 -27.65
CA GLN F 88 5.78 29.44 -27.04
C GLN F 88 5.36 28.18 -27.78
N HIS F 89 6.33 27.44 -28.34
CA HIS F 89 5.95 26.17 -28.92
C HIS F 89 5.68 25.13 -27.84
N GLU F 90 4.69 24.27 -28.09
CA GLU F 90 4.30 23.25 -27.10
C GLU F 90 5.45 22.28 -26.88
N SER F 91 5.72 21.96 -25.60
CA SER F 91 6.99 21.35 -25.23
C SER F 91 7.18 19.95 -25.80
N VAL F 92 6.14 19.10 -25.78
CA VAL F 92 6.37 17.70 -26.15
C VAL F 92 6.48 17.56 -27.67
N ALA F 93 5.55 18.13 -28.42
CA ALA F 93 5.65 18.06 -29.89
C ALA F 93 6.93 18.71 -30.41
N PHE F 94 7.35 19.83 -29.81
CA PHE F 94 8.59 20.46 -30.26
C PHE F 94 9.79 19.56 -29.96
N SER F 95 9.79 18.94 -28.77
CA SER F 95 10.82 17.97 -28.40
C SER F 95 10.86 16.81 -29.40
N HIS F 96 9.69 16.33 -29.81
CA HIS F 96 9.65 15.25 -30.79
C HIS F 96 10.33 15.68 -32.09
N ALA F 97 10.04 16.92 -32.53
CA ALA F 97 10.66 17.43 -33.76
C ALA F 97 12.18 17.56 -33.65
N LEU F 98 12.69 18.01 -32.51
CA LEU F 98 14.15 18.07 -32.34
C LEU F 98 14.77 16.68 -32.32
N LEU F 99 14.10 15.70 -31.71
CA LEU F 99 14.64 14.34 -31.75
C LEU F 99 14.70 13.81 -33.17
N ALA F 100 13.67 14.07 -33.97
CA ALA F 100 13.67 13.62 -35.36
C ALA F 100 14.80 14.25 -36.17
N ALA F 101 15.30 15.41 -35.75
CA ALA F 101 16.40 16.10 -36.46
C ALA F 101 17.79 15.67 -35.99
N THR F 102 17.91 14.82 -34.98
CA THR F 102 19.20 14.51 -34.38
C THR F 102 19.37 13.00 -34.27
N SER F 103 20.57 12.59 -33.85
CA SER F 103 20.95 11.19 -33.81
C SER F 103 21.14 10.66 -32.39
N GLN F 104 21.93 11.38 -31.57
CA GLN F 104 22.25 10.94 -30.22
C GLN F 104 21.71 11.85 -29.14
N LEU F 105 21.34 13.09 -29.48
CA LEU F 105 20.92 14.05 -28.46
C LEU F 105 19.66 13.53 -27.78
N LYS F 106 19.60 13.70 -26.45
CA LYS F 106 18.42 13.40 -25.66
C LYS F 106 17.68 14.70 -25.40
N VAL F 107 16.35 14.67 -25.50
CA VAL F 107 15.55 15.88 -25.34
C VAL F 107 14.59 15.67 -24.18
N ILE F 108 14.61 16.61 -23.25
CA ILE F 108 13.79 16.55 -22.03
C ILE F 108 12.59 17.47 -22.26
N ALA F 109 11.38 16.92 -22.28
CA ALA F 109 10.17 17.72 -22.48
C ALA F 109 9.57 18.08 -21.12
N ALA F 110 9.33 19.36 -20.88
CA ALA F 110 8.76 19.78 -19.59
C ALA F 110 7.26 19.55 -19.59
N ILE F 111 6.74 19.13 -18.43
CA ILE F 111 5.32 18.77 -18.28
C ILE F 111 4.85 19.32 -16.94
N LEU F 112 3.70 20.02 -16.97
CA LEU F 112 3.04 20.57 -15.79
C LEU F 112 1.84 19.71 -15.44
N PRO F 113 1.87 18.95 -14.35
CA PRO F 113 0.66 18.23 -13.92
C PRO F 113 -0.50 19.22 -13.69
N GLY F 114 -1.69 18.79 -14.06
CA GLY F 114 -2.89 19.62 -14.00
C GLY F 114 -3.49 19.69 -15.39
N PRO F 115 -2.99 20.60 -16.23
CA PRO F 115 -3.36 20.60 -17.65
C PRO F 115 -2.82 19.37 -18.37
N TRP F 116 -1.81 18.70 -17.83
CA TRP F 116 -1.37 17.40 -18.35
C TRP F 116 -1.83 16.32 -17.39
N GLN F 117 -2.19 15.16 -17.94
CA GLN F 117 -2.58 14.00 -17.11
C GLN F 117 -1.60 12.85 -17.40
N PRO F 118 -1.34 11.97 -16.42
CA PRO F 118 -0.23 10.99 -16.59
C PRO F 118 -0.52 9.85 -17.57
N ALA F 119 -1.76 9.42 -17.76
CA ALA F 119 -1.98 8.35 -18.75
C ALA F 119 -1.56 8.81 -20.14
N LEU F 120 -2.01 10.00 -20.53
CA LEU F 120 -1.66 10.54 -21.83
C LEU F 120 -0.16 10.83 -21.91
N ALA F 121 0.39 11.45 -20.86
CA ALA F 121 1.83 11.70 -20.83
C ALA F 121 2.62 10.41 -21.01
N ALA F 122 2.27 9.36 -20.23
CA ALA F 122 3.01 8.11 -20.33
C ALA F 122 2.93 7.54 -21.74
N LYS F 123 1.74 7.57 -22.36
CA LYS F 123 1.57 6.92 -23.65
C LYS F 123 2.19 7.74 -24.78
N GLN F 124 1.97 9.06 -24.80
CA GLN F 124 2.59 9.89 -25.83
C GLN F 124 4.12 9.84 -25.74
N LEU F 125 4.66 9.93 -24.52
CA LEU F 125 6.11 9.85 -24.37
C LEU F 125 6.65 8.49 -24.80
N ALA F 126 5.91 7.41 -24.52
CA ALA F 126 6.37 6.08 -24.89
C ALA F 126 6.43 5.91 -26.41
N THR F 127 5.40 6.39 -27.11
CA THR F 127 5.43 6.35 -28.58
C THR F 127 6.56 7.22 -29.11
N ILE F 128 6.78 8.40 -28.54
CA ILE F 128 7.91 9.21 -29.01
C ILE F 128 9.22 8.47 -28.77
N ASP F 129 9.36 7.84 -27.59
CA ASP F 129 10.55 7.05 -27.31
C ASP F 129 10.78 5.96 -28.37
N GLN F 130 9.72 5.23 -28.72
CA GLN F 130 9.83 4.19 -29.73
C GLN F 130 10.20 4.75 -31.10
N LEU F 131 9.74 5.96 -31.44
CA LEU F 131 10.05 6.56 -32.74
C LEU F 131 11.42 7.21 -32.80
N THR F 132 12.07 7.41 -31.66
CA THR F 132 13.31 8.19 -31.59
C THR F 132 14.46 7.40 -30.96
N ASN F 133 14.35 6.08 -30.94
CA ASN F 133 15.42 5.23 -30.41
C ASN F 133 15.71 5.55 -28.94
N GLY F 134 14.67 5.83 -28.17
CA GLY F 134 14.81 5.93 -26.72
C GLY F 134 15.49 7.17 -26.18
N ARG F 135 15.24 8.34 -26.78
CA ARG F 135 15.95 9.56 -26.42
C ARG F 135 15.05 10.64 -25.81
N ILE F 136 13.82 10.33 -25.43
CA ILE F 136 12.95 11.36 -24.83
C ILE F 136 13.00 11.19 -23.32
N ALA F 137 13.01 12.32 -22.60
CA ALA F 137 12.90 12.35 -21.14
C ALA F 137 11.86 13.40 -20.78
N VAL F 138 11.52 13.50 -19.50
CA VAL F 138 10.53 14.45 -19.04
C VAL F 138 11.08 15.23 -17.84
N ASN F 139 10.67 16.50 -17.75
CA ASN F 139 10.95 17.39 -16.63
C ASN F 139 9.60 17.76 -16.02
N ILE F 140 9.32 17.21 -14.83
CA ILE F 140 8.05 17.44 -14.15
C ILE F 140 8.23 18.70 -13.33
N VAL F 141 7.48 19.75 -13.69
CA VAL F 141 7.51 21.03 -13.02
C VAL F 141 6.17 21.24 -12.35
N SER F 142 6.21 21.75 -11.12
CA SER F 142 5.03 21.71 -10.25
C SER F 142 4.20 22.99 -10.30
N GLY F 143 4.75 24.06 -10.84
CA GLY F 143 3.96 25.22 -11.22
C GLY F 143 4.18 26.41 -10.30
N TRP F 144 4.09 27.62 -10.88
CA TRP F 144 4.21 28.87 -10.13
C TRP F 144 3.31 29.94 -10.76
N PHE F 145 2.98 29.81 -12.06
CA PHE F 145 2.32 30.88 -12.82
C PHE F 145 0.80 30.70 -12.67
N ARG F 146 0.27 31.25 -11.56
CA ARG F 146 -1.14 31.04 -11.21
C ARG F 146 -2.08 31.52 -12.32
N GLY F 147 -1.82 32.72 -12.86
CA GLY F 147 -2.72 33.27 -13.87
C GLY F 147 -2.84 32.38 -15.10
N GLU F 148 -1.76 31.69 -15.47
CA GLU F 148 -1.80 30.74 -16.57
C GLU F 148 -2.76 29.60 -16.28
N PHE F 149 -2.71 29.04 -15.06
CA PHE F 149 -3.68 27.99 -14.71
C PHE F 149 -5.11 28.51 -14.75
N GLN F 150 -5.33 29.70 -14.21
CA GLN F 150 -6.69 30.27 -14.22
C GLN F 150 -7.20 30.45 -15.63
N ALA F 151 -6.30 30.85 -16.55
CA ALA F 151 -6.70 31.10 -17.94
C ALA F 151 -7.21 29.82 -18.61
N ILE F 152 -6.61 28.67 -18.27
CA ILE F 152 -6.95 27.40 -18.89
C ILE F 152 -7.82 26.54 -18.00
N GLY F 153 -8.47 27.13 -17.00
CA GLY F 153 -9.52 26.44 -16.27
C GLY F 153 -9.03 25.47 -15.23
N GLU F 154 -7.82 25.64 -14.71
CA GLU F 154 -7.25 24.72 -13.73
C GLU F 154 -7.27 25.37 -12.36
N HIS F 155 -7.66 24.61 -11.34
CA HIS F 155 -7.63 25.12 -9.98
C HIS F 155 -6.19 25.25 -9.50
N TRP F 156 -5.95 26.18 -8.55
CA TRP F 156 -4.60 26.49 -8.10
C TRP F 156 -4.40 25.83 -6.72
N LEU F 157 -3.64 24.73 -6.70
CA LEU F 157 -3.35 24.06 -5.44
C LEU F 157 -2.28 24.82 -4.65
N GLU F 158 -2.28 24.60 -3.33
CA GLU F 158 -1.24 25.16 -2.45
C GLU F 158 0.14 24.60 -2.84
N HIS F 159 1.19 25.39 -2.59
CA HIS F 159 2.56 25.11 -3.04
C HIS F 159 2.95 23.64 -2.83
N ASP F 160 2.93 23.19 -1.57
CA ASP F 160 3.38 21.82 -1.29
C ASP F 160 2.40 20.79 -1.85
N GLU F 161 1.11 21.12 -1.92
CA GLU F 161 0.13 20.22 -2.51
C GLU F 161 0.42 19.98 -4.00
N ARG F 162 0.92 21.01 -4.70
CA ARG F 162 1.30 20.78 -6.11
C ARG F 162 2.39 19.73 -6.22
N TYR F 163 3.30 19.69 -5.25
CA TYR F 163 4.32 18.65 -5.23
C TYR F 163 3.75 17.29 -4.85
N ARG F 164 2.71 17.25 -4.01
CA ARG F 164 2.06 15.97 -3.75
C ARG F 164 1.48 15.38 -5.04
N ARG F 165 0.83 16.23 -5.83
CA ARG F 165 0.30 15.78 -7.12
C ARG F 165 1.41 15.40 -8.09
N SER F 166 2.46 16.22 -8.19
CA SER F 166 3.58 15.86 -9.08
C SER F 166 4.20 14.53 -8.70
N GLU F 167 4.33 14.24 -7.41
CA GLU F 167 4.91 12.96 -7.01
C GLU F 167 4.03 11.79 -7.47
N GLU F 168 2.70 11.91 -7.33
CA GLU F 168 1.81 10.87 -7.86
C GLU F 168 1.94 10.76 -9.37
N PHE F 169 2.08 11.90 -10.05
CA PHE F 169 2.28 11.88 -11.50
C PHE F 169 3.54 11.09 -11.85
N ILE F 170 4.64 11.35 -11.13
CA ILE F 170 5.91 10.65 -11.42
C ILE F 170 5.79 9.17 -11.11
N ARG F 171 5.17 8.81 -9.97
CA ARG F 171 5.02 7.38 -9.67
C ARG F 171 4.18 6.68 -10.74
N SER F 172 3.17 7.38 -11.26
CA SER F 172 2.33 6.87 -12.34
C SER F 172 3.15 6.65 -13.61
N LEU F 173 3.92 7.66 -14.01
CA LEU F 173 4.76 7.48 -15.22
C LEU F 173 5.70 6.29 -15.05
N ARG F 174 6.39 6.21 -13.91
CA ARG F 174 7.35 5.14 -13.74
C ARG F 174 6.68 3.78 -13.74
N GLY F 175 5.54 3.67 -13.04
CA GLY F 175 4.83 2.40 -12.98
C GLY F 175 4.27 1.96 -14.32
N ILE F 176 3.64 2.89 -15.05
CA ILE F 176 3.03 2.53 -16.34
C ILE F 176 4.12 2.06 -17.31
N TRP F 177 5.25 2.77 -17.31
CA TRP F 177 6.33 2.42 -18.24
C TRP F 177 7.01 1.12 -17.90
N SER F 178 6.95 0.68 -16.63
CA SER F 178 7.76 -0.46 -16.21
C SER F 178 6.99 -1.74 -15.98
N GLN F 179 5.68 -1.70 -15.75
CA GLN F 179 4.91 -2.89 -15.40
C GLN F 179 3.75 -3.07 -16.38
N ASP F 180 3.41 -4.31 -16.71
CA ASP F 180 2.02 -4.50 -17.13
C ASP F 180 1.14 -4.51 -15.89
N ASN F 181 -0.15 -4.28 -16.09
CA ASN F 181 -1.11 -4.36 -15.00
C ASN F 181 -0.75 -3.41 -13.85
N PHE F 182 -0.59 -2.12 -14.18
CA PHE F 182 -0.21 -1.13 -13.18
C PHE F 182 -1.45 -0.62 -12.46
N THR F 183 -1.41 -0.64 -11.13
CA THR F 183 -2.49 -0.13 -10.30
C THR F 183 -1.91 0.93 -9.37
N PHE F 184 -2.62 2.06 -9.21
CA PHE F 184 -2.18 3.15 -8.36
C PHE F 184 -3.42 3.81 -7.79
N ARG F 185 -3.47 3.96 -6.47
CA ARG F 185 -4.68 4.41 -5.81
C ARG F 185 -4.42 5.75 -5.13
N GLY F 186 -4.27 6.81 -5.94
CA GLY F 186 -3.80 8.08 -5.45
C GLY F 186 -4.90 9.03 -5.03
N ASP F 187 -4.50 10.14 -4.38
CA ASP F 187 -5.43 11.24 -4.13
C ASP F 187 -5.70 12.07 -5.36
N PHE F 188 -4.79 12.06 -6.35
CA PHE F 188 -4.94 12.83 -7.59
C PHE F 188 -5.14 11.94 -8.82
N TYR F 189 -4.48 10.79 -8.89
CA TYR F 189 -4.59 9.93 -10.08
C TYR F 189 -4.88 8.49 -9.66
N ARG F 190 -5.70 7.81 -10.44
CA ARG F 190 -6.00 6.39 -10.26
C ARG F 190 -5.64 5.63 -11.52
N PHE F 191 -5.08 4.42 -11.34
CA PHE F 191 -4.93 3.42 -12.38
C PHE F 191 -5.40 2.08 -11.84
N ASP F 192 -6.04 1.30 -12.69
CA ASP F 192 -6.57 -0.02 -12.32
C ASP F 192 -6.14 -1.05 -13.37
N ASN F 193 -5.13 -1.86 -13.06
CA ASN F 193 -4.73 -2.93 -13.95
CA ASN F 193 -4.70 -2.94 -13.95
C ASN F 193 -4.43 -2.42 -15.37
N TYR F 194 -3.75 -1.28 -15.46
CA TYR F 194 -3.52 -0.64 -16.75
C TYR F 194 -2.25 -1.19 -17.41
N SER F 195 -2.36 -1.60 -18.68
CA SER F 195 -1.21 -2.11 -19.45
C SER F 195 -0.99 -1.24 -20.67
N LEU F 196 0.11 -0.48 -20.67
CA LEU F 196 0.50 0.35 -21.79
C LEU F 196 1.31 -0.51 -22.77
N LYS F 197 0.94 -0.44 -24.06
CA LYS F 197 1.74 -1.14 -25.08
C LYS F 197 1.71 -0.33 -26.36
N PRO F 198 2.87 -0.03 -26.95
CA PRO F 198 4.20 -0.35 -26.46
C PRO F 198 4.63 0.56 -25.31
N LYS F 199 5.48 0.01 -24.47
CA LYS F 199 6.22 0.76 -23.46
C LYS F 199 7.41 1.44 -24.13
N PRO F 200 8.10 2.33 -23.40
CA PRO F 200 9.36 2.89 -23.94
C PRO F 200 10.38 1.80 -24.28
N LEU F 201 11.32 2.16 -25.15
CA LEU F 201 12.38 1.22 -25.53
C LEU F 201 13.24 0.80 -24.34
N GLY F 202 13.57 1.75 -23.46
CA GLY F 202 14.29 1.43 -22.24
C GLY F 202 13.64 2.05 -21.02
N ARG F 203 14.37 2.87 -20.28
CA ARG F 203 13.87 3.47 -19.04
C ARG F 203 14.01 4.99 -19.18
N PRO F 204 12.94 5.73 -19.47
CA PRO F 204 13.09 7.17 -19.65
C PRO F 204 13.48 7.83 -18.32
N GLU F 205 14.29 8.87 -18.41
CA GLU F 205 14.74 9.57 -17.23
C GLU F 205 13.71 10.62 -16.83
N ILE F 206 13.52 10.76 -15.52
CA ILE F 206 12.57 11.73 -14.98
C ILE F 206 13.39 12.81 -14.26
N PHE F 207 13.33 14.02 -14.80
CA PHE F 207 13.85 15.23 -14.23
C PHE F 207 12.71 15.95 -13.51
N GLN F 208 13.08 16.87 -12.62
CA GLN F 208 12.09 17.76 -12.02
C GLN F 208 12.73 19.12 -11.77
N GLY F 209 11.95 20.18 -11.88
CA GLY F 209 12.41 21.54 -11.61
C GLY F 209 11.73 22.13 -10.38
N GLY F 210 12.53 22.80 -9.55
CA GLY F 210 12.07 23.46 -8.33
C GLY F 210 13.14 23.30 -7.28
N SER F 211 13.13 24.20 -6.28
CA SER F 211 14.19 24.20 -5.27
CA SER F 211 14.19 24.21 -5.28
C SER F 211 13.68 24.29 -3.84
N SER F 212 12.37 24.22 -3.62
CA SER F 212 11.85 24.27 -2.25
C SER F 212 12.09 22.95 -1.53
N ARG F 213 11.82 22.96 -0.22
CA ARG F 213 11.86 21.73 0.56
C ARG F 213 11.03 20.64 -0.11
N ALA F 214 9.83 21.00 -0.57
CA ALA F 214 8.95 20.02 -1.20
C ALA F 214 9.61 19.44 -2.45
N ALA F 215 10.27 20.28 -3.24
CA ALA F 215 10.97 19.77 -4.42
C ALA F 215 12.10 18.84 -4.02
N ARG F 216 12.88 19.23 -3.01
CA ARG F 216 14.00 18.37 -2.61
C ARG F 216 13.48 17.04 -2.07
N ASP F 217 12.40 17.09 -1.28
CA ASP F 217 11.83 15.84 -0.76
C ASP F 217 11.38 14.94 -1.89
N MET F 218 10.69 15.52 -2.88
CA MET F 218 10.23 14.71 -4.00
C MET F 218 11.40 14.11 -4.77
N ALA F 219 12.44 14.89 -5.04
CA ALA F 219 13.57 14.38 -5.81
C ALA F 219 14.26 13.25 -5.07
N ALA F 220 14.37 13.37 -3.75
CA ALA F 220 14.99 12.34 -2.92
C ALA F 220 14.19 11.05 -2.87
N ARG F 221 12.93 11.07 -3.32
CA ARG F 221 12.08 9.89 -3.30
C ARG F 221 11.91 9.23 -4.66
N VAL F 222 11.67 10.00 -5.72
CA VAL F 222 11.14 9.39 -6.94
C VAL F 222 11.85 9.81 -8.23
N SER F 223 12.67 10.86 -8.19
CA SER F 223 13.15 11.44 -9.44
C SER F 223 14.59 11.04 -9.75
N ASP F 224 14.92 10.98 -11.05
CA ASP F 224 16.30 10.67 -11.42
C ASP F 224 17.21 11.89 -11.29
N TRP F 225 16.68 13.09 -11.56
CA TRP F 225 17.45 14.32 -11.58
C TRP F 225 16.69 15.42 -10.88
N TYR F 226 17.41 16.16 -10.04
CA TYR F 226 16.93 17.42 -9.47
C TYR F 226 17.55 18.57 -10.26
N PHE F 227 16.72 19.35 -10.95
CA PHE F 227 17.20 20.56 -11.63
C PHE F 227 16.84 21.76 -10.77
N THR F 228 17.79 22.68 -10.60
CA THR F 228 17.55 23.82 -9.72
C THR F 228 17.98 25.12 -10.41
N ASN F 229 17.54 26.25 -9.85
CA ASN F 229 17.85 27.57 -10.41
C ASN F 229 19.31 27.91 -10.16
N GLY F 230 19.83 28.90 -10.91
CA GLY F 230 21.20 29.34 -10.67
C GLY F 230 21.40 29.85 -9.26
N ASN F 231 22.64 29.73 -8.77
CA ASN F 231 22.93 30.08 -7.38
C ASN F 231 24.43 30.18 -7.19
N SER F 232 24.83 30.67 -6.02
CA SER F 232 26.21 30.61 -5.61
C SER F 232 26.58 29.16 -5.30
N VAL F 233 27.90 28.91 -5.26
CA VAL F 233 28.40 27.58 -4.90
C VAL F 233 27.85 27.14 -3.55
N GLU F 234 27.85 28.03 -2.56
CA GLU F 234 27.34 27.69 -1.23
C GLU F 234 25.83 27.42 -1.26
N GLY F 235 25.08 28.17 -2.08
CA GLY F 235 23.66 27.94 -2.16
C GLY F 235 23.34 26.57 -2.75
N ILE F 236 24.08 26.18 -3.79
CA ILE F 236 23.89 24.87 -4.41
C ILE F 236 24.25 23.78 -3.41
N LYS F 237 25.39 23.94 -2.73
CA LYS F 237 25.88 22.91 -1.82
C LYS F 237 24.86 22.61 -0.72
N ALA F 238 24.21 23.65 -0.20
CA ALA F 238 23.20 23.44 0.83
C ALA F 238 22.05 22.60 0.32
N GLN F 239 21.63 22.81 -0.94
CA GLN F 239 20.55 22.02 -1.53
C GLN F 239 21.00 20.57 -1.72
N VAL F 240 22.20 20.38 -2.28
CA VAL F 240 22.75 19.03 -2.51
C VAL F 240 22.91 18.26 -1.20
N ASP F 241 23.43 18.91 -0.16
CA ASP F 241 23.61 18.20 1.11
C ASP F 241 22.27 17.71 1.68
N ASP F 242 21.21 18.51 1.50
CA ASP F 242 19.90 18.13 2.02
C ASP F 242 19.36 16.95 1.23
N ILE F 243 19.46 17.01 -0.10
CA ILE F 243 18.99 15.93 -0.96
C ILE F 243 19.75 14.65 -0.68
N ARG F 244 21.08 14.75 -0.56
CA ARG F 244 21.91 13.55 -0.39
C ARG F 244 21.53 12.79 0.87
N ALA F 245 21.37 13.50 1.99
CA ALA F 245 20.95 12.86 3.23
C ALA F 245 19.60 12.19 3.08
N LYS F 246 18.63 12.91 2.49
CA LYS F 246 17.27 12.35 2.36
C LYS F 246 17.25 11.16 1.40
N ALA F 247 17.95 11.26 0.26
CA ALA F 247 17.96 10.16 -0.70
C ALA F 247 18.62 8.91 -0.12
N ALA F 248 19.71 9.07 0.63
CA ALA F 248 20.34 7.93 1.29
C ALA F 248 19.35 7.22 2.20
N ALA F 249 18.59 7.99 3.01
CA ALA F 249 17.63 7.37 3.90
C ALA F 249 16.56 6.63 3.13
N ASN F 250 16.20 7.11 1.94
CA ASN F 250 15.21 6.50 1.09
C ASN F 250 15.76 5.37 0.21
N HIS F 251 17.07 5.10 0.27
CA HIS F 251 17.71 4.13 -0.64
C HIS F 251 17.40 4.47 -2.09
N HIS F 252 17.56 5.75 -2.44
CA HIS F 252 17.21 6.27 -3.76
C HIS F 252 18.38 7.05 -4.35
N SER F 253 18.57 6.93 -5.66
CA SER F 253 19.64 7.65 -6.35
C SER F 253 19.07 8.83 -7.11
N VAL F 254 19.69 10.01 -6.96
CA VAL F 254 19.28 11.19 -7.71
C VAL F 254 20.51 12.03 -8.02
N LYS F 255 20.55 12.61 -9.23
CA LYS F 255 21.64 13.47 -9.68
C LYS F 255 21.18 14.92 -9.71
N ILE F 256 22.15 15.84 -9.80
CA ILE F 256 21.91 17.27 -9.60
C ILE F 256 22.26 18.04 -10.87
N GLY F 257 21.33 18.87 -11.34
CA GLY F 257 21.59 19.79 -12.44
C GLY F 257 21.34 21.23 -12.01
N VAL F 258 22.23 22.14 -12.44
CA VAL F 258 22.16 23.55 -12.04
C VAL F 258 22.10 24.43 -13.28
N ASN F 259 21.15 25.38 -13.28
CA ASN F 259 21.03 26.36 -14.36
C ASN F 259 22.18 27.36 -14.30
N ALA F 260 22.75 27.67 -15.46
CA ALA F 260 23.73 28.73 -15.57
C ALA F 260 23.55 29.43 -16.91
N PHE F 261 23.50 30.75 -16.90
CA PHE F 261 23.50 31.50 -18.15
C PHE F 261 24.96 31.74 -18.51
N VAL F 262 25.42 31.11 -19.59
CA VAL F 262 26.84 31.09 -19.93
C VAL F 262 27.15 32.24 -20.88
N ILE F 263 28.01 33.17 -20.45
CA ILE F 263 28.56 34.21 -21.33
C ILE F 263 30.06 33.99 -21.40
N ALA F 264 30.51 33.27 -22.42
CA ALA F 264 31.92 32.97 -22.64
C ALA F 264 32.46 33.86 -23.75
N ARG F 265 33.51 34.62 -23.45
CA ARG F 265 34.16 35.49 -24.42
C ARG F 265 35.67 35.37 -24.27
N ASP F 266 36.41 35.80 -25.29
CA ASP F 266 37.87 35.69 -25.25
C ASP F 266 38.47 36.46 -24.08
N THR F 267 37.80 37.54 -23.63
CA THR F 267 38.24 38.27 -22.46
C THR F 267 37.10 38.39 -21.46
N GLU F 268 37.45 38.45 -20.18
CA GLU F 268 36.47 38.65 -19.13
C GLU F 268 35.72 39.97 -19.32
N GLU F 269 36.41 41.00 -19.79
CA GLU F 269 35.80 42.31 -19.97
C GLU F 269 34.72 42.28 -21.04
N GLU F 270 34.93 41.52 -22.12
CA GLU F 270 33.86 41.43 -23.12
C GLU F 270 32.64 40.71 -22.55
N ALA F 271 32.85 39.64 -21.77
CA ALA F 271 31.74 38.91 -21.17
C ALA F 271 30.92 39.81 -20.26
N LYS F 272 31.59 40.61 -19.43
CA LYS F 272 30.89 41.52 -18.55
C LYS F 272 30.15 42.59 -19.34
N ALA F 273 30.72 43.02 -20.47
CA ALA F 273 30.04 44.02 -21.29
C ALA F 273 28.74 43.48 -21.84
N VAL F 274 28.73 42.21 -22.28
CA VAL F 274 27.51 41.60 -22.78
C VAL F 274 26.45 41.52 -21.68
N LEU F 275 26.86 41.07 -20.49
CA LEU F 275 25.93 41.02 -19.36
C LEU F 275 25.30 42.38 -19.08
N ALA F 276 26.11 43.45 -19.13
CA ALA F 276 25.58 44.76 -18.82
C ALA F 276 24.57 45.21 -19.86
N GLN F 277 24.78 44.82 -21.12
CA GLN F 277 23.81 45.16 -22.16
C GLN F 277 22.48 44.46 -21.93
N ILE F 278 22.52 43.17 -21.54
CA ILE F 278 21.28 42.43 -21.29
C ILE F 278 20.46 43.12 -20.21
N ILE F 279 21.09 43.42 -19.08
CA ILE F 279 20.40 44.05 -17.97
C ILE F 279 19.95 45.45 -18.33
N ASP F 280 20.78 46.19 -19.07
CA ASP F 280 20.40 47.56 -19.39
C ASP F 280 19.15 47.60 -20.28
N GLN F 281 18.94 46.58 -21.12
CA GLN F 281 17.79 46.54 -22.00
C GLN F 281 16.64 45.73 -21.42
N ALA F 282 16.74 45.38 -20.14
CA ALA F 282 15.66 44.64 -19.48
C ALA F 282 14.33 45.34 -19.70
N ASP F 283 13.28 44.53 -19.95
CA ASP F 283 11.91 45.01 -20.14
C ASP F 283 11.27 45.12 -18.77
N PRO F 284 11.15 46.33 -18.20
CA PRO F 284 10.78 46.42 -16.78
C PRO F 284 9.35 46.00 -16.50
N GLU F 285 8.40 46.26 -17.40
CA GLU F 285 7.04 45.80 -17.19
C GLU F 285 6.98 44.29 -17.18
N ALA F 286 7.75 43.64 -18.05
CA ALA F 286 7.77 42.18 -18.07
C ALA F 286 8.48 41.63 -16.85
N VAL F 287 9.61 42.22 -16.45
CA VAL F 287 10.34 41.71 -15.29
C VAL F 287 9.48 41.84 -14.03
N ASN F 288 8.86 43.01 -13.85
CA ASN F 288 8.00 43.24 -12.69
C ASN F 288 6.80 42.31 -12.69
N ALA F 289 6.15 42.10 -13.84
CA ALA F 289 5.02 41.15 -13.89
C ALA F 289 5.48 39.73 -13.58
N PHE F 290 6.63 39.31 -14.12
CA PHE F 290 7.16 37.98 -13.82
C PHE F 290 7.48 37.86 -12.33
N GLY F 291 8.19 38.86 -11.78
CA GLY F 291 8.54 38.83 -10.38
C GLY F 291 7.32 38.69 -9.47
N ASP F 292 6.24 39.41 -9.80
CA ASP F 292 5.03 39.29 -8.96
C ASP F 292 4.45 37.89 -9.05
N ALA F 293 4.37 37.33 -10.25
CA ALA F 293 3.84 35.97 -10.42
C ALA F 293 4.72 34.93 -9.74
N ALA F 294 6.04 35.14 -9.75
CA ALA F 294 6.98 34.18 -9.20
C ALA F 294 6.90 34.09 -7.67
N LYS F 295 6.21 35.02 -7.01
CA LYS F 295 5.98 34.90 -5.58
C LYS F 295 5.20 33.64 -5.23
N GLN F 296 4.52 33.00 -6.19
CA GLN F 296 3.84 31.75 -5.91
C GLN F 296 4.76 30.52 -5.88
N ALA F 297 6.05 30.69 -6.17
CA ALA F 297 7.02 29.60 -6.05
C ALA F 297 7.61 29.59 -4.62
N GLY F 298 8.92 29.82 -4.45
CA GLY F 298 9.55 29.64 -3.15
C GLY F 298 8.97 30.50 -2.04
N ARG F 299 8.63 31.76 -2.35
CA ARG F 299 8.06 32.63 -1.31
C ARG F 299 6.80 32.05 -0.68
N ALA F 300 5.99 31.32 -1.47
CA ALA F 300 4.72 30.75 -1.03
C ALA F 300 4.88 29.43 -0.30
N SER F 301 6.05 28.78 -0.41
CA SER F 301 6.26 27.54 0.34
C SER F 301 6.27 27.81 1.85
N PRO F 302 6.05 26.78 2.67
CA PRO F 302 5.99 27.01 4.13
C PRO F 302 7.26 27.61 4.70
N GLU F 303 8.42 27.30 4.11
CA GLU F 303 9.71 27.82 4.53
C GLU F 303 10.03 29.20 3.95
N GLY F 304 9.27 29.65 2.94
CA GLY F 304 9.66 30.85 2.23
C GLY F 304 10.91 30.73 1.37
N GLU F 305 11.34 29.52 1.04
CA GLU F 305 12.58 29.28 0.31
C GLU F 305 12.26 28.52 -0.96
N GLY F 306 12.92 28.90 -2.06
CA GLY F 306 12.76 28.17 -3.31
C GLY F 306 12.92 29.12 -4.47
N ASN F 307 12.43 28.69 -5.64
CA ASN F 307 12.62 29.49 -6.85
C ASN F 307 12.13 30.92 -6.63
N TRP F 308 12.98 31.89 -6.95
CA TRP F 308 12.71 33.33 -6.95
C TRP F 308 12.49 33.96 -5.59
N ALA F 309 12.58 33.21 -4.48
CA ALA F 309 12.32 33.81 -3.18
C ALA F 309 13.26 34.96 -2.86
N LYS F 310 14.48 34.95 -3.41
CA LYS F 310 15.45 36.00 -3.14
C LYS F 310 15.94 36.68 -4.40
N SER F 311 15.08 36.81 -5.40
CA SER F 311 15.51 37.34 -6.69
C SER F 311 15.22 38.84 -6.76
N THR F 312 16.26 39.64 -7.00
CA THR F 312 16.12 41.05 -7.30
C THR F 312 15.66 41.24 -8.73
N PHE F 313 15.28 42.48 -9.07
CA PHE F 313 15.01 42.86 -10.46
C PHE F 313 16.08 42.34 -11.41
N GLU F 314 17.36 42.62 -11.11
CA GLU F 314 18.43 42.22 -12.02
C GLU F 314 18.57 40.70 -12.12
N ASP F 315 18.36 39.99 -11.00
CA ASP F 315 18.36 38.52 -11.04
C ASP F 315 17.29 38.00 -11.99
N LEU F 316 16.10 38.61 -11.94
CA LEU F 316 14.93 38.11 -12.68
C LEU F 316 15.11 38.23 -14.19
N VAL F 317 16.04 39.07 -14.63
CA VAL F 317 16.30 39.27 -16.05
C VAL F 317 16.68 37.96 -16.75
N GLN F 318 17.35 37.05 -16.04
CA GLN F 318 17.45 35.66 -16.45
C GLN F 318 16.46 34.89 -15.58
N TYR F 319 15.45 34.31 -16.22
CA TYR F 319 14.24 33.95 -15.50
C TYR F 319 14.35 32.64 -14.72
N ASN F 320 15.53 32.01 -14.70
CA ASN F 320 15.80 30.96 -13.71
C ASN F 320 17.05 31.24 -12.89
N ASP F 321 17.32 32.52 -12.62
CA ASP F 321 18.45 32.96 -11.78
C ASP F 321 19.81 32.58 -12.38
N GLY F 322 19.90 32.48 -13.71
CA GLY F 322 21.11 31.93 -14.35
C GLY F 322 22.36 32.77 -14.21
N PHE F 323 22.23 34.08 -14.01
CA PHE F 323 23.44 34.88 -13.81
C PHE F 323 24.14 34.55 -12.50
N LYS F 324 23.40 34.07 -11.49
CA LYS F 324 24.02 33.87 -10.17
C LYS F 324 25.09 32.78 -10.21
N THR F 325 25.00 31.85 -11.16
CA THR F 325 26.01 30.79 -11.24
C THR F 325 27.36 31.31 -11.71
N ASN F 326 27.39 32.53 -12.26
CA ASN F 326 28.65 33.23 -12.55
C ASN F 326 29.53 32.48 -13.56
N LEU F 327 28.92 31.79 -14.52
CA LEU F 327 29.65 31.24 -15.66
C LEU F 327 29.76 32.30 -16.75
N ILE F 328 30.40 33.40 -16.37
CA ILE F 328 30.54 34.59 -17.20
C ILE F 328 31.99 35.03 -17.14
N GLY F 329 32.68 34.98 -18.28
CA GLY F 329 34.11 35.28 -18.30
C GLY F 329 34.78 34.56 -19.46
N THR F 330 36.05 34.20 -19.27
CA THR F 330 36.79 33.49 -20.31
C THR F 330 36.44 32.01 -20.29
N PRO F 331 36.76 31.27 -21.35
CA PRO F 331 36.64 29.80 -21.27
C PRO F 331 37.39 29.20 -20.09
N GLN F 332 38.58 29.70 -19.78
CA GLN F 332 39.35 29.16 -18.67
C GLN F 332 38.64 29.40 -17.34
N GLN F 333 38.18 30.63 -17.09
CA GLN F 333 37.41 30.92 -15.87
C GLN F 333 36.16 30.06 -15.78
N ILE F 334 35.42 29.92 -16.89
CA ILE F 334 34.17 29.19 -16.84
C ILE F 334 34.44 27.72 -16.56
N ALA F 335 35.44 27.15 -17.25
CA ALA F 335 35.77 25.74 -17.03
C ALA F 335 36.16 25.49 -15.58
N GLU F 336 36.96 26.39 -15.01
CA GLU F 336 37.35 26.22 -13.61
C GLU F 336 36.15 26.30 -12.68
N ARG F 337 35.23 27.22 -12.94
CA ARG F 337 34.05 27.33 -12.08
C ARG F 337 33.12 26.13 -12.25
N ILE F 338 33.04 25.58 -13.46
CA ILE F 338 32.28 24.35 -13.64
C ILE F 338 32.86 23.24 -12.78
N VAL F 339 34.18 23.15 -12.73
CA VAL F 339 34.80 22.07 -11.97
C VAL F 339 34.62 22.31 -10.49
N ALA F 340 34.62 23.57 -10.05
CA ALA F 340 34.30 23.86 -8.67
C ALA F 340 32.85 23.50 -8.32
N LEU F 341 31.93 23.58 -9.30
CA LEU F 341 30.56 23.16 -9.05
C LEU F 341 30.48 21.64 -8.89
N LYS F 342 31.27 20.89 -9.67
CA LYS F 342 31.35 19.45 -9.46
C LYS F 342 31.74 19.12 -8.04
N ALA F 343 32.65 19.90 -7.46
CA ALA F 343 33.16 19.61 -6.13
C ALA F 343 32.08 19.66 -5.06
N VAL F 344 30.99 20.40 -5.27
CA VAL F 344 29.89 20.38 -4.30
C VAL F 344 28.75 19.47 -4.75
N GLY F 345 28.96 18.64 -5.77
CA GLY F 345 28.00 17.62 -6.14
C GLY F 345 27.15 17.90 -7.37
N VAL F 346 27.53 18.87 -8.18
CA VAL F 346 26.82 19.13 -9.42
C VAL F 346 27.24 18.10 -10.47
N ASP F 347 26.26 17.42 -11.06
CA ASP F 347 26.47 16.41 -12.10
C ASP F 347 26.20 16.93 -13.50
N LEU F 348 25.53 18.08 -13.63
CA LEU F 348 25.17 18.58 -14.94
C LEU F 348 25.04 20.09 -14.87
N VAL F 349 25.56 20.77 -15.89
CA VAL F 349 25.34 22.21 -16.06
C VAL F 349 24.30 22.40 -17.15
N LEU F 350 23.23 23.11 -16.81
CA LEU F 350 22.13 23.39 -17.73
C LEU F 350 22.33 24.82 -18.21
N ALA F 351 22.77 24.98 -19.46
CA ALA F 351 23.26 26.26 -19.98
C ALA F 351 22.22 27.01 -20.81
N GLY F 352 22.04 28.28 -20.48
CA GLY F 352 21.36 29.22 -21.36
C GLY F 352 22.40 30.09 -22.04
N PHE F 353 21.99 30.72 -23.14
CA PHE F 353 22.88 31.53 -23.97
C PHE F 353 22.08 32.69 -24.55
N LEU F 354 22.80 33.75 -24.92
CA LEU F 354 22.15 34.88 -25.59
C LEU F 354 21.92 34.60 -27.07
N HIS F 355 22.99 34.28 -27.81
CA HIS F 355 22.93 33.99 -29.25
C HIS F 355 23.21 32.49 -29.37
N PHE F 356 22.14 31.68 -29.45
CA PHE F 356 22.29 30.25 -29.15
C PHE F 356 23.25 29.53 -30.10
N GLN F 357 22.99 29.59 -31.41
CA GLN F 357 23.77 28.78 -32.35
C GLN F 357 25.26 29.08 -32.23
N GLU F 358 25.62 30.36 -32.32
CA GLU F 358 27.04 30.70 -32.33
C GLU F 358 27.70 30.43 -30.98
N GLU F 359 26.96 30.60 -29.88
CA GLU F 359 27.58 30.40 -28.57
C GLU F 359 27.61 28.93 -28.16
N VAL F 360 26.67 28.11 -28.63
CA VAL F 360 26.78 26.67 -28.47
C VAL F 360 27.99 26.14 -29.24
N GLU F 361 28.21 26.66 -30.46
CA GLU F 361 29.37 26.25 -31.23
C GLU F 361 30.66 26.64 -30.53
N TYR F 362 30.72 27.87 -30.02
CA TYR F 362 31.90 28.32 -29.27
C TYR F 362 32.11 27.48 -28.02
N PHE F 363 31.02 27.18 -27.28
CA PHE F 363 31.17 26.39 -26.05
C PHE F 363 31.83 25.05 -26.35
N GLY F 364 31.43 24.41 -27.46
CA GLY F 364 32.01 23.12 -27.81
C GLY F 364 33.46 23.21 -28.22
N GLN F 365 33.86 24.31 -28.87
CA GLN F 365 35.24 24.46 -29.33
C GLN F 365 36.16 24.98 -28.25
N ARG F 366 35.66 25.80 -27.31
CA ARG F 366 36.54 26.57 -26.44
C ARG F 366 36.39 26.28 -24.96
N VAL F 367 35.20 25.93 -24.48
CA VAL F 367 34.96 25.78 -23.05
C VAL F 367 34.96 24.32 -22.65
N LEU F 368 34.11 23.53 -23.31
CA LEU F 368 34.00 22.09 -23.00
C LEU F 368 35.34 21.37 -23.02
N PRO F 369 36.21 21.57 -24.02
CA PRO F 369 37.52 20.88 -24.00
C PRO F 369 38.37 21.25 -22.80
N LEU F 370 38.31 22.49 -22.32
CA LEU F 370 39.02 22.84 -21.09
C LEU F 370 38.47 22.08 -19.90
N VAL F 371 37.15 21.91 -19.82
CA VAL F 371 36.56 21.16 -18.73
C VAL F 371 37.07 19.72 -18.72
N ARG F 372 37.07 19.08 -19.90
CA ARG F 372 37.57 17.71 -19.99
C ARG F 372 39.05 17.65 -19.64
N GLU F 373 39.81 18.68 -19.99
CA GLU F 373 41.23 18.71 -19.64
C GLU F 373 41.42 18.75 -18.13
N LEU F 374 40.67 19.63 -17.45
CA LEU F 374 40.78 19.73 -16.00
C LEU F 374 40.39 18.42 -15.33
N GLU F 375 39.30 17.80 -15.79
CA GLU F 375 38.87 16.54 -15.20
C GLU F 375 39.93 15.47 -15.35
N ALA F 376 40.59 15.42 -16.51
CA ALA F 376 41.63 14.43 -16.74
C ALA F 376 42.88 14.71 -15.90
N LYS F 377 43.19 15.98 -15.62
CA LYS F 377 44.30 16.29 -14.73
C LYS F 377 43.97 15.93 -13.29
N ALA F 378 42.74 16.25 -12.84
CA ALA F 378 42.34 15.92 -11.48
C ALA F 378 42.30 14.42 -11.27
N GLN F 379 42.11 13.64 -12.33
CA GLN F 379 42.16 12.19 -12.24
C GLN F 379 43.51 11.73 -11.69
N SER F 380 44.60 12.24 -12.25
CA SER F 380 45.94 11.96 -11.76
C SER F 380 46.26 12.80 -10.53
N GLN G 27 -27.26 49.84 15.67
CA GLN G 27 -26.66 50.80 16.60
C GLN G 27 -26.27 50.17 17.95
N ALA G 28 -27.22 49.54 18.66
CA ALA G 28 -26.84 48.79 19.86
C ALA G 28 -25.92 47.64 19.47
N VAL G 29 -24.88 47.41 20.26
CA VAL G 29 -23.94 46.33 19.95
C VAL G 29 -24.61 44.97 20.18
N LYS G 30 -24.41 44.03 19.24
CA LYS G 30 -24.98 42.69 19.34
C LYS G 30 -24.00 41.71 20.00
N PHE G 31 -24.53 40.62 20.55
CA PHE G 31 -23.69 39.61 21.17
C PHE G 31 -23.97 38.23 20.61
N ALA G 32 -22.90 37.48 20.29
CA ALA G 32 -22.97 36.06 19.97
C ALA G 32 -22.15 35.29 21.01
N TYR G 33 -22.46 33.99 21.19
CA TYR G 33 -21.57 33.11 21.92
C TYR G 33 -21.18 31.92 21.04
N TRP G 34 -19.97 31.39 21.25
CA TRP G 34 -19.55 30.18 20.57
C TRP G 34 -20.27 28.99 21.21
N VAL G 35 -20.90 28.16 20.39
CA VAL G 35 -21.45 26.89 20.89
C VAL G 35 -20.30 25.94 21.18
N PRO G 36 -20.20 25.39 22.37
CA PRO G 36 -19.15 24.38 22.63
C PRO G 36 -19.59 23.01 22.12
N ASN G 37 -19.68 22.87 20.78
CA ASN G 37 -20.01 21.59 20.19
C ASN G 37 -18.76 20.72 19.97
N VAL G 38 -17.63 21.16 20.46
CA VAL G 38 -16.35 20.44 20.40
C VAL G 38 -15.91 20.13 21.83
N SER G 39 -15.33 18.93 22.05
CA SER G 39 -15.24 18.38 23.40
C SER G 39 -14.29 19.10 24.35
N GLY G 40 -13.36 19.91 23.88
CA GLY G 40 -12.48 20.57 24.82
C GLY G 40 -12.88 21.99 25.18
N GLY G 41 -14.11 22.39 24.88
CA GLY G 41 -14.43 23.75 25.13
C GLY G 41 -13.72 24.69 24.17
N LEU G 42 -13.58 25.93 24.63
CA LEU G 42 -13.04 27.02 23.84
C LEU G 42 -11.59 27.35 24.17
N VAL G 43 -10.87 26.42 24.83
CA VAL G 43 -9.47 26.64 25.16
C VAL G 43 -8.71 25.33 24.93
N VAL G 44 -7.42 25.44 24.66
CA VAL G 44 -6.59 24.25 24.47
C VAL G 44 -5.86 23.99 25.79
N SER G 45 -6.58 23.48 26.78
CA SER G 45 -6.08 23.46 28.14
C SER G 45 -6.70 22.30 28.90
N ARG G 46 -5.98 21.81 29.90
CA ARG G 46 -6.48 20.72 30.74
C ARG G 46 -7.26 21.22 31.93
N ILE G 47 -7.44 22.54 32.07
CA ILE G 47 -8.12 23.09 33.23
C ILE G 47 -9.55 22.57 33.31
N GLU G 48 -10.00 22.29 34.53
CA GLU G 48 -11.38 21.82 34.73
C GLU G 48 -12.34 22.92 34.29
N GLN G 49 -13.31 22.55 33.45
CA GLN G 49 -14.33 23.46 32.96
C GLN G 49 -15.70 22.84 33.16
N ARG G 50 -16.66 23.66 33.58
CA ARG G 50 -18.03 23.23 33.74
C ARG G 50 -18.79 23.51 32.42
N THR G 51 -18.29 22.83 31.38
CA THR G 51 -18.72 22.98 29.99
C THR G 51 -18.74 21.57 29.38
N ASP G 52 -19.74 21.29 28.53
CA ASP G 52 -19.82 19.99 27.89
C ASP G 52 -20.27 20.16 26.45
N TRP G 53 -19.93 19.19 25.60
CA TRP G 53 -20.18 19.31 24.16
C TRP G 53 -21.47 18.63 23.72
N GLY G 54 -22.18 17.97 24.63
CA GLY G 54 -23.38 17.23 24.29
C GLY G 54 -24.61 18.09 24.16
N ILE G 55 -25.68 17.49 23.62
CA ILE G 55 -26.88 18.25 23.34
C ILE G 55 -27.59 18.71 24.60
N ASP G 56 -27.56 17.94 25.70
CA ASP G 56 -28.29 18.36 26.89
C ASP G 56 -27.69 19.64 27.46
N TYR G 57 -26.36 19.66 27.64
CA TYR G 57 -25.71 20.86 28.16
C TYR G 57 -25.96 22.03 27.23
N ASN G 58 -25.91 21.78 25.92
CA ASN G 58 -26.02 22.87 24.96
C ASN G 58 -27.44 23.38 24.77
N ARG G 59 -28.46 22.54 24.95
CA ARG G 59 -29.83 23.06 24.91
C ARG G 59 -30.07 24.05 26.06
N LYS G 60 -29.67 23.67 27.28
CA LYS G 60 -29.79 24.57 28.43
C LYS G 60 -28.96 25.83 28.22
N LEU G 61 -27.73 25.69 27.70
CA LEU G 61 -26.89 26.85 27.42
C LEU G 61 -27.56 27.81 26.43
N ALA G 62 -28.11 27.28 25.34
CA ALA G 62 -28.78 28.13 24.38
C ALA G 62 -29.96 28.86 25.01
N GLN G 63 -30.68 28.18 25.90
CA GLN G 63 -31.80 28.85 26.58
C GLN G 63 -31.30 29.95 27.51
N LEU G 64 -30.20 29.69 28.23
CA LEU G 64 -29.63 30.72 29.10
C LEU G 64 -29.09 31.90 28.30
N ALA G 65 -28.47 31.63 27.15
CA ALA G 65 -27.93 32.72 26.35
C ALA G 65 -29.05 33.60 25.84
N GLU G 66 -30.15 32.97 25.40
CA GLU G 66 -31.31 33.73 24.94
C GLU G 66 -31.86 34.58 26.07
N ALA G 67 -31.98 34.00 27.27
CA ALA G 67 -32.44 34.77 28.42
C ALA G 67 -31.47 35.90 28.77
N ALA G 68 -30.17 35.72 28.56
CA ALA G 68 -29.15 36.70 28.91
C ALA G 68 -29.09 37.87 27.94
N GLY G 69 -29.69 37.75 26.75
CA GLY G 69 -29.63 38.80 25.74
C GLY G 69 -28.66 38.54 24.59
N PHE G 70 -28.19 37.31 24.41
CA PHE G 70 -27.40 37.00 23.21
C PHE G 70 -28.36 36.81 22.04
N GLU G 71 -28.04 37.45 20.92
CA GLU G 71 -28.84 37.33 19.71
C GLU G 71 -28.46 36.08 18.90
N TYR G 72 -27.19 35.67 18.94
CA TYR G 72 -26.71 34.58 18.10
C TYR G 72 -25.90 33.55 18.88
N ALA G 73 -25.90 32.32 18.36
CA ALA G 73 -24.93 31.31 18.75
C ALA G 73 -24.18 30.92 17.49
N LEU G 74 -22.88 30.67 17.60
CA LEU G 74 -22.04 30.28 16.47
C LEU G 74 -21.50 28.87 16.68
N THR G 75 -21.78 27.97 15.73
N THR G 75 -21.95 27.95 15.85
CA THR G 75 -21.46 26.54 15.84
CA THR G 75 -21.31 26.67 15.89
C THR G 75 -20.31 26.18 14.90
C THR G 75 -19.98 26.76 15.17
N GLN G 76 -19.13 25.82 15.47
CA GLN G 76 -17.94 25.62 14.67
CA GLN G 76 -17.94 25.63 14.65
C GLN G 76 -18.03 24.31 13.89
N ILE G 77 -17.27 24.22 12.81
CA ILE G 77 -17.28 23.04 11.96
C ILE G 77 -15.92 22.35 12.02
N ARG G 78 -15.94 21.05 12.32
CA ARG G 78 -14.80 20.17 12.20
C ARG G 78 -15.26 18.89 11.51
N PHE G 79 -14.36 18.26 10.76
CA PHE G 79 -14.56 16.87 10.37
C PHE G 79 -13.72 15.90 11.18
N THR G 80 -12.64 16.38 11.79
CA THR G 80 -11.83 15.54 12.65
C THR G 80 -11.16 16.41 13.71
N ALA G 81 -10.70 15.74 14.76
N ALA G 81 -10.51 15.78 14.69
CA ALA G 81 -10.23 16.42 15.94
CA ALA G 81 -9.53 16.49 15.54
C ALA G 81 -9.11 17.36 15.57
C ALA G 81 -9.02 15.54 16.63
N GLY G 82 -9.17 18.57 16.12
N GLY G 82 -7.93 15.96 17.26
CA GLY G 82 -8.07 19.51 16.09
CA GLY G 82 -7.29 15.14 18.27
C GLY G 82 -8.15 20.35 17.35
C GLY G 82 -6.96 15.89 19.55
N TYR G 83 -7.02 20.93 17.73
N TYR G 83 -6.25 15.23 20.47
CA TYR G 83 -6.94 21.85 18.85
CA TYR G 83 -5.91 15.75 21.80
C TYR G 83 -7.60 21.31 20.12
C TYR G 83 -7.22 16.01 22.54
N GLY G 84 -7.53 20.00 20.35
N GLY G 84 -7.45 17.21 23.08
CA GLY G 84 -8.09 19.42 21.55
CA GLY G 84 -8.72 17.57 23.66
C GLY G 84 -9.51 18.90 21.46
C GLY G 84 -9.62 18.34 22.70
N ALA G 85 -10.20 19.10 20.34
N ALA G 85 -9.58 18.00 21.42
CA ALA G 85 -11.60 18.68 20.27
CA ALA G 85 -10.57 18.47 20.45
C ALA G 85 -11.71 17.24 19.78
C ALA G 85 -11.28 17.27 19.84
N GLU G 86 -11.46 16.27 20.70
CA GLU G 86 -11.53 14.85 20.32
C GLU G 86 -12.87 14.49 19.67
N PHE G 87 -13.97 15.06 20.17
CA PHE G 87 -15.32 14.82 19.64
C PHE G 87 -15.87 16.14 19.15
N GLN G 88 -16.59 16.12 18.01
CA GLN G 88 -17.24 17.34 17.51
C GLN G 88 -18.59 16.98 16.90
N HIS G 89 -19.66 17.61 17.38
CA HIS G 89 -20.95 17.38 16.74
C HIS G 89 -20.99 18.15 15.42
N GLU G 90 -21.69 17.56 14.42
CA GLU G 90 -21.74 18.15 13.08
C GLU G 90 -22.49 19.46 13.15
N SER G 91 -21.96 20.50 12.50
CA SER G 91 -22.40 21.87 12.79
C SER G 91 -23.88 22.11 12.42
N VAL G 92 -24.34 21.62 11.25
CA VAL G 92 -25.68 22.00 10.80
C VAL G 92 -26.75 21.27 11.59
N ALA G 93 -26.62 19.95 11.73
CA ALA G 93 -27.59 19.19 12.52
C ALA G 93 -27.64 19.69 13.96
N PHE G 94 -26.48 19.95 14.55
CA PHE G 94 -26.46 20.45 15.92
C PHE G 94 -27.15 21.80 16.02
N SER G 95 -26.90 22.68 15.02
CA SER G 95 -27.59 23.97 14.97
C SER G 95 -29.10 23.80 14.91
N HIS G 96 -29.57 22.87 14.07
CA HIS G 96 -31.00 22.59 13.97
C HIS G 96 -31.56 22.18 15.33
N ALA G 97 -30.84 21.31 16.04
CA ALA G 97 -31.29 20.89 17.37
C ALA G 97 -31.32 22.07 18.35
N LEU G 98 -30.34 22.98 18.29
CA LEU G 98 -30.38 24.12 19.21
C LEU G 98 -31.55 25.06 18.90
N LEU G 99 -31.80 25.31 17.61
CA LEU G 99 -32.99 26.07 17.21
C LEU G 99 -34.27 25.41 17.70
N ALA G 100 -34.37 24.08 17.62
CA ALA G 100 -35.59 23.44 18.11
C ALA G 100 -35.76 23.60 19.61
N ALA G 101 -34.68 23.86 20.35
CA ALA G 101 -34.77 24.02 21.80
C ALA G 101 -35.00 25.47 22.24
N THR G 102 -35.05 26.40 21.29
CA THR G 102 -35.14 27.83 21.61
C THR G 102 -36.28 28.48 20.83
N SER G 103 -36.46 29.77 21.08
CA SER G 103 -37.59 30.51 20.53
C SER G 103 -37.15 31.65 19.65
N GLN G 104 -36.26 32.53 20.15
CA GLN G 104 -35.81 33.71 19.42
C GLN G 104 -34.35 33.66 19.04
N LEU G 105 -33.57 32.79 19.67
CA LEU G 105 -32.15 32.68 19.35
C LEU G 105 -31.96 32.34 17.86
N LYS G 106 -31.00 33.01 17.24
CA LYS G 106 -30.55 32.70 15.88
C LYS G 106 -29.27 31.89 16.00
N VAL G 107 -29.12 30.85 15.18
CA VAL G 107 -27.94 30.01 15.28
C VAL G 107 -27.24 30.02 13.93
N ILE G 108 -25.94 30.24 13.96
CA ILE G 108 -25.08 30.34 12.78
C ILE G 108 -24.35 29.02 12.63
N ALA G 109 -24.63 28.27 11.56
CA ALA G 109 -23.95 27.01 11.31
C ALA G 109 -22.75 27.24 10.41
N ALA G 110 -21.58 26.78 10.86
CA ALA G 110 -20.38 26.94 10.06
C ALA G 110 -20.31 25.87 8.97
N ILE G 111 -19.83 26.28 7.79
CA ILE G 111 -19.74 25.43 6.59
C ILE G 111 -18.41 25.69 5.92
N LEU G 112 -17.68 24.61 5.58
CA LEU G 112 -16.39 24.66 4.89
C LEU G 112 -16.63 24.23 3.45
N PRO G 113 -16.54 25.12 2.46
CA PRO G 113 -16.62 24.67 1.07
C PRO G 113 -15.55 23.64 0.76
N GLY G 114 -15.92 22.67 -0.05
CA GLY G 114 -15.06 21.54 -0.34
C GLY G 114 -15.79 20.27 0.01
N PRO G 115 -15.69 19.86 1.29
CA PRO G 115 -16.53 18.75 1.75
C PRO G 115 -18.01 19.11 1.76
N TRP G 116 -18.33 20.39 1.77
CA TRP G 116 -19.70 20.88 1.57
C TRP G 116 -19.84 21.44 0.16
N GLN G 117 -21.00 21.22 -0.45
CA GLN G 117 -21.38 21.75 -1.76
C GLN G 117 -22.56 22.69 -1.63
N PRO G 118 -22.66 23.71 -2.49
CA PRO G 118 -23.69 24.74 -2.25
C PRO G 118 -25.12 24.31 -2.55
N ALA G 119 -25.35 23.38 -3.50
CA ALA G 119 -26.73 22.97 -3.76
C ALA G 119 -27.33 22.38 -2.49
N LEU G 120 -26.61 21.43 -1.89
CA LEU G 120 -27.06 20.78 -0.68
C LEU G 120 -27.12 21.77 0.48
N ALA G 121 -26.09 22.61 0.65
CA ALA G 121 -26.17 23.60 1.74
C ALA G 121 -27.42 24.48 1.58
N ALA G 122 -27.68 24.97 0.36
CA ALA G 122 -28.80 25.88 0.18
C ALA G 122 -30.11 25.19 0.50
N LYS G 123 -30.26 23.93 0.08
CA LYS G 123 -31.54 23.27 0.31
C LYS G 123 -31.72 22.85 1.76
N GLN G 124 -30.68 22.28 2.37
CA GLN G 124 -30.79 21.86 3.77
C GLN G 124 -31.05 23.07 4.67
N LEU G 125 -30.35 24.19 4.42
CA LEU G 125 -30.54 25.39 5.24
C LEU G 125 -31.93 25.98 5.03
N ALA G 126 -32.45 25.95 3.79
CA ALA G 126 -33.80 26.46 3.54
C ALA G 126 -34.85 25.64 4.28
N THR G 127 -34.71 24.32 4.28
CA THR G 127 -35.63 23.48 5.07
C THR G 127 -35.52 23.78 6.56
N ILE G 128 -34.31 23.89 7.10
CA ILE G 128 -34.18 24.20 8.52
C ILE G 128 -34.78 25.56 8.83
N ASP G 129 -34.56 26.53 7.93
CA ASP G 129 -35.17 27.86 8.05
CA ASP G 129 -35.16 27.86 8.12
C ASP G 129 -36.68 27.75 8.16
N GLN G 130 -37.28 26.95 7.26
CA GLN G 130 -38.73 26.79 7.29
C GLN G 130 -39.20 26.13 8.58
N LEU G 131 -38.39 25.25 9.16
CA LEU G 131 -38.83 24.52 10.35
C LEU G 131 -38.57 25.28 11.63
N THR G 132 -37.78 26.36 11.56
CA THR G 132 -37.34 27.07 12.77
C THR G 132 -37.76 28.53 12.73
N ASN G 133 -38.72 28.86 11.89
CA ASN G 133 -39.23 30.23 11.82
C ASN G 133 -38.15 31.21 11.40
N GLY G 134 -37.25 30.78 10.51
CA GLY G 134 -36.34 31.75 9.92
C GLY G 134 -35.14 32.12 10.75
N ARG G 135 -34.67 31.23 11.61
CA ARG G 135 -33.65 31.62 12.59
C ARG G 135 -32.26 31.04 12.31
N ILE G 136 -32.03 30.39 11.16
CA ILE G 136 -30.73 29.78 10.89
C ILE G 136 -29.90 30.74 10.03
N ALA G 137 -28.61 30.80 10.28
CA ALA G 137 -27.67 31.53 9.43
C ALA G 137 -26.48 30.62 9.15
N VAL G 138 -25.52 31.10 8.35
CA VAL G 138 -24.39 30.27 7.96
C VAL G 138 -23.11 31.08 8.12
N ASN G 139 -22.03 30.42 8.56
CA ASN G 139 -20.70 31.04 8.63
C ASN G 139 -19.80 30.31 7.64
N ILE G 140 -19.46 30.99 6.55
CA ILE G 140 -18.65 30.37 5.50
C ILE G 140 -17.19 30.55 5.88
N VAL G 141 -16.51 29.44 6.12
CA VAL G 141 -15.12 29.48 6.54
C VAL G 141 -14.26 28.79 5.49
N SER G 142 -13.10 29.37 5.22
CA SER G 142 -12.41 28.96 4.00
C SER G 142 -11.32 27.94 4.21
N GLY G 143 -10.99 27.61 5.47
CA GLY G 143 -10.13 26.48 5.75
C GLY G 143 -8.69 26.81 6.09
N TRP G 144 -8.13 26.06 7.03
CA TRP G 144 -6.72 26.15 7.42
C TRP G 144 -6.16 24.78 7.76
N PHE G 145 -7.03 23.85 8.17
CA PHE G 145 -6.59 22.55 8.71
C PHE G 145 -6.39 21.60 7.53
N ARG G 146 -5.20 21.64 6.96
CA ARG G 146 -4.91 20.86 5.74
C ARG G 146 -5.08 19.36 5.98
N GLY G 147 -4.57 18.87 7.12
CA GLY G 147 -4.62 17.43 7.41
C GLY G 147 -6.02 16.89 7.46
N GLU G 148 -6.97 17.70 7.93
CA GLU G 148 -8.36 17.28 7.94
C GLU G 148 -8.89 17.09 6.51
N PHE G 149 -8.62 18.05 5.63
CA PHE G 149 -9.04 17.91 4.23
C PHE G 149 -8.43 16.67 3.58
N GLN G 150 -7.14 16.44 3.82
CA GLN G 150 -6.48 15.27 3.25
CA GLN G 150 -6.51 15.27 3.21
C GLN G 150 -7.14 13.98 3.73
N ALA G 151 -7.52 13.93 5.01
CA ALA G 151 -8.13 12.70 5.54
C ALA G 151 -9.43 12.35 4.86
N ILE G 152 -10.19 13.36 4.41
CA ILE G 152 -11.50 13.15 3.80
C ILE G 152 -11.45 13.31 2.29
N GLY G 153 -10.26 13.19 1.68
CA GLY G 153 -10.14 13.06 0.23
C GLY G 153 -10.26 14.37 -0.53
N GLU G 154 -10.13 15.50 0.15
CA GLU G 154 -10.23 16.82 -0.46
C GLU G 154 -8.84 17.35 -0.82
N HIS G 155 -8.74 17.97 -1.99
CA HIS G 155 -7.46 18.57 -2.36
C HIS G 155 -7.30 19.90 -1.63
N TRP G 156 -6.03 20.33 -1.46
CA TRP G 156 -5.74 21.55 -0.70
C TRP G 156 -5.44 22.69 -1.67
N LEU G 157 -6.44 23.57 -1.87
CA LEU G 157 -6.24 24.76 -2.71
C LEU G 157 -5.39 25.80 -1.99
N GLU G 158 -4.66 26.61 -2.78
CA GLU G 158 -3.87 27.71 -2.24
C GLU G 158 -4.78 28.70 -1.47
N HIS G 159 -4.19 29.44 -0.52
CA HIS G 159 -4.93 30.29 0.42
C HIS G 159 -5.97 31.17 -0.28
N ASP G 160 -5.52 32.05 -1.18
CA ASP G 160 -6.46 32.96 -1.83
C ASP G 160 -7.44 32.20 -2.73
N GLU G 161 -7.02 31.07 -3.31
CA GLU G 161 -7.92 30.25 -4.12
C GLU G 161 -9.08 29.67 -3.30
N ARG G 162 -8.83 29.33 -2.03
CA ARG G 162 -9.94 28.88 -1.17
C ARG G 162 -10.99 29.99 -1.02
N TYR G 163 -10.55 31.24 -0.93
CA TYR G 163 -11.46 32.38 -0.90
C TYR G 163 -12.19 32.58 -2.23
N ARG G 164 -11.55 32.30 -3.36
CA ARG G 164 -12.28 32.37 -4.63
CA ARG G 164 -12.29 32.37 -4.62
C ARG G 164 -13.42 31.35 -4.64
N ARG G 165 -13.14 30.14 -4.15
CA ARG G 165 -14.20 29.14 -4.09
C ARG G 165 -15.27 29.53 -3.08
N SER G 166 -14.86 29.99 -1.89
CA SER G 166 -15.87 30.42 -0.92
C SER G 166 -16.76 31.52 -1.48
N GLU G 167 -16.20 32.48 -2.21
CA GLU G 167 -17.02 33.53 -2.79
C GLU G 167 -18.07 32.97 -3.77
N GLU G 168 -17.68 31.98 -4.61
CA GLU G 168 -18.68 31.40 -5.51
C GLU G 168 -19.73 30.61 -4.72
N PHE G 169 -19.32 29.98 -3.64
CA PHE G 169 -20.27 29.29 -2.76
C PHE G 169 -21.30 30.28 -2.21
N ILE G 170 -20.84 31.43 -1.72
CA ILE G 170 -21.74 32.44 -1.17
C ILE G 170 -22.67 32.99 -2.24
N ARG G 171 -22.12 33.32 -3.42
CA ARG G 171 -22.98 33.79 -4.50
C ARG G 171 -24.02 32.75 -4.86
N SER G 172 -23.67 31.47 -4.79
CA SER G 172 -24.63 30.40 -5.08
C SER G 172 -25.76 30.36 -4.04
N LEU G 173 -25.40 30.34 -2.75
CA LEU G 173 -26.42 30.36 -1.71
C LEU G 173 -27.36 31.52 -1.93
N ARG G 174 -26.81 32.71 -2.14
CA ARG G 174 -27.65 33.91 -2.20
C ARG G 174 -28.59 33.84 -3.41
N GLY G 175 -28.06 33.45 -4.56
CA GLY G 175 -28.90 33.37 -5.75
C GLY G 175 -29.93 32.26 -5.65
N ILE G 176 -29.54 31.09 -5.15
CA ILE G 176 -30.50 29.99 -4.99
C ILE G 176 -31.65 30.39 -4.08
N TRP G 177 -31.32 31.06 -2.95
CA TRP G 177 -32.36 31.43 -2.00
C TRP G 177 -33.27 32.53 -2.51
N SER G 178 -32.84 33.32 -3.50
CA SER G 178 -33.60 34.52 -3.80
C SER G 178 -34.26 34.54 -5.16
N GLN G 179 -33.98 33.57 -6.04
CA GLN G 179 -34.48 33.60 -7.42
C GLN G 179 -34.99 32.23 -7.81
N ASP G 180 -36.06 32.17 -8.60
CA ASP G 180 -36.24 30.94 -9.36
C ASP G 180 -35.29 30.97 -10.55
N ASN G 181 -35.04 29.80 -11.14
CA ASN G 181 -34.22 29.70 -12.34
C ASN G 181 -32.87 30.41 -12.16
N PHE G 182 -32.14 29.96 -11.14
CA PHE G 182 -30.83 30.53 -10.87
C PHE G 182 -29.79 29.85 -11.73
N THR G 183 -28.96 30.65 -12.40
CA THR G 183 -27.89 30.15 -13.23
C THR G 183 -26.60 30.80 -12.77
N PHE G 184 -25.52 30.00 -12.73
CA PHE G 184 -24.23 30.46 -12.24
C PHE G 184 -23.16 29.67 -12.98
N ARG G 185 -22.25 30.35 -13.65
CA ARG G 185 -21.24 29.67 -14.47
C ARG G 185 -19.85 29.88 -13.87
N GLY G 186 -19.59 29.25 -12.71
CA GLY G 186 -18.39 29.49 -11.94
C GLY G 186 -17.19 28.62 -12.36
N ASP G 187 -16.02 28.95 -11.80
CA ASP G 187 -14.85 28.08 -11.91
C ASP G 187 -14.91 26.90 -10.96
N PHE G 188 -15.68 27.01 -9.89
CA PHE G 188 -15.86 25.95 -8.90
C PHE G 188 -17.25 25.35 -8.88
N TYR G 189 -18.29 26.15 -9.14
CA TYR G 189 -19.67 25.68 -9.03
C TYR G 189 -20.46 26.14 -10.23
N ARG G 190 -21.31 25.24 -10.74
CA ARG G 190 -22.22 25.53 -11.85
C ARG G 190 -23.66 25.34 -11.36
N PHE G 191 -24.56 26.21 -11.80
CA PHE G 191 -26.00 26.01 -11.70
C PHE G 191 -26.63 26.39 -13.02
N ASP G 192 -27.68 25.68 -13.39
CA ASP G 192 -28.33 25.86 -14.68
C ASP G 192 -29.83 25.92 -14.46
N ASN G 193 -30.40 27.12 -14.39
CA ASN G 193 -31.84 27.32 -14.20
CA ASN G 193 -31.84 27.31 -14.22
C ASN G 193 -32.39 26.49 -13.05
N TYR G 194 -31.72 26.57 -11.90
CA TYR G 194 -32.12 25.78 -10.74
C TYR G 194 -33.17 26.51 -9.92
N SER G 195 -34.25 25.81 -9.56
CA SER G 195 -35.34 26.39 -8.79
C SER G 195 -35.52 25.60 -7.49
N LEU G 196 -35.11 26.20 -6.38
CA LEU G 196 -35.25 25.59 -5.08
C LEU G 196 -36.63 25.91 -4.50
N LYS G 197 -37.33 24.90 -4.01
CA LYS G 197 -38.63 25.08 -3.34
C LYS G 197 -38.76 24.05 -2.23
N PRO G 198 -39.10 24.44 -0.99
CA PRO G 198 -39.29 25.85 -0.64
C PRO G 198 -37.96 26.59 -0.42
N LYS G 199 -38.01 27.88 -0.70
CA LYS G 199 -36.95 28.81 -0.33
C LYS G 199 -37.04 29.12 1.17
N PRO G 200 -36.02 29.78 1.76
CA PRO G 200 -36.16 30.22 3.17
C PRO G 200 -37.33 31.17 3.37
N LEU G 201 -37.76 31.29 4.64
CA LEU G 201 -38.89 32.17 4.99
C LEU G 201 -38.60 33.64 4.68
N GLY G 202 -37.40 34.11 5.01
CA GLY G 202 -36.96 35.43 4.58
C GLY G 202 -35.61 35.45 3.87
N ARG G 203 -34.65 36.14 4.46
CA ARG G 203 -33.31 36.29 3.87
C ARG G 203 -32.27 35.85 4.89
N PRO G 204 -31.71 34.65 4.76
CA PRO G 204 -30.74 34.19 5.76
C PRO G 204 -29.46 35.01 5.72
N GLU G 205 -28.87 35.24 6.90
CA GLU G 205 -27.64 36.03 6.95
C GLU G 205 -26.44 35.15 6.63
N ILE G 206 -25.50 35.71 5.88
CA ILE G 206 -24.26 35.03 5.54
C ILE G 206 -23.12 35.70 6.30
N PHE G 207 -22.50 34.94 7.21
CA PHE G 207 -21.30 35.34 7.93
C PHE G 207 -20.11 34.66 7.27
N GLN G 208 -18.92 35.18 7.52
CA GLN G 208 -17.70 34.52 7.08
C GLN G 208 -16.61 34.76 8.12
N GLY G 209 -15.73 33.78 8.28
CA GLY G 209 -14.63 33.89 9.23
C GLY G 209 -13.29 33.89 8.51
N GLY G 210 -12.36 34.69 9.00
CA GLY G 210 -11.05 34.85 8.37
C GLY G 210 -10.68 36.33 8.39
N SER G 211 -9.38 36.61 8.38
CA SER G 211 -8.93 37.99 8.52
CA SER G 211 -8.92 37.99 8.53
C SER G 211 -7.87 38.42 7.52
N SER G 212 -7.53 37.59 6.54
CA SER G 212 -6.58 37.95 5.49
C SER G 212 -7.19 38.99 4.55
N ARG G 213 -6.32 39.52 3.67
CA ARG G 213 -6.81 40.39 2.61
C ARG G 213 -7.87 39.70 1.76
N ALA G 214 -7.65 38.41 1.44
CA ALA G 214 -8.67 37.68 0.68
C ALA G 214 -10.01 37.64 1.43
N ALA G 215 -9.96 37.46 2.76
CA ALA G 215 -11.19 37.47 3.55
C ALA G 215 -11.86 38.84 3.56
N ARG G 216 -11.07 39.91 3.74
CA ARG G 216 -11.67 41.24 3.74
C ARG G 216 -12.27 41.59 2.38
N ASP G 217 -11.59 41.22 1.29
CA ASP G 217 -12.10 41.48 -0.05
C ASP G 217 -13.42 40.75 -0.28
N MET G 218 -13.49 39.49 0.14
CA MET G 218 -14.73 38.73 -0.02
C MET G 218 -15.86 39.34 0.79
N ALA G 219 -15.55 39.81 2.01
CA ALA G 219 -16.60 40.35 2.88
C ALA G 219 -17.14 41.65 2.29
N ALA G 220 -16.27 42.48 1.72
CA ALA G 220 -16.69 43.72 1.12
C ALA G 220 -17.48 43.53 -0.15
N ARG G 221 -17.53 42.31 -0.70
CA ARG G 221 -18.31 42.07 -1.90
CA ARG G 221 -18.28 42.02 -1.92
C ARG G 221 -19.62 41.34 -1.67
N VAL G 222 -19.63 40.28 -0.84
CA VAL G 222 -20.79 39.38 -0.83
C VAL G 222 -21.38 39.02 0.53
N SER G 223 -20.68 39.31 1.62
CA SER G 223 -21.11 38.77 2.91
C SER G 223 -21.88 39.82 3.71
N ASP G 224 -22.75 39.34 4.61
CA ASP G 224 -23.44 40.27 5.50
C ASP G 224 -22.60 40.62 6.72
N TRP G 225 -21.75 39.69 7.18
CA TRP G 225 -20.94 39.86 8.39
C TRP G 225 -19.52 39.36 8.16
N TYR G 226 -18.56 40.14 8.62
CA TYR G 226 -17.17 39.72 8.66
C TYR G 226 -16.84 39.41 10.12
N PHE G 227 -16.59 38.12 10.42
CA PHE G 227 -16.15 37.70 11.74
C PHE G 227 -14.64 37.52 11.72
N THR G 228 -13.96 38.06 12.74
CA THR G 228 -12.51 38.05 12.80
C THR G 228 -12.00 37.54 14.16
N ASN G 229 -10.74 37.10 14.18
CA ASN G 229 -10.12 36.65 15.42
C ASN G 229 -9.90 37.82 16.38
N GLY G 230 -9.66 37.47 17.64
CA GLY G 230 -9.37 38.47 18.65
C GLY G 230 -8.13 39.28 18.31
N ASN G 231 -8.10 40.51 18.80
CA ASN G 231 -7.03 41.43 18.45
C ASN G 231 -7.11 42.65 19.37
N SER G 232 -6.08 43.47 19.32
CA SER G 232 -6.15 44.78 19.97
C SER G 232 -7.14 45.68 19.22
N VAL G 233 -7.47 46.82 19.86
CA VAL G 233 -8.38 47.78 19.24
C VAL G 233 -7.79 48.31 17.94
N GLU G 234 -6.48 48.61 17.94
CA GLU G 234 -5.81 49.11 16.75
C GLU G 234 -5.81 48.06 15.64
N GLY G 235 -5.62 46.79 16.00
CA GLY G 235 -5.63 45.74 15.01
C GLY G 235 -6.99 45.54 14.38
N ILE G 236 -8.05 45.64 15.20
CA ILE G 236 -9.41 45.58 14.67
C ILE G 236 -9.68 46.79 13.78
N LYS G 237 -9.31 47.97 14.24
CA LYS G 237 -9.58 49.20 13.48
C LYS G 237 -8.97 49.11 12.08
N ALA G 238 -7.76 48.56 11.98
CA ALA G 238 -7.10 48.47 10.69
C ALA G 238 -7.88 47.59 9.72
N GLN G 239 -8.48 46.51 10.23
CA GLN G 239 -9.29 45.64 9.40
C GLN G 239 -10.58 46.33 8.99
N VAL G 240 -11.25 46.97 9.96
CA VAL G 240 -12.51 47.67 9.69
C VAL G 240 -12.29 48.78 8.66
N ASP G 241 -11.19 49.53 8.79
CA ASP G 241 -10.97 50.63 7.87
C ASP G 241 -10.80 50.13 6.44
N ASP G 242 -10.10 49.01 6.26
CA ASP G 242 -9.89 48.45 4.92
C ASP G 242 -11.21 47.94 4.34
N ILE G 243 -11.98 47.21 5.16
CA ILE G 243 -13.27 46.71 4.72
C ILE G 243 -14.19 47.87 4.35
N ARG G 244 -14.25 48.92 5.18
CA ARG G 244 -15.20 50.00 4.94
C ARG G 244 -14.96 50.66 3.59
N ALA G 245 -13.70 50.89 3.23
CA ALA G 245 -13.40 51.56 1.95
C ALA G 245 -13.76 50.66 0.78
N LYS G 246 -13.44 49.38 0.89
CA LYS G 246 -13.74 48.46 -0.21
C LYS G 246 -15.23 48.24 -0.36
N ALA G 247 -15.96 48.10 0.76
CA ALA G 247 -17.40 47.90 0.69
C ALA G 247 -18.10 49.11 0.09
N ALA G 248 -17.64 50.31 0.45
CA ALA G 248 -18.23 51.51 -0.10
C ALA G 248 -18.01 51.59 -1.61
N ALA G 249 -16.81 51.26 -2.07
CA ALA G 249 -16.57 51.27 -3.51
C ALA G 249 -17.46 50.25 -4.22
N ASN G 250 -17.80 49.15 -3.56
CA ASN G 250 -18.66 48.11 -4.11
C ASN G 250 -20.14 48.37 -3.86
N HIS G 251 -20.48 49.45 -3.16
CA HIS G 251 -21.85 49.71 -2.71
C HIS G 251 -22.46 48.49 -2.00
N HIS G 252 -21.72 47.96 -1.03
CA HIS G 252 -22.09 46.75 -0.35
C HIS G 252 -22.10 47.03 1.15
N SER G 253 -23.09 46.49 1.85
CA SER G 253 -23.18 46.63 3.31
C SER G 253 -22.65 45.38 4.00
N VAL G 254 -21.73 45.56 4.96
CA VAL G 254 -21.20 44.44 5.76
C VAL G 254 -20.96 44.91 7.19
N LYS G 255 -21.30 44.06 8.16
CA LYS G 255 -21.08 44.38 9.56
C LYS G 255 -19.92 43.56 10.12
N ILE G 256 -19.43 43.95 11.30
CA ILE G 256 -18.16 43.46 11.82
C ILE G 256 -18.41 42.79 13.17
N GLY G 257 -17.94 41.55 13.31
CA GLY G 257 -17.93 40.85 14.60
C GLY G 257 -16.53 40.42 14.99
N VAL G 258 -16.23 40.46 16.30
CA VAL G 258 -14.89 40.19 16.79
C VAL G 258 -14.95 39.17 17.89
N ASN G 259 -14.11 38.14 17.79
CA ASN G 259 -14.02 37.14 18.86
C ASN G 259 -13.36 37.73 20.11
N ALA G 260 -13.92 37.39 21.28
CA ALA G 260 -13.32 37.75 22.57
C ALA G 260 -13.55 36.59 23.54
N PHE G 261 -12.49 36.13 24.21
CA PHE G 261 -12.66 35.18 25.30
C PHE G 261 -12.91 36.00 26.57
N VAL G 262 -14.16 35.99 27.04
CA VAL G 262 -14.61 36.87 28.11
C VAL G 262 -14.36 36.18 29.44
N ILE G 263 -13.55 36.80 30.30
CA ILE G 263 -13.36 36.33 31.69
C ILE G 263 -13.77 37.51 32.57
N ALA G 264 -15.03 37.51 33.02
CA ALA G 264 -15.57 38.58 33.86
C ALA G 264 -15.66 38.05 35.27
N ARG G 265 -15.02 38.75 36.21
CA ARG G 265 -15.07 38.34 37.61
C ARG G 265 -15.29 39.60 38.44
N ASP G 266 -15.67 39.43 39.71
CA ASP G 266 -15.89 40.61 40.52
C ASP G 266 -14.63 41.46 40.66
N THR G 267 -13.47 40.82 40.68
CA THR G 267 -12.20 41.54 40.76
C THR G 267 -11.36 41.23 39.52
N GLU G 268 -10.61 42.24 39.08
CA GLU G 268 -9.64 42.02 38.02
C GLU G 268 -8.62 40.96 38.43
N GLU G 269 -8.22 41.00 39.71
CA GLU G 269 -7.25 40.01 40.21
C GLU G 269 -7.72 38.58 39.96
N GLU G 270 -8.99 38.28 40.23
CA GLU G 270 -9.47 36.92 39.99
C GLU G 270 -9.53 36.62 38.49
N ALA G 271 -10.03 37.57 37.69
CA ALA G 271 -10.10 37.34 36.24
C ALA G 271 -8.72 37.00 35.69
N LYS G 272 -7.70 37.73 36.12
CA LYS G 272 -6.35 37.47 35.64
C LYS G 272 -5.79 36.15 36.18
N ALA G 273 -6.14 35.77 37.42
CA ALA G 273 -5.71 34.48 37.92
C ALA G 273 -6.31 33.34 37.10
N VAL G 274 -7.58 33.46 36.71
CA VAL G 274 -8.19 32.44 35.85
C VAL G 274 -7.44 32.34 34.52
N LEU G 275 -7.13 33.48 33.89
CA LEU G 275 -6.42 33.44 32.63
C LEU G 275 -5.08 32.72 32.78
N ALA G 276 -4.37 33.00 33.88
CA ALA G 276 -3.08 32.36 34.12
C ALA G 276 -3.24 30.86 34.32
N GLN G 277 -4.29 30.43 35.04
CA GLN G 277 -4.51 29.00 35.21
C GLN G 277 -4.81 28.31 33.88
N ILE G 278 -5.63 28.94 33.03
CA ILE G 278 -5.90 28.34 31.71
C ILE G 278 -4.59 28.09 30.98
N ILE G 279 -3.75 29.12 30.90
CA ILE G 279 -2.48 29.04 30.19
C ILE G 279 -1.53 28.07 30.88
N ASP G 280 -1.43 28.14 32.20
CA ASP G 280 -0.50 27.26 32.90
C ASP G 280 -0.86 25.79 32.73
N GLN G 281 -2.14 25.47 32.55
CA GLN G 281 -2.60 24.10 32.31
C GLN G 281 -2.76 23.79 30.82
N ALA G 282 -2.19 24.61 29.95
CA ALA G 282 -2.26 24.33 28.52
C ALA G 282 -1.69 22.94 28.21
N ASP G 283 -2.28 22.28 27.22
CA ASP G 283 -1.77 21.01 26.70
C ASP G 283 -0.71 21.33 25.65
N PRO G 284 0.57 21.28 26.00
CA PRO G 284 1.59 21.85 25.09
C PRO G 284 1.74 21.11 23.78
N GLU G 285 1.59 19.79 23.78
CA GLU G 285 1.60 19.04 22.52
C GLU G 285 0.41 19.42 21.64
N ALA G 286 -0.76 19.62 22.26
CA ALA G 286 -1.94 20.01 21.47
C ALA G 286 -1.82 21.44 20.96
N VAL G 287 -1.23 22.33 21.77
CA VAL G 287 -1.07 23.72 21.32
C VAL G 287 -0.10 23.78 20.15
N ASN G 288 1.01 23.05 20.25
CA ASN G 288 2.03 23.09 19.20
C ASN G 288 1.49 22.50 17.90
N ALA G 289 0.74 21.41 18.00
CA ALA G 289 0.17 20.80 16.80
C ALA G 289 -0.81 21.75 16.12
N PHE G 290 -1.68 22.40 16.90
CA PHE G 290 -2.58 23.42 16.35
C PHE G 290 -1.80 24.57 15.71
N GLY G 291 -0.79 25.10 16.42
CA GLY G 291 -0.02 26.22 15.87
C GLY G 291 0.67 25.87 14.56
N ASP G 292 1.17 24.64 14.45
CA ASP G 292 1.80 24.20 13.20
CA ASP G 292 1.80 24.20 13.20
C ASP G 292 0.78 24.14 12.07
N ALA G 293 -0.40 23.58 12.33
CA ALA G 293 -1.43 23.52 11.30
C ALA G 293 -1.95 24.91 10.93
N ALA G 294 -2.02 25.84 11.92
CA ALA G 294 -2.58 27.16 11.70
C ALA G 294 -1.73 28.00 10.75
N LYS G 295 -0.50 27.58 10.48
CA LYS G 295 0.37 28.30 9.54
C LYS G 295 -0.21 28.30 8.14
N GLN G 296 -1.16 27.41 7.84
CA GLN G 296 -1.81 27.44 6.53
C GLN G 296 -2.89 28.52 6.41
N ALA G 297 -3.15 29.29 7.48
CA ALA G 297 -4.06 30.42 7.38
C ALA G 297 -3.28 31.69 7.03
N GLY G 298 -3.22 32.69 7.93
CA GLY G 298 -2.65 33.97 7.53
C GLY G 298 -1.21 33.91 7.02
N ARG G 299 -0.37 33.09 7.67
CA ARG G 299 1.03 33.02 7.29
C ARG G 299 1.20 32.56 5.84
N ALA G 300 0.24 31.80 5.33
CA ALA G 300 0.33 31.24 3.98
C ALA G 300 -0.30 32.15 2.93
N SER G 301 -0.95 33.23 3.34
CA SER G 301 -1.49 34.18 2.40
C SER G 301 -0.35 34.92 1.73
N PRO G 302 -0.60 35.57 0.59
CA PRO G 302 0.48 36.33 -0.06
C PRO G 302 1.07 37.42 0.81
N GLU G 303 0.23 38.07 1.62
CA GLU G 303 0.69 39.12 2.51
C GLU G 303 1.33 38.59 3.78
N GLY G 304 1.14 37.32 4.09
CA GLY G 304 1.57 36.79 5.37
C GLY G 304 0.77 37.27 6.56
N GLU G 305 -0.44 37.81 6.35
CA GLU G 305 -1.27 38.36 7.43
C GLU G 305 -2.62 37.65 7.42
N GLY G 306 -3.13 37.36 8.61
CA GLY G 306 -4.42 36.72 8.76
C GLY G 306 -4.43 35.90 10.02
N ASN G 307 -5.42 35.00 10.11
CA ASN G 307 -5.60 34.21 11.33
C ASN G 307 -4.30 33.49 11.68
N TRP G 308 -3.88 33.63 12.95
CA TRP G 308 -2.73 32.96 13.55
C TRP G 308 -1.37 33.39 13.03
N ALA G 309 -1.28 34.37 12.14
CA ALA G 309 0.03 34.72 11.61
C ALA G 309 0.98 35.27 12.67
N LYS G 310 0.46 35.82 13.76
CA LYS G 310 1.29 36.44 14.78
C LYS G 310 1.02 35.87 16.16
N SER G 311 0.58 34.62 16.26
CA SER G 311 0.09 34.08 17.53
C SER G 311 1.21 33.31 18.23
N THR G 312 1.54 33.72 19.47
CA THR G 312 2.48 32.98 20.29
C THR G 312 1.78 31.76 20.90
N PHE G 313 2.57 30.90 21.54
CA PHE G 313 2.03 29.76 22.28
C PHE G 313 0.90 30.21 23.22
N GLU G 314 1.17 31.23 24.05
CA GLU G 314 0.14 31.70 24.96
C GLU G 314 -1.12 32.19 24.22
N ASP G 315 -0.96 32.79 23.04
CA ASP G 315 -2.12 33.25 22.28
C ASP G 315 -2.93 32.06 21.79
N LEU G 316 -2.25 31.03 21.30
CA LEU G 316 -2.93 29.89 20.67
C LEU G 316 -3.80 29.12 21.66
N VAL G 317 -3.57 29.29 22.96
CA VAL G 317 -4.36 28.57 23.97
C VAL G 317 -5.85 28.87 23.82
N GLN G 318 -6.22 30.08 23.41
CA GLN G 318 -7.58 30.32 22.93
C GLN G 318 -7.51 30.32 21.42
N TYR G 319 -8.18 29.36 20.79
CA TYR G 319 -7.80 29.00 19.43
C TYR G 319 -8.34 29.95 18.34
N ASN G 320 -9.02 31.03 18.72
CA ASN G 320 -9.26 32.15 17.80
C ASN G 320 -8.72 33.47 18.35
N ASP G 321 -7.59 33.37 19.07
CA ASP G 321 -6.88 34.53 19.63
C ASP G 321 -7.76 35.36 20.56
N GLY G 322 -8.71 34.73 21.25
CA GLY G 322 -9.72 35.46 22.02
C GLY G 322 -9.18 36.20 23.23
N PHE G 323 -8.01 35.81 23.74
CA PHE G 323 -7.44 36.57 24.86
C PHE G 323 -7.00 37.96 24.42
N LYS G 324 -6.58 38.14 23.16
CA LYS G 324 -6.06 39.45 22.73
C LYS G 324 -7.08 40.60 22.86
N THR G 325 -8.37 40.32 22.72
CA THR G 325 -9.38 41.37 22.79
C THR G 325 -9.49 41.95 24.21
N ASN G 326 -8.96 41.25 25.21
CA ASN G 326 -8.75 41.80 26.55
C ASN G 326 -10.06 42.07 27.28
N LEU G 327 -11.12 41.30 26.98
CA LEU G 327 -12.36 41.38 27.78
C LEU G 327 -12.21 40.48 29.01
N ILE G 328 -11.19 40.79 29.81
CA ILE G 328 -10.77 40.01 30.96
C ILE G 328 -10.61 41.01 32.10
N GLY G 329 -11.45 40.87 33.11
CA GLY G 329 -11.46 41.86 34.19
C GLY G 329 -12.82 41.93 34.85
N THR G 330 -13.12 43.10 35.45
CA THR G 330 -14.40 43.30 36.11
C THR G 330 -15.48 43.60 35.09
N PRO G 331 -16.75 43.45 35.46
CA PRO G 331 -17.82 43.85 34.55
C PRO G 331 -17.67 45.28 34.06
N GLN G 332 -17.33 46.24 34.92
CA GLN G 332 -17.21 47.61 34.44
C GLN G 332 -16.10 47.76 33.42
N GLN G 333 -14.93 47.13 33.66
CA GLN G 333 -13.84 47.19 32.70
C GLN G 333 -14.25 46.60 31.38
N ILE G 334 -14.95 45.47 31.41
CA ILE G 334 -15.31 44.80 30.17
C ILE G 334 -16.34 45.62 29.40
N ALA G 335 -17.35 46.14 30.09
CA ALA G 335 -18.34 46.99 29.42
C ALA G 335 -17.68 48.18 28.74
N GLU G 336 -16.72 48.84 29.42
CA GLU G 336 -16.05 50.00 28.85
C GLU G 336 -15.24 49.61 27.62
N ARG G 337 -14.57 48.45 27.68
CA ARG G 337 -13.81 47.98 26.52
C ARG G 337 -14.71 47.59 25.35
N ILE G 338 -15.90 47.06 25.62
CA ILE G 338 -16.83 46.75 24.55
C ILE G 338 -17.29 48.02 23.86
N VAL G 339 -17.59 49.06 24.64
CA VAL G 339 -17.99 50.32 24.03
C VAL G 339 -16.85 50.91 23.21
N ALA G 340 -15.61 50.71 23.66
CA ALA G 340 -14.47 51.21 22.89
C ALA G 340 -14.29 50.45 21.57
N LEU G 341 -14.66 49.16 21.54
CA LEU G 341 -14.63 48.44 20.27
C LEU G 341 -15.70 48.96 19.31
N LYS G 342 -16.91 49.24 19.83
CA LYS G 342 -17.93 49.88 18.99
C LYS G 342 -17.36 51.10 18.29
N ALA G 343 -16.57 51.88 19.03
CA ALA G 343 -16.03 53.14 18.54
C ALA G 343 -15.11 52.96 17.34
N VAL G 344 -14.55 51.77 17.10
CA VAL G 344 -13.76 51.55 15.88
C VAL G 344 -14.53 50.74 14.83
N GLY G 345 -15.83 50.52 15.03
CA GLY G 345 -16.68 49.95 14.00
C GLY G 345 -17.11 48.52 14.27
N VAL G 346 -16.95 48.01 15.49
CA VAL G 346 -17.40 46.67 15.84
C VAL G 346 -18.90 46.69 16.12
N ASP G 347 -19.65 45.88 15.38
CA ASP G 347 -21.09 45.75 15.54
C ASP G 347 -21.51 44.58 16.44
N LEU G 348 -20.62 43.63 16.71
CA LEU G 348 -20.96 42.41 17.43
C LEU G 348 -19.72 41.87 18.16
N VAL G 349 -19.92 41.45 19.41
CA VAL G 349 -18.90 40.77 20.19
C VAL G 349 -19.29 39.29 20.23
N LEU G 350 -18.36 38.45 19.77
CA LEU G 350 -18.53 37.00 19.68
C LEU G 350 -17.78 36.42 20.88
N ALA G 351 -18.52 35.95 21.89
CA ALA G 351 -17.90 35.66 23.18
C ALA G 351 -17.66 34.17 23.38
N GLY G 352 -16.44 33.81 23.82
CA GLY G 352 -16.16 32.51 24.37
C GLY G 352 -16.03 32.58 25.88
N PHE G 353 -16.25 31.43 26.55
CA PHE G 353 -16.24 31.37 28.00
C PHE G 353 -15.54 30.11 28.48
N LEU G 354 -15.09 30.14 29.74
CA LEU G 354 -14.50 28.93 30.33
C LEU G 354 -15.57 27.98 30.82
N HIS G 355 -16.46 28.47 31.69
CA HIS G 355 -17.56 27.67 32.25
C HIS G 355 -18.84 28.23 31.62
N PHE G 356 -19.29 27.63 30.51
CA PHE G 356 -20.21 28.35 29.62
C PHE G 356 -21.52 28.72 30.31
N GLN G 357 -22.23 27.74 30.87
CA GLN G 357 -23.56 28.02 31.41
C GLN G 357 -23.48 29.11 32.48
N GLU G 358 -22.61 28.93 33.46
CA GLU G 358 -22.64 29.87 34.58
C GLU G 358 -22.13 31.25 34.17
N GLU G 359 -21.16 31.31 33.24
CA GLU G 359 -20.61 32.59 32.81
C GLU G 359 -21.52 33.32 31.83
N VAL G 360 -22.26 32.60 31.00
CA VAL G 360 -23.30 33.25 30.20
C VAL G 360 -24.34 33.89 31.12
N GLU G 361 -24.76 33.18 32.15
CA GLU G 361 -25.74 33.75 33.07
C GLU G 361 -25.19 35.00 33.74
N TYR G 362 -23.95 34.93 34.25
CA TYR G 362 -23.33 36.08 34.88
C TYR G 362 -23.16 37.23 33.89
N PHE G 363 -22.78 36.92 32.64
CA PHE G 363 -22.66 37.98 31.64
C PHE G 363 -23.99 38.73 31.47
N GLY G 364 -25.09 38.01 31.38
CA GLY G 364 -26.37 38.66 31.19
C GLY G 364 -26.83 39.42 32.43
N GLN G 365 -26.41 38.98 33.60
CA GLN G 365 -26.78 39.68 34.83
C GLN G 365 -25.89 40.87 35.12
N ARG G 366 -24.61 40.79 34.81
CA ARG G 366 -23.65 41.74 35.37
C ARG G 366 -22.92 42.58 34.35
N VAL G 367 -22.74 42.08 33.13
CA VAL G 367 -21.93 42.76 32.12
C VAL G 367 -22.81 43.42 31.07
N LEU G 368 -23.65 42.63 30.38
CA LEU G 368 -24.51 43.19 29.34
C LEU G 368 -25.32 44.38 29.83
N PRO G 369 -25.94 44.37 31.02
CA PRO G 369 -26.65 45.57 31.47
C PRO G 369 -25.78 46.81 31.60
N LEU G 370 -24.51 46.67 32.02
CA LEU G 370 -23.63 47.85 32.04
C LEU G 370 -23.39 48.38 30.62
N VAL G 371 -23.26 47.48 29.64
CA VAL G 371 -23.09 47.92 28.26
C VAL G 371 -24.29 48.74 27.82
N ARG G 372 -25.50 48.23 28.08
CA ARG G 372 -26.71 48.96 27.66
C ARG G 372 -26.81 50.30 28.38
N GLU G 373 -26.40 50.36 29.65
CA GLU G 373 -26.43 51.64 30.37
C GLU G 373 -25.45 52.64 29.76
N LEU G 374 -24.25 52.18 29.40
CA LEU G 374 -23.32 53.07 28.74
C LEU G 374 -23.85 53.54 27.38
N GLU G 375 -24.44 52.62 26.62
CA GLU G 375 -25.03 53.03 25.34
C GLU G 375 -26.15 54.04 25.53
N ALA G 376 -26.98 53.88 26.57
CA ALA G 376 -28.07 54.82 26.79
C ALA G 376 -27.54 56.20 27.17
N LYS G 377 -26.50 56.27 27.99
CA LYS G 377 -25.92 57.56 28.36
C LYS G 377 -25.20 58.20 27.18
N ALA G 378 -24.55 57.40 26.34
CA ALA G 378 -23.95 57.97 25.14
C ALA G 378 -25.00 58.52 24.20
N GLN G 379 -26.17 57.86 24.14
CA GLN G 379 -27.27 58.37 23.33
C GLN G 379 -27.79 59.69 23.87
N SER G 380 -27.84 59.84 25.20
CA SER G 380 -28.31 61.09 25.80
C SER G 380 -27.39 62.26 25.47
N ALA G 381 -26.10 62.00 25.32
CA ALA G 381 -25.13 63.05 24.98
C ALA G 381 -25.06 63.29 23.46
N GLN H 27 -38.37 -12.44 11.79
CA GLN H 27 -39.32 -13.34 11.15
C GLN H 27 -40.65 -12.68 10.75
N ALA H 28 -41.25 -11.88 11.64
CA ALA H 28 -42.46 -11.16 11.28
C ALA H 28 -42.14 -10.17 10.16
N VAL H 29 -43.06 -10.03 9.20
CA VAL H 29 -42.88 -9.01 8.17
C VAL H 29 -42.86 -7.61 8.83
N LYS H 30 -41.96 -6.75 8.37
CA LYS H 30 -41.86 -5.38 8.88
C LYS H 30 -42.60 -4.41 7.96
N PHE H 31 -42.92 -3.22 8.50
CA PHE H 31 -43.63 -2.22 7.72
C PHE H 31 -42.93 -0.88 7.81
N ALA H 32 -42.82 -0.22 6.66
CA ALA H 32 -42.38 1.17 6.57
C ALA H 32 -43.46 1.94 5.82
N TYR H 33 -43.48 3.27 5.99
CA TYR H 33 -44.35 4.13 5.17
C TYR H 33 -43.51 5.22 4.52
N TRP H 34 -43.93 5.66 3.34
CA TRP H 34 -43.28 6.79 2.70
C TRP H 34 -43.69 8.07 3.41
N VAL H 35 -42.71 8.87 3.81
CA VAL H 35 -42.97 10.20 4.36
C VAL H 35 -43.42 11.12 3.24
N PRO H 36 -44.56 11.79 3.35
CA PRO H 36 -44.93 12.72 2.27
C PRO H 36 -44.22 14.05 2.49
N ASN H 37 -42.91 14.09 2.23
CA ASN H 37 -42.15 15.35 2.34
C ASN H 37 -42.15 16.13 1.04
N VAL H 38 -42.90 15.66 0.06
CA VAL H 38 -43.03 16.26 -1.25
C VAL H 38 -44.50 16.65 -1.42
N SER H 39 -44.76 17.80 -2.04
N SER H 39 -44.72 17.85 -1.94
CA SER H 39 -46.08 18.44 -1.90
CA SER H 39 -46.07 18.26 -2.27
C SER H 39 -47.23 17.74 -2.64
C SER H 39 -46.62 17.30 -3.32
N GLY H 40 -46.97 16.77 -3.51
N GLY H 40 -47.94 17.14 -3.30
CA GLY H 40 -48.05 16.17 -4.27
CA GLY H 40 -48.60 16.19 -4.18
C GLY H 40 -48.40 14.78 -3.78
C GLY H 40 -48.68 14.78 -3.63
N GLY H 41 -47.95 14.46 -2.56
CA GLY H 41 -48.15 13.16 -1.95
C GLY H 41 -47.42 12.08 -2.70
N LEU H 42 -48.00 10.87 -2.68
CA LEU H 42 -47.38 9.70 -3.28
C LEU H 42 -48.01 9.30 -4.62
N VAL H 43 -48.74 10.21 -5.26
CA VAL H 43 -49.33 9.92 -6.58
C VAL H 43 -49.10 11.14 -7.47
N VAL H 44 -49.08 10.91 -8.78
CA VAL H 44 -48.99 12.00 -9.76
C VAL H 44 -50.41 12.29 -10.24
N SER H 45 -51.20 12.98 -9.42
CA SER H 45 -52.63 13.10 -9.68
C SER H 45 -53.16 14.34 -9.00
N ARG H 46 -54.22 14.91 -9.56
CA ARG H 46 -54.85 16.08 -8.96
C ARG H 46 -55.95 15.71 -7.96
N ILE H 47 -56.14 14.43 -7.68
CA ILE H 47 -57.20 14.02 -6.77
C ILE H 47 -56.99 14.66 -5.41
N GLU H 48 -58.08 15.06 -4.77
CA GLU H 48 -58.00 15.65 -3.44
C GLU H 48 -57.44 14.64 -2.44
N GLN H 49 -56.44 15.07 -1.67
CA GLN H 49 -55.76 14.22 -0.70
C GLN H 49 -55.74 14.91 0.64
N ARG H 50 -56.12 14.19 1.70
CA ARG H 50 -55.93 14.71 3.07
C ARG H 50 -54.53 14.34 3.55
N THR H 51 -53.56 14.94 2.87
CA THR H 51 -52.14 14.68 3.05
C THR H 51 -51.45 16.02 2.88
N ASP H 52 -50.37 16.26 3.64
CA ASP H 52 -49.65 17.53 3.53
C ASP H 52 -48.15 17.27 3.67
N TRP H 53 -47.35 18.14 3.07
CA TRP H 53 -45.90 17.95 3.06
C TRP H 53 -45.18 18.72 4.18
N GLY H 54 -45.90 19.52 4.95
CA GLY H 54 -45.30 20.30 6.01
C GLY H 54 -45.00 19.50 7.27
N ILE H 55 -44.22 20.11 8.17
CA ILE H 55 -43.74 19.39 9.35
C ILE H 55 -44.87 19.06 10.32
N ASP H 56 -45.86 19.95 10.44
CA ASP H 56 -46.94 19.71 11.40
C ASP H 56 -47.72 18.43 11.05
N TYR H 57 -48.15 18.33 9.79
CA TYR H 57 -48.84 17.14 9.35
C TYR H 57 -47.95 15.90 9.53
N ASN H 58 -46.66 16.04 9.22
CA ASN H 58 -45.78 14.88 9.24
C ASN H 58 -45.38 14.46 10.65
N ARG H 59 -45.27 15.40 11.59
CA ARG H 59 -45.06 15.01 12.97
C ARG H 59 -46.20 14.10 13.46
N LYS H 60 -47.44 14.55 13.28
CA LYS H 60 -48.60 13.77 13.71
C LYS H 60 -48.65 12.44 12.97
N LEU H 61 -48.35 12.44 11.66
CA LEU H 61 -48.33 11.21 10.89
C LEU H 61 -47.31 10.23 11.45
N ALA H 62 -46.10 10.72 11.72
CA ALA H 62 -45.07 9.84 12.27
C ALA H 62 -45.52 9.21 13.59
N GLN H 63 -46.21 9.99 14.44
CA GLN H 63 -46.66 9.45 15.71
C GLN H 63 -47.77 8.43 15.53
N LEU H 64 -48.66 8.66 14.56
CA LEU H 64 -49.72 7.69 14.26
C LEU H 64 -49.13 6.40 13.66
N ALA H 65 -48.09 6.54 12.84
CA ALA H 65 -47.43 5.37 12.25
C ALA H 65 -46.79 4.52 13.32
N GLU H 66 -46.06 5.17 14.22
CA GLU H 66 -45.48 4.48 15.36
C GLU H 66 -46.56 3.73 16.13
N ALA H 67 -47.68 4.41 16.42
CA ALA H 67 -48.77 3.75 17.12
C ALA H 67 -49.39 2.61 16.32
N ALA H 68 -49.46 2.74 14.99
CA ALA H 68 -50.07 1.70 14.16
C ALA H 68 -49.19 0.48 13.99
N GLY H 69 -47.91 0.54 14.35
CA GLY H 69 -47.03 -0.60 14.20
C GLY H 69 -46.06 -0.52 13.04
N PHE H 70 -45.85 0.65 12.44
CA PHE H 70 -44.78 0.83 11.46
C PHE H 70 -43.44 0.96 12.15
N GLU H 71 -42.45 0.21 11.67
CA GLU H 71 -41.12 0.27 12.24
C GLU H 71 -40.30 1.39 11.64
N TYR H 72 -40.54 1.74 10.37
CA TYR H 72 -39.74 2.69 9.62
C TYR H 72 -40.58 3.73 8.87
N ALA H 73 -39.97 4.90 8.69
CA ALA H 73 -40.42 5.94 7.78
C ALA H 73 -39.30 6.17 6.78
N LEU H 74 -39.67 6.32 5.50
CA LEU H 74 -38.71 6.54 4.40
C LEU H 74 -38.95 7.92 3.82
N THR H 75 -37.92 8.80 3.87
N THR H 75 -37.98 8.81 4.02
CA THR H 75 -38.03 10.19 3.41
CA THR H 75 -38.03 10.04 3.29
C THR H 75 -37.29 10.36 2.08
C THR H 75 -37.59 9.79 1.85
N GLN H 76 -38.03 10.65 0.99
CA GLN H 76 -37.42 10.66 -0.33
CA GLN H 76 -37.47 10.68 -0.36
C GLN H 76 -36.61 11.92 -0.53
N ILE H 77 -35.67 11.84 -1.47
CA ILE H 77 -34.76 12.95 -1.75
C ILE H 77 -35.04 13.56 -3.11
N ARG H 78 -35.24 14.88 -3.13
CA ARG H 78 -35.33 15.67 -4.35
C ARG H 78 -34.51 16.92 -4.13
N PHE H 79 -33.93 17.43 -5.22
CA PHE H 79 -33.39 18.79 -5.25
C PHE H 79 -34.24 19.77 -6.02
N THR H 80 -35.04 19.28 -6.97
CA THR H 80 -35.96 20.13 -7.71
C THR H 80 -37.18 19.31 -8.07
N ALA H 81 -38.24 20.02 -8.43
N ALA H 81 -38.24 19.97 -8.56
CA ALA H 81 -39.55 19.41 -8.62
CA ALA H 81 -39.33 19.25 -9.22
C ALA H 81 -39.50 18.35 -9.70
C ALA H 81 -40.34 20.24 -9.79
N GLY H 82 -40.23 17.27 -9.46
N GLY H 82 -41.23 19.72 -10.65
CA GLY H 82 -40.48 16.26 -10.46
CA GLY H 82 -42.27 20.52 -11.26
C GLY H 82 -41.68 15.46 -9.99
C GLY H 82 -43.63 19.88 -11.08
N TYR H 83 -42.33 14.80 -10.95
N TYR H 83 -44.65 20.60 -11.55
CA TYR H 83 -43.47 13.91 -10.67
CA TYR H 83 -46.07 20.20 -11.44
C TYR H 83 -44.53 14.58 -9.80
C TYR H 83 -46.43 20.17 -9.95
N GLY H 84 -44.74 15.88 -10.01
N GLY H 84 -47.15 19.14 -9.49
CA GLY H 84 -45.77 16.61 -9.31
CA GLY H 84 -47.58 19.04 -8.11
C GLY H 84 -45.40 17.17 -7.95
C GLY H 84 -46.48 18.71 -7.11
N ALA H 85 -44.14 17.06 -7.52
N ALA H 85 -45.40 18.03 -7.54
CA ALA H 85 -43.74 17.55 -6.20
CA ALA H 85 -44.27 17.65 -6.68
C ALA H 85 -43.18 18.97 -6.34
C ALA H 85 -43.38 18.86 -6.46
N GLU H 86 -44.06 19.98 -6.43
CA GLU H 86 -43.53 21.33 -6.62
C GLU H 86 -42.63 21.77 -5.48
N PHE H 87 -42.89 21.31 -4.26
CA PHE H 87 -42.07 21.63 -3.07
C PHE H 87 -41.60 20.33 -2.46
N GLN H 88 -40.36 20.32 -1.95
CA GLN H 88 -39.83 19.13 -1.29
C GLN H 88 -38.98 19.56 -0.10
N HIS H 89 -39.22 18.98 1.07
CA HIS H 89 -38.32 19.28 2.18
C HIS H 89 -37.06 18.44 2.06
N GLU H 90 -35.93 19.03 2.46
CA GLU H 90 -34.64 18.32 2.39
C GLU H 90 -34.67 17.06 3.25
N SER H 91 -34.20 15.93 2.70
CA SER H 91 -34.49 14.63 3.32
C SER H 91 -33.87 14.46 4.71
N VAL H 92 -32.63 14.91 4.89
CA VAL H 92 -31.95 14.59 6.15
C VAL H 92 -32.45 15.47 7.28
N ALA H 93 -32.56 16.78 7.04
CA ALA H 93 -33.08 17.67 8.09
C ALA H 93 -34.52 17.33 8.44
N PHE H 94 -35.33 16.99 7.43
CA PHE H 94 -36.70 16.56 7.72
C PHE H 94 -36.72 15.29 8.56
N SER H 95 -35.83 14.34 8.24
CA SER H 95 -35.78 13.09 9.00
C SER H 95 -35.42 13.38 10.45
N HIS H 96 -34.48 14.28 10.67
CA HIS H 96 -34.11 14.66 12.03
C HIS H 96 -35.31 15.22 12.79
N ALA H 97 -36.09 16.09 12.14
CA ALA H 97 -37.26 16.68 12.79
C ALA H 97 -38.29 15.61 13.13
N LEU H 98 -38.45 14.60 12.27
CA LEU H 98 -39.42 13.54 12.57
C LEU H 98 -38.92 12.65 13.70
N LEU H 99 -37.63 12.40 13.76
CA LEU H 99 -37.11 11.63 14.89
C LEU H 99 -37.29 12.41 16.18
N ALA H 100 -37.09 13.73 16.14
CA ALA H 100 -37.27 14.49 17.38
C ALA H 100 -38.71 14.47 17.87
N ALA H 101 -39.66 14.16 17.01
CA ALA H 101 -41.08 14.14 17.36
C ALA H 101 -41.58 12.75 17.77
N THR H 102 -40.73 11.73 17.74
CA THR H 102 -41.14 10.35 17.98
C THR H 102 -40.19 9.76 19.03
N SER H 103 -40.44 8.52 19.44
CA SER H 103 -39.53 7.89 20.39
C SER H 103 -39.01 6.53 19.95
N GLN H 104 -39.79 5.77 19.17
CA GLN H 104 -39.35 4.46 18.70
C GLN H 104 -39.20 4.36 17.21
N LEU H 105 -39.91 5.20 16.45
CA LEU H 105 -39.86 5.12 14.99
C LEU H 105 -38.44 5.31 14.49
N LYS H 106 -38.04 4.51 13.50
CA LYS H 106 -36.78 4.71 12.83
C LYS H 106 -37.07 5.42 11.53
N VAL H 107 -36.20 6.37 11.17
CA VAL H 107 -36.40 7.16 9.97
C VAL H 107 -35.22 6.98 9.02
N ILE H 108 -35.54 6.65 7.78
CA ILE H 108 -34.57 6.38 6.73
C ILE H 108 -34.48 7.65 5.88
N ALA H 109 -33.31 8.31 5.91
CA ALA H 109 -33.06 9.49 5.08
C ALA H 109 -32.47 9.08 3.73
N ALA H 110 -33.11 9.49 2.63
CA ALA H 110 -32.57 9.16 1.31
C ALA H 110 -31.44 10.11 0.92
N ILE H 111 -30.40 9.57 0.31
CA ILE H 111 -29.21 10.32 -0.07
C ILE H 111 -28.79 9.93 -1.48
N LEU H 112 -28.49 10.92 -2.33
CA LEU H 112 -28.07 10.75 -3.72
C LEU H 112 -26.60 11.07 -3.81
N PRO H 113 -25.70 10.10 -4.00
CA PRO H 113 -24.29 10.44 -4.23
C PRO H 113 -24.15 11.38 -5.43
N GLY H 114 -23.19 12.28 -5.34
CA GLY H 114 -23.02 13.29 -6.36
C GLY H 114 -23.16 14.65 -5.68
N PRO H 115 -24.38 15.14 -5.55
CA PRO H 115 -24.59 16.36 -4.73
C PRO H 115 -24.38 16.11 -3.26
N TRP H 116 -24.39 14.85 -2.83
CA TRP H 116 -23.97 14.47 -1.48
C TRP H 116 -22.58 13.84 -1.53
N GLN H 117 -21.78 14.09 -0.49
CA GLN H 117 -20.48 13.42 -0.37
C GLN H 117 -20.47 12.58 0.90
N PRO H 118 -19.67 11.49 0.96
CA PRO H 118 -19.81 10.56 2.10
C PRO H 118 -19.22 11.06 3.41
N ALA H 119 -18.17 11.89 3.40
CA ALA H 119 -17.65 12.36 4.68
C ALA H 119 -18.72 13.16 5.42
N LEU H 120 -19.38 14.07 4.70
CA LEU H 120 -20.43 14.87 5.33
C LEU H 120 -21.65 14.01 5.66
N ALA H 121 -22.06 13.12 4.76
CA ALA H 121 -23.18 12.23 5.11
C ALA H 121 -22.87 11.40 6.36
N ALA H 122 -21.67 10.83 6.44
CA ALA H 122 -21.34 10.00 7.60
C ALA H 122 -21.39 10.82 8.89
N LYS H 123 -20.89 12.05 8.85
CA LYS H 123 -20.76 12.80 10.09
C LYS H 123 -22.10 13.38 10.51
N GLN H 124 -22.87 13.89 9.56
CA GLN H 124 -24.18 14.44 9.89
C GLN H 124 -25.12 13.35 10.38
N LEU H 125 -25.14 12.21 9.70
CA LEU H 125 -25.97 11.11 10.20
C LEU H 125 -25.51 10.62 11.56
N ALA H 126 -24.19 10.60 11.81
CA ALA H 126 -23.74 10.13 13.13
C ALA H 126 -24.21 11.08 14.24
N THR H 127 -24.08 12.38 14.03
CA THR H 127 -24.59 13.33 15.01
C THR H 127 -26.09 13.18 15.21
N ILE H 128 -26.86 13.05 14.11
CA ILE H 128 -28.29 12.86 14.27
C ILE H 128 -28.57 11.59 15.05
N ASP H 129 -27.84 10.51 14.74
CA ASP H 129 -28.01 9.25 15.47
C ASP H 129 -27.79 9.45 16.98
N GLN H 130 -26.75 10.21 17.34
CA GLN H 130 -26.47 10.47 18.75
C GLN H 130 -27.57 11.29 19.40
N LEU H 131 -28.19 12.19 18.65
CA LEU H 131 -29.23 13.04 19.21
C LEU H 131 -30.59 12.37 19.24
N THR H 132 -30.74 11.23 18.56
CA THR H 132 -32.06 10.61 18.43
C THR H 132 -32.08 9.20 18.98
N ASN H 133 -31.10 8.83 19.81
CA ASN H 133 -31.06 7.51 20.41
C ASN H 133 -30.90 6.40 19.36
N GLY H 134 -30.13 6.68 18.32
CA GLY H 134 -29.74 5.64 17.40
C GLY H 134 -30.80 5.17 16.41
N ARG H 135 -31.65 6.08 15.92
CA ARG H 135 -32.82 5.71 15.12
C ARG H 135 -32.75 6.18 13.67
N ILE H 136 -31.65 6.70 13.22
CA ILE H 136 -31.56 7.15 11.83
C ILE H 136 -30.97 6.06 10.96
N ALA H 137 -31.44 5.99 9.71
CA ALA H 137 -30.91 5.10 8.69
C ALA H 137 -30.82 5.87 7.39
N VAL H 138 -30.24 5.24 6.36
CA VAL H 138 -29.98 5.92 5.09
C VAL H 138 -30.47 5.04 3.96
N ASN H 139 -31.03 5.68 2.93
CA ASN H 139 -31.41 5.00 1.69
C ASN H 139 -30.54 5.58 0.58
N ILE H 140 -29.58 4.79 0.10
CA ILE H 140 -28.69 5.25 -0.96
C ILE H 140 -29.37 5.00 -2.30
N VAL H 141 -29.65 6.07 -3.02
CA VAL H 141 -30.34 5.99 -4.29
C VAL H 141 -29.41 6.54 -5.36
N SER H 142 -29.34 5.84 -6.48
CA SER H 142 -28.25 6.07 -7.42
C SER H 142 -28.60 7.06 -8.54
N GLY H 143 -29.86 7.44 -8.68
CA GLY H 143 -30.22 8.56 -9.52
C GLY H 143 -30.85 8.13 -10.84
N TRP H 144 -31.81 8.93 -11.32
CA TRP H 144 -32.47 8.70 -12.60
C TRP H 144 -32.84 10.03 -13.27
N PHE H 145 -33.03 11.08 -12.46
CA PHE H 145 -33.59 12.37 -12.91
C PHE H 145 -32.39 13.21 -13.37
N ARG H 146 -32.06 13.07 -14.68
CA ARG H 146 -30.87 13.72 -15.24
C ARG H 146 -30.95 15.25 -15.14
N GLY H 147 -32.10 15.81 -15.48
CA GLY H 147 -32.26 17.27 -15.48
C GLY H 147 -32.01 17.90 -14.11
N GLU H 148 -32.36 17.17 -13.04
CA GLU H 148 -32.08 17.67 -11.70
C GLU H 148 -30.57 17.80 -11.47
N PHE H 149 -29.79 16.78 -11.86
CA PHE H 149 -28.34 16.87 -11.67
C PHE H 149 -27.75 17.99 -12.51
N GLN H 150 -28.24 18.15 -13.75
CA GLN H 150 -27.75 19.24 -14.59
C GLN H 150 -28.03 20.61 -13.95
N ALA H 151 -29.23 20.78 -13.37
CA ALA H 151 -29.57 22.06 -12.76
C ALA H 151 -28.63 22.40 -11.61
N ILE H 152 -28.18 21.40 -10.84
CA ILE H 152 -27.32 21.64 -9.68
C ILE H 152 -25.83 21.40 -9.99
N GLY H 153 -25.45 21.44 -11.26
CA GLY H 153 -24.05 21.37 -11.63
C GLY H 153 -23.36 20.03 -11.43
N GLU H 154 -24.09 18.92 -11.53
CA GLU H 154 -23.49 17.60 -11.35
C GLU H 154 -23.43 16.89 -12.70
N HIS H 155 -22.32 16.20 -12.98
CA HIS H 155 -22.23 15.43 -14.21
C HIS H 155 -23.08 14.16 -14.12
N TRP H 156 -23.50 13.68 -15.29
CA TRP H 156 -24.42 12.55 -15.36
C TRP H 156 -23.63 11.31 -15.75
N LEU H 157 -23.38 10.44 -14.78
CA LEU H 157 -22.62 9.22 -15.03
C LEU H 157 -23.54 8.17 -15.70
N GLU H 158 -22.93 7.23 -16.40
CA GLU H 158 -23.67 6.13 -16.99
C GLU H 158 -24.34 5.29 -15.88
N HIS H 159 -25.43 4.61 -16.26
CA HIS H 159 -26.30 3.91 -15.30
C HIS H 159 -25.51 3.02 -14.33
N ASP H 160 -24.73 2.06 -14.86
CA ASP H 160 -23.99 1.18 -13.95
C ASP H 160 -22.89 1.93 -13.21
N GLU H 161 -22.30 2.98 -13.82
CA GLU H 161 -21.27 3.75 -13.17
C GLU H 161 -21.82 4.50 -11.96
N ARG H 162 -23.08 4.93 -12.01
CA ARG H 162 -23.70 5.49 -10.81
C ARG H 162 -23.72 4.49 -9.66
N TYR H 163 -23.94 3.22 -9.96
CA TYR H 163 -23.93 2.19 -8.91
C TYR H 163 -22.51 1.89 -8.45
N ARG H 164 -21.51 2.02 -9.33
CA ARG H 164 -20.12 1.91 -8.88
C ARG H 164 -19.83 2.99 -7.84
N ARG H 165 -20.27 4.23 -8.10
CA ARG H 165 -20.07 5.31 -7.15
C ARG H 165 -20.85 5.06 -5.86
N SER H 166 -22.12 4.67 -6.01
CA SER H 166 -22.93 4.41 -4.81
C SER H 166 -22.32 3.35 -3.92
N GLU H 167 -21.74 2.31 -4.53
CA GLU H 167 -21.14 1.26 -3.73
C GLU H 167 -19.93 1.78 -2.96
N GLU H 168 -19.10 2.64 -3.59
CA GLU H 168 -18.05 3.29 -2.84
C GLU H 168 -18.60 4.17 -1.72
N PHE H 169 -19.72 4.88 -1.97
CA PHE H 169 -20.34 5.72 -0.95
C PHE H 169 -20.73 4.87 0.27
N ILE H 170 -21.33 3.70 0.01
CA ILE H 170 -21.77 2.80 1.09
C ILE H 170 -20.58 2.24 1.86
N ARG H 171 -19.55 1.78 1.14
CA ARG H 171 -18.37 1.26 1.83
C ARG H 171 -17.74 2.34 2.71
N SER H 172 -17.75 3.59 2.24
CA SER H 172 -17.22 4.70 3.03
C SER H 172 -18.07 4.92 4.27
N LEU H 173 -19.41 5.00 4.12
CA LEU H 173 -20.27 5.15 5.31
C LEU H 173 -20.00 4.05 6.33
N ARG H 174 -20.03 2.79 5.88
CA ARG H 174 -19.89 1.68 6.82
C ARG H 174 -18.54 1.74 7.52
N GLY H 175 -17.48 2.07 6.77
CA GLY H 175 -16.15 2.09 7.34
C GLY H 175 -15.95 3.28 8.28
N ILE H 176 -16.42 4.46 7.89
CA ILE H 176 -16.28 5.63 8.76
C ILE H 176 -17.01 5.40 10.08
N TRP H 177 -18.21 4.79 10.02
CA TRP H 177 -19.02 4.59 11.20
C TRP H 177 -18.47 3.53 12.14
N SER H 178 -17.69 2.58 11.64
CA SER H 178 -17.30 1.45 12.45
C SER H 178 -15.83 1.45 12.88
N GLN H 179 -14.99 2.25 12.23
CA GLN H 179 -13.54 2.16 12.38
C GLN H 179 -12.95 3.54 12.62
N ASP H 180 -12.10 3.69 13.62
CA ASP H 180 -11.18 4.81 13.59
C ASP H 180 -10.12 4.56 12.53
N ASN H 181 -9.49 5.63 12.06
CA ASN H 181 -8.34 5.51 11.16
C ASN H 181 -8.76 4.77 9.89
N PHE H 182 -9.85 5.22 9.31
CA PHE H 182 -10.41 4.57 8.13
C PHE H 182 -9.71 5.06 6.88
N THR H 183 -9.27 4.13 6.04
CA THR H 183 -8.66 4.46 4.75
C THR H 183 -9.42 3.76 3.62
N PHE H 184 -9.66 4.49 2.53
CA PHE H 184 -10.39 3.92 1.40
C PHE H 184 -9.85 4.56 0.14
N ARG H 185 -9.42 3.76 -0.84
CA ARG H 185 -8.74 4.29 -2.02
C ARG H 185 -9.60 4.07 -3.26
N GLY H 186 -10.67 4.82 -3.37
CA GLY H 186 -11.68 4.56 -4.37
C GLY H 186 -11.41 5.27 -5.67
N ASP H 187 -12.20 4.90 -6.69
CA ASP H 187 -12.23 5.68 -7.92
C ASP H 187 -13.05 6.95 -7.80
N PHE H 188 -13.98 7.02 -6.82
CA PHE H 188 -14.82 8.19 -6.60
C PHE H 188 -14.52 8.90 -5.31
N TYR H 189 -14.21 8.16 -4.25
CA TYR H 189 -14.01 8.72 -2.92
C TYR H 189 -12.69 8.22 -2.37
N ARG H 190 -11.96 9.13 -1.69
CA ARG H 190 -10.72 8.77 -0.99
C ARG H 190 -10.90 9.13 0.48
N PHE H 191 -10.41 8.25 1.36
CA PHE H 191 -10.22 8.53 2.78
C PHE H 191 -8.82 8.08 3.14
N ASP H 192 -8.16 8.83 4.05
CA ASP H 192 -6.80 8.51 4.44
C ASP H 192 -6.70 8.70 5.96
N ASN H 193 -6.78 7.58 6.69
CA ASN H 193 -6.56 7.58 8.13
C ASN H 193 -7.53 8.55 8.82
N TYR H 194 -8.80 8.45 8.43
CA TYR H 194 -9.84 9.39 8.90
C TYR H 194 -10.55 8.83 10.12
N SER H 195 -10.66 9.63 11.18
CA SER H 195 -11.40 9.22 12.38
C SER H 195 -12.57 10.16 12.62
N LEU H 196 -13.80 9.63 12.50
CA LEU H 196 -15.02 10.36 12.84
C LEU H 196 -15.30 10.21 14.34
N LYS H 197 -15.53 11.34 15.04
CA LYS H 197 -15.94 11.26 16.45
C LYS H 197 -16.92 12.39 16.74
N PRO H 198 -18.11 12.10 17.31
CA PRO H 198 -18.60 10.78 17.73
C PRO H 198 -19.10 9.96 16.53
N LYS H 199 -18.97 8.63 16.63
CA LYS H 199 -19.59 7.70 15.69
C LYS H 199 -21.06 7.53 16.07
N PRO H 200 -21.87 6.86 15.24
CA PRO H 200 -23.25 6.60 15.65
C PRO H 200 -23.31 5.81 16.96
N LEU H 201 -24.48 5.88 17.61
CA LEU H 201 -24.68 5.14 18.86
C LEU H 201 -24.65 3.64 18.63
N GLY H 202 -25.23 3.18 17.54
CA GLY H 202 -25.13 1.78 17.18
C GLY H 202 -24.65 1.59 15.76
N ARG H 203 -25.34 0.75 14.98
CA ARG H 203 -24.93 0.47 13.60
C ARG H 203 -26.08 0.88 12.70
N PRO H 204 -26.01 2.05 12.06
CA PRO H 204 -27.13 2.50 11.23
C PRO H 204 -27.32 1.55 10.06
N GLU H 205 -28.59 1.28 9.73
CA GLU H 205 -28.88 0.38 8.62
C GLU H 205 -28.74 1.12 7.30
N ILE H 206 -28.22 0.41 6.29
CA ILE H 206 -28.03 0.97 4.96
C ILE H 206 -29.03 0.29 4.01
N PHE H 207 -29.99 1.08 3.55
CA PHE H 207 -30.97 0.71 2.53
C PHE H 207 -30.47 1.24 1.18
N GLN H 208 -30.98 0.66 0.10
CA GLN H 208 -30.71 1.17 -1.23
C GLN H 208 -31.96 0.99 -2.07
N GLY H 209 -32.20 1.93 -2.98
CA GLY H 209 -33.34 1.85 -3.89
C GLY H 209 -32.87 1.66 -5.33
N GLY H 210 -33.59 0.82 -6.08
CA GLY H 210 -33.27 0.49 -7.47
C GLY H 210 -33.46 -1.01 -7.68
N SER H 211 -33.72 -1.40 -8.94
CA SER H 211 -34.07 -2.77 -9.25
CA SER H 211 -34.05 -2.79 -9.24
C SER H 211 -33.28 -3.38 -10.42
N SER H 212 -32.33 -2.65 -10.98
CA SER H 212 -31.55 -3.17 -12.10
C SER H 212 -30.56 -4.25 -11.63
N ARG H 213 -29.88 -4.86 -12.59
CA ARG H 213 -28.81 -5.79 -12.23
C ARG H 213 -27.73 -5.12 -11.40
N ALA H 214 -27.35 -3.88 -11.76
CA ALA H 214 -26.39 -3.13 -10.95
C ALA H 214 -26.88 -2.94 -9.50
N ALA H 215 -28.16 -2.60 -9.33
CA ALA H 215 -28.72 -2.47 -7.97
C ALA H 215 -28.67 -3.80 -7.22
N ARG H 216 -29.06 -4.90 -7.86
CA ARG H 216 -29.06 -6.18 -7.15
C ARG H 216 -27.64 -6.60 -6.79
N ASP H 217 -26.68 -6.37 -7.69
CA ASP H 217 -25.29 -6.71 -7.42
C ASP H 217 -24.77 -5.93 -6.22
N MET H 218 -25.08 -4.62 -6.15
CA MET H 218 -24.64 -3.81 -5.03
C MET H 218 -25.25 -4.31 -3.73
N ALA H 219 -26.55 -4.64 -3.75
CA ALA H 219 -27.21 -5.05 -2.51
C ALA H 219 -26.63 -6.36 -2.00
N ALA H 220 -26.31 -7.29 -2.91
CA ALA H 220 -25.73 -8.57 -2.54
C ALA H 220 -24.31 -8.45 -2.01
N ARG H 221 -23.70 -7.27 -2.11
CA ARG H 221 -22.34 -7.05 -1.64
C ARG H 221 -22.26 -6.22 -0.36
N VAL H 222 -23.02 -5.13 -0.29
CA VAL H 222 -22.73 -4.10 0.73
C VAL H 222 -23.94 -3.64 1.51
N SER H 223 -25.18 -3.85 1.06
CA SER H 223 -26.31 -3.19 1.71
C SER H 223 -27.04 -4.11 2.70
N ASP H 224 -27.72 -3.48 3.67
CA ASP H 224 -28.53 -4.27 4.59
C ASP H 224 -29.89 -4.57 4.00
N TRP H 225 -30.42 -3.67 3.17
CA TRP H 225 -31.77 -3.79 2.63
C TRP H 225 -31.77 -3.40 1.17
N TYR H 226 -32.43 -4.22 0.36
CA TYR H 226 -32.72 -3.91 -1.03
C TYR H 226 -34.19 -3.49 -1.09
N PHE H 227 -34.44 -2.21 -1.36
CA PHE H 227 -35.79 -1.70 -1.60
C PHE H 227 -36.03 -1.68 -3.10
N THR H 228 -37.20 -2.16 -3.52
CA THR H 228 -37.51 -2.23 -4.93
C THR H 228 -38.89 -1.65 -5.21
N ASN H 229 -39.13 -1.32 -6.49
CA ASN H 229 -40.43 -0.80 -6.91
C ASN H 229 -41.50 -1.90 -6.81
N GLY H 230 -42.76 -1.47 -6.83
CA GLY H 230 -43.87 -2.42 -6.82
C GLY H 230 -43.83 -3.33 -8.03
N ASN H 231 -44.44 -4.52 -7.88
CA ASN H 231 -44.32 -5.54 -8.93
C ASN H 231 -45.24 -6.69 -8.55
N SER H 232 -45.49 -7.57 -9.53
CA SER H 232 -46.19 -8.80 -9.23
C SER H 232 -45.34 -9.68 -8.34
N VAL H 233 -45.99 -10.66 -7.71
CA VAL H 233 -45.27 -11.66 -6.93
C VAL H 233 -44.17 -12.32 -7.75
N GLU H 234 -44.48 -12.70 -9.00
CA GLU H 234 -43.46 -13.35 -9.84
C GLU H 234 -42.30 -12.39 -10.12
N GLY H 235 -42.61 -11.12 -10.36
CA GLY H 235 -41.55 -10.16 -10.62
C GLY H 235 -40.67 -9.94 -9.40
N ILE H 236 -41.27 -9.92 -8.21
CA ILE H 236 -40.48 -9.81 -6.98
C ILE H 236 -39.63 -11.07 -6.79
N LYS H 237 -40.23 -12.24 -7.00
CA LYS H 237 -39.51 -13.50 -6.79
C LYS H 237 -38.23 -13.56 -7.62
N ALA H 238 -38.30 -13.12 -8.88
CA ALA H 238 -37.12 -13.19 -9.75
C ALA H 238 -35.98 -12.35 -9.19
N GLN H 239 -36.29 -11.17 -8.65
CA GLN H 239 -35.26 -10.32 -8.06
C GLN H 239 -34.69 -10.97 -6.80
N VAL H 240 -35.56 -11.46 -5.92
CA VAL H 240 -35.10 -12.08 -4.68
C VAL H 240 -34.21 -13.27 -4.97
N ASP H 241 -34.62 -14.11 -5.92
CA ASP H 241 -33.82 -15.31 -6.21
C ASP H 241 -32.44 -14.95 -6.73
N ASP H 242 -32.34 -13.91 -7.57
CA ASP H 242 -31.04 -13.45 -8.06
C ASP H 242 -30.18 -12.90 -6.91
N ILE H 243 -30.78 -12.06 -6.06
CA ILE H 243 -30.07 -11.50 -4.92
C ILE H 243 -29.62 -12.59 -3.99
N ARG H 244 -30.50 -13.57 -3.72
CA ARG H 244 -30.15 -14.58 -2.73
CA ARG H 244 -30.17 -14.61 -2.75
C ARG H 244 -28.94 -15.39 -3.18
N ALA H 245 -28.87 -15.72 -4.48
CA ALA H 245 -27.73 -16.49 -4.98
C ALA H 245 -26.44 -15.67 -4.92
N LYS H 246 -26.50 -14.41 -5.33
CA LYS H 246 -25.31 -13.58 -5.32
C LYS H 246 -24.83 -13.29 -3.91
N ALA H 247 -25.74 -13.01 -3.00
CA ALA H 247 -25.36 -12.74 -1.62
C ALA H 247 -24.75 -13.97 -0.95
N ALA H 248 -25.30 -15.15 -1.23
CA ALA H 248 -24.69 -16.37 -0.68
C ALA H 248 -23.26 -16.52 -1.19
N ALA H 249 -23.02 -16.23 -2.47
CA ALA H 249 -21.67 -16.34 -3.00
C ALA H 249 -20.74 -15.31 -2.38
N ASN H 250 -21.27 -14.12 -2.02
CA ASN H 250 -20.48 -13.08 -1.37
C ASN H 250 -20.40 -13.26 0.14
N HIS H 251 -21.12 -14.24 0.70
CA HIS H 251 -21.25 -14.43 2.14
C HIS H 251 -21.75 -13.15 2.82
N HIS H 252 -22.83 -12.59 2.29
CA HIS H 252 -23.38 -11.33 2.75
C HIS H 252 -24.87 -11.48 3.05
N SER H 253 -25.35 -10.83 4.12
CA SER H 253 -26.77 -10.83 4.46
C SER H 253 -27.45 -9.57 3.95
N VAL H 254 -28.59 -9.74 3.28
CA VAL H 254 -29.41 -8.63 2.80
C VAL H 254 -30.88 -9.01 2.87
N LYS H 255 -31.72 -8.05 3.28
CA LYS H 255 -33.16 -8.23 3.37
C LYS H 255 -33.86 -7.45 2.26
N ILE H 256 -35.15 -7.74 2.07
CA ILE H 256 -35.91 -7.28 0.89
C ILE H 256 -37.13 -6.48 1.34
N GLY H 257 -37.29 -5.28 0.78
CA GLY H 257 -38.51 -4.49 1.00
C GLY H 257 -39.11 -4.07 -0.33
N VAL H 258 -40.44 -4.07 -0.40
CA VAL H 258 -41.13 -3.87 -1.68
C VAL H 258 -42.14 -2.72 -1.53
N ASN H 259 -42.07 -1.75 -2.43
CA ASN H 259 -43.07 -0.68 -2.44
C ASN H 259 -44.45 -1.23 -2.77
N ALA H 260 -45.47 -0.76 -2.04
CA ALA H 260 -46.87 -1.04 -2.39
C ALA H 260 -47.69 0.19 -2.05
N PHE H 261 -48.55 0.62 -2.97
CA PHE H 261 -49.49 1.71 -2.66
C PHE H 261 -50.75 1.04 -2.11
N VAL H 262 -50.99 1.20 -0.81
CA VAL H 262 -52.03 0.46 -0.12
C VAL H 262 -53.33 1.24 -0.17
N ILE H 263 -54.37 0.63 -0.73
CA ILE H 263 -55.73 1.17 -0.71
C ILE H 263 -56.60 0.11 -0.05
N ALA H 264 -56.77 0.23 1.26
CA ALA H 264 -57.60 -0.68 2.04
C ALA H 264 -58.93 -0.01 2.33
N ARG H 265 -60.01 -0.69 1.97
CA ARG H 265 -61.37 -0.20 2.22
C ARG H 265 -62.23 -1.36 2.67
N ASP H 266 -63.37 -1.04 3.29
CA ASP H 266 -64.24 -2.08 3.82
C ASP H 266 -64.76 -3.00 2.73
N THR H 267 -64.93 -2.50 1.50
CA THR H 267 -65.29 -3.34 0.37
C THR H 267 -64.24 -3.20 -0.72
N GLU H 268 -64.06 -4.29 -1.48
CA GLU H 268 -63.16 -4.27 -2.64
C GLU H 268 -63.61 -3.23 -3.66
N GLU H 269 -64.92 -3.14 -3.91
CA GLU H 269 -65.43 -2.21 -4.90
C GLU H 269 -65.00 -0.80 -4.58
N GLU H 270 -65.08 -0.40 -3.31
CA GLU H 270 -64.66 0.94 -2.92
C GLU H 270 -63.16 1.14 -3.15
N ALA H 271 -62.35 0.14 -2.80
CA ALA H 271 -60.91 0.27 -3.05
C ALA H 271 -60.59 0.46 -4.53
N LYS H 272 -61.25 -0.31 -5.39
CA LYS H 272 -61.02 -0.17 -6.83
C LYS H 272 -61.54 1.17 -7.35
N ALA H 273 -62.65 1.66 -6.80
CA ALA H 273 -63.17 2.95 -7.21
C ALA H 273 -62.16 4.06 -6.91
N VAL H 274 -61.50 3.99 -5.75
CA VAL H 274 -60.49 4.98 -5.40
C VAL H 274 -59.33 4.93 -6.38
N LEU H 275 -58.82 3.71 -6.67
CA LEU H 275 -57.73 3.58 -7.63
C LEU H 275 -58.11 4.21 -8.97
N ALA H 276 -59.33 3.98 -9.41
CA ALA H 276 -59.75 4.52 -10.70
C ALA H 276 -59.82 6.04 -10.68
N GLN H 277 -60.25 6.62 -9.54
CA GLN H 277 -60.26 8.08 -9.40
C GLN H 277 -58.86 8.68 -9.42
N ILE H 278 -57.91 8.03 -8.73
CA ILE H 278 -56.55 8.55 -8.75
C ILE H 278 -56.06 8.63 -10.18
N ILE H 279 -56.26 7.54 -10.93
CA ILE H 279 -55.77 7.49 -12.30
C ILE H 279 -56.55 8.46 -13.19
N ASP H 280 -57.88 8.51 -13.03
CA ASP H 280 -58.66 9.39 -13.89
C ASP H 280 -58.28 10.86 -13.70
N GLN H 281 -57.85 11.24 -12.50
CA GLN H 281 -57.50 12.61 -12.22
C GLN H 281 -56.01 12.89 -12.36
N ALA H 282 -55.27 11.95 -12.97
CA ALA H 282 -53.85 12.17 -13.27
C ALA H 282 -53.69 13.18 -14.41
N ASP H 283 -52.79 14.13 -14.21
CA ASP H 283 -52.42 15.11 -15.23
C ASP H 283 -51.49 14.42 -16.21
N PRO H 284 -51.94 14.15 -17.45
CA PRO H 284 -51.06 13.41 -18.37
C PRO H 284 -49.77 14.14 -18.71
N GLU H 285 -49.74 15.47 -18.66
CA GLU H 285 -48.48 16.17 -18.93
C GLU H 285 -47.46 15.90 -17.84
N ALA H 286 -47.90 15.84 -16.57
CA ALA H 286 -46.99 15.55 -15.49
C ALA H 286 -46.57 14.08 -15.51
N VAL H 287 -47.53 13.19 -15.77
CA VAL H 287 -47.21 11.77 -15.85
C VAL H 287 -46.19 11.52 -16.95
N ASN H 288 -46.42 12.09 -18.15
CA ASN H 288 -45.53 11.84 -19.28
C ASN H 288 -44.15 12.45 -19.10
N ALA H 289 -44.07 13.67 -18.54
CA ALA H 289 -42.77 14.25 -18.20
C ALA H 289 -42.00 13.38 -17.23
N PHE H 290 -42.68 12.85 -16.21
CA PHE H 290 -42.04 11.91 -15.30
C PHE H 290 -41.59 10.66 -16.06
N GLY H 291 -42.48 10.09 -16.87
CA GLY H 291 -42.13 8.86 -17.57
C GLY H 291 -40.94 9.06 -18.51
N ASP H 292 -40.86 10.22 -19.14
CA ASP H 292 -39.72 10.48 -20.03
CA ASP H 292 -39.73 10.48 -20.04
C ASP H 292 -38.41 10.57 -19.26
N ALA H 293 -38.42 11.24 -18.10
CA ALA H 293 -37.22 11.33 -17.30
C ALA H 293 -36.85 9.98 -16.73
N ALA H 294 -37.84 9.13 -16.42
CA ALA H 294 -37.59 7.84 -15.81
C ALA H 294 -36.90 6.85 -16.75
N LYS H 295 -36.86 7.15 -18.06
CA LYS H 295 -36.10 6.34 -19.01
C LYS H 295 -34.62 6.23 -18.65
N GLN H 296 -34.09 7.13 -17.83
CA GLN H 296 -32.68 7.06 -17.46
C GLN H 296 -32.40 6.05 -16.36
N ALA H 297 -33.43 5.35 -15.86
CA ALA H 297 -33.26 4.29 -14.87
C ALA H 297 -33.18 2.94 -15.59
N GLY H 298 -34.12 2.03 -15.35
CA GLY H 298 -33.99 0.67 -15.88
C GLY H 298 -33.74 0.59 -17.38
N ARG H 299 -34.47 1.41 -18.15
CA ARG H 299 -34.35 1.35 -19.62
C ARG H 299 -32.92 1.63 -20.09
N ALA H 300 -32.21 2.49 -19.36
CA ALA H 300 -30.86 2.88 -19.72
C ALA H 300 -29.78 1.92 -19.23
N SER H 301 -30.13 0.93 -18.39
CA SER H 301 -29.19 -0.07 -17.95
C SER H 301 -28.84 -1.00 -19.11
N PRO H 302 -27.69 -1.67 -19.05
CA PRO H 302 -27.30 -2.58 -20.15
C PRO H 302 -28.33 -3.64 -20.46
N GLU H 303 -29.11 -4.08 -19.47
CA GLU H 303 -30.15 -5.09 -19.62
C GLU H 303 -31.49 -4.51 -20.06
N GLY H 304 -31.64 -3.18 -19.98
CA GLY H 304 -32.92 -2.55 -20.20
C GLY H 304 -33.95 -2.95 -19.18
N GLU H 305 -33.53 -3.36 -17.99
CA GLU H 305 -34.42 -3.80 -16.92
C GLU H 305 -34.13 -3.03 -15.64
N GLY H 306 -35.20 -2.66 -14.94
CA GLY H 306 -35.09 -1.94 -13.69
C GLY H 306 -36.22 -0.93 -13.57
N ASN H 307 -36.06 0.04 -12.66
CA ASN H 307 -37.15 0.96 -12.34
C ASN H 307 -37.70 1.60 -13.61
N TRP H 308 -39.03 1.53 -13.78
CA TRP H 308 -39.83 2.19 -14.82
C TRP H 308 -39.59 1.62 -16.21
N ALA H 309 -38.78 0.56 -16.34
CA ALA H 309 -38.45 0.05 -17.67
C ALA H 309 -39.70 -0.41 -18.43
N LYS H 310 -40.69 -0.93 -17.72
CA LYS H 310 -41.92 -1.43 -18.35
C LYS H 310 -43.18 -0.76 -17.81
N SER H 311 -43.09 0.51 -17.40
CA SER H 311 -44.21 1.17 -16.73
C SER H 311 -45.09 1.86 -17.77
N THR H 312 -46.37 1.49 -17.78
CA THR H 312 -47.38 2.13 -18.61
C THR H 312 -47.76 3.47 -17.98
N PHE H 313 -48.58 4.24 -18.71
CA PHE H 313 -49.11 5.48 -18.15
C PHE H 313 -49.76 5.25 -16.78
N GLU H 314 -50.64 4.25 -16.70
CA GLU H 314 -51.37 4.01 -15.45
CA GLU H 314 -51.37 4.00 -15.46
C GLU H 314 -50.42 3.62 -14.34
N ASP H 315 -49.39 2.81 -14.66
CA ASP H 315 -48.40 2.43 -13.67
C ASP H 315 -47.69 3.67 -13.12
N LEU H 316 -47.32 4.61 -14.01
CA LEU H 316 -46.50 5.76 -13.60
C LEU H 316 -47.24 6.70 -12.65
N VAL H 317 -48.58 6.63 -12.59
CA VAL H 317 -49.35 7.50 -11.71
C VAL H 317 -48.94 7.31 -10.25
N GLN H 318 -48.51 6.10 -9.87
CA GLN H 318 -47.82 5.92 -8.61
C GLN H 318 -46.34 5.81 -8.95
N TYR H 319 -45.55 6.76 -8.45
CA TYR H 319 -44.23 6.97 -9.05
C TYR H 319 -43.16 5.95 -8.65
N ASN H 320 -43.48 4.92 -7.85
CA ASN H 320 -42.58 3.77 -7.72
C ASN H 320 -43.32 2.48 -8.02
N ASP H 321 -44.22 2.54 -9.02
CA ASP H 321 -44.96 1.37 -9.51
C ASP H 321 -45.80 0.70 -8.41
N GLY H 322 -46.26 1.49 -7.44
CA GLY H 322 -46.85 0.93 -6.23
C GLY H 322 -48.18 0.22 -6.43
N PHE H 323 -48.91 0.55 -7.51
CA PHE H 323 -50.18 -0.14 -7.75
C PHE H 323 -49.94 -1.58 -8.21
N LYS H 324 -48.78 -1.88 -8.81
CA LYS H 324 -48.55 -3.23 -9.31
C LYS H 324 -48.58 -4.30 -8.21
N THR H 325 -48.16 -3.97 -7.00
CA THR H 325 -48.14 -4.90 -5.88
C THR H 325 -49.55 -5.31 -5.45
N ASN H 326 -50.56 -4.58 -5.89
CA ASN H 326 -51.96 -5.02 -5.79
C ASN H 326 -52.46 -5.10 -4.35
N LEU H 327 -51.92 -4.26 -3.45
CA LEU H 327 -52.46 -4.20 -2.08
C LEU H 327 -53.66 -3.25 -2.03
N ILE H 328 -54.68 -3.64 -2.79
CA ILE H 328 -55.83 -2.80 -3.10
C ILE H 328 -57.06 -3.69 -2.96
N GLY H 329 -57.84 -3.44 -1.93
CA GLY H 329 -59.00 -4.29 -1.66
C GLY H 329 -59.36 -4.23 -0.18
N THR H 330 -59.97 -5.30 0.30
CA THR H 330 -60.32 -5.29 1.71
C THR H 330 -59.10 -5.59 2.57
N PRO H 331 -59.17 -5.29 3.87
CA PRO H 331 -58.05 -5.65 4.77
C PRO H 331 -57.70 -7.11 4.72
N GLN H 332 -58.70 -8.00 4.67
CA GLN H 332 -58.44 -9.44 4.54
C GLN H 332 -57.65 -9.74 3.26
N GLN H 333 -58.08 -9.20 2.13
CA GLN H 333 -57.37 -9.44 0.87
C GLN H 333 -55.94 -8.95 0.95
N ILE H 334 -55.74 -7.77 1.55
CA ILE H 334 -54.40 -7.20 1.59
C ILE H 334 -53.49 -8.02 2.49
N ALA H 335 -53.99 -8.47 3.65
CA ALA H 335 -53.18 -9.29 4.55
C ALA H 335 -52.75 -10.58 3.86
N GLU H 336 -53.68 -11.25 3.18
CA GLU H 336 -53.31 -12.47 2.45
C GLU H 336 -52.21 -12.19 1.44
N ARG H 337 -52.30 -11.06 0.73
CA ARG H 337 -51.30 -10.77 -0.31
C ARG H 337 -49.95 -10.40 0.29
N ILE H 338 -49.96 -9.72 1.43
CA ILE H 338 -48.71 -9.45 2.14
C ILE H 338 -48.03 -10.75 2.53
N VAL H 339 -48.79 -11.68 3.09
CA VAL H 339 -48.21 -12.96 3.50
C VAL H 339 -47.72 -13.76 2.29
N ALA H 340 -48.40 -13.65 1.14
CA ALA H 340 -47.92 -14.30 -0.08
C ALA H 340 -46.63 -13.67 -0.59
N LEU H 341 -46.45 -12.35 -0.38
CA LEU H 341 -45.17 -11.73 -0.70
C LEU H 341 -44.07 -12.23 0.25
N LYS H 342 -44.38 -12.38 1.52
CA LYS H 342 -43.41 -12.94 2.45
C LYS H 342 -42.93 -14.32 1.97
N ALA H 343 -43.82 -15.11 1.37
CA ALA H 343 -43.48 -16.45 0.92
C ALA H 343 -42.47 -16.49 -0.21
N VAL H 344 -42.25 -15.38 -0.92
CA VAL H 344 -41.20 -15.33 -1.92
C VAL H 344 -39.96 -14.57 -1.44
N GLY H 345 -39.88 -14.27 -0.15
CA GLY H 345 -38.70 -13.67 0.43
C GLY H 345 -38.78 -12.19 0.75
N VAL H 346 -39.98 -11.60 0.76
CA VAL H 346 -40.11 -10.19 1.11
C VAL H 346 -40.08 -10.09 2.64
N ASP H 347 -39.22 -9.22 3.17
CA ASP H 347 -39.10 -9.03 4.62
C ASP H 347 -39.79 -7.77 5.13
N LEU H 348 -40.16 -6.83 4.25
CA LEU H 348 -40.71 -5.54 4.63
C LEU H 348 -41.62 -5.06 3.51
N VAL H 349 -42.78 -4.51 3.88
CA VAL H 349 -43.67 -3.85 2.91
C VAL H 349 -43.53 -2.35 3.14
N LEU H 350 -43.19 -1.60 2.09
CA LEU H 350 -43.04 -0.15 2.15
C LEU H 350 -44.31 0.46 1.58
N ALA H 351 -45.13 1.06 2.43
CA ALA H 351 -46.50 1.43 2.10
C ALA H 351 -46.62 2.91 1.74
N GLY H 352 -47.27 3.19 0.61
CA GLY H 352 -47.72 4.56 0.33
C GLY H 352 -49.25 4.62 0.48
N PHE H 353 -49.80 5.80 0.70
CA PHE H 353 -51.24 5.93 0.93
C PHE H 353 -51.72 7.20 0.25
N LEU H 354 -53.03 7.30 0.04
CA LEU H 354 -53.61 8.52 -0.52
C LEU H 354 -53.82 9.58 0.56
N HIS H 355 -54.60 9.24 1.60
CA HIS H 355 -54.87 10.14 2.72
C HIS H 355 -54.08 9.57 3.88
N PHE H 356 -52.89 10.12 4.15
CA PHE H 356 -51.90 9.40 4.96
C PHE H 356 -52.32 9.17 6.42
N GLN H 357 -52.69 10.24 7.13
CA GLN H 357 -52.96 10.05 8.57
C GLN H 357 -54.09 9.05 8.79
N GLU H 358 -55.21 9.23 8.08
CA GLU H 358 -56.36 8.39 8.35
C GLU H 358 -56.12 6.96 7.89
N GLU H 359 -55.34 6.78 6.82
CA GLU H 359 -55.13 5.45 6.26
C GLU H 359 -54.03 4.67 6.99
N VAL H 360 -53.02 5.37 7.51
CA VAL H 360 -52.09 4.75 8.44
C VAL H 360 -52.82 4.27 9.68
N GLU H 361 -53.75 5.07 10.21
CA GLU H 361 -54.48 4.62 11.39
C GLU H 361 -55.34 3.41 11.07
N TYR H 362 -56.04 3.45 9.93
CA TYR H 362 -56.88 2.32 9.53
C TYR H 362 -56.02 1.08 9.32
N PHE H 363 -54.83 1.26 8.71
CA PHE H 363 -53.93 0.12 8.48
C PHE H 363 -53.58 -0.58 9.79
N GLY H 364 -53.23 0.21 10.80
CA GLY H 364 -52.86 -0.39 12.08
C GLY H 364 -54.03 -1.05 12.78
N GLN H 365 -55.24 -0.51 12.59
CA GLN H 365 -56.40 -1.07 13.28
C GLN H 365 -56.98 -2.27 12.55
N ARG H 366 -56.85 -2.33 11.23
CA ARG H 366 -57.63 -3.28 10.42
C ARG H 366 -56.78 -4.24 9.61
N VAL H 367 -55.64 -3.81 9.09
CA VAL H 367 -54.84 -4.66 8.22
C VAL H 367 -53.75 -5.39 9.00
N LEU H 368 -52.95 -4.62 9.74
CA LEU H 368 -51.84 -5.21 10.47
C LEU H 368 -52.25 -6.34 11.41
N PRO H 369 -53.34 -6.24 12.19
CA PRO H 369 -53.74 -7.38 13.03
C PRO H 369 -54.04 -8.64 12.24
N LEU H 370 -54.57 -8.51 11.02
CA LEU H 370 -54.86 -9.72 10.23
C LEU H 370 -53.56 -10.34 9.73
N VAL H 371 -52.57 -9.51 9.36
CA VAL H 371 -51.25 -10.02 9.01
C VAL H 371 -50.66 -10.85 10.14
N ARG H 372 -50.64 -10.27 11.35
CA ARG H 372 -50.09 -11.01 12.49
C ARG H 372 -50.85 -12.30 12.75
N GLU H 373 -52.17 -12.29 12.56
CA GLU H 373 -52.98 -13.48 12.76
C GLU H 373 -52.61 -14.56 11.74
N LEU H 374 -52.44 -14.16 10.47
CA LEU H 374 -52.06 -15.13 9.45
C LEU H 374 -50.66 -15.66 9.72
N GLU H 375 -49.76 -14.79 10.18
CA GLU H 375 -48.42 -15.23 10.56
C GLU H 375 -48.46 -16.24 11.71
N ALA H 376 -49.36 -16.02 12.68
CA ALA H 376 -49.43 -16.92 13.84
C ALA H 376 -49.94 -18.30 13.43
N LYS H 377 -50.95 -18.34 12.56
CA LYS H 377 -51.48 -19.62 12.08
C LYS H 377 -50.44 -20.37 11.27
N ALA H 378 -49.68 -19.66 10.44
CA ALA H 378 -48.63 -20.29 9.64
C ALA H 378 -47.54 -20.89 10.51
N GLN H 379 -47.27 -20.28 11.67
CA GLN H 379 -46.22 -20.76 12.55
C GLN H 379 -46.49 -22.19 12.99
N SER H 380 -47.54 -22.40 13.77
CA SER H 380 -47.93 -23.74 14.21
C SER H 380 -48.56 -24.54 13.08
#